data_7X3T
#
_entry.id   7X3T
#
_cell.length_a   1.00
_cell.length_b   1.00
_cell.length_c   1.00
_cell.angle_alpha   90.00
_cell.angle_beta   90.00
_cell.angle_gamma   90.00
#
_symmetry.space_group_name_H-M   'P 1'
#
loop_
_entity.id
_entity.type
_entity.pdbx_description
1 polymer 'Histone H3'
2 polymer 'Histone H4'
3 polymer 'Histone H2A'
4 polymer 'Histone H2B 1.1'
5 polymer 'DNA (343-MER)'
6 polymer DNA(343-MER)
7 polymer 'ISWI one complex protein 3'
8 polymer 'ISWI chromatin-remodeling complex ATPase ISW1'
9 non-polymer "ADENOSINE-5'-DIPHOSPHATE"
10 non-polymer 'BERYLLIUM TRIFLUORIDE ION'
11 non-polymer 'MAGNESIUM ION'
#
loop_
_entity_poly.entity_id
_entity_poly.type
_entity_poly.pdbx_seq_one_letter_code
_entity_poly.pdbx_strand_id
1 'polypeptide(L)'
;MARTKQTARKSTGGKAPRKQLATKAARKSAPATGGVKKPHRYRPGTVALREIRRYQKSTELLIRKLPFQRLVREIAQDFK
TDLRFQSSAVMALQEASEAYLVALFEDTNLCAIHAKRVTIMPKDIQLARRIRGERA
;
A,E,K,O
2 'polypeptide(L)'
;MSGRGKGGKGLGKGGAKRHRKVLRDNIQGITKPAIRRLARRGGVKRISGLIYEETRGVLKVFLENVIRDAVTYTEHAKRK
TVTAMDVVYALKRQGRTLYGFGG
;
B,F,L,P
3 'polypeptide(L)'
;MSGRGKQGGKTRAKAKTRSSRAGLQFPVGRVHRLLRKGNYAERVGAGAPVYLAAVLEYLTAEILELAGNAARDNKKTRII
PRHLQLAVRNDEELNKLLGRVTIAQGGVLPNIQSVLLPKKTESSKSAKSK
;
C,G,M,Q
4 'polypeptide(L)'
;MPEPAKSAPAPKKGSKKAVTKTQKKDGKKRRKSRKESYAIYVYKVLKQVHPDTGISSKAMSIMNSFVNDVFERIAGEASR
LAHYNKRSTITSREIQTAVRLLLPGELAKHAVSEGTKAVTKYTSAK
;
D,H,N,R
5 'polydeoxyribonucleotide'
;(DC)(DC)(DG)(DC)(DG)(DG)(DT)(DA)(DC)(DC)(DC)(DT)(DG)(DG)(DA)(DG)(DA)(DA)(DT)(DC)
(DC)(DC)(DG)(DG)(DT)(DG)(DC)(DC)(DG)(DA)(DG)(DG)(DC)(DC)(DG)(DC)(DT)(DC)(DA)(DA)
(DT)(DT)(DG)(DG)(DT)(DC)(DG)(DT)(DA)(DG)(DA)(DC)(DA)(DG)(DC)(DT)(DC)(DT)(DA)(DG)
(DC)(DA)(DC)(DC)(DG)(DC)(DT)(DT)(DA)(DA)(DA)(DC)(DG)(DC)(DA)(DC)(DG)(DT)(DA)(DC)
(DG)(DC)(DG)(DC)(DT)(DG)(DT)(DC)(DC)(DC)(DC)(DC)(DG)(DC)(DG)(DT)(DT)(DT)(DT)(DA)
(DA)(DC)(DC)(DG)(DC)(DC)(DA)(DA)(DG)(DG)(DG)(DG)(DA)(DT)(DT)(DA)(DC)(DT)(DC)(DC)
(DC)(DT)(DA)(DG)(DT)(DC)(DT)(DC)(DC)(DA)(DG)(DG)(DC)(DA)(DC)(DG)(DT)(DG)(DT)(DC)
(DA)(DG)(DA)(DT)(DA)(DT)(DA)(DT)(DA)(DC)(DA)(DT)(DC)(DC)(DT)(DG)(DA)(DA)(DG)(DC)
(DT)(DT)(DG)(DT)(DC)(DG)(DA)(DG)(DA)(DA)(DG)(DC)(DT)(DC)(DG)(DA)(DC)(DC)(DT)(DG)
(DG)(DA)(DG)(DA)(DA)(DT)(DC)(DC)(DC)(DG)(DG)(DT)(DG)(DC)(DC)(DG)(DA)(DG)(DG)(DC)
(DC)(DG)(DC)(DT)(DC)(DA)(DA)(DT)(DT)(DG)(DG)(DT)(DC)(DG)(DT)(DA)(DG)(DA)(DC)(DA)
(DG)(DC)(DT)(DC)(DT)(DA)(DG)(DC)(DA)(DC)(DC)(DG)(DC)(DT)(DT)(DA)(DA)(DA)(DC)(DG)
(DC)(DA)(DC)(DG)(DT)(DA)(DC)(DG)(DC)(DG)(DC)(DT)(DG)(DT)(DC)(DC)(DC)(DC)(DC)(DG)
(DC)(DG)(DT)(DT)(DT)(DT)(DA)(DA)(DC)(DC)(DG)(DC)(DC)(DA)(DA)(DG)(DG)(DG)(DG)(DA)
(DT)(DT)(DA)(DC)(DT)(DC)(DC)(DC)(DT)(DA)(DG)(DT)(DC)(DT)(DC)(DC)(DA)(DG)(DG)(DC)
(DA)(DC)(DG)(DT)(DG)(DT)(DC)(DA)(DG)(DA)(DT)(DA)(DT)(DA)(DT)(DA)(DC)(DA)(DT)(DC)
(DC)(DT)(DG)(DA)(DG)(DC)(DG)(DT)(DA)(DA)(DT)(DC)(DA)(DT)(DG)(DG)(DT)(DC)(DA)(DT)
(DA)(DG)(DC)(DT)(DG)(DT)(DT)(DT)(DC)(DC)(DT)(DG)(DT)(DG)
;
I
6 'polydeoxyribonucleotide'
;(DC)(DA)(DC)(DA)(DG)(DG)(DA)(DA)(DA)(DC)(DA)(DG)(DC)(DT)(DA)(DT)(DG)(DA)(DC)(DC)
(DA)(DT)(DG)(DA)(DT)(DT)(DA)(DC)(DG)(DC)(DT)(DC)(DA)(DG)(DG)(DA)(DT)(DG)(DT)(DA)
(DT)(DA)(DT)(DA)(DT)(DC)(DT)(DG)(DA)(DC)(DA)(DC)(DG)(DT)(DG)(DC)(DC)(DT)(DG)(DG)
(DA)(DG)(DA)(DC)(DT)(DA)(DG)(DG)(DG)(DA)(DG)(DT)(DA)(DA)(DT)(DC)(DC)(DC)(DC)(DT)
(DT)(DG)(DG)(DC)(DG)(DG)(DT)(DT)(DA)(DA)(DA)(DA)(DC)(DG)(DC)(DG)(DG)(DG)(DG)(DG)
(DA)(DC)(DA)(DG)(DC)(DG)(DC)(DG)(DT)(DA)(DC)(DG)(DT)(DG)(DC)(DG)(DT)(DT)(DT)(DA)
(DA)(DG)(DC)(DG)(DG)(DT)(DG)(DC)(DT)(DA)(DG)(DA)(DG)(DC)(DT)(DG)(DT)(DC)(DT)(DA)
(DC)(DG)(DA)(DC)(DC)(DA)(DA)(DT)(DT)(DG)(DA)(DG)(DC)(DG)(DG)(DC)(DC)(DT)(DC)(DG)
(DG)(DC)(DA)(DC)(DC)(DG)(DG)(DG)(DA)(DT)(DT)(DC)(DT)(DC)(DC)(DA)(DG)(DG)(DT)(DC)
(DG)(DA)(DG)(DC)(DT)(DT)(DC)(DT)(DC)(DG)(DA)(DC)(DA)(DA)(DG)(DC)(DT)(DT)(DC)(DA)
(DG)(DG)(DA)(DT)(DG)(DT)(DA)(DT)(DA)(DT)(DA)(DT)(DC)(DT)(DG)(DA)(DC)(DA)(DC)(DG)
(DT)(DG)(DC)(DC)(DT)(DG)(DG)(DA)(DG)(DA)(DC)(DT)(DA)(DG)(DG)(DG)(DA)(DG)(DT)(DA)
(DA)(DT)(DC)(DC)(DC)(DC)(DT)(DT)(DG)(DG)(DC)(DG)(DG)(DT)(DT)(DA)(DA)(DA)(DA)(DC)
(DG)(DC)(DG)(DG)(DG)(DG)(DG)(DA)(DC)(DA)(DG)(DC)(DG)(DC)(DG)(DT)(DA)(DC)(DG)(DT)
(DG)(DC)(DG)(DT)(DT)(DT)(DA)(DA)(DG)(DC)(DG)(DG)(DT)(DG)(DC)(DT)(DA)(DG)(DA)(DG)
(DC)(DT)(DG)(DT)(DC)(DT)(DA)(DC)(DG)(DA)(DC)(DC)(DA)(DA)(DT)(DT)(DG)(DA)(DG)(DC)
(DG)(DG)(DC)(DC)(DT)(DC)(DG)(DG)(DC)(DA)(DC)(DC)(DG)(DG)(DG)(DA)(DT)(DT)(DC)(DT)
(DC)(DC)(DA)(DG)(DG)(DG)(DT)(DA)(DC)(DC)(DG)(DC)(DG)(DG)
;
J
7 'polypeptide(L)'
;MVAPKPKPAHEQVEPALIPSNWTSVIPLLTSDFKNQYSVISRLKNPNMKPVPYAGDIIKLMAFINKFSSFFHSDLQNLSF
QDFEVGLDLYPGDPNGSAAGIVKGPEDTSLLLYPDFMAIKDIVYCQDKMNLLFLSLLDLTFTENFDGKSAKKKGPLTTWE
NLKSSSKKVFSNPLYRLRLVAREWGYPREWRQQLPSDQDISKPKTALFEQDEQTPVVDPSHPEILTPNIYTWNANEPLPL
ESNPLYNREMDKNGILALKPMDRVVLLRALTDWCASHSSAIHDEIYKLTHGKKDPVFGIQTQQVPRYTIEGVDNTINQFK
KLCSLIQSRYEIRSKKKHFVKQLKEGKKPDLSRKLEILKEIKAELKNAVKSEKDELLFSLYDKWVPLFEGELPDQPLANP
FSERLYKLRLQEFFLGRVPHIGDFYMPRLHSYGDSLEMSTFTDLRNLQALLSKFKNNEYNAFTLFENDGQSMSAQFKLFY
HDTPSLAHDVARGRNTSGKVYWYELCHDSATLLEFLEFLDYKIVKPQDEKKEGNEKEKEALNNEAHILEQKSTTDNNPSI
NTNPLPKDAKYNTARKKLQILKEFLSDYYFILRQFEQMKVQFADMKPGKRQLRRIQRQTVNYNT
;
U
8 'polypeptide(L)'
;MENLKPFQVGLPPHDPESNKKRYLLKDANGKKFDLEGTTKRFEHLLSLSGLFKHFIESKAAKDPKFRQVLDVLEENKANG
KGKGKHQDVRRRKTEHEEDAELLKEEDSDDDESIEFQFRESPAYVNGQLRPYQIQGVNWLVSLHKNKIAGILADEMGLGK
TLQTISFLGYLRYIEKIPGPFLVIAPKSTLNNWLREINRWTPDVNAFILQGDKEERAELIQKKLLGCDFDVVIASYEIII
REKSPLKKINWEYIIIDEAHRIKNEESMLSQVLREFTSRNRLLITGTPLQNNLHELWALLNFLLPDIFSDAQDFDDWFSS
ESTEEDQDKIVKQLHTVLQPFLLRRIKSDVETSLLPKKELNLYVGMSSMQKKWYKKILEKDLDAVNGSNGSKESKTRLLN
IMMQLRKCCNHPYLFDGAEPGPPYTTDEHLVYNAAKLQVLDKLLKKLKEEGSRVLIFSQMSRLLDILEDYCYFRNYEYCR
IDGSTAHEDRIQAIDDYNAPDSKKFVFLLTTRAGGLGINLTSADVVVLYDSDWNPQADLQAMDRAHRIGQKKQVKVFRLV
TDNSVEEKILERATQKLRLDQLVIQQNRTSLKKKENKADSKDALLSMIQHGAADVFKSGTSTGSAGTPEPGSGEKGDDID
LDELLLKSENKTKSLNAKYETLGLDDLQKFNQDSAYEWNGQDFKKKIQRDIISPLLLNPTKRERKENYSIDNYYKDVLNT
GRSSTPSHPRMPKPHVFHSHQLQPPQLKVLYEKERMWTAKKTGYVPTMDDVKAAYGDISDEEEKKQKLELLKLSVNNSQP
LTEEEEKMKADWESEGFTNWNKLEFRKFITVSGKYGRNSIQAIARELAPGKTLEEVRAYAKAFWSNIERIEDYEKYLKII
ENEEEKIKRVKMQQEALRRKLSEYKNPFFDLKLKHPPSSNNKRTYSEEEDRFILLMLFKYGLDRDDVYELVRDEIRDCPL
FELDFYFRSRTPVELARRGNTLLQCLEKEFNAGIVLDDATKDRMKKEDENGKRIREEFADQTANEKENVDGVESKKAKIE
DTSNVGTEQLVAEKIPENETTH
;
V
#
loop_
_chem_comp.id
_chem_comp.type
_chem_comp.name
_chem_comp.formula
ADP non-polymer ADENOSINE-5'-DIPHOSPHATE 'C10 H15 N5 O10 P2'
BEF non-polymer 'BERYLLIUM TRIFLUORIDE ION' 'Be F3 -1'
DA DNA linking 2'-DEOXYADENOSINE-5'-MONOPHOSPHATE 'C10 H14 N5 O6 P'
DC DNA linking 2'-DEOXYCYTIDINE-5'-MONOPHOSPHATE 'C9 H14 N3 O7 P'
DG DNA linking 2'-DEOXYGUANOSINE-5'-MONOPHOSPHATE 'C10 H14 N5 O7 P'
DT DNA linking THYMIDINE-5'-MONOPHOSPHATE 'C10 H15 N2 O8 P'
MG non-polymer 'MAGNESIUM ION' 'Mg 2'
#
# COMPACT_ATOMS: atom_id res chain seq x y z
N LYS A 38 -2.99 14.95 -39.19
CA LYS A 38 -1.70 14.26 -39.30
C LYS A 38 -0.66 15.16 -39.96
N PRO A 39 0.28 15.68 -39.16
CA PRO A 39 1.33 16.53 -39.73
C PRO A 39 2.15 15.79 -40.77
N HIS A 40 2.48 16.49 -41.85
CA HIS A 40 3.22 15.87 -42.94
C HIS A 40 4.71 16.00 -42.68
N ARG A 41 5.40 14.86 -42.64
CA ARG A 41 6.83 14.79 -42.40
C ARG A 41 7.48 13.90 -43.46
N TYR A 42 8.54 14.41 -44.06
CA TYR A 42 9.33 13.61 -44.98
C TYR A 42 10.10 12.53 -44.23
N ARG A 43 10.40 11.46 -44.94
CA ARG A 43 11.12 10.35 -44.35
C ARG A 43 12.55 10.75 -44.02
N PRO A 44 13.18 10.09 -43.06
CA PRO A 44 14.58 10.42 -42.73
C PRO A 44 15.52 10.16 -43.89
N GLY A 45 16.05 11.23 -44.49
CA GLY A 45 17.10 11.06 -45.48
C GLY A 45 16.87 11.71 -46.83
N THR A 46 15.62 11.72 -47.30
CA THR A 46 15.31 12.38 -48.56
C THR A 46 15.56 13.87 -48.48
N VAL A 47 15.24 14.46 -47.32
CA VAL A 47 15.59 15.85 -47.10
C VAL A 47 17.07 16.05 -47.31
N ALA A 48 17.89 15.18 -46.73
CA ALA A 48 19.34 15.30 -46.88
C ALA A 48 19.71 15.38 -48.35
N LEU A 49 19.08 14.55 -49.18
CA LEU A 49 19.32 14.63 -50.62
C LEU A 49 18.94 16.00 -51.14
N ARG A 50 17.84 16.56 -50.64
CA ARG A 50 17.46 17.91 -51.07
C ARG A 50 18.58 18.91 -50.82
N GLU A 51 19.09 18.97 -49.59
CA GLU A 51 20.18 19.91 -49.34
C GLU A 51 21.43 19.54 -50.12
N ILE A 52 21.71 18.24 -50.27
CA ILE A 52 22.88 17.83 -51.04
C ILE A 52 22.82 18.41 -52.43
N ARG A 53 21.68 18.27 -53.09
CA ARG A 53 21.53 18.86 -54.41
C ARG A 53 21.64 20.37 -54.34
N ARG A 54 21.02 20.97 -53.34
CA ARG A 54 21.07 22.42 -53.21
C ARG A 54 22.50 22.92 -53.14
N TYR A 55 23.34 22.23 -52.37
CA TYR A 55 24.71 22.66 -52.20
C TYR A 55 25.63 22.19 -53.30
N GLN A 56 25.32 21.07 -53.96
CA GLN A 56 26.13 20.64 -55.07
C GLN A 56 25.90 21.52 -56.28
N LYS A 57 24.72 22.12 -56.40
CA LYS A 57 24.56 23.17 -57.39
C LYS A 57 25.08 24.50 -56.90
N SER A 58 25.08 24.74 -55.60
CA SER A 58 25.49 26.05 -55.12
C SER A 58 27.01 26.15 -55.19
N THR A 59 27.52 27.37 -55.02
CA THR A 59 28.94 27.60 -55.22
C THR A 59 29.55 28.48 -54.14
N GLU A 60 28.79 28.84 -53.13
CA GLU A 60 29.13 29.87 -52.17
C GLU A 60 29.65 29.26 -50.86
N LEU A 61 29.99 30.14 -49.93
CA LEU A 61 30.54 29.72 -48.66
C LEU A 61 29.49 28.98 -47.85
N LEU A 62 29.96 28.07 -47.01
CA LEU A 62 29.10 27.44 -46.02
C LEU A 62 29.42 27.87 -44.60
N ILE A 63 30.37 28.77 -44.43
CA ILE A 63 30.92 29.13 -43.13
C ILE A 63 30.62 30.58 -42.82
N ARG A 64 30.44 30.85 -41.53
CA ARG A 64 30.28 32.22 -41.07
C ARG A 64 31.60 32.96 -41.19
N LYS A 65 31.52 34.26 -41.46
CA LYS A 65 32.73 35.05 -41.62
C LYS A 65 33.46 35.24 -40.30
N LEU A 66 32.84 35.97 -39.38
CA LEU A 66 33.57 36.47 -38.21
C LEU A 66 34.10 35.36 -37.32
N PRO A 67 33.34 34.32 -36.96
CA PRO A 67 33.94 33.25 -36.18
C PRO A 67 35.17 32.67 -36.86
N PHE A 68 35.12 32.57 -38.18
CA PHE A 68 36.27 32.06 -38.91
C PHE A 68 37.48 32.98 -38.78
N GLN A 69 37.27 34.28 -38.98
CA GLN A 69 38.35 35.22 -38.82
C GLN A 69 38.91 35.15 -37.41
N ARG A 70 38.03 35.01 -36.45
CA ARG A 70 38.46 34.93 -35.06
C ARG A 70 39.31 33.71 -34.80
N LEU A 71 38.95 32.56 -35.38
CA LEU A 71 39.82 31.40 -35.26
C LEU A 71 41.16 31.65 -35.90
N VAL A 72 41.16 32.29 -37.06
CA VAL A 72 42.40 32.66 -37.69
C VAL A 72 43.24 33.47 -36.71
N ARG A 73 42.64 34.47 -36.10
CA ARG A 73 43.39 35.34 -35.21
C ARG A 73 43.89 34.57 -34.01
N GLU A 74 43.06 33.71 -33.43
CA GLU A 74 43.49 32.95 -32.27
C GLU A 74 44.70 32.09 -32.60
N ILE A 75 44.62 31.34 -33.70
CA ILE A 75 45.74 30.46 -33.98
C ILE A 75 46.98 31.27 -34.29
N ALA A 76 46.84 32.33 -35.09
CA ALA A 76 47.98 33.12 -35.48
C ALA A 76 48.59 33.88 -34.31
N GLN A 77 47.85 34.03 -33.22
CA GLN A 77 48.39 34.64 -32.02
C GLN A 77 49.71 34.02 -31.64
N ASP A 78 49.79 32.70 -31.81
CA ASP A 78 50.84 31.92 -31.19
C ASP A 78 52.21 32.26 -31.72
N PHE A 79 52.31 32.54 -33.01
CA PHE A 79 53.63 32.59 -33.61
C PHE A 79 54.22 33.99 -33.54
N LYS A 80 53.37 34.99 -33.63
CA LYS A 80 53.82 36.37 -33.49
C LYS A 80 52.68 37.17 -32.89
N THR A 81 53.03 38.19 -32.15
CA THR A 81 52.04 38.99 -31.43
C THR A 81 51.72 40.24 -32.23
N ASP A 82 50.44 40.61 -32.23
CA ASP A 82 49.99 41.89 -32.78
C ASP A 82 50.09 41.93 -34.31
N LEU A 83 49.63 40.86 -34.94
CA LEU A 83 49.61 40.78 -36.40
C LEU A 83 48.36 41.42 -37.00
N ARG A 84 48.53 42.00 -38.17
CA ARG A 84 47.40 42.49 -38.95
C ARG A 84 47.14 41.59 -40.15
N PHE A 85 45.91 41.67 -40.64
CA PHE A 85 45.41 40.72 -41.61
C PHE A 85 44.73 41.45 -42.77
N GLN A 86 45.07 41.07 -43.99
CA GLN A 86 44.20 41.41 -45.12
C GLN A 86 42.93 40.59 -45.03
N SER A 87 41.81 41.26 -45.27
CA SER A 87 40.56 40.53 -45.37
C SER A 87 40.62 39.55 -46.52
N SER A 88 41.22 39.98 -47.63
CA SER A 88 41.42 39.08 -48.75
C SER A 88 42.16 37.85 -48.31
N ALA A 89 43.13 38.01 -47.42
CA ALA A 89 43.82 36.87 -46.88
C ALA A 89 42.85 35.97 -46.12
N VAL A 90 41.97 36.58 -45.34
CA VAL A 90 41.00 35.80 -44.59
C VAL A 90 40.21 34.93 -45.55
N MET A 91 39.76 35.55 -46.64
CA MET A 91 39.00 34.78 -47.61
C MET A 91 39.84 33.63 -48.12
N ALA A 92 41.03 33.94 -48.64
CA ALA A 92 41.85 32.90 -49.26
C ALA A 92 42.00 31.73 -48.31
N LEU A 93 42.24 32.05 -47.05
CA LEU A 93 42.27 31.05 -46.01
C LEU A 93 41.03 30.19 -46.06
N GLN A 94 39.87 30.82 -46.11
CA GLN A 94 38.71 29.99 -45.99
C GLN A 94 38.59 29.09 -47.21
N GLU A 95 38.65 29.65 -48.41
CA GLU A 95 38.36 28.81 -49.58
C GLU A 95 39.25 27.60 -49.54
N ALA A 96 40.53 27.82 -49.23
CA ALA A 96 41.44 26.71 -49.10
C ALA A 96 40.89 25.70 -48.10
N SER A 97 40.43 26.20 -46.96
CA SER A 97 39.90 25.31 -45.94
C SER A 97 38.78 24.47 -46.51
N GLU A 98 37.69 25.11 -46.90
CA GLU A 98 36.51 24.32 -47.22
C GLU A 98 36.79 23.37 -48.37
N ALA A 99 37.57 23.79 -49.35
CA ALA A 99 37.87 22.87 -50.45
C ALA A 99 38.58 21.63 -49.93
N TYR A 100 39.59 21.84 -49.09
CA TYR A 100 40.28 20.72 -48.50
C TYR A 100 39.32 19.83 -47.75
N LEU A 101 38.44 20.45 -46.97
CA LEU A 101 37.47 19.70 -46.21
C LEU A 101 36.60 18.86 -47.11
N VAL A 102 36.20 19.44 -48.24
CA VAL A 102 35.30 18.77 -49.16
C VAL A 102 35.94 17.51 -49.69
N ALA A 103 37.18 17.64 -50.15
CA ALA A 103 37.88 16.44 -50.61
C ALA A 103 37.91 15.42 -49.50
N LEU A 104 38.13 15.89 -48.29
CA LEU A 104 38.19 14.98 -47.16
C LEU A 104 36.88 14.21 -47.02
N PHE A 105 35.76 14.90 -47.00
CA PHE A 105 34.52 14.19 -46.72
C PHE A 105 34.16 13.27 -47.87
N GLU A 106 34.42 13.68 -49.11
CA GLU A 106 34.03 12.82 -50.22
C GLU A 106 34.82 11.51 -50.19
N ASP A 107 36.12 11.60 -49.87
CA ASP A 107 36.84 10.36 -49.64
C ASP A 107 36.27 9.60 -48.46
N THR A 108 35.84 10.31 -47.43
CA THR A 108 35.28 9.65 -46.27
C THR A 108 34.05 8.84 -46.66
N ASN A 109 33.21 9.41 -47.51
CA ASN A 109 32.06 8.69 -48.01
C ASN A 109 32.49 7.49 -48.82
N LEU A 110 33.54 7.63 -49.63
CA LEU A 110 34.06 6.47 -50.33
C LEU A 110 34.41 5.36 -49.34
N CYS A 111 35.04 5.75 -48.23
CA CYS A 111 35.38 4.79 -47.19
C CYS A 111 34.13 4.11 -46.67
N ALA A 112 33.14 4.90 -46.29
CA ALA A 112 31.95 4.36 -45.66
C ALA A 112 31.21 3.43 -46.60
N ILE A 113 31.05 3.85 -47.85
CA ILE A 113 30.32 3.03 -48.81
C ILE A 113 31.04 1.73 -49.06
N HIS A 114 32.36 1.77 -49.19
CA HIS A 114 33.08 0.52 -49.34
C HIS A 114 32.93 -0.32 -48.10
N ALA A 115 32.79 0.33 -46.94
CA ALA A 115 32.58 -0.32 -45.66
C ALA A 115 31.15 -0.72 -45.41
N LYS A 116 30.28 -0.66 -46.43
CA LYS A 116 28.93 -1.20 -46.37
C LYS A 116 28.09 -0.52 -45.27
N ARG A 117 28.12 0.81 -45.27
CA ARG A 117 27.24 1.60 -44.42
C ARG A 117 26.88 2.89 -45.13
N VAL A 118 25.99 3.66 -44.51
CA VAL A 118 25.60 4.95 -45.04
C VAL A 118 25.84 6.09 -44.06
N THR A 119 26.10 5.81 -42.79
CA THR A 119 26.44 6.85 -41.84
C THR A 119 27.96 6.95 -41.76
N ILE A 120 28.46 8.17 -41.72
CA ILE A 120 29.89 8.42 -41.57
C ILE A 120 30.29 8.35 -40.10
N MET A 121 31.49 7.83 -39.87
CA MET A 121 32.05 7.58 -38.55
C MET A 121 33.51 8.00 -38.60
N PRO A 122 34.06 8.54 -37.51
CA PRO A 122 35.43 9.10 -37.60
C PRO A 122 36.50 8.13 -38.05
N LYS A 123 36.31 6.83 -37.81
CA LYS A 123 37.31 5.86 -38.25
C LYS A 123 37.52 5.94 -39.75
N ASP A 124 36.47 6.20 -40.50
CA ASP A 124 36.63 6.44 -41.94
C ASP A 124 37.53 7.64 -42.18
N ILE A 125 37.27 8.72 -41.45
CA ILE A 125 38.01 9.95 -41.66
C ILE A 125 39.49 9.68 -41.46
N GLN A 126 39.82 9.08 -40.33
CA GLN A 126 41.21 8.86 -39.99
C GLN A 126 41.86 7.89 -40.95
N LEU A 127 41.13 6.87 -41.39
CA LEU A 127 41.74 5.91 -42.28
C LEU A 127 42.06 6.56 -43.62
N ALA A 128 41.13 7.36 -44.14
CA ALA A 128 41.44 8.08 -45.35
C ALA A 128 42.66 8.95 -45.15
N ARG A 129 42.72 9.63 -44.01
CA ARG A 129 43.87 10.48 -43.77
C ARG A 129 45.14 9.65 -43.72
N ARG A 130 45.01 8.41 -43.24
CA ARG A 130 46.12 7.49 -43.25
C ARG A 130 46.57 7.23 -44.67
N ILE A 131 45.59 6.98 -45.53
CA ILE A 131 45.87 6.58 -46.90
C ILE A 131 46.63 7.68 -47.61
N ARG A 132 46.14 8.91 -47.52
CA ARG A 132 46.72 9.94 -48.35
C ARG A 132 48.15 10.23 -47.93
N GLY A 133 48.41 10.23 -46.62
CA GLY A 133 49.76 10.09 -46.14
C GLY A 133 50.29 11.28 -45.40
N GLU A 134 49.37 11.99 -44.75
CA GLU A 134 49.74 13.07 -43.86
C GLU A 134 50.04 12.67 -42.42
N ARG A 135 50.50 11.44 -42.22
CA ARG A 135 51.15 10.94 -41.02
C ARG A 135 50.14 10.00 -40.33
N LYS B 21 44.91 42.28 -25.39
CA LYS B 21 43.77 41.48 -24.98
C LYS B 21 43.82 40.08 -25.58
N VAL B 22 43.25 39.12 -24.88
CA VAL B 22 43.40 37.71 -25.23
C VAL B 22 42.20 37.24 -26.03
N LEU B 23 42.41 36.19 -26.83
CA LEU B 23 41.33 35.51 -27.53
C LEU B 23 41.39 34.02 -27.23
N ARG B 24 40.23 33.36 -27.26
CA ARG B 24 40.22 31.93 -27.04
C ARG B 24 38.95 31.30 -27.60
N ASP B 25 39.08 30.04 -27.98
CA ASP B 25 37.97 29.09 -27.99
C ASP B 25 36.92 29.40 -29.04
N ASN B 26 37.32 30.03 -30.14
CA ASN B 26 36.38 30.18 -31.23
C ASN B 26 36.25 28.94 -32.08
N ILE B 27 37.02 27.89 -31.80
CA ILE B 27 36.84 26.66 -32.54
C ILE B 27 35.42 26.14 -32.38
N GLN B 28 34.76 26.53 -31.29
CA GLN B 28 33.36 26.21 -31.20
C GLN B 28 32.51 27.10 -32.10
N GLY B 29 33.08 28.18 -32.62
CA GLY B 29 32.33 29.00 -33.54
C GLY B 29 32.01 28.31 -34.83
N ILE B 30 32.62 27.16 -35.07
CA ILE B 30 32.28 26.31 -36.20
C ILE B 30 31.10 25.45 -35.79
N THR B 31 29.91 25.85 -36.19
CA THR B 31 28.73 25.18 -35.66
C THR B 31 28.47 23.87 -36.37
N LYS B 32 27.74 23.01 -35.67
CA LYS B 32 27.24 21.77 -36.26
C LYS B 32 26.46 22.00 -37.55
N PRO B 33 25.52 22.94 -37.63
CA PRO B 33 24.83 23.15 -38.92
C PRO B 33 25.78 23.50 -40.04
N ALA B 34 26.79 24.31 -39.78
CA ALA B 34 27.79 24.58 -40.82
C ALA B 34 28.51 23.30 -41.20
N ILE B 35 28.86 22.50 -40.21
CA ILE B 35 29.60 21.28 -40.46
C ILE B 35 28.82 20.35 -41.35
N ARG B 36 27.56 20.13 -41.01
CA ARG B 36 26.74 19.27 -41.83
C ARG B 36 26.40 19.92 -43.15
N ARG B 37 26.43 21.25 -43.25
CA ARG B 37 26.34 21.89 -44.55
C ARG B 37 27.49 21.47 -45.44
N LEU B 38 28.70 21.54 -44.90
CA LEU B 38 29.86 21.11 -45.68
C LEU B 38 29.72 19.66 -46.07
N ALA B 39 29.31 18.83 -45.12
CA ALA B 39 29.18 17.40 -45.39
C ALA B 39 28.17 17.16 -46.50
N ARG B 40 27.07 17.90 -46.46
CA ARG B 40 26.05 17.73 -47.47
C ARG B 40 26.59 18.14 -48.82
N ARG B 41 27.25 19.29 -48.88
CA ARG B 41 27.86 19.73 -50.14
C ARG B 41 28.86 18.70 -50.61
N GLY B 42 29.42 17.93 -49.70
CA GLY B 42 30.21 16.78 -50.04
C GLY B 42 29.43 15.56 -50.45
N GLY B 43 28.11 15.61 -50.40
CA GLY B 43 27.33 14.47 -50.84
C GLY B 43 27.23 13.35 -49.84
N VAL B 44 27.23 13.67 -48.55
CA VAL B 44 27.05 12.69 -47.49
C VAL B 44 25.62 12.77 -46.97
N LYS B 45 25.02 11.62 -46.69
CA LYS B 45 23.65 11.58 -46.20
C LYS B 45 23.52 11.51 -44.69
N ARG B 46 24.29 10.68 -44.01
CA ARG B 46 24.10 10.41 -42.59
C ARG B 46 25.42 10.55 -41.86
N ILE B 47 25.36 11.10 -40.65
CA ILE B 47 26.53 11.61 -39.94
C ILE B 47 26.55 11.08 -38.51
N SER B 48 27.71 10.63 -38.05
CA SER B 48 27.88 10.36 -36.63
C SER B 48 27.90 11.65 -35.83
N GLY B 49 27.49 11.55 -34.57
CA GLY B 49 27.59 12.70 -33.69
C GLY B 49 29.01 13.04 -33.31
N LEU B 50 29.92 12.08 -33.43
CA LEU B 50 31.31 12.26 -33.05
C LEU B 50 32.11 12.98 -34.11
N ILE B 51 31.50 13.18 -35.28
CA ILE B 51 32.24 13.69 -36.41
C ILE B 51 32.76 15.10 -36.12
N TYR B 52 31.93 15.92 -35.50
CA TYR B 52 32.16 17.36 -35.43
C TYR B 52 33.51 17.69 -34.81
N GLU B 53 33.78 17.12 -33.63
CA GLU B 53 35.04 17.41 -32.97
C GLU B 53 36.20 16.91 -33.80
N GLU B 54 36.07 15.72 -34.38
CA GLU B 54 37.08 15.17 -35.27
C GLU B 54 37.44 16.19 -36.34
N THR B 55 36.40 16.71 -36.98
CA THR B 55 36.59 17.69 -38.03
C THR B 55 37.29 18.93 -37.49
N ARG B 56 36.83 19.42 -36.34
CA ARG B 56 37.39 20.64 -35.80
C ARG B 56 38.88 20.48 -35.56
N GLY B 57 39.29 19.34 -35.01
CA GLY B 57 40.71 19.10 -34.79
C GLY B 57 41.49 19.05 -36.08
N VAL B 58 40.97 18.32 -37.08
CA VAL B 58 41.67 18.24 -38.34
C VAL B 58 41.85 19.62 -38.94
N LEU B 59 40.77 20.40 -38.94
CA LEU B 59 40.84 21.77 -39.41
C LEU B 59 41.85 22.57 -38.64
N LYS B 60 41.86 22.39 -37.32
CA LYS B 60 42.87 23.03 -36.49
C LYS B 60 44.24 22.76 -37.07
N VAL B 61 44.52 21.49 -37.37
CA VAL B 61 45.83 21.10 -37.85
C VAL B 61 46.16 21.82 -39.16
N PHE B 62 45.25 21.70 -40.12
CA PHE B 62 45.46 22.33 -41.42
C PHE B 62 45.77 23.81 -41.26
N LEU B 63 44.89 24.49 -40.53
CA LEU B 63 44.99 25.92 -40.41
C LEU B 63 46.30 26.29 -39.73
N GLU B 64 46.68 25.52 -38.73
CA GLU B 64 47.94 25.80 -38.04
C GLU B 64 49.12 25.72 -38.98
N ASN B 65 49.19 24.66 -39.79
CA ASN B 65 50.33 24.55 -40.68
C ASN B 65 50.38 25.74 -41.60
N VAL B 66 49.23 26.06 -42.16
CA VAL B 66 49.22 27.02 -43.24
C VAL B 66 49.54 28.41 -42.70
N ILE B 67 48.91 28.77 -41.59
CA ILE B 67 49.22 30.04 -40.97
C ILE B 67 50.68 30.10 -40.61
N ARG B 68 51.20 29.02 -40.02
CA ARG B 68 52.59 29.01 -39.59
C ARG B 68 53.49 29.50 -40.71
N ASP B 69 53.52 28.76 -41.81
CA ASP B 69 54.49 29.12 -42.82
C ASP B 69 54.10 30.43 -43.51
N ALA B 70 52.81 30.74 -43.58
CA ALA B 70 52.41 32.04 -44.08
C ALA B 70 53.06 33.14 -43.26
N VAL B 71 52.97 33.01 -41.94
CA VAL B 71 53.64 33.97 -41.09
C VAL B 71 55.10 33.98 -41.44
N THR B 72 55.68 32.80 -41.60
CA THR B 72 57.11 32.71 -41.88
C THR B 72 57.49 33.63 -43.02
N TYR B 73 56.71 33.58 -44.09
CA TYR B 73 56.88 34.53 -45.17
C TYR B 73 56.72 35.95 -44.67
N THR B 74 55.74 36.17 -43.79
CA THR B 74 55.47 37.53 -43.38
C THR B 74 56.69 38.13 -42.67
N GLU B 75 57.26 37.41 -41.71
CA GLU B 75 58.33 38.05 -40.97
C GLU B 75 59.53 38.23 -41.85
N HIS B 76 59.90 37.21 -42.63
CA HIS B 76 61.11 37.43 -43.40
C HIS B 76 60.89 38.61 -44.34
N ALA B 77 59.65 38.87 -44.69
CA ALA B 77 59.28 40.08 -45.39
C ALA B 77 59.38 41.33 -44.51
N LYS B 78 59.62 41.17 -43.21
CA LYS B 78 59.78 42.32 -42.31
C LYS B 78 58.55 43.20 -42.31
N ARG B 79 57.39 42.64 -42.61
CA ARG B 79 56.14 43.36 -42.48
C ARG B 79 55.45 42.95 -41.19
N LYS B 80 54.35 43.63 -40.88
CA LYS B 80 53.55 43.29 -39.67
C LYS B 80 52.09 43.09 -40.11
N THR B 81 51.87 42.78 -41.38
CA THR B 81 50.50 42.54 -41.91
C THR B 81 50.51 41.32 -42.84
N VAL B 82 49.87 40.22 -42.42
CA VAL B 82 49.76 39.01 -43.31
C VAL B 82 49.10 39.43 -44.63
N THR B 83 49.67 38.99 -45.76
CA THR B 83 49.10 39.34 -47.08
C THR B 83 48.51 38.08 -47.73
N ALA B 84 47.66 38.24 -48.74
CA ALA B 84 47.04 37.10 -49.43
C ALA B 84 48.11 36.37 -50.26
N MET B 85 49.15 37.09 -50.70
CA MET B 85 50.25 36.45 -51.46
C MET B 85 50.96 35.44 -50.55
N ASP B 86 51.27 35.83 -49.30
CA ASP B 86 51.89 34.88 -48.32
C ASP B 86 50.97 33.66 -48.18
N VAL B 87 49.68 33.89 -47.99
CA VAL B 87 48.69 32.78 -47.81
C VAL B 87 48.73 31.87 -49.04
N VAL B 88 48.57 32.43 -50.23
CA VAL B 88 48.54 31.60 -51.49
C VAL B 88 49.85 30.82 -51.60
N TYR B 89 50.99 31.50 -51.40
CA TYR B 89 52.32 30.83 -51.47
C TYR B 89 52.34 29.61 -50.55
N ALA B 90 51.83 29.75 -49.32
CA ALA B 90 51.83 28.63 -48.34
C ALA B 90 51.03 27.43 -48.87
N LEU B 91 49.78 27.62 -49.27
CA LEU B 91 48.96 26.45 -49.68
C LEU B 91 49.41 25.93 -51.05
N LYS B 92 50.05 26.77 -51.87
CA LYS B 92 50.59 26.28 -53.17
C LYS B 92 51.76 25.35 -52.85
N ARG B 93 52.62 25.73 -51.91
CA ARG B 93 53.76 24.87 -51.49
C ARG B 93 53.19 23.56 -50.90
N GLN B 94 52.08 23.65 -50.15
CA GLN B 94 51.43 22.43 -49.60
C GLN B 94 51.03 21.50 -50.75
N GLY B 95 50.31 22.04 -51.75
CA GLY B 95 49.89 21.23 -52.90
C GLY B 95 48.46 21.53 -53.31
N ARG B 96 47.88 22.60 -52.75
CA ARG B 96 46.49 22.99 -53.09
C ARG B 96 46.50 24.40 -53.68
N THR B 97 47.16 24.58 -54.83
CA THR B 97 47.27 25.92 -55.47
C THR B 97 45.87 26.53 -55.62
N LEU B 98 45.66 27.72 -55.04
CA LEU B 98 44.35 28.41 -55.16
C LEU B 98 44.49 29.55 -56.18
N TYR B 99 43.66 29.53 -57.22
CA TYR B 99 43.70 30.58 -58.26
C TYR B 99 42.76 31.72 -57.86
N GLY B 100 42.86 32.88 -58.54
CA GLY B 100 41.94 33.95 -58.26
C GLY B 100 42.42 34.96 -57.26
N PHE B 101 43.72 35.08 -57.03
CA PHE B 101 44.13 36.02 -56.01
C PHE B 101 45.46 36.69 -56.33
N GLY B 102 45.97 36.54 -57.55
CA GLY B 102 47.19 37.21 -57.93
C GLY B 102 48.39 36.85 -57.07
N ALA C 13 99.53 34.42 -47.17
CA ALA C 13 100.26 33.48 -48.01
C ALA C 13 99.76 32.06 -47.78
N LYS C 14 100.00 31.54 -46.59
CA LYS C 14 99.48 30.24 -46.23
C LYS C 14 97.96 30.31 -46.16
N ALA C 15 97.29 29.60 -47.08
CA ALA C 15 95.85 29.65 -47.15
C ALA C 15 95.23 29.00 -45.91
N LYS C 16 94.01 29.41 -45.60
CA LYS C 16 93.29 28.86 -44.45
C LYS C 16 91.83 28.75 -44.81
N THR C 17 91.32 27.52 -44.89
CA THR C 17 90.02 27.28 -45.49
C THR C 17 88.90 27.90 -44.67
N ARG C 18 87.91 28.40 -45.39
CA ARG C 18 86.75 29.02 -44.76
C ARG C 18 86.06 28.05 -43.82
N SER C 19 86.06 26.76 -44.17
CA SER C 19 85.50 25.75 -43.27
C SER C 19 86.27 25.69 -41.97
N SER C 20 87.60 25.66 -42.07
CA SER C 20 88.41 25.78 -40.87
C SER C 20 88.14 27.09 -40.17
N ARG C 21 87.86 28.13 -40.95
CA ARG C 21 87.50 29.41 -40.35
C ARG C 21 86.21 29.29 -39.54
N ALA C 22 85.35 28.34 -39.90
CA ALA C 22 84.23 27.95 -39.08
C ALA C 22 84.47 26.67 -38.31
N GLY C 23 85.66 26.09 -38.41
CA GLY C 23 85.90 24.80 -37.79
C GLY C 23 84.92 23.81 -38.37
N LEU C 24 84.79 23.88 -39.68
CA LEU C 24 83.70 23.24 -40.40
C LEU C 24 84.27 22.07 -41.17
N GLN C 25 83.41 21.12 -41.53
CA GLN C 25 83.90 19.88 -42.10
C GLN C 25 83.64 19.76 -43.61
N PHE C 26 82.58 20.38 -44.13
CA PHE C 26 82.40 20.42 -45.57
C PHE C 26 83.19 21.56 -46.19
N PRO C 27 83.51 21.46 -47.47
CA PRO C 27 84.21 22.53 -48.18
C PRO C 27 83.28 23.70 -48.50
N VAL C 28 83.60 24.85 -47.95
CA VAL C 28 82.82 26.04 -48.23
C VAL C 28 83.06 26.52 -49.64
N GLY C 29 84.30 26.45 -50.11
CA GLY C 29 84.58 26.87 -51.47
C GLY C 29 83.83 26.05 -52.49
N ARG C 30 83.81 24.73 -52.31
CA ARG C 30 83.04 23.89 -53.20
C ARG C 30 81.59 24.33 -53.24
N VAL C 31 80.98 24.47 -52.07
CA VAL C 31 79.55 24.74 -52.04
C VAL C 31 79.27 26.12 -52.59
N HIS C 32 80.14 27.07 -52.31
CA HIS C 32 79.98 28.41 -52.85
C HIS C 32 80.02 28.38 -54.36
N ARG C 33 80.96 27.61 -54.92
CA ARG C 33 81.01 27.43 -56.36
C ARG C 33 79.72 26.83 -56.89
N LEU C 34 79.22 25.80 -56.22
CA LEU C 34 78.00 25.17 -56.71
C LEU C 34 76.83 26.12 -56.63
N LEU C 35 76.75 26.90 -55.55
CA LEU C 35 75.70 27.89 -55.44
C LEU C 35 75.75 28.85 -56.60
N ARG C 36 76.93 29.37 -56.89
CA ARG C 36 77.07 30.34 -57.95
C ARG C 36 76.74 29.71 -59.31
N LYS C 37 77.13 28.47 -59.51
CA LYS C 37 76.87 27.81 -60.77
C LYS C 37 75.45 27.27 -60.90
N GLY C 38 74.68 27.29 -59.82
CA GLY C 38 73.39 26.68 -59.80
C GLY C 38 72.23 27.54 -60.21
N ASN C 39 72.50 28.78 -60.59
CA ASN C 39 71.49 29.60 -61.28
C ASN C 39 70.30 29.87 -60.38
N TYR C 40 70.57 30.21 -59.14
CA TYR C 40 69.49 30.49 -58.22
C TYR C 40 69.28 31.98 -58.05
N ALA C 41 70.38 32.71 -57.94
CA ALA C 41 70.41 34.16 -58.03
C ALA C 41 71.77 34.52 -58.61
N GLU C 42 71.83 35.70 -59.22
CA GLU C 42 73.08 36.15 -59.83
C GLU C 42 74.13 36.47 -58.79
N ARG C 43 73.70 36.86 -57.58
CA ARG C 43 74.64 37.23 -56.54
C ARG C 43 74.39 36.38 -55.32
N VAL C 44 75.48 36.15 -54.59
CA VAL C 44 75.51 35.23 -53.47
C VAL C 44 76.05 35.95 -52.26
N GLY C 45 75.39 35.78 -51.12
CA GLY C 45 75.94 36.25 -49.86
C GLY C 45 77.07 35.37 -49.36
N ALA C 46 77.80 35.86 -48.37
CA ALA C 46 79.01 35.18 -47.92
C ALA C 46 78.73 34.16 -46.84
N GLY C 47 77.94 34.53 -45.83
CA GLY C 47 77.66 33.55 -44.80
C GLY C 47 76.65 32.53 -45.19
N ALA C 48 76.05 32.69 -46.36
CA ALA C 48 75.08 31.70 -46.81
C ALA C 48 75.72 30.34 -46.98
N PRO C 49 76.84 30.19 -47.71
CA PRO C 49 77.46 28.86 -47.77
C PRO C 49 77.88 28.37 -46.40
N VAL C 50 78.26 29.28 -45.52
CA VAL C 50 78.65 28.89 -44.18
C VAL C 50 77.49 28.21 -43.48
N TYR C 51 76.40 28.94 -43.34
CA TYR C 51 75.21 28.41 -42.69
C TYR C 51 74.78 27.13 -43.37
N LEU C 52 74.96 27.11 -44.68
CA LEU C 52 74.53 25.99 -45.49
C LEU C 52 75.26 24.72 -45.13
N ALA C 53 76.58 24.72 -45.26
CA ALA C 53 77.33 23.53 -44.91
C ALA C 53 77.12 23.19 -43.45
N ALA C 54 76.88 24.21 -42.61
CA ALA C 54 76.66 23.94 -41.20
C ALA C 54 75.44 23.06 -41.01
N VAL C 55 74.32 23.48 -41.58
CA VAL C 55 73.09 22.71 -41.40
C VAL C 55 73.20 21.37 -42.11
N LEU C 56 73.92 21.36 -43.23
CA LEU C 56 74.20 20.09 -43.89
C LEU C 56 74.87 19.13 -42.93
N GLU C 57 75.92 19.58 -42.26
CA GLU C 57 76.64 18.67 -41.41
C GLU C 57 75.78 18.27 -40.26
N TYR C 58 74.94 19.19 -39.81
CA TYR C 58 74.01 18.88 -38.75
C TYR C 58 73.15 17.69 -39.10
N LEU C 59 72.48 17.78 -40.23
CA LEU C 59 71.60 16.69 -40.63
C LEU C 59 72.39 15.42 -40.86
N THR C 60 73.58 15.57 -41.42
CA THR C 60 74.46 14.44 -41.64
C THR C 60 74.72 13.70 -40.36
N ALA C 61 75.10 14.44 -39.31
CA ALA C 61 75.33 13.84 -38.02
C ALA C 61 74.07 13.18 -37.52
N GLU C 62 72.96 13.90 -37.61
CA GLU C 62 71.70 13.41 -37.07
C GLU C 62 71.36 12.05 -37.65
N ILE C 63 71.63 11.87 -38.92
CA ILE C 63 71.22 10.65 -39.59
C ILE C 63 72.25 9.55 -39.38
N LEU C 64 73.54 9.87 -39.56
CA LEU C 64 74.55 8.84 -39.45
C LEU C 64 74.60 8.28 -38.04
N GLU C 65 74.33 9.10 -37.03
CA GLU C 65 74.37 8.62 -35.67
C GLU C 65 73.34 7.52 -35.45
N LEU C 66 72.12 7.72 -35.93
CA LEU C 66 71.12 6.68 -35.81
C LEU C 66 71.51 5.46 -36.62
N ALA C 67 72.10 5.68 -37.79
CA ALA C 67 72.50 4.56 -38.62
C ALA C 67 73.52 3.68 -37.90
N GLY C 68 74.49 4.31 -37.25
CA GLY C 68 75.46 3.57 -36.48
C GLY C 68 74.82 2.89 -35.28
N ASN C 69 73.86 3.57 -34.66
CA ASN C 69 73.14 2.95 -33.56
C ASN C 69 72.54 1.63 -34.02
N ALA C 70 71.87 1.67 -35.16
CA ALA C 70 71.26 0.45 -35.70
C ALA C 70 72.32 -0.59 -36.02
N ALA C 71 73.43 -0.16 -36.62
CA ALA C 71 74.46 -1.11 -37.00
C ALA C 71 75.01 -1.86 -35.79
N ARG C 72 75.23 -1.11 -34.71
CA ARG C 72 75.57 -1.72 -33.43
C ARG C 72 74.47 -2.66 -32.95
N ASP C 73 73.22 -2.23 -33.10
CA ASP C 73 72.10 -3.02 -32.58
C ASP C 73 72.01 -4.36 -33.28
N ASN C 74 72.38 -4.42 -34.55
CA ASN C 74 72.43 -5.69 -35.27
C ASN C 74 73.84 -6.21 -35.40
N LYS C 75 74.72 -5.79 -34.50
CA LYS C 75 75.97 -6.48 -34.23
C LYS C 75 76.94 -6.39 -35.38
N LYS C 76 76.70 -5.48 -36.30
CA LYS C 76 77.62 -5.26 -37.39
C LYS C 76 78.35 -3.94 -37.18
N THR C 77 79.48 -3.80 -37.87
CA THR C 77 80.26 -2.59 -37.75
C THR C 77 80.32 -1.78 -39.03
N ARG C 78 79.84 -2.31 -40.14
CA ARG C 78 79.69 -1.53 -41.34
C ARG C 78 78.22 -1.27 -41.58
N ILE C 79 77.87 -0.03 -41.82
CA ILE C 79 76.47 0.34 -41.96
C ILE C 79 76.03 0.00 -43.37
N ILE C 80 74.84 -0.59 -43.49
CA ILE C 80 74.35 -1.01 -44.81
C ILE C 80 73.01 -0.34 -45.04
N PRO C 81 72.54 -0.28 -46.28
CA PRO C 81 71.31 0.47 -46.57
C PRO C 81 70.15 0.06 -45.69
N ARG C 82 70.09 -1.22 -45.31
CA ARG C 82 69.04 -1.63 -44.41
C ARG C 82 68.99 -0.75 -43.18
N HIS C 83 70.15 -0.42 -42.63
CA HIS C 83 70.16 0.45 -41.48
C HIS C 83 69.60 1.80 -41.85
N LEU C 84 69.93 2.26 -43.05
CA LEU C 84 69.47 3.57 -43.47
C LEU C 84 67.96 3.63 -43.44
N GLN C 85 67.32 2.61 -44.02
CA GLN C 85 65.87 2.56 -43.98
C GLN C 85 65.35 2.48 -42.56
N LEU C 86 65.96 1.62 -41.76
CA LEU C 86 65.44 1.41 -40.42
C LEU C 86 65.46 2.71 -39.65
N ALA C 87 66.59 3.42 -39.71
CA ALA C 87 66.73 4.68 -39.00
C ALA C 87 65.80 5.75 -39.56
N VAL C 88 65.67 5.82 -40.87
CA VAL C 88 64.84 6.89 -41.41
C VAL C 88 63.39 6.67 -41.01
N ARG C 89 62.91 5.44 -41.13
CA ARG C 89 61.52 5.17 -40.81
C ARG C 89 61.23 5.20 -39.32
N ASN C 90 62.21 4.90 -38.48
CA ASN C 90 61.87 4.88 -37.07
C ASN C 90 61.93 6.27 -36.44
N ASP C 91 62.27 7.30 -37.21
CA ASP C 91 62.11 8.68 -36.78
C ASP C 91 60.81 9.27 -37.30
N GLU C 92 60.21 10.15 -36.51
CA GLU C 92 59.04 10.88 -36.99
C GLU C 92 59.45 12.04 -37.88
N GLU C 93 60.33 12.91 -37.40
CA GLU C 93 60.61 14.14 -38.14
C GLU C 93 61.42 13.85 -39.39
N LEU C 94 62.40 12.97 -39.29
CA LEU C 94 63.16 12.61 -40.47
C LEU C 94 62.26 11.98 -41.51
N ASN C 95 61.43 11.03 -41.08
CA ASN C 95 60.58 10.32 -42.01
C ASN C 95 59.58 11.26 -42.67
N LYS C 96 59.05 12.21 -41.90
CA LYS C 96 58.22 13.21 -42.54
C LYS C 96 59.03 14.01 -43.55
N LEU C 97 60.30 14.28 -43.24
CA LEU C 97 61.12 14.89 -44.26
C LEU C 97 61.34 13.95 -45.42
N LEU C 98 61.43 12.66 -45.16
CA LEU C 98 61.66 11.77 -46.29
C LEU C 98 60.49 10.82 -46.50
N GLY C 99 59.27 11.33 -46.31
CA GLY C 99 58.11 10.50 -46.58
C GLY C 99 57.93 10.14 -48.03
N ARG C 100 58.52 10.93 -48.93
CA ARG C 100 58.37 10.69 -50.36
C ARG C 100 59.64 10.08 -50.90
N VAL C 101 60.35 9.36 -50.05
CA VAL C 101 61.69 8.91 -50.36
C VAL C 101 61.73 7.39 -50.33
N THR C 102 62.31 6.84 -51.38
CA THR C 102 62.49 5.40 -51.52
C THR C 102 63.97 5.11 -51.49
N ILE C 103 64.35 4.09 -50.73
CA ILE C 103 65.74 3.67 -50.65
C ILE C 103 65.90 2.29 -51.26
N ALA C 104 66.82 2.17 -52.20
CA ALA C 104 67.05 0.91 -52.88
C ALA C 104 67.50 -0.16 -51.89
N GLN C 105 66.94 -1.36 -52.05
CA GLN C 105 67.24 -2.51 -51.19
C GLN C 105 66.92 -2.21 -49.73
N GLY C 106 65.98 -1.31 -49.48
CA GLY C 106 65.78 -0.85 -48.11
C GLY C 106 64.83 -1.71 -47.31
N GLY C 107 63.95 -2.43 -47.98
CA GLY C 107 62.95 -3.18 -47.26
C GLY C 107 62.03 -2.22 -46.51
N VAL C 108 61.40 -2.73 -45.45
CA VAL C 108 60.50 -1.94 -44.63
C VAL C 108 60.75 -2.28 -43.17
N LEU C 109 60.08 -1.54 -42.30
CA LEU C 109 60.09 -1.88 -40.89
C LEU C 109 59.16 -3.06 -40.65
N PRO C 110 59.64 -4.14 -40.05
CA PRO C 110 58.74 -5.22 -39.67
C PRO C 110 57.71 -4.75 -38.67
N ASN C 111 56.45 -4.74 -39.07
CA ASN C 111 55.38 -4.25 -38.21
C ASN C 111 54.13 -5.00 -38.59
N ILE C 112 53.44 -5.55 -37.59
CA ILE C 112 52.29 -6.41 -37.85
C ILE C 112 51.06 -5.76 -37.22
N GLN C 113 50.01 -5.62 -38.02
CA GLN C 113 48.74 -5.17 -37.49
C GLN C 113 48.19 -6.18 -36.49
N SER C 114 47.65 -5.67 -35.39
CA SER C 114 47.24 -6.56 -34.30
C SER C 114 46.19 -7.55 -34.74
N VAL C 115 45.32 -7.14 -35.68
CA VAL C 115 44.15 -7.94 -36.01
C VAL C 115 44.51 -9.30 -36.60
N LEU C 116 45.63 -9.41 -37.32
CA LEU C 116 45.99 -10.67 -37.96
C LEU C 116 46.76 -11.60 -37.05
N LEU C 117 47.17 -11.15 -35.86
CA LEU C 117 47.86 -12.04 -34.96
C LEU C 117 46.93 -13.19 -34.56
N PRO C 118 47.47 -14.39 -34.36
CA PRO C 118 46.64 -15.49 -33.89
C PRO C 118 46.33 -15.34 -32.42
N LYS C 119 45.18 -15.90 -32.03
CA LYS C 119 44.69 -15.76 -30.67
C LYS C 119 43.62 -16.81 -30.37
N SER D 33 86.93 10.23 -65.50
CA SER D 33 87.07 11.65 -65.22
C SER D 33 87.29 11.93 -63.76
N ARG D 34 87.24 13.21 -63.41
CA ARG D 34 87.46 13.66 -62.04
C ARG D 34 86.09 13.81 -61.37
N LYS D 35 85.38 12.68 -61.34
CA LYS D 35 84.04 12.62 -60.79
C LYS D 35 84.03 13.04 -59.32
N GLU D 36 83.19 14.02 -58.99
CA GLU D 36 83.17 14.61 -57.66
C GLU D 36 82.02 14.08 -56.82
N SER D 37 82.26 13.96 -55.52
CA SER D 37 81.26 13.57 -54.54
C SER D 37 81.72 14.06 -53.18
N TYR D 38 80.88 13.87 -52.17
CA TYR D 38 81.22 14.39 -50.85
C TYR D 38 81.71 13.31 -49.90
N ALA D 39 82.09 12.15 -50.44
CA ALA D 39 82.21 10.95 -49.63
C ALA D 39 83.16 11.14 -48.47
N ILE D 40 84.31 11.76 -48.75
CA ILE D 40 85.34 11.92 -47.73
C ILE D 40 84.81 12.69 -46.55
N TYR D 41 83.98 13.69 -46.79
CA TYR D 41 83.46 14.51 -45.71
C TYR D 41 82.57 13.67 -44.82
N VAL D 42 81.73 12.89 -45.46
CA VAL D 42 80.90 11.93 -44.76
C VAL D 42 81.77 11.02 -43.94
N TYR D 43 82.88 10.57 -44.51
CA TYR D 43 83.73 9.64 -43.80
C TYR D 43 84.28 10.30 -42.54
N LYS D 44 84.69 11.56 -42.63
CA LYS D 44 85.26 12.21 -41.47
C LYS D 44 84.23 12.32 -40.37
N VAL D 45 83.06 12.84 -40.71
CA VAL D 45 82.07 13.07 -39.66
C VAL D 45 81.60 11.74 -39.12
N LEU D 46 81.55 10.73 -39.98
CA LEU D 46 81.28 9.37 -39.53
C LEU D 46 82.24 9.00 -38.42
N LYS D 47 83.52 9.26 -38.65
CA LYS D 47 84.50 9.00 -37.61
C LYS D 47 84.25 9.90 -36.41
N GLN D 48 83.69 11.08 -36.64
CA GLN D 48 83.42 12.01 -35.54
C GLN D 48 82.41 11.44 -34.57
N VAL D 49 81.37 10.80 -35.08
CA VAL D 49 80.33 10.28 -34.19
C VAL D 49 80.65 8.85 -33.77
N HIS D 50 80.83 7.96 -34.73
CA HIS D 50 81.18 6.57 -34.44
C HIS D 50 82.52 6.28 -35.06
N PRO D 51 83.60 6.52 -34.32
CA PRO D 51 84.95 6.46 -34.91
C PRO D 51 85.36 5.07 -35.34
N ASP D 52 84.54 4.06 -35.13
CA ASP D 52 84.96 2.68 -35.28
C ASP D 52 83.97 1.92 -36.13
N THR D 53 83.37 2.57 -37.10
CA THR D 53 82.23 2.00 -37.79
C THR D 53 82.44 2.06 -39.28
N GLY D 54 82.15 0.97 -39.96
CA GLY D 54 82.23 0.91 -41.40
C GLY D 54 80.92 1.34 -42.05
N ILE D 55 80.88 1.18 -43.36
CA ILE D 55 79.75 1.66 -44.14
C ILE D 55 79.77 1.01 -45.52
N SER D 56 78.58 0.81 -46.08
CA SER D 56 78.47 0.34 -47.45
C SER D 56 78.93 1.41 -48.43
N SER D 57 79.42 0.94 -49.57
CA SER D 57 79.69 1.83 -50.68
C SER D 57 78.39 2.32 -51.29
N LYS D 58 77.46 1.40 -51.48
CA LYS D 58 76.15 1.79 -52.00
C LYS D 58 75.48 2.77 -51.05
N ALA D 59 75.56 2.51 -49.75
CA ALA D 59 75.01 3.44 -48.79
C ALA D 59 75.73 4.77 -48.83
N MET D 60 77.04 4.73 -49.10
CA MET D 60 77.78 5.98 -49.25
C MET D 60 77.22 6.81 -50.39
N SER D 61 76.98 6.17 -51.54
CA SER D 61 76.38 6.88 -52.64
C SER D 61 75.00 7.39 -52.25
N ILE D 62 74.30 6.61 -51.43
CA ILE D 62 72.99 7.06 -50.95
C ILE D 62 73.14 8.35 -50.17
N MET D 63 74.16 8.41 -49.34
CA MET D 63 74.44 9.62 -48.61
C MET D 63 74.69 10.78 -49.55
N ASN D 64 75.43 10.50 -50.63
CA ASN D 64 75.67 11.53 -51.62
C ASN D 64 74.34 12.05 -52.15
N SER D 65 73.46 11.13 -52.53
CA SER D 65 72.17 11.52 -53.08
C SER D 65 71.39 12.35 -52.07
N PHE D 66 71.42 11.93 -50.81
CA PHE D 66 70.66 12.62 -49.79
C PHE D 66 71.12 14.05 -49.65
N VAL D 67 72.42 14.23 -49.48
CA VAL D 67 72.97 15.56 -49.32
C VAL D 67 72.60 16.38 -50.54
N ASN D 68 72.65 15.75 -51.70
CA ASN D 68 72.25 16.43 -52.90
C ASN D 68 70.84 16.96 -52.75
N ASP D 69 69.86 16.08 -52.60
CA ASP D 69 68.47 16.50 -52.59
C ASP D 69 68.25 17.59 -51.57
N VAL D 70 68.91 17.47 -50.43
CA VAL D 70 68.82 18.53 -49.45
C VAL D 70 69.23 19.84 -50.09
N PHE D 71 70.38 19.81 -50.75
CA PHE D 71 70.87 20.99 -51.42
C PHE D 71 69.83 21.58 -52.35
N GLU D 72 69.29 20.75 -53.24
CA GLU D 72 68.44 21.34 -54.26
C GLU D 72 67.15 21.87 -53.67
N ARG D 73 66.50 21.11 -52.79
CA ARG D 73 65.24 21.60 -52.26
C ARG D 73 65.45 22.95 -51.59
N ILE D 74 66.45 23.01 -50.73
CA ILE D 74 66.62 24.23 -49.96
C ILE D 74 67.03 25.37 -50.87
N ALA D 75 67.89 25.06 -51.84
CA ALA D 75 68.33 26.08 -52.78
C ALA D 75 67.15 26.65 -53.52
N GLY D 76 66.30 25.78 -54.04
CA GLY D 76 65.19 26.25 -54.85
C GLY D 76 64.23 27.08 -54.05
N GLU D 77 63.93 26.65 -52.83
CA GLU D 77 63.09 27.48 -52.00
C GLU D 77 63.72 28.83 -51.80
N ALA D 78 65.02 28.85 -51.52
CA ALA D 78 65.67 30.13 -51.25
C ALA D 78 65.60 31.04 -52.46
N SER D 79 65.86 30.51 -53.65
CA SER D 79 65.84 31.33 -54.84
C SER D 79 64.43 31.84 -55.11
N ARG D 80 63.43 31.01 -54.80
CA ARG D 80 62.06 31.49 -54.85
C ARG D 80 61.91 32.70 -53.97
N LEU D 81 62.45 32.62 -52.77
CA LEU D 81 62.30 33.70 -51.81
C LEU D 81 62.93 34.96 -52.36
N ALA D 82 64.10 34.81 -52.96
CA ALA D 82 64.80 35.96 -53.49
C ALA D 82 63.96 36.65 -54.55
N HIS D 83 63.39 35.87 -55.47
CA HIS D 83 62.48 36.48 -56.42
C HIS D 83 61.34 37.15 -55.67
N TYR D 84 60.90 36.54 -54.59
CA TYR D 84 59.65 36.91 -53.98
C TYR D 84 59.68 38.35 -53.49
N ASN D 85 60.69 38.69 -52.71
CA ASN D 85 60.79 40.01 -52.12
C ASN D 85 61.42 41.01 -53.05
N LYS D 86 61.69 40.59 -54.28
CA LYS D 86 62.38 41.43 -55.24
C LYS D 86 63.73 41.87 -54.70
N ARG D 87 64.51 40.89 -54.26
CA ARG D 87 65.92 41.07 -53.99
C ARG D 87 66.73 40.15 -54.88
N SER D 88 68.03 40.46 -55.01
CA SER D 88 68.87 39.90 -56.07
C SER D 88 70.03 39.08 -55.54
N THR D 89 70.14 38.88 -54.22
CA THR D 89 71.31 38.24 -53.67
C THR D 89 70.91 37.38 -52.47
N ILE D 90 71.53 36.23 -52.33
CA ILE D 90 71.12 35.26 -51.32
C ILE D 90 72.01 35.41 -50.11
N THR D 91 71.43 35.80 -48.98
CA THR D 91 72.20 35.92 -47.76
C THR D 91 71.73 34.90 -46.73
N SER D 92 72.20 35.11 -45.51
CA SER D 92 71.93 34.22 -44.41
C SER D 92 70.49 34.29 -43.94
N ARG D 93 69.88 35.48 -43.96
CA ARG D 93 68.50 35.57 -43.53
C ARG D 93 67.62 34.65 -44.34
N GLU D 94 67.78 34.69 -45.65
CA GLU D 94 66.98 33.86 -46.53
C GLU D 94 67.19 32.40 -46.22
N ILE D 95 68.45 31.99 -46.11
CA ILE D 95 68.72 30.58 -45.94
C ILE D 95 68.13 30.11 -44.62
N GLN D 96 68.30 30.90 -43.57
CA GLN D 96 67.73 30.56 -42.28
C GLN D 96 66.23 30.37 -42.37
N THR D 97 65.56 31.34 -42.98
CA THR D 97 64.11 31.25 -43.06
C THR D 97 63.69 30.02 -43.86
N ALA D 98 64.43 29.73 -44.91
CA ALA D 98 64.12 28.54 -45.69
C ALA D 98 64.25 27.31 -44.82
N VAL D 99 65.28 27.28 -44.00
CA VAL D 99 65.45 26.16 -43.09
C VAL D 99 64.22 26.03 -42.24
N ARG D 100 63.70 27.15 -41.75
CA ARG D 100 62.44 27.10 -41.03
C ARG D 100 61.35 26.46 -41.87
N LEU D 101 61.17 26.95 -43.09
CA LEU D 101 59.97 26.55 -43.80
C LEU D 101 60.04 25.10 -44.25
N LEU D 102 61.24 24.55 -44.38
CA LEU D 102 61.35 23.14 -44.69
C LEU D 102 61.57 22.27 -43.46
N LEU D 103 62.06 22.81 -42.45
CA LEU D 103 62.26 21.72 -41.54
C LEU D 103 61.18 21.69 -40.48
N PRO D 104 60.82 20.51 -40.02
CA PRO D 104 59.75 20.41 -39.03
C PRO D 104 60.25 20.68 -37.62
N GLY D 105 59.80 21.80 -37.07
CA GLY D 105 59.98 22.09 -35.65
C GLY D 105 61.37 21.93 -35.11
N GLU D 106 61.57 20.85 -34.37
CA GLU D 106 62.74 20.72 -33.54
C GLU D 106 64.00 20.65 -34.38
N LEU D 107 63.95 19.90 -35.48
CA LEU D 107 65.10 19.85 -36.36
C LEU D 107 65.53 21.24 -36.76
N ALA D 108 64.56 22.07 -37.13
CA ALA D 108 64.87 23.43 -37.52
C ALA D 108 65.46 24.20 -36.36
N LYS D 109 64.92 24.01 -35.16
CA LYS D 109 65.45 24.69 -33.99
C LYS D 109 66.93 24.40 -33.84
N HIS D 110 67.28 23.12 -33.90
CA HIS D 110 68.66 22.72 -33.72
C HIS D 110 69.54 23.29 -34.82
N ALA D 111 69.09 23.15 -36.06
CA ALA D 111 69.92 23.58 -37.16
C ALA D 111 70.12 25.09 -37.11
N VAL D 112 69.08 25.84 -36.76
CA VAL D 112 69.21 27.29 -36.74
C VAL D 112 70.16 27.71 -35.64
N SER D 113 70.07 27.07 -34.48
CA SER D 113 71.05 27.33 -33.44
C SER D 113 72.45 27.13 -33.97
N GLU D 114 72.66 25.99 -34.64
CA GLU D 114 73.99 25.68 -35.11
C GLU D 114 74.46 26.65 -36.18
N GLY D 115 73.57 27.02 -37.09
CA GLY D 115 73.94 27.94 -38.15
C GLY D 115 74.32 29.28 -37.57
N THR D 116 73.57 29.74 -36.58
CA THR D 116 73.94 30.97 -35.91
C THR D 116 75.33 30.86 -35.31
N LYS D 117 75.58 29.75 -34.61
CA LYS D 117 76.90 29.52 -34.05
C LYS D 117 77.97 29.58 -35.13
N ALA D 118 77.74 28.91 -36.24
CA ALA D 118 78.78 28.73 -37.25
C ALA D 118 79.07 30.03 -37.98
N VAL D 119 78.03 30.76 -38.37
CA VAL D 119 78.24 32.05 -39.03
C VAL D 119 78.90 33.01 -38.06
N THR D 120 78.54 32.94 -36.78
CA THR D 120 79.22 33.74 -35.79
C THR D 120 80.70 33.41 -35.77
N LYS D 121 81.03 32.12 -35.78
CA LYS D 121 82.42 31.71 -35.71
C LYS D 121 83.20 32.16 -36.93
N TYR D 122 82.61 32.05 -38.11
CA TYR D 122 83.30 32.51 -39.31
C TYR D 122 83.53 34.01 -39.28
N THR D 123 82.47 34.78 -39.04
CA THR D 123 82.60 36.23 -39.11
C THR D 123 83.53 36.74 -38.02
N SER D 124 83.46 36.13 -36.84
CA SER D 124 84.33 36.47 -35.73
C SER D 124 85.78 36.09 -35.96
N ALA D 125 86.05 35.18 -36.90
CA ALA D 125 87.40 34.71 -37.12
C ALA D 125 87.79 34.83 -38.59
N ARG E 41 50.85 -31.52 -40.30
CA ARG E 41 50.45 -30.35 -41.07
C ARG E 41 50.15 -29.16 -40.18
N TYR E 42 50.57 -27.98 -40.62
CA TYR E 42 50.28 -26.76 -39.89
C TYR E 42 48.86 -26.29 -40.15
N ARG E 43 48.31 -25.56 -39.18
CA ARG E 43 47.07 -24.85 -39.42
C ARG E 43 47.32 -23.69 -40.38
N PRO E 44 46.47 -23.51 -41.39
CA PRO E 44 46.71 -22.48 -42.41
C PRO E 44 46.72 -21.06 -41.84
N GLY E 45 47.85 -20.37 -41.98
CA GLY E 45 47.94 -18.99 -41.54
C GLY E 45 49.16 -18.71 -40.68
N THR E 46 49.51 -19.66 -39.82
CA THR E 46 50.76 -19.55 -39.08
C THR E 46 51.95 -19.54 -40.02
N VAL E 47 51.88 -20.39 -41.05
CA VAL E 47 52.87 -20.34 -42.11
C VAL E 47 52.93 -18.93 -42.69
N ALA E 48 51.77 -18.31 -42.91
CA ALA E 48 51.77 -16.98 -43.50
C ALA E 48 52.60 -16.02 -42.69
N LEU E 49 52.38 -16.00 -41.36
CA LEU E 49 53.23 -15.19 -40.50
C LEU E 49 54.68 -15.58 -40.64
N ARG E 50 54.95 -16.85 -40.90
CA ARG E 50 56.35 -17.25 -41.07
C ARG E 50 56.99 -16.49 -42.24
N GLU E 51 56.35 -16.53 -43.40
CA GLU E 51 56.91 -15.76 -44.52
C GLU E 51 56.81 -14.26 -44.28
N ILE E 52 55.78 -13.80 -43.57
CA ILE E 52 55.70 -12.39 -43.23
C ILE E 52 56.98 -11.95 -42.54
N ARG E 53 57.35 -12.65 -41.48
CA ARG E 53 58.55 -12.25 -40.76
C ARG E 53 59.80 -12.47 -41.59
N ARG E 54 59.86 -13.58 -42.34
CA ARG E 54 61.02 -13.81 -43.18
C ARG E 54 61.28 -12.62 -44.08
N TYR E 55 60.25 -12.20 -44.78
CA TYR E 55 60.42 -11.19 -45.81
C TYR E 55 60.40 -9.79 -45.25
N GLN E 56 59.84 -9.57 -44.07
CA GLN E 56 59.98 -8.28 -43.45
C GLN E 56 61.35 -8.07 -42.86
N LYS E 57 62.00 -9.13 -42.40
CA LYS E 57 63.36 -8.96 -41.95
C LYS E 57 64.36 -9.05 -43.09
N SER E 58 63.96 -9.55 -44.25
CA SER E 58 64.87 -9.59 -45.38
C SER E 58 64.67 -8.35 -46.23
N THR E 59 65.59 -8.13 -47.16
CA THR E 59 65.55 -6.95 -48.01
C THR E 59 65.84 -7.24 -49.47
N GLU E 60 66.18 -8.48 -49.80
CA GLU E 60 66.59 -8.75 -51.18
C GLU E 60 65.38 -8.76 -52.10
N LEU E 61 65.65 -8.52 -53.39
CA LEU E 61 64.62 -8.34 -54.39
C LEU E 61 63.74 -9.58 -54.49
N LEU E 62 62.50 -9.38 -54.92
CA LEU E 62 61.54 -10.46 -54.95
C LEU E 62 61.17 -10.95 -56.34
N ILE E 63 61.79 -10.40 -57.38
CA ILE E 63 61.32 -10.67 -58.71
C ILE E 63 62.44 -11.33 -59.50
N ARG E 64 62.07 -12.29 -60.35
CA ARG E 64 63.04 -12.83 -61.28
C ARG E 64 63.45 -11.75 -62.27
N LYS E 65 64.76 -11.66 -62.49
CA LYS E 65 65.29 -10.51 -63.21
C LYS E 65 65.03 -10.62 -64.70
N LEU E 66 65.22 -11.80 -65.26
CA LEU E 66 64.99 -11.98 -66.70
C LEU E 66 63.56 -11.66 -67.08
N PRO E 67 62.53 -12.14 -66.39
CA PRO E 67 61.18 -11.74 -66.75
C PRO E 67 60.99 -10.25 -66.67
N PHE E 68 61.59 -9.62 -65.67
CA PHE E 68 61.49 -8.18 -65.55
C PHE E 68 62.06 -7.49 -66.78
N GLN E 69 63.28 -7.87 -67.17
CA GLN E 69 63.94 -7.23 -68.29
C GLN E 69 63.16 -7.43 -69.56
N ARG E 70 62.67 -8.65 -69.77
CA ARG E 70 61.85 -8.96 -70.93
C ARG E 70 60.60 -8.09 -70.97
N LEU E 71 59.91 -7.98 -69.84
CA LEU E 71 58.71 -7.14 -69.83
C LEU E 71 59.05 -5.70 -70.13
N VAL E 72 60.15 -5.22 -69.57
CA VAL E 72 60.54 -3.84 -69.81
C VAL E 72 60.78 -3.61 -71.28
N ARG E 73 61.50 -4.53 -71.92
CA ARG E 73 61.76 -4.36 -73.35
C ARG E 73 60.46 -4.37 -74.12
N GLU E 74 59.53 -5.25 -73.72
CA GLU E 74 58.21 -5.23 -74.32
C GLU E 74 57.61 -3.84 -74.24
N ILE E 75 57.57 -3.29 -73.03
CA ILE E 75 56.86 -2.03 -72.82
C ILE E 75 57.52 -0.93 -73.61
N ALA E 76 58.84 -0.88 -73.58
CA ALA E 76 59.58 0.14 -74.29
C ALA E 76 59.39 0.04 -75.80
N GLN E 77 59.09 -1.16 -76.29
CA GLN E 77 58.85 -1.32 -77.72
C GLN E 77 57.82 -0.33 -78.25
N ASP E 78 56.99 0.21 -77.37
CA ASP E 78 55.79 0.91 -77.78
C ASP E 78 56.03 2.38 -78.07
N PHE E 79 57.23 2.84 -77.83
CA PHE E 79 57.52 4.27 -77.94
C PHE E 79 58.62 4.57 -78.94
N LYS E 80 59.64 3.73 -78.97
CA LYS E 80 60.67 3.80 -80.00
C LYS E 80 61.28 2.43 -80.11
N THR E 81 61.72 2.09 -81.31
CA THR E 81 62.28 0.80 -81.58
C THR E 81 63.77 0.77 -81.25
N ASP E 82 64.27 -0.43 -80.96
CA ASP E 82 65.70 -0.72 -80.94
C ASP E 82 66.43 0.17 -79.93
N LEU E 83 66.13 -0.05 -78.66
CA LEU E 83 66.65 0.79 -77.60
C LEU E 83 67.50 -0.05 -76.65
N ARG E 84 68.70 0.44 -76.35
CA ARG E 84 69.61 -0.34 -75.51
C ARG E 84 69.60 0.17 -74.09
N PHE E 85 69.95 -0.72 -73.18
CA PHE E 85 69.58 -0.59 -71.78
C PHE E 85 70.77 -0.76 -70.85
N GLN E 86 70.91 0.16 -69.89
CA GLN E 86 71.78 -0.09 -68.75
C GLN E 86 71.18 -1.17 -67.87
N SER E 87 72.01 -2.12 -67.48
CA SER E 87 71.54 -3.14 -66.56
C SER E 87 71.12 -2.52 -65.24
N SER E 88 71.98 -1.67 -64.69
CA SER E 88 71.66 -1.00 -63.44
C SER E 88 70.38 -0.21 -63.57
N ALA E 89 70.12 0.34 -64.75
CA ALA E 89 68.86 1.01 -64.98
C ALA E 89 67.71 0.05 -64.78
N VAL E 90 67.82 -1.13 -65.37
CA VAL E 90 66.82 -2.16 -65.17
C VAL E 90 66.64 -2.46 -63.70
N MET E 91 67.75 -2.53 -62.99
CA MET E 91 67.70 -2.94 -61.60
C MET E 91 66.91 -1.92 -60.79
N ALA E 92 67.21 -0.64 -60.99
CA ALA E 92 66.50 0.40 -60.28
C ALA E 92 65.05 0.43 -60.69
N LEU E 93 64.79 0.19 -61.97
CA LEU E 93 63.42 0.08 -62.44
C LEU E 93 62.67 -0.91 -61.60
N GLN E 94 63.26 -2.09 -61.47
CA GLN E 94 62.64 -3.12 -60.67
C GLN E 94 62.40 -2.62 -59.28
N GLU E 95 63.45 -2.12 -58.65
CA GLU E 95 63.38 -1.67 -57.27
C GLU E 95 62.21 -0.73 -57.06
N ALA E 96 62.12 0.27 -57.93
CA ALA E 96 61.04 1.22 -57.84
C ALA E 96 59.71 0.51 -57.96
N SER E 97 59.65 -0.48 -58.85
CA SER E 97 58.39 -1.20 -59.02
C SER E 97 57.96 -1.82 -57.71
N GLU E 98 58.88 -2.53 -57.05
CA GLU E 98 58.44 -3.17 -55.83
C GLU E 98 58.09 -2.17 -54.77
N ALA E 99 58.82 -1.07 -54.68
CA ALA E 99 58.46 -0.09 -53.67
C ALA E 99 57.03 0.38 -53.90
N TYR E 100 56.70 0.68 -55.15
CA TYR E 100 55.36 1.15 -55.43
C TYR E 100 54.34 0.12 -55.00
N LEU E 101 54.52 -1.09 -55.50
CA LEU E 101 53.51 -2.12 -55.28
C LEU E 101 53.42 -2.48 -53.81
N VAL E 102 54.52 -2.38 -53.07
CA VAL E 102 54.48 -2.79 -51.69
C VAL E 102 53.66 -1.79 -50.88
N ALA E 103 53.91 -0.49 -51.10
CA ALA E 103 53.04 0.47 -50.43
C ALA E 103 51.60 0.21 -50.82
N LEU E 104 51.41 -0.26 -52.05
CA LEU E 104 50.08 -0.62 -52.48
C LEU E 104 49.50 -1.74 -51.62
N PHE E 105 50.29 -2.78 -51.38
CA PHE E 105 49.78 -3.81 -50.50
C PHE E 105 49.41 -3.24 -49.15
N GLU E 106 50.25 -2.36 -48.63
CA GLU E 106 49.98 -1.85 -47.29
C GLU E 106 48.63 -1.18 -47.23
N ASP E 107 48.43 -0.18 -48.08
CA ASP E 107 47.20 0.58 -47.94
C ASP E 107 45.98 -0.25 -48.32
N THR E 108 46.15 -1.19 -49.25
CA THR E 108 45.06 -2.12 -49.53
C THR E 108 44.72 -2.96 -48.31
N ASN E 109 45.74 -3.44 -47.60
CA ASN E 109 45.49 -4.22 -46.40
C ASN E 109 44.74 -3.41 -45.37
N LEU E 110 45.11 -2.13 -45.25
CA LEU E 110 44.36 -1.24 -44.37
C LEU E 110 42.90 -1.15 -44.81
N CYS E 111 42.68 -1.00 -46.12
CA CYS E 111 41.31 -0.93 -46.61
C CYS E 111 40.54 -2.18 -46.23
N ALA E 112 41.16 -3.35 -46.41
CA ALA E 112 40.46 -4.60 -46.15
C ALA E 112 40.15 -4.75 -44.67
N ILE E 113 41.15 -4.49 -43.82
CA ILE E 113 40.92 -4.65 -42.40
C ILE E 113 39.86 -3.68 -41.93
N HIS E 114 39.75 -2.52 -42.57
CA HIS E 114 38.62 -1.66 -42.23
C HIS E 114 37.31 -2.35 -42.56
N ALA E 115 37.29 -3.11 -43.66
CA ALA E 115 36.14 -3.91 -44.01
C ALA E 115 36.03 -5.15 -43.14
N LYS E 116 36.76 -5.18 -42.03
CA LYS E 116 36.68 -6.26 -41.04
C LYS E 116 37.00 -7.60 -41.68
N ARG E 117 37.73 -7.59 -42.77
CA ARG E 117 38.06 -8.80 -43.48
C ARG E 117 39.54 -9.11 -43.27
N VAL E 118 39.97 -10.22 -43.85
CA VAL E 118 41.39 -10.52 -43.98
C VAL E 118 41.79 -10.86 -45.39
N THR E 119 40.85 -11.20 -46.26
CA THR E 119 41.17 -11.54 -47.63
C THR E 119 41.02 -10.31 -48.51
N ILE E 120 41.99 -10.11 -49.37
CA ILE E 120 42.05 -8.94 -50.22
C ILE E 120 41.24 -9.19 -51.48
N MET E 121 40.47 -8.20 -51.92
CA MET E 121 39.75 -8.25 -53.17
C MET E 121 40.01 -6.97 -53.96
N PRO E 122 39.88 -7.01 -55.28
CA PRO E 122 40.20 -5.83 -56.10
C PRO E 122 39.42 -4.59 -55.69
N LYS E 123 38.29 -4.77 -55.02
CA LYS E 123 37.56 -3.63 -54.48
C LYS E 123 38.49 -2.72 -53.72
N ASP E 124 39.31 -3.31 -52.86
CA ASP E 124 40.14 -2.52 -51.96
C ASP E 124 41.20 -1.74 -52.73
N ILE E 125 41.86 -2.40 -53.69
CA ILE E 125 42.87 -1.71 -54.49
C ILE E 125 42.26 -0.57 -55.26
N GLN E 126 41.08 -0.79 -55.83
CA GLN E 126 40.49 0.25 -56.64
C GLN E 126 40.16 1.45 -55.79
N LEU E 127 39.58 1.22 -54.61
CA LEU E 127 39.30 2.32 -53.72
C LEU E 127 40.58 3.01 -53.29
N ALA E 128 41.62 2.23 -53.00
CA ALA E 128 42.85 2.80 -52.51
C ALA E 128 43.46 3.75 -53.54
N ARG E 129 43.61 3.27 -54.77
CA ARG E 129 44.19 4.14 -55.78
C ARG E 129 43.29 5.31 -56.09
N ARG E 130 41.99 5.13 -55.94
CA ARG E 130 41.10 6.26 -56.09
C ARG E 130 41.38 7.31 -55.03
N ILE E 131 41.54 6.88 -53.79
CA ILE E 131 41.74 7.83 -52.70
C ILE E 131 43.08 8.52 -52.86
N ARG E 132 44.12 7.76 -53.13
CA ARG E 132 45.41 8.37 -53.40
C ARG E 132 45.35 9.27 -54.60
N GLY E 133 44.34 9.08 -55.45
CA GLY E 133 44.13 9.96 -56.57
C GLY E 133 44.58 9.41 -57.91
N GLU E 134 44.94 8.14 -57.98
CA GLU E 134 45.34 7.54 -59.24
C GLU E 134 44.16 7.15 -60.10
N ARG E 135 42.96 7.13 -59.54
CA ARG E 135 41.76 6.80 -60.28
C ARG E 135 40.66 7.79 -59.94
N ARG F 18 71.65 -7.83 -86.27
CA ARG F 18 70.44 -7.04 -86.47
C ARG F 18 69.19 -7.88 -86.19
N HIS F 19 69.01 -8.24 -84.92
CA HIS F 19 67.87 -9.05 -84.48
C HIS F 19 66.97 -8.16 -83.62
N ARG F 20 65.81 -7.80 -84.15
CA ARG F 20 64.85 -6.94 -83.46
C ARG F 20 63.47 -7.62 -83.47
N LYS F 21 63.24 -8.50 -82.49
CA LYS F 21 61.98 -9.21 -82.38
C LYS F 21 60.98 -8.42 -81.52
N VAL F 22 59.73 -8.85 -81.57
CA VAL F 22 58.64 -8.23 -80.83
C VAL F 22 58.20 -9.22 -79.75
N LEU F 23 58.23 -8.77 -78.49
CA LEU F 23 57.84 -9.61 -77.36
C LEU F 23 56.33 -9.72 -77.24
N ARG F 24 55.89 -10.68 -76.41
CA ARG F 24 54.46 -10.87 -76.15
C ARG F 24 54.28 -11.61 -74.85
N ASP F 25 53.49 -11.01 -73.95
CA ASP F 25 53.05 -11.64 -72.71
C ASP F 25 54.23 -12.09 -71.84
N ASN F 26 55.03 -11.13 -71.44
CA ASN F 26 55.93 -11.39 -70.32
C ASN F 26 55.28 -10.96 -69.02
N ILE F 27 54.13 -10.30 -69.11
CA ILE F 27 53.34 -9.98 -67.92
C ILE F 27 52.90 -11.27 -67.24
N GLN F 28 52.73 -12.34 -67.99
CA GLN F 28 52.54 -13.60 -67.31
C GLN F 28 53.87 -14.21 -66.90
N GLY F 29 54.98 -13.62 -67.31
CA GLY F 29 56.20 -13.93 -66.62
C GLY F 29 56.22 -13.45 -65.18
N ILE F 30 55.14 -12.82 -64.74
CA ILE F 30 55.02 -12.37 -63.36
C ILE F 30 54.45 -13.55 -62.60
N THR F 31 55.34 -14.33 -62.00
CA THR F 31 54.90 -15.59 -61.43
C THR F 31 53.96 -15.37 -60.26
N LYS F 32 53.12 -16.37 -60.04
CA LYS F 32 52.19 -16.32 -58.92
C LYS F 32 52.97 -16.25 -57.62
N PRO F 33 53.95 -17.13 -57.37
CA PRO F 33 54.66 -17.09 -56.08
C PRO F 33 55.32 -15.78 -55.78
N ALA F 34 55.91 -15.14 -56.78
CA ALA F 34 56.54 -13.85 -56.52
C ALA F 34 55.50 -12.85 -56.08
N ILE F 35 54.34 -12.87 -56.72
CA ILE F 35 53.31 -11.92 -56.34
C ILE F 35 52.90 -12.16 -54.89
N ARG F 36 52.72 -13.43 -54.53
CA ARG F 36 52.38 -13.74 -53.15
C ARG F 36 53.48 -13.29 -52.21
N ARG F 37 54.73 -13.48 -52.61
CA ARG F 37 55.84 -13.01 -51.80
C ARG F 37 55.76 -11.50 -51.61
N LEU F 38 55.40 -10.81 -52.69
CA LEU F 38 55.24 -9.37 -52.63
C LEU F 38 54.20 -9.01 -51.58
N ALA F 39 53.08 -9.70 -51.60
CA ALA F 39 52.04 -9.41 -50.62
C ALA F 39 52.53 -9.73 -49.22
N ARG F 40 53.35 -10.77 -49.10
CA ARG F 40 53.83 -11.16 -47.79
C ARG F 40 54.79 -10.13 -47.23
N ARG F 41 55.66 -9.56 -48.06
CA ARG F 41 56.40 -8.40 -47.60
C ARG F 41 55.45 -7.28 -47.24
N GLY F 42 54.28 -7.26 -47.83
CA GLY F 42 53.32 -6.31 -47.34
C GLY F 42 52.67 -6.70 -46.05
N GLY F 43 52.94 -7.89 -45.55
CA GLY F 43 52.27 -8.35 -44.37
C GLY F 43 50.87 -8.85 -44.63
N VAL F 44 50.55 -9.17 -45.87
CA VAL F 44 49.20 -9.54 -46.26
C VAL F 44 48.94 -10.98 -45.87
N LYS F 45 47.72 -11.26 -45.40
CA LYS F 45 47.43 -12.56 -44.82
C LYS F 45 46.66 -13.47 -45.77
N ARG F 46 45.56 -12.98 -46.35
CA ARG F 46 44.72 -13.83 -47.18
C ARG F 46 44.34 -13.07 -48.45
N ILE F 47 44.26 -13.79 -49.56
CA ILE F 47 44.36 -13.20 -50.88
C ILE F 47 43.33 -13.81 -51.82
N SER F 48 42.71 -12.96 -52.63
CA SER F 48 41.89 -13.43 -53.74
C SER F 48 42.74 -13.87 -54.93
N GLY F 49 42.16 -14.76 -55.73
CA GLY F 49 42.70 -15.00 -57.05
C GLY F 49 42.45 -13.88 -58.01
N LEU F 50 41.43 -13.06 -57.75
CA LEU F 50 41.12 -11.94 -58.60
C LEU F 50 42.14 -10.83 -58.47
N ILE F 51 42.99 -10.92 -57.46
CA ILE F 51 43.96 -9.87 -57.21
C ILE F 51 45.02 -9.87 -58.30
N TYR F 52 45.40 -11.04 -58.78
CA TYR F 52 46.65 -11.17 -59.50
C TYR F 52 46.66 -10.44 -60.82
N GLU F 53 45.63 -10.63 -61.63
CA GLU F 53 45.59 -9.92 -62.89
C GLU F 53 45.45 -8.44 -62.65
N GLU F 54 44.68 -8.07 -61.61
CA GLU F 54 44.61 -6.67 -61.20
C GLU F 54 45.99 -6.10 -61.00
N THR F 55 46.83 -6.82 -60.26
CA THR F 55 48.18 -6.37 -60.00
C THR F 55 48.96 -6.23 -61.30
N ARG F 56 48.87 -7.24 -62.16
CA ARG F 56 49.60 -7.14 -63.41
C ARG F 56 49.24 -5.88 -64.16
N GLY F 57 47.94 -5.59 -64.24
CA GLY F 57 47.54 -4.40 -64.95
C GLY F 57 48.05 -3.12 -64.32
N VAL F 58 47.83 -2.95 -63.02
CA VAL F 58 48.16 -1.68 -62.40
C VAL F 58 49.66 -1.47 -62.43
N LEU F 59 50.40 -2.55 -62.15
CA LEU F 59 51.83 -2.53 -62.33
C LEU F 59 52.19 -2.05 -63.71
N LYS F 60 51.58 -2.66 -64.72
CA LYS F 60 51.82 -2.24 -66.08
C LYS F 60 51.67 -0.73 -66.18
N VAL F 61 50.56 -0.23 -65.64
CA VAL F 61 50.24 1.20 -65.76
C VAL F 61 51.40 2.03 -65.28
N PHE F 62 51.88 1.70 -64.10
CA PHE F 62 52.99 2.44 -63.52
C PHE F 62 54.22 2.33 -64.41
N LEU F 63 54.42 1.14 -64.97
CA LEU F 63 55.58 0.88 -65.80
C LEU F 63 55.61 1.82 -67.00
N GLU F 64 54.52 1.91 -67.76
CA GLU F 64 54.61 2.80 -68.91
C GLU F 64 54.72 4.23 -68.42
N ASN F 65 53.96 4.55 -67.37
CA ASN F 65 53.88 5.94 -66.94
C ASN F 65 55.27 6.48 -66.73
N VAL F 66 56.15 5.65 -66.20
CA VAL F 66 57.52 6.11 -66.06
C VAL F 66 58.30 5.96 -67.36
N ILE F 67 58.19 4.81 -68.01
CA ILE F 67 59.16 4.49 -69.05
C ILE F 67 59.01 5.47 -70.20
N ARG F 68 57.81 6.01 -70.37
CA ARG F 68 57.57 6.98 -71.42
C ARG F 68 58.51 8.15 -71.28
N ASP F 69 58.49 8.79 -70.13
CA ASP F 69 59.34 9.96 -69.94
C ASP F 69 60.79 9.55 -69.87
N ALA F 70 61.04 8.33 -69.41
CA ALA F 70 62.39 7.81 -69.51
C ALA F 70 62.91 7.93 -70.93
N VAL F 71 62.11 7.46 -71.87
CA VAL F 71 62.52 7.54 -73.25
C VAL F 71 62.61 8.98 -73.69
N THR F 72 61.76 9.82 -73.12
CA THR F 72 61.82 11.23 -73.49
C THR F 72 63.17 11.81 -73.15
N TYR F 73 63.63 11.54 -71.95
CA TYR F 73 64.97 11.93 -71.58
C TYR F 73 65.98 11.37 -72.55
N THR F 74 65.81 10.09 -72.88
CA THR F 74 66.78 9.44 -73.74
C THR F 74 66.89 10.18 -75.07
N GLU F 75 65.75 10.47 -75.66
CA GLU F 75 65.72 11.09 -76.97
C GLU F 75 66.23 12.52 -76.92
N HIS F 76 65.85 13.30 -75.91
CA HIS F 76 66.32 14.67 -75.97
C HIS F 76 67.81 14.74 -75.80
N ALA F 77 68.40 13.71 -75.21
CA ALA F 77 69.83 13.58 -75.25
C ALA F 77 70.31 13.12 -76.62
N LYS F 78 69.43 13.08 -77.62
CA LYS F 78 69.73 12.47 -78.91
C LYS F 78 70.11 11.02 -78.77
N ARG F 79 69.79 10.38 -77.68
CA ARG F 79 70.61 9.24 -77.35
C ARG F 79 69.83 7.96 -77.59
N LYS F 80 70.56 6.87 -77.76
CA LYS F 80 69.96 5.61 -78.13
C LYS F 80 69.88 4.63 -76.97
N THR F 81 70.50 4.94 -75.85
CA THR F 81 70.59 4.05 -74.70
C THR F 81 70.04 4.75 -73.46
N VAL F 82 69.36 4.00 -72.60
CA VAL F 82 68.71 4.57 -71.43
C VAL F 82 69.71 4.66 -70.30
N THR F 83 69.84 5.83 -69.68
CA THR F 83 70.75 5.92 -68.57
C THR F 83 69.95 5.77 -67.28
N ALA F 84 70.65 5.44 -66.20
CA ALA F 84 69.93 5.37 -64.94
C ALA F 84 69.39 6.74 -64.54
N MET F 85 70.20 7.77 -64.72
CA MET F 85 69.78 9.10 -64.32
C MET F 85 68.51 9.49 -65.05
N ASP F 86 68.28 8.90 -66.21
CA ASP F 86 67.00 9.11 -66.88
C ASP F 86 65.87 8.69 -65.97
N VAL F 87 65.95 7.46 -65.48
CA VAL F 87 64.90 6.96 -64.60
C VAL F 87 64.81 7.83 -63.38
N VAL F 88 65.98 8.23 -62.89
CA VAL F 88 66.04 9.06 -61.70
C VAL F 88 65.22 10.31 -61.91
N TYR F 89 65.47 10.99 -63.01
CA TYR F 89 64.84 12.26 -63.25
C TYR F 89 63.34 12.07 -63.43
N ALA F 90 62.97 10.97 -64.09
CA ALA F 90 61.55 10.71 -64.28
C ALA F 90 60.85 10.50 -62.94
N LEU F 91 61.39 9.59 -62.14
CA LEU F 91 60.76 9.30 -60.86
C LEU F 91 60.73 10.54 -59.98
N LYS F 92 61.75 11.38 -60.11
CA LYS F 92 61.72 12.63 -59.37
C LYS F 92 60.62 13.53 -59.89
N ARG F 93 60.41 13.56 -61.20
CA ARG F 93 59.27 14.32 -61.71
C ARG F 93 58.01 13.86 -61.06
N GLN F 94 57.83 12.56 -60.94
CA GLN F 94 56.65 12.02 -60.30
C GLN F 94 56.84 11.91 -58.80
N GLY F 95 57.85 12.58 -58.26
CA GLY F 95 58.00 12.64 -56.83
C GLY F 95 58.22 11.30 -56.18
N ARG F 96 59.03 10.45 -56.81
CA ARG F 96 59.22 9.10 -56.31
C ARG F 96 60.67 8.90 -55.98
N THR F 97 61.18 9.86 -55.21
CA THR F 97 62.60 10.03 -54.97
C THR F 97 63.29 8.75 -54.53
N LEU F 98 64.39 8.45 -55.19
CA LEU F 98 65.22 7.30 -54.90
C LEU F 98 66.66 7.74 -54.71
N TYR F 99 67.34 7.06 -53.81
CA TYR F 99 68.75 7.30 -53.54
C TYR F 99 69.54 6.08 -53.94
N GLY F 100 70.76 6.29 -54.42
CA GLY F 100 71.66 5.17 -54.52
C GLY F 100 72.10 4.82 -55.91
N PHE F 101 71.95 5.73 -56.85
CA PHE F 101 72.31 5.40 -58.22
C PHE F 101 72.96 6.56 -58.94
N GLY F 102 73.49 7.53 -58.21
CA GLY F 102 73.88 8.77 -58.79
C GLY F 102 72.70 9.72 -58.83
N GLY F 103 72.92 10.87 -59.45
CA GLY F 103 71.88 11.86 -59.58
C GLY F 103 71.55 12.58 -58.29
N ALA G 13 62.94 51.14 -90.55
CA ALA G 13 61.73 50.61 -91.18
C ALA G 13 60.61 50.47 -90.15
N LYS G 14 59.41 50.17 -90.62
CA LYS G 14 58.29 49.96 -89.72
C LYS G 14 58.47 48.64 -88.98
N ALA G 15 58.32 48.68 -87.66
CA ALA G 15 58.61 47.53 -86.81
C ALA G 15 57.40 46.62 -86.70
N LYS G 16 57.63 45.32 -86.81
CA LYS G 16 56.58 44.32 -86.72
C LYS G 16 56.81 43.46 -85.49
N THR G 17 55.79 43.35 -84.64
CA THR G 17 55.93 42.56 -83.44
C THR G 17 56.17 41.10 -83.78
N ARG G 18 57.04 40.46 -83.00
CA ARG G 18 57.37 39.06 -83.24
C ARG G 18 56.11 38.20 -83.21
N SER G 19 55.16 38.53 -82.34
CA SER G 19 53.91 37.80 -82.29
C SER G 19 53.15 37.93 -83.58
N SER G 20 53.12 39.12 -84.16
CA SER G 20 52.55 39.27 -85.48
C SER G 20 53.32 38.44 -86.48
N ARG G 21 54.63 38.31 -86.27
CA ARG G 21 55.46 37.57 -87.20
C ARG G 21 55.09 36.10 -87.19
N ALA G 22 54.60 35.61 -86.05
CA ALA G 22 53.99 34.30 -85.98
C ALA G 22 52.47 34.34 -86.11
N GLY G 23 51.87 35.50 -86.30
CA GLY G 23 50.43 35.54 -86.26
C GLY G 23 49.93 35.17 -84.88
N LEU G 24 50.50 35.77 -83.85
CA LEU G 24 50.30 35.34 -82.48
C LEU G 24 49.48 36.40 -81.76
N GLN G 25 48.95 36.07 -80.59
CA GLN G 25 48.28 37.05 -79.73
C GLN G 25 49.07 37.34 -78.45
N PHE G 26 49.77 36.37 -77.90
CA PHE G 26 50.58 36.63 -76.73
C PHE G 26 51.85 37.36 -77.11
N PRO G 27 52.39 38.15 -76.20
CA PRO G 27 53.55 38.97 -76.54
C PRO G 27 54.85 38.21 -76.44
N VAL G 28 55.51 38.05 -77.58
CA VAL G 28 56.81 37.38 -77.57
C VAL G 28 57.82 38.19 -76.78
N GLY G 29 57.83 39.51 -76.96
CA GLY G 29 58.81 40.32 -76.25
C GLY G 29 58.61 40.26 -74.75
N ARG G 30 57.36 40.37 -74.30
CA ARG G 30 57.06 40.26 -72.89
C ARG G 30 57.53 38.94 -72.31
N VAL G 31 57.19 37.84 -72.97
CA VAL G 31 57.59 36.52 -72.48
C VAL G 31 59.10 36.41 -72.45
N HIS G 32 59.75 36.86 -73.52
CA HIS G 32 61.19 36.73 -73.63
C HIS G 32 61.87 37.49 -72.50
N ARG G 33 61.38 38.68 -72.21
CA ARG G 33 61.84 39.43 -71.05
C ARG G 33 61.62 38.66 -69.76
N LEU G 34 60.45 38.05 -69.64
CA LEU G 34 60.18 37.26 -68.43
C LEU G 34 61.20 36.17 -68.26
N LEU G 35 61.48 35.46 -69.35
CA LEU G 35 62.45 34.38 -69.30
C LEU G 35 63.81 34.90 -68.90
N ARG G 36 64.23 36.00 -69.52
CA ARG G 36 65.54 36.56 -69.22
C ARG G 36 65.63 36.94 -67.76
N LYS G 37 64.58 37.55 -67.23
CA LYS G 37 64.57 38.03 -65.86
C LYS G 37 64.30 36.92 -64.86
N GLY G 38 63.94 35.73 -65.32
CA GLY G 38 63.68 34.64 -64.40
C GLY G 38 64.88 33.88 -63.93
N ASN G 39 66.04 34.09 -64.55
CA ASN G 39 67.26 33.34 -64.20
C ASN G 39 67.02 31.85 -64.32
N TYR G 40 66.39 31.43 -65.41
CA TYR G 40 66.21 30.00 -65.57
C TYR G 40 67.45 29.37 -66.17
N ALA G 41 68.12 30.07 -67.06
CA ALA G 41 69.33 29.57 -67.68
C ALA G 41 70.11 30.75 -68.20
N GLU G 42 71.35 30.49 -68.56
CA GLU G 42 72.27 31.59 -68.80
C GLU G 42 72.03 32.23 -70.16
N ARG G 43 71.60 31.46 -71.15
CA ARG G 43 71.21 32.03 -72.44
C ARG G 43 69.85 31.50 -72.86
N VAL G 44 69.23 32.26 -73.76
CA VAL G 44 67.94 31.91 -74.34
C VAL G 44 68.05 32.05 -75.86
N GLY G 45 67.62 31.01 -76.57
CA GLY G 45 67.54 31.07 -78.02
C GLY G 45 66.31 31.80 -78.49
N ALA G 46 66.27 32.04 -79.80
CA ALA G 46 65.23 32.90 -80.35
C ALA G 46 63.85 32.23 -80.31
N GLY G 47 63.73 31.00 -80.76
CA GLY G 47 62.41 30.46 -81.02
C GLY G 47 61.66 30.00 -79.82
N ALA G 48 62.35 29.90 -78.68
CA ALA G 48 61.72 29.35 -77.49
C ALA G 48 60.54 30.18 -77.00
N PRO G 49 60.64 31.49 -76.82
CA PRO G 49 59.46 32.23 -76.34
C PRO G 49 58.30 32.09 -77.28
N VAL G 50 58.59 32.04 -78.57
CA VAL G 50 57.56 31.85 -79.57
C VAL G 50 56.86 30.53 -79.35
N TYR G 51 57.66 29.47 -79.22
CA TYR G 51 57.12 28.14 -79.12
C TYR G 51 56.25 28.03 -77.87
N LEU G 52 56.75 28.60 -76.79
CA LEU G 52 56.05 28.61 -75.53
C LEU G 52 54.73 29.35 -75.63
N ALA G 53 54.76 30.56 -76.18
CA ALA G 53 53.55 31.35 -76.24
C ALA G 53 52.51 30.69 -77.11
N ALA G 54 52.97 30.03 -78.17
CA ALA G 54 52.03 29.32 -79.04
C ALA G 54 51.34 28.22 -78.26
N VAL G 55 52.11 27.45 -77.49
CA VAL G 55 51.49 26.41 -76.69
C VAL G 55 50.52 27.04 -75.71
N LEU G 56 50.91 28.18 -75.14
CA LEU G 56 50.05 28.89 -74.21
C LEU G 56 48.71 29.17 -74.83
N GLU G 57 48.72 29.78 -76.00
CA GLU G 57 47.46 30.20 -76.58
C GLU G 57 46.62 29.02 -76.94
N TYR G 58 47.25 27.95 -77.45
CA TYR G 58 46.48 26.76 -77.72
C TYR G 58 45.73 26.32 -76.48
N LEU G 59 46.43 26.25 -75.36
CA LEU G 59 45.81 25.75 -74.14
C LEU G 59 44.71 26.69 -73.69
N THR G 60 44.99 27.98 -73.70
CA THR G 60 44.01 28.97 -73.33
C THR G 60 42.78 28.86 -74.19
N ALA G 61 42.98 28.64 -75.48
CA ALA G 61 41.86 28.52 -76.39
C ALA G 61 41.01 27.34 -76.03
N GLU G 62 41.65 26.21 -75.74
CA GLU G 62 40.90 25.03 -75.35
C GLU G 62 40.03 25.33 -74.15
N ILE G 63 40.65 25.90 -73.13
CA ILE G 63 39.94 26.22 -71.91
C ILE G 63 38.78 27.14 -72.19
N LEU G 64 39.05 28.21 -72.93
CA LEU G 64 38.06 29.24 -73.16
C LEU G 64 36.88 28.70 -73.94
N GLU G 65 37.15 27.86 -74.94
CA GLU G 65 36.06 27.26 -75.69
C GLU G 65 35.18 26.45 -74.76
N LEU G 66 35.80 25.62 -73.92
CA LEU G 66 34.99 24.80 -73.03
C LEU G 66 34.17 25.66 -72.08
N ALA G 67 34.78 26.72 -71.54
CA ALA G 67 34.06 27.54 -70.57
C ALA G 67 32.94 28.33 -71.23
N GLY G 68 33.16 28.80 -72.45
CA GLY G 68 32.11 29.49 -73.16
C GLY G 68 30.95 28.56 -73.46
N ASN G 69 31.27 27.31 -73.82
CA ASN G 69 30.22 26.32 -73.96
C ASN G 69 29.44 26.18 -72.66
N ALA G 70 30.16 26.14 -71.54
CA ALA G 70 29.48 26.02 -70.27
C ALA G 70 28.54 27.19 -70.02
N ALA G 71 29.02 28.42 -70.23
CA ALA G 71 28.19 29.60 -69.98
C ALA G 71 26.98 29.60 -70.89
N ARG G 72 27.17 29.17 -72.13
CA ARG G 72 26.05 28.98 -73.04
C ARG G 72 25.07 27.95 -72.51
N ASP G 73 25.56 26.91 -71.84
CA ASP G 73 24.72 25.88 -71.26
C ASP G 73 23.84 26.40 -70.14
N ASN G 74 24.11 27.59 -69.63
CA ASN G 74 23.32 28.16 -68.55
C ASN G 74 22.70 29.49 -68.96
N LYS G 75 22.71 29.80 -70.25
CA LYS G 75 22.02 30.97 -70.78
C LYS G 75 22.55 32.26 -70.14
N LYS G 76 23.85 32.33 -69.97
CA LYS G 76 24.50 33.55 -69.50
C LYS G 76 25.50 34.02 -70.55
N THR G 77 25.99 35.24 -70.36
CA THR G 77 26.89 35.84 -71.31
C THR G 77 28.28 36.09 -70.75
N ARG G 78 28.44 36.16 -69.44
CA ARG G 78 29.74 36.39 -68.83
C ARG G 78 30.26 35.11 -68.22
N ILE G 79 31.49 34.76 -68.58
CA ILE G 79 32.15 33.60 -68.01
C ILE G 79 32.39 33.87 -66.54
N ILE G 80 32.11 32.89 -65.69
CA ILE G 80 32.38 33.06 -64.26
C ILE G 80 33.29 31.92 -63.82
N PRO G 81 33.89 32.05 -62.65
CA PRO G 81 34.67 30.94 -62.12
C PRO G 81 33.92 29.62 -62.10
N ARG G 82 32.62 29.65 -61.80
CA ARG G 82 31.88 28.40 -61.74
C ARG G 82 31.93 27.65 -63.06
N HIS G 83 31.78 28.36 -64.17
CA HIS G 83 31.89 27.65 -65.44
C HIS G 83 33.29 27.11 -65.63
N LEU G 84 34.29 27.85 -65.18
CA LEU G 84 35.65 27.34 -65.26
C LEU G 84 35.73 25.99 -64.58
N GLN G 85 35.23 25.94 -63.34
CA GLN G 85 35.27 24.70 -62.57
C GLN G 85 34.51 23.60 -63.29
N LEU G 86 33.28 23.89 -63.69
CA LEU G 86 32.44 22.87 -64.29
C LEU G 86 33.11 22.29 -65.53
N ALA G 87 33.63 23.15 -66.38
CA ALA G 87 34.26 22.67 -67.60
C ALA G 87 35.49 21.84 -67.28
N VAL G 88 36.39 22.39 -66.46
CA VAL G 88 37.69 21.78 -66.30
C VAL G 88 37.57 20.42 -65.62
N ARG G 89 36.74 20.34 -64.58
CA ARG G 89 36.52 19.05 -63.93
C ARG G 89 35.73 18.10 -64.82
N ASN G 90 35.10 18.62 -65.85
CA ASN G 90 34.43 17.79 -66.83
C ASN G 90 35.35 17.34 -67.93
N ASP G 91 36.59 17.78 -67.92
CA ASP G 91 37.60 17.32 -68.86
C ASP G 91 38.50 16.31 -68.18
N GLU G 92 38.74 15.19 -68.84
CA GLU G 92 39.73 14.24 -68.33
C GLU G 92 41.13 14.84 -68.37
N GLU G 93 41.54 15.34 -69.54
CA GLU G 93 42.93 15.76 -69.71
C GLU G 93 43.23 17.00 -68.88
N LEU G 94 42.39 18.01 -68.99
CA LEU G 94 42.64 19.25 -68.28
C LEU G 94 42.67 19.00 -66.79
N ASN G 95 41.71 18.24 -66.29
CA ASN G 95 41.62 18.05 -64.87
C ASN G 95 42.81 17.25 -64.36
N LYS G 96 43.30 16.29 -65.13
CA LYS G 96 44.53 15.70 -64.61
C LYS G 96 45.63 16.74 -64.63
N LEU G 97 45.61 17.63 -65.61
CA LEU G 97 46.61 18.69 -65.59
C LEU G 97 46.39 19.59 -64.40
N LEU G 98 45.15 19.75 -63.99
CA LEU G 98 44.82 20.71 -62.94
C LEU G 98 44.25 19.96 -61.73
N GLY G 99 44.72 18.74 -61.53
CA GLY G 99 44.18 17.92 -60.45
C GLY G 99 44.64 18.38 -59.08
N ARG G 100 45.79 19.03 -59.02
CA ARG G 100 46.30 19.53 -57.77
C ARG G 100 45.96 21.00 -57.59
N VAL G 101 44.87 21.42 -58.20
CA VAL G 101 44.50 22.82 -58.26
C VAL G 101 43.10 22.99 -57.71
N THR G 102 42.92 24.00 -56.88
CA THR G 102 41.62 24.40 -56.40
C THR G 102 41.31 25.76 -57.02
N ILE G 103 40.04 25.98 -57.34
CA ILE G 103 39.58 27.22 -57.94
C ILE G 103 38.67 27.94 -56.96
N ALA G 104 38.90 29.24 -56.79
CA ALA G 104 38.07 30.02 -55.88
C ALA G 104 36.63 30.06 -56.37
N GLN G 105 35.70 29.92 -55.44
CA GLN G 105 34.27 29.97 -55.73
C GLN G 105 33.85 28.95 -56.76
N GLY G 106 34.69 27.96 -57.02
CA GLY G 106 34.46 27.05 -58.11
C GLY G 106 33.30 26.11 -57.88
N GLY G 107 33.18 25.61 -56.66
CA GLY G 107 32.15 24.64 -56.38
C GLY G 107 32.59 23.26 -56.83
N VAL G 108 31.63 22.39 -57.09
CA VAL G 108 31.92 21.00 -57.44
C VAL G 108 31.04 20.59 -58.60
N LEU G 109 31.33 19.44 -59.14
CA LEU G 109 30.41 18.80 -60.07
C LEU G 109 29.37 18.04 -59.29
N PRO G 110 28.08 18.37 -59.43
CA PRO G 110 27.05 17.59 -58.74
C PRO G 110 27.11 16.13 -59.14
N ASN G 111 27.35 15.27 -58.15
CA ASN G 111 27.53 13.84 -58.42
C ASN G 111 27.08 13.09 -57.19
N ILE G 112 26.07 12.23 -57.35
CA ILE G 112 25.55 11.42 -56.26
C ILE G 112 25.84 9.96 -56.57
N GLN G 113 26.50 9.28 -55.65
CA GLN G 113 26.80 7.87 -55.86
C GLN G 113 25.52 7.05 -55.79
N SER G 114 25.53 5.93 -56.50
CA SER G 114 24.30 5.19 -56.75
C SER G 114 23.63 4.71 -55.47
N VAL G 115 24.43 4.18 -54.53
CA VAL G 115 23.87 3.51 -53.36
C VAL G 115 23.29 4.56 -52.44
N LEU G 116 23.63 5.82 -52.68
CA LEU G 116 23.13 6.88 -51.82
C LEU G 116 21.70 7.27 -52.16
N LEU G 117 21.24 6.95 -53.36
CA LEU G 117 19.86 7.22 -53.74
C LEU G 117 18.93 6.21 -53.05
N PRO G 118 17.74 6.64 -52.63
CA PRO G 118 16.76 5.69 -52.10
C PRO G 118 16.35 4.68 -53.18
N LYS G 119 16.05 3.47 -52.72
CA LYS G 119 15.63 2.40 -53.62
C LYS G 119 14.27 1.84 -53.24
N SER H 33 51.80 52.29 -58.79
CA SER H 33 52.48 52.01 -60.04
C SER H 33 51.64 51.11 -60.94
N ARG H 34 52.28 50.52 -61.96
CA ARG H 34 51.63 49.67 -62.94
C ARG H 34 51.61 48.22 -62.46
N LYS H 35 50.64 47.45 -62.95
CA LYS H 35 50.55 46.05 -62.58
C LYS H 35 50.27 45.27 -63.86
N GLU H 36 51.27 44.55 -64.32
CA GLU H 36 51.18 43.89 -65.60
C GLU H 36 50.43 42.57 -65.46
N SER H 37 49.67 42.21 -66.50
CA SER H 37 48.93 40.95 -66.50
C SER H 37 48.60 40.57 -67.94
N TYR H 38 47.86 39.48 -68.10
CA TYR H 38 47.64 38.88 -69.41
C TYR H 38 46.28 39.22 -70.02
N ALA H 39 45.43 39.95 -69.29
CA ALA H 39 43.99 39.86 -69.52
C ALA H 39 43.62 40.24 -70.94
N ILE H 40 44.26 41.26 -71.49
CA ILE H 40 43.89 41.75 -72.81
C ILE H 40 44.05 40.65 -73.85
N TYR H 41 45.10 39.87 -73.76
CA TYR H 41 45.27 38.75 -74.69
C TYR H 41 44.19 37.73 -74.48
N VAL H 42 43.84 37.49 -73.22
CA VAL H 42 42.75 36.58 -72.89
C VAL H 42 41.49 37.01 -73.60
N TYR H 43 41.20 38.31 -73.55
CA TYR H 43 39.95 38.78 -74.09
C TYR H 43 39.98 38.70 -75.61
N LYS H 44 41.13 39.00 -76.21
CA LYS H 44 41.28 38.88 -77.65
C LYS H 44 40.97 37.46 -78.10
N VAL H 45 41.63 36.49 -77.49
CA VAL H 45 41.46 35.11 -77.92
C VAL H 45 40.05 34.61 -77.60
N LEU H 46 39.49 35.06 -76.48
CA LEU H 46 38.11 34.69 -76.16
C LEU H 46 37.18 35.16 -77.27
N LYS H 47 37.34 36.41 -77.71
CA LYS H 47 36.60 36.88 -78.87
C LYS H 47 36.91 36.02 -80.08
N GLN H 48 38.12 35.48 -80.13
CA GLN H 48 38.52 34.67 -81.27
C GLN H 48 37.81 33.32 -81.28
N VAL H 49 37.36 32.85 -80.12
CA VAL H 49 36.61 31.60 -80.05
C VAL H 49 35.12 31.85 -79.87
N HIS H 50 34.72 32.53 -78.80
CA HIS H 50 33.32 32.90 -78.58
C HIS H 50 33.21 34.41 -78.67
N PRO H 51 32.96 34.95 -79.86
CA PRO H 51 32.81 36.39 -80.01
C PRO H 51 31.61 36.95 -79.27
N ASP H 52 30.76 36.08 -78.71
CA ASP H 52 29.47 36.50 -78.19
C ASP H 52 29.40 36.37 -76.68
N THR H 53 30.53 36.30 -76.01
CA THR H 53 30.55 35.94 -74.60
C THR H 53 31.35 36.94 -73.78
N GLY H 54 30.84 37.29 -72.61
CA GLY H 54 31.54 38.11 -71.65
C GLY H 54 32.34 37.28 -70.68
N ILE H 55 32.67 37.87 -69.54
CA ILE H 55 33.63 37.25 -68.64
C ILE H 55 33.55 37.93 -67.28
N SER H 56 33.77 37.14 -66.22
CA SER H 56 33.95 37.70 -64.89
C SER H 56 35.39 38.16 -64.68
N SER H 57 35.55 39.16 -63.81
CA SER H 57 36.89 39.62 -63.46
C SER H 57 37.58 38.62 -62.54
N LYS H 58 36.81 38.01 -61.64
CA LYS H 58 37.41 36.96 -60.82
C LYS H 58 37.87 35.80 -61.67
N ALA H 59 37.06 35.41 -62.65
CA ALA H 59 37.50 34.39 -63.60
C ALA H 59 38.72 34.89 -64.37
N MET H 60 38.76 36.18 -64.65
CA MET H 60 39.93 36.76 -65.29
C MET H 60 41.18 36.55 -64.44
N SER H 61 41.07 36.77 -63.14
CA SER H 61 42.19 36.49 -62.27
C SER H 61 42.54 35.02 -62.29
N ILE H 62 41.51 34.17 -62.34
CA ILE H 62 41.74 32.73 -62.43
C ILE H 62 42.65 32.43 -63.59
N MET H 63 42.33 32.99 -64.75
CA MET H 63 43.11 32.70 -65.95
C MET H 63 44.49 33.32 -65.88
N ASN H 64 44.58 34.52 -65.31
CA ASN H 64 45.88 35.14 -65.12
C ASN H 64 46.78 34.22 -64.32
N SER H 65 46.27 33.72 -63.20
CA SER H 65 47.01 32.77 -62.39
C SER H 65 47.34 31.52 -63.20
N PHE H 66 46.40 31.11 -64.05
CA PHE H 66 46.63 29.91 -64.83
C PHE H 66 47.86 30.04 -65.69
N VAL H 67 47.91 31.12 -66.45
CA VAL H 67 49.05 31.33 -67.34
C VAL H 67 50.32 31.46 -66.53
N ASN H 68 50.22 32.18 -65.42
CA ASN H 68 51.37 32.32 -64.55
C ASN H 68 51.93 30.95 -64.21
N ASP H 69 51.04 30.08 -63.75
CA ASP H 69 51.46 28.78 -63.22
C ASP H 69 52.08 27.95 -64.33
N VAL H 70 51.38 27.87 -65.46
CA VAL H 70 51.84 26.98 -66.50
C VAL H 70 53.18 27.45 -67.02
N PHE H 71 53.32 28.76 -67.22
CA PHE H 71 54.60 29.32 -67.58
C PHE H 71 55.68 28.86 -66.63
N GLU H 72 55.43 29.05 -65.34
CA GLU H 72 56.47 28.74 -64.37
C GLU H 72 56.82 27.27 -64.38
N ARG H 73 55.81 26.42 -64.32
CA ARG H 73 56.08 24.99 -64.25
C ARG H 73 56.90 24.55 -65.43
N ILE H 74 56.44 24.89 -66.63
CA ILE H 74 57.13 24.42 -67.81
C ILE H 74 58.54 24.99 -67.86
N ALA H 75 58.69 26.25 -67.49
CA ALA H 75 59.99 26.89 -67.61
C ALA H 75 60.99 26.26 -66.67
N GLY H 76 60.60 26.05 -65.42
CA GLY H 76 61.51 25.42 -64.50
C GLY H 76 61.87 24.02 -64.94
N GLU H 77 60.89 23.29 -65.47
CA GLU H 77 61.19 21.96 -65.94
C GLU H 77 62.23 22.01 -67.02
N ALA H 78 62.05 22.90 -67.99
CA ALA H 78 63.00 22.99 -69.07
C ALA H 78 64.37 23.38 -68.55
N SER H 79 64.41 24.27 -67.58
CA SER H 79 65.69 24.71 -67.03
C SER H 79 66.44 23.52 -66.44
N ARG H 80 65.73 22.71 -65.67
CA ARG H 80 66.33 21.48 -65.20
C ARG H 80 66.86 20.67 -66.36
N LEU H 81 66.06 20.54 -67.40
CA LEU H 81 66.48 19.73 -68.54
C LEU H 81 67.80 20.21 -69.05
N ALA H 82 67.92 21.52 -69.19
CA ALA H 82 69.17 22.09 -69.66
C ALA H 82 70.31 21.70 -68.75
N HIS H 83 70.08 21.77 -67.44
CA HIS H 83 71.15 21.38 -66.53
C HIS H 83 71.55 19.93 -66.76
N TYR H 84 70.57 19.05 -66.95
CA TYR H 84 70.87 17.63 -67.10
C TYR H 84 71.78 17.39 -68.28
N ASN H 85 71.72 18.24 -69.29
CA ASN H 85 72.61 18.09 -70.43
C ASN H 85 73.71 19.12 -70.46
N LYS H 86 73.96 19.80 -69.34
CA LYS H 86 75.06 20.75 -69.27
C LYS H 86 74.99 21.77 -70.38
N ARG H 87 73.82 22.32 -70.63
CA ARG H 87 73.67 23.34 -71.64
C ARG H 87 73.39 24.67 -70.98
N SER H 88 73.87 25.75 -71.59
CA SER H 88 73.76 27.07 -71.01
C SER H 88 72.79 27.95 -71.78
N THR H 89 72.02 27.36 -72.67
CA THR H 89 71.20 28.14 -73.57
C THR H 89 69.84 27.48 -73.68
N ILE H 90 68.80 28.29 -73.87
CA ILE H 90 67.44 27.82 -74.00
C ILE H 90 67.08 27.69 -75.47
N THR H 91 66.67 26.51 -75.90
CA THR H 91 66.18 26.30 -77.24
C THR H 91 64.73 25.84 -77.19
N SER H 92 64.16 25.61 -78.35
CA SER H 92 62.80 25.10 -78.39
C SER H 92 62.79 23.59 -78.30
N ARG H 93 63.96 22.97 -78.47
CA ARG H 93 64.04 21.51 -78.45
C ARG H 93 63.62 20.98 -77.09
N GLU H 94 64.26 21.52 -76.05
CA GLU H 94 63.91 21.11 -74.71
C GLU H 94 62.48 21.49 -74.42
N ILE H 95 62.02 22.59 -74.99
CA ILE H 95 60.65 23.00 -74.75
C ILE H 95 59.70 21.95 -75.30
N GLN H 96 59.98 21.46 -76.50
CA GLN H 96 59.17 20.41 -77.08
C GLN H 96 59.13 19.21 -76.17
N THR H 97 60.31 18.77 -75.76
CA THR H 97 60.37 17.62 -74.87
C THR H 97 59.61 17.89 -73.60
N ALA H 98 59.73 19.11 -73.08
CA ALA H 98 59.16 19.42 -71.79
C ALA H 98 57.65 19.41 -71.85
N VAL H 99 57.11 19.93 -72.94
CA VAL H 99 55.66 19.86 -73.11
C VAL H 99 55.24 18.41 -73.20
N ARG H 100 56.01 17.62 -73.96
CA ARG H 100 55.76 16.19 -73.98
C ARG H 100 55.73 15.63 -72.58
N LEU H 101 56.56 16.19 -71.70
CA LEU H 101 56.58 15.73 -70.33
C LEU H 101 55.32 16.11 -69.60
N LEU H 102 54.98 17.40 -69.60
CA LEU H 102 53.86 17.88 -68.80
C LEU H 102 52.54 17.78 -69.53
N LEU H 103 52.55 17.90 -70.82
CA LEU H 103 51.20 17.48 -71.14
C LEU H 103 51.20 16.05 -71.64
N PRO H 104 50.15 15.35 -71.32
CA PRO H 104 50.03 13.96 -71.78
C PRO H 104 49.18 13.86 -73.04
N GLY H 105 49.61 12.97 -73.92
CA GLY H 105 48.85 12.54 -75.08
C GLY H 105 48.36 13.57 -76.07
N GLU H 106 47.07 13.51 -76.40
CA GLU H 106 46.53 14.40 -77.43
C GLU H 106 46.81 15.84 -77.12
N LEU H 107 46.79 16.19 -75.84
CA LEU H 107 47.19 17.52 -75.45
C LEU H 107 48.55 17.83 -76.05
N ALA H 108 49.49 16.92 -75.85
CA ALA H 108 50.85 17.15 -76.29
C ALA H 108 50.93 17.20 -77.81
N LYS H 109 50.29 16.27 -78.49
CA LYS H 109 50.38 16.24 -79.94
C LYS H 109 49.82 17.51 -80.52
N HIS H 110 48.68 17.96 -80.00
CA HIS H 110 48.14 19.23 -80.44
C HIS H 110 49.16 20.33 -80.21
N ALA H 111 49.65 20.45 -78.98
CA ALA H 111 50.45 21.61 -78.63
C ALA H 111 51.71 21.67 -79.46
N VAL H 112 52.38 20.53 -79.60
CA VAL H 112 53.57 20.47 -80.43
C VAL H 112 53.20 20.83 -81.85
N SER H 113 51.98 20.50 -82.27
CA SER H 113 51.58 20.87 -83.61
C SER H 113 51.55 22.39 -83.77
N GLU H 114 50.79 23.08 -82.92
CA GLU H 114 50.68 24.53 -83.15
C GLU H 114 52.03 25.18 -82.96
N GLY H 115 52.80 24.72 -81.98
CA GLY H 115 54.13 25.28 -81.80
C GLY H 115 54.98 25.08 -83.03
N THR H 116 54.87 23.90 -83.65
CA THR H 116 55.68 23.63 -84.82
C THR H 116 55.34 24.59 -85.94
N LYS H 117 54.04 24.76 -86.22
CA LYS H 117 53.66 25.72 -87.23
C LYS H 117 54.05 27.14 -86.82
N ALA H 118 53.96 27.48 -85.55
CA ALA H 118 54.19 28.87 -85.16
C ALA H 118 55.65 29.24 -85.32
N VAL H 119 56.56 28.39 -84.84
CA VAL H 119 57.97 28.65 -85.03
C VAL H 119 58.30 28.60 -86.50
N THR H 120 57.64 27.71 -87.25
CA THR H 120 57.77 27.71 -88.68
C THR H 120 57.39 29.06 -89.26
N LYS H 121 56.31 29.63 -88.76
CA LYS H 121 55.82 30.90 -89.25
C LYS H 121 56.81 32.01 -89.00
N TYR H 122 57.35 32.08 -87.78
CA TYR H 122 58.27 33.16 -87.48
C TYR H 122 59.55 33.00 -88.30
N THR H 123 60.06 31.78 -88.38
CA THR H 123 61.34 31.56 -89.04
C THR H 123 61.20 31.76 -90.54
N SER H 124 60.17 31.16 -91.13
CA SER H 124 59.89 31.30 -92.54
C SER H 124 59.59 32.75 -92.92
N ALA H 125 59.16 33.56 -91.95
CA ALA H 125 58.80 34.95 -92.21
C ALA H 125 59.93 35.72 -92.90
N ALA K 9 70.45 5.71 39.77
CA ALA K 9 70.28 5.24 41.14
C ALA K 9 70.53 3.74 41.22
N HIS K 10 69.53 2.97 40.81
CA HIS K 10 69.65 1.51 40.85
C HIS K 10 70.79 1.03 39.98
N GLU K 11 70.82 1.46 38.72
CA GLU K 11 71.94 1.21 37.81
C GLU K 11 72.22 2.46 36.99
N GLN K 12 72.19 3.62 37.64
CA GLN K 12 72.11 4.91 36.95
C GLN K 12 70.88 4.93 36.05
N VAL K 13 69.72 4.83 36.72
CA VAL K 13 68.43 4.50 36.10
C VAL K 13 68.22 5.23 34.79
N GLU K 14 67.69 4.51 33.80
CA GLU K 14 67.47 4.95 32.43
C GLU K 14 66.85 6.35 32.42
N PRO K 15 67.58 7.37 32.00
CA PRO K 15 67.01 8.72 31.98
C PRO K 15 65.77 8.81 31.10
N ALA K 16 64.62 9.04 31.71
CA ALA K 16 63.34 8.98 31.01
C ALA K 16 63.26 9.99 29.88
N LEU K 17 63.11 9.50 28.64
CA LEU K 17 63.03 10.36 27.45
C LEU K 17 61.66 11.01 27.44
N ILE K 18 61.53 12.10 28.19
CA ILE K 18 60.22 12.72 28.36
C ILE K 18 59.70 13.18 27.00
N PRO K 19 58.46 12.85 26.64
CA PRO K 19 57.94 13.32 25.35
C PRO K 19 57.85 14.83 25.23
N SER K 20 57.69 15.54 26.35
CA SER K 20 57.49 16.99 26.30
C SER K 20 58.65 17.68 25.59
N ASN K 21 59.87 17.42 26.03
CA ASN K 21 61.03 17.98 25.35
C ASN K 21 61.47 17.12 24.18
N TRP K 22 61.49 15.81 24.38
CA TRP K 22 62.04 14.88 23.40
C TRP K 22 60.90 14.27 22.61
N THR K 23 60.37 15.07 21.71
CA THR K 23 59.20 14.66 20.95
C THR K 23 59.62 13.73 19.83
N SER K 24 58.72 13.54 18.88
CA SER K 24 59.11 13.18 17.52
C SER K 24 59.61 14.44 16.84
N VAL K 25 59.74 14.40 15.52
CA VAL K 25 60.13 15.57 14.73
C VAL K 25 59.06 16.66 14.86
N ILE K 26 57.99 16.38 15.59
CA ILE K 26 56.79 17.20 15.52
C ILE K 26 56.57 17.99 16.81
N PRO K 27 56.96 19.26 16.88
CA PRO K 27 56.48 20.14 17.94
C PRO K 27 55.16 20.80 17.57
N LEU K 28 54.74 21.77 18.37
CA LEU K 28 53.54 22.54 18.11
C LEU K 28 53.88 24.02 18.17
N LEU K 29 52.85 24.85 17.99
CA LEU K 29 53.02 26.29 17.90
C LEU K 29 52.15 27.07 18.86
N THR K 30 51.05 26.49 19.32
CA THR K 30 50.23 26.94 20.43
C THR K 30 49.60 28.31 20.17
N SER K 31 50.09 29.07 19.19
CA SER K 31 49.40 30.23 18.63
C SER K 31 49.06 31.29 19.68
N ASP K 32 49.75 31.29 20.82
CA ASP K 32 49.51 32.33 21.81
C ASP K 32 50.84 32.94 22.26
N PHE K 33 51.88 32.81 21.46
CA PHE K 33 53.19 33.23 21.90
C PHE K 33 53.28 34.74 21.98
N LYS K 34 52.69 35.44 21.02
CA LYS K 34 52.68 36.90 21.01
C LYS K 34 51.45 37.44 21.73
N ASN K 35 51.30 37.05 23.00
CA ASN K 35 50.27 37.68 23.81
C ASN K 35 50.58 39.13 24.12
N GLN K 36 51.78 39.58 23.77
CA GLN K 36 52.22 40.94 23.90
C GLN K 36 52.25 41.60 22.52
N TYR K 37 52.04 42.92 22.51
CA TYR K 37 51.90 43.66 21.25
C TYR K 37 53.16 43.54 20.38
N SER K 38 52.94 43.17 19.11
CA SER K 38 54.02 43.01 18.15
C SER K 38 53.60 43.48 16.75
N VAL K 39 52.68 44.45 16.69
CA VAL K 39 52.01 44.80 15.44
C VAL K 39 52.89 45.61 14.49
N ILE K 40 54.03 46.12 14.96
CA ILE K 40 54.79 47.06 14.16
C ILE K 40 55.28 46.37 12.89
N SER K 41 54.90 46.92 11.74
CA SER K 41 55.43 46.47 10.46
C SER K 41 56.77 47.17 10.20
N ARG K 42 57.69 46.94 11.12
CA ARG K 42 59.05 47.42 11.01
C ARG K 42 59.82 46.66 9.95
N LEU K 43 59.39 45.42 9.68
CA LEU K 43 59.95 44.58 8.65
C LEU K 43 59.60 45.05 7.26
N LYS K 44 58.81 46.11 7.13
CA LYS K 44 58.39 46.57 5.83
C LYS K 44 59.62 46.96 5.01
N ASN K 45 59.51 46.79 3.70
CA ASN K 45 60.59 47.15 2.78
C ASN K 45 59.98 47.31 1.40
N PRO K 46 60.76 47.78 0.41
CA PRO K 46 60.24 47.81 -0.96
C PRO K 46 59.76 46.45 -1.43
N ASN K 47 60.44 45.39 -1.00
CA ASN K 47 60.09 44.04 -1.43
C ASN K 47 59.06 43.42 -0.50
N MET K 48 58.03 44.22 -0.20
CA MET K 48 56.84 43.75 0.49
C MET K 48 55.63 44.20 -0.31
N LYS K 49 54.60 43.36 -0.36
CA LYS K 49 53.43 43.67 -1.13
C LYS K 49 52.20 43.25 -0.35
N PRO K 50 51.16 44.06 -0.30
CA PRO K 50 49.92 43.64 0.34
C PRO K 50 49.12 42.74 -0.58
N VAL K 51 48.85 41.52 -0.14
CA VAL K 51 48.14 40.55 -0.97
C VAL K 51 46.94 40.02 -0.20
N PRO K 52 45.79 40.68 -0.31
CA PRO K 52 44.64 40.28 0.50
C PRO K 52 44.17 38.88 0.21
N TYR K 53 44.55 38.31 -0.92
CA TYR K 53 43.99 37.08 -1.42
C TYR K 53 44.90 35.85 -1.29
N ALA K 54 46.08 35.96 -0.69
CA ALA K 54 47.02 34.84 -0.75
C ALA K 54 46.58 33.67 0.13
N GLY K 55 46.53 33.87 1.46
CA GLY K 55 46.22 32.77 2.36
C GLY K 55 45.01 31.95 1.93
N ASP K 56 44.07 32.58 1.23
CA ASP K 56 43.00 31.82 0.60
C ASP K 56 43.57 30.82 -0.38
N ILE K 57 44.45 31.29 -1.26
CA ILE K 57 45.15 30.42 -2.17
C ILE K 57 45.88 29.35 -1.38
N ILE K 58 46.39 29.73 -0.22
CA ILE K 58 47.18 28.82 0.58
C ILE K 58 46.33 27.64 1.02
N LYS K 59 45.14 27.94 1.53
CA LYS K 59 44.23 26.87 1.91
C LYS K 59 43.88 26.02 0.70
N LEU K 60 43.62 26.68 -0.42
CA LEU K 60 43.39 25.96 -1.66
C LEU K 60 44.46 24.89 -1.83
N MET K 61 45.71 25.33 -1.84
CA MET K 61 46.81 24.48 -2.19
C MET K 61 47.03 23.37 -1.17
N ALA K 62 47.00 23.72 0.12
CA ALA K 62 47.24 22.72 1.15
C ALA K 62 46.16 21.65 1.11
N PHE K 63 44.90 22.09 0.97
CA PHE K 63 43.83 21.14 0.77
C PHE K 63 44.15 20.22 -0.39
N ILE K 64 44.58 20.80 -1.51
CA ILE K 64 44.80 19.98 -2.66
C ILE K 64 45.90 18.98 -2.39
N ASN K 65 46.91 19.41 -1.63
CA ASN K 65 48.02 18.54 -1.31
C ASN K 65 47.56 17.35 -0.50
N LYS K 66 46.75 17.60 0.52
CA LYS K 66 46.32 16.48 1.34
C LYS K 66 45.38 15.54 0.62
N PHE K 67 44.93 15.89 -0.58
CA PHE K 67 43.92 15.09 -1.26
C PHE K 67 44.43 14.68 -2.62
N SER K 68 45.70 14.29 -2.67
CA SER K 68 46.34 14.02 -3.96
C SER K 68 45.61 12.92 -4.72
N SER K 69 45.19 11.87 -4.02
CA SER K 69 44.52 10.77 -4.67
C SER K 69 43.25 11.22 -5.37
N PHE K 70 42.72 12.36 -4.96
CA PHE K 70 41.45 12.84 -5.50
C PHE K 70 41.65 13.69 -6.73
N PHE K 71 42.89 14.07 -7.03
CA PHE K 71 43.15 15.18 -7.93
C PHE K 71 44.06 14.76 -9.07
N HIS K 72 43.89 15.45 -10.20
CA HIS K 72 44.68 15.14 -11.37
C HIS K 72 46.15 15.47 -11.14
N SER K 73 47.01 14.76 -11.87
CA SER K 73 48.44 15.00 -11.75
C SER K 73 48.78 16.40 -12.21
N ASP K 74 48.10 16.89 -13.24
CA ASP K 74 48.31 18.25 -13.66
C ASP K 74 47.98 19.22 -12.53
N LEU K 75 47.06 18.83 -11.66
CA LEU K 75 46.79 19.63 -10.48
C LEU K 75 47.92 19.52 -9.47
N GLN K 76 48.71 18.45 -9.56
CA GLN K 76 49.63 18.10 -8.50
C GLN K 76 50.88 18.95 -8.50
N ASN K 77 51.21 19.55 -9.63
CA ASN K 77 52.37 20.42 -9.77
C ASN K 77 51.98 21.88 -9.88
N LEU K 78 50.78 22.23 -9.48
CA LEU K 78 50.32 23.60 -9.65
C LEU K 78 51.05 24.53 -8.69
N SER K 79 51.05 25.81 -9.03
CA SER K 79 51.77 26.78 -8.23
C SER K 79 50.90 27.98 -7.95
N PHE K 80 51.46 28.83 -7.09
CA PHE K 80 50.85 30.10 -6.73
C PHE K 80 50.72 30.98 -7.96
N GLN K 81 51.77 31.00 -8.78
CA GLN K 81 51.80 31.83 -9.97
C GLN K 81 50.75 31.39 -10.97
N ASP K 82 50.54 30.08 -11.05
CA ASP K 82 49.52 29.54 -11.93
C ASP K 82 48.20 30.25 -11.66
N PHE K 83 47.87 30.36 -10.38
CA PHE K 83 46.59 30.90 -9.97
C PHE K 83 46.57 32.40 -10.14
N GLU K 84 47.69 33.05 -9.79
CA GLU K 84 47.79 34.49 -10.02
C GLU K 84 47.44 34.85 -11.44
N VAL K 85 48.21 34.35 -12.39
CA VAL K 85 47.99 34.71 -13.78
C VAL K 85 46.65 34.19 -14.26
N GLY K 86 46.38 32.91 -14.00
CA GLY K 86 45.15 32.33 -14.49
C GLY K 86 43.92 33.04 -13.96
N LEU K 87 43.96 33.44 -12.69
CA LEU K 87 42.80 34.06 -12.07
C LEU K 87 42.81 35.56 -12.24
N ASP K 88 43.87 36.12 -12.81
CA ASP K 88 43.99 37.55 -13.09
C ASP K 88 44.00 38.35 -11.79
N LEU K 89 45.04 38.10 -10.99
CA LEU K 89 45.25 38.83 -9.76
C LEU K 89 46.61 39.51 -9.78
N TYR K 90 46.65 40.76 -9.36
CA TYR K 90 47.89 41.51 -9.24
C TYR K 90 48.07 42.03 -7.81
N PRO K 91 49.26 41.88 -7.25
CA PRO K 91 49.49 42.32 -5.87
C PRO K 91 49.59 43.84 -5.77
N GLY K 92 49.62 44.31 -4.53
CA GLY K 92 49.85 45.70 -4.24
C GLY K 92 48.68 46.37 -3.55
N ASP K 93 47.46 46.05 -3.99
CA ASP K 93 46.27 46.72 -3.49
C ASP K 93 45.86 46.14 -2.14
N PRO K 94 45.72 46.97 -1.10
CA PRO K 94 45.07 46.49 0.12
C PRO K 94 43.61 46.17 -0.05
N ASN K 95 43.06 46.39 -1.25
CA ASN K 95 41.63 46.31 -1.49
C ASN K 95 41.27 45.16 -2.41
N GLY K 96 42.17 44.21 -2.59
CA GLY K 96 41.97 43.16 -3.55
C GLY K 96 43.20 42.98 -4.42
N SER K 97 43.04 43.20 -5.73
CA SER K 97 44.15 43.13 -6.67
C SER K 97 44.42 44.52 -7.21
N ALA K 98 45.68 44.93 -7.18
CA ALA K 98 46.07 46.19 -7.80
C ALA K 98 46.03 45.96 -9.29
N ALA K 99 44.94 46.39 -9.93
CA ALA K 99 44.68 46.06 -11.33
C ALA K 99 45.88 46.36 -12.22
N GLY K 100 46.47 45.31 -12.80
CA GLY K 100 47.68 45.43 -13.57
C GLY K 100 48.88 45.60 -12.67
N ILE K 101 50.09 45.37 -13.17
CA ILE K 101 51.29 45.65 -12.39
C ILE K 101 52.21 46.52 -13.23
N VAL K 102 52.64 47.64 -12.66
CA VAL K 102 53.60 48.49 -13.33
C VAL K 102 54.89 47.70 -13.57
N LYS K 103 55.66 48.15 -14.55
CA LYS K 103 56.86 47.46 -14.98
C LYS K 103 58.07 48.37 -14.82
N GLY K 104 59.17 47.79 -14.38
CA GLY K 104 60.41 48.51 -14.23
C GLY K 104 60.34 49.54 -13.12
N PRO K 105 61.32 50.44 -13.07
CA PRO K 105 61.33 51.46 -12.02
C PRO K 105 60.10 52.36 -12.06
N GLU K 106 59.80 52.89 -13.24
CA GLU K 106 58.60 53.66 -13.47
C GLU K 106 57.79 52.99 -14.57
N ASP K 107 56.49 53.22 -14.57
CA ASP K 107 55.66 52.64 -15.61
C ASP K 107 54.36 53.42 -15.69
N THR K 108 54.13 54.07 -16.83
CA THR K 108 52.83 54.68 -17.08
C THR K 108 51.78 53.62 -17.33
N SER K 109 52.17 52.50 -17.93
CA SER K 109 51.28 51.38 -18.17
C SER K 109 51.45 50.36 -17.04
N LEU K 110 50.82 49.21 -17.19
CA LEU K 110 51.00 48.11 -16.25
C LEU K 110 51.15 46.84 -17.06
N LEU K 111 51.78 45.82 -16.46
CA LEU K 111 52.36 44.74 -17.24
C LEU K 111 51.29 43.96 -18.01
N LEU K 112 50.16 43.67 -17.38
CA LEU K 112 49.04 43.09 -18.12
C LEU K 112 49.42 41.74 -18.74
N TYR K 113 49.51 40.71 -17.89
CA TYR K 113 50.24 39.45 -18.07
C TYR K 113 50.27 38.98 -19.53
N PRO K 114 49.14 38.99 -20.25
CA PRO K 114 49.20 38.60 -21.66
C PRO K 114 50.20 39.40 -22.45
N ASP K 115 50.28 40.69 -22.16
CA ASP K 115 51.27 41.54 -22.80
C ASP K 115 52.66 41.33 -22.22
N PHE K 116 52.81 40.31 -21.37
CA PHE K 116 54.04 40.14 -20.62
C PHE K 116 54.64 38.77 -20.82
N MET K 117 53.81 37.75 -21.07
CA MET K 117 54.34 36.43 -21.35
C MET K 117 53.53 35.74 -22.45
N ALA K 118 54.05 34.58 -22.84
CA ALA K 118 53.40 33.75 -23.85
C ALA K 118 51.98 33.43 -23.43
N ILE K 119 51.06 33.59 -24.35
CA ILE K 119 49.66 33.59 -24.01
C ILE K 119 49.09 32.19 -23.91
N LYS K 120 49.62 31.25 -24.71
CA LYS K 120 49.13 29.88 -24.61
C LYS K 120 49.29 29.38 -23.18
N ASP K 121 50.31 29.87 -22.49
CA ASP K 121 50.51 29.47 -21.11
C ASP K 121 49.39 30.01 -20.22
N ILE K 122 48.98 31.25 -20.45
CA ILE K 122 47.88 31.81 -19.69
C ILE K 122 46.61 31.02 -19.95
N VAL K 123 46.35 30.72 -21.22
CA VAL K 123 45.22 29.87 -21.57
C VAL K 123 45.32 28.56 -20.84
N TYR K 124 46.53 28.02 -20.79
CA TYR K 124 46.77 26.71 -20.25
C TYR K 124 46.42 26.70 -18.78
N CYS K 125 46.87 27.72 -18.05
CA CYS K 125 46.52 27.85 -16.65
C CYS K 125 45.03 27.98 -16.47
N GLN K 126 44.40 28.86 -17.25
CA GLN K 126 42.96 29.05 -17.11
C GLN K 126 42.24 27.73 -17.23
N ASP K 127 42.69 26.91 -18.18
CA ASP K 127 42.09 25.61 -18.36
C ASP K 127 42.27 24.77 -17.12
N LYS K 128 43.45 24.85 -16.51
CA LYS K 128 43.65 24.15 -15.25
C LYS K 128 42.65 24.60 -14.19
N MET K 129 42.41 25.90 -14.08
CA MET K 129 41.50 26.28 -13.01
C MET K 129 40.05 25.94 -13.33
N ASN K 130 39.68 25.99 -14.60
CA ASN K 130 38.37 25.46 -14.96
C ASN K 130 38.28 23.98 -14.63
N LEU K 131 39.36 23.23 -14.89
CA LEU K 131 39.37 21.81 -14.61
C LEU K 131 39.21 21.55 -13.12
N LEU K 132 39.97 22.27 -12.30
CA LEU K 132 39.89 22.05 -10.88
C LEU K 132 38.53 22.44 -10.35
N PHE K 133 37.98 23.53 -10.88
CA PHE K 133 36.65 23.96 -10.47
C PHE K 133 35.63 22.87 -10.75
N LEU K 134 35.68 22.33 -11.97
CA LEU K 134 34.74 21.27 -12.33
C LEU K 134 34.95 20.04 -11.46
N SER K 135 36.20 19.69 -11.22
CA SER K 135 36.50 18.53 -10.41
C SER K 135 35.96 18.70 -9.00
N LEU K 136 36.13 19.89 -8.43
CA LEU K 136 35.61 20.16 -7.11
C LEU K 136 34.10 20.07 -7.08
N LEU K 137 33.46 20.60 -8.13
CA LEU K 137 32.02 20.44 -8.23
C LEU K 137 31.64 18.98 -8.22
N ASP K 138 32.41 18.17 -8.94
CA ASP K 138 32.16 16.73 -8.97
C ASP K 138 32.26 16.15 -7.57
N LEU K 139 33.38 16.42 -6.90
CA LEU K 139 33.63 15.83 -5.60
C LEU K 139 32.61 16.27 -4.58
N THR K 140 32.05 17.45 -4.76
CA THR K 140 30.99 17.88 -3.85
C THR K 140 29.69 17.17 -4.18
N PHE K 141 29.41 16.97 -5.46
CA PHE K 141 28.11 16.51 -5.90
C PHE K 141 28.10 15.13 -6.52
N THR K 142 29.19 14.67 -7.13
CA THR K 142 29.13 13.28 -7.53
C THR K 142 29.29 12.48 -6.25
N GLU K 143 28.25 12.53 -5.44
CA GLU K 143 28.20 11.89 -4.14
C GLU K 143 26.91 11.09 -4.01
N ASN K 144 26.01 11.18 -4.98
CA ASN K 144 24.91 10.23 -5.09
C ASN K 144 25.45 8.81 -5.10
N PHE K 145 26.46 8.58 -5.93
CA PHE K 145 27.28 7.38 -5.86
C PHE K 145 28.50 7.78 -5.03
N ASP K 146 28.40 7.60 -3.71
CA ASP K 146 29.31 8.24 -2.77
C ASP K 146 30.66 7.53 -2.77
N GLY K 147 31.69 8.22 -3.26
CA GLY K 147 33.05 7.74 -3.19
C GLY K 147 33.33 6.66 -4.21
N LYS K 148 32.78 5.48 -3.99
CA LYS K 148 32.86 4.39 -4.94
C LYS K 148 31.65 4.47 -5.86
N SER K 149 31.91 4.46 -7.16
CA SER K 149 30.88 4.68 -8.17
C SER K 149 31.19 3.75 -9.34
N ALA K 150 30.55 3.98 -10.48
CA ALA K 150 30.88 3.20 -11.66
C ALA K 150 32.31 3.47 -12.11
N LYS K 151 32.68 4.74 -12.15
CA LYS K 151 34.07 5.14 -12.33
C LYS K 151 34.70 5.43 -10.97
N LYS K 152 35.12 4.34 -10.33
CA LYS K 152 35.66 4.41 -8.98
C LYS K 152 37.08 4.98 -8.98
N LYS K 153 37.98 4.36 -9.75
CA LYS K 153 39.39 4.71 -9.64
C LYS K 153 39.70 6.06 -10.27
N GLY K 154 40.74 6.71 -9.73
CA GLY K 154 41.28 7.93 -10.28
C GLY K 154 40.55 9.19 -9.84
N PRO K 155 41.13 10.35 -10.14
CA PRO K 155 40.40 11.59 -9.91
C PRO K 155 39.16 11.62 -10.77
N LEU K 156 38.12 12.27 -10.24
CA LEU K 156 36.81 12.14 -10.86
C LEU K 156 36.72 12.91 -12.17
N THR K 157 37.62 13.86 -12.41
CA THR K 157 37.52 14.71 -13.59
C THR K 157 38.84 14.68 -14.34
N THR K 158 38.76 14.62 -15.67
CA THR K 158 39.91 14.49 -16.55
C THR K 158 39.88 15.60 -17.59
N TRP K 159 40.94 15.65 -18.39
CA TRP K 159 41.01 16.66 -19.45
C TRP K 159 39.89 16.47 -20.47
N GLU K 160 39.76 15.25 -20.99
CA GLU K 160 38.62 14.97 -21.85
C GLU K 160 37.31 15.26 -21.14
N ASN K 161 37.26 15.09 -19.83
CA ASN K 161 36.03 15.34 -19.11
C ASN K 161 35.62 16.80 -19.21
N LEU K 162 36.60 17.70 -19.04
CA LEU K 162 36.32 19.11 -19.28
C LEU K 162 36.22 19.38 -20.78
N LYS K 163 37.11 18.80 -21.56
CA LYS K 163 37.06 18.95 -23.01
C LYS K 163 36.00 18.07 -23.65
N SER K 164 35.07 17.52 -22.87
CA SER K 164 34.00 16.71 -23.43
C SER K 164 33.07 17.58 -24.28
N SER K 165 32.14 16.91 -24.94
CA SER K 165 31.22 17.56 -25.88
C SER K 165 29.96 18.08 -25.20
N SER K 166 29.84 17.93 -23.89
CA SER K 166 28.64 18.42 -23.21
C SER K 166 28.50 19.93 -23.34
N LYS K 167 29.62 20.65 -23.37
CA LYS K 167 29.66 22.05 -23.76
C LYS K 167 29.04 22.95 -22.70
N LYS K 168 28.36 22.35 -21.73
CA LYS K 168 27.78 23.08 -20.60
C LYS K 168 27.86 22.23 -19.34
N VAL K 169 28.99 21.56 -19.13
CA VAL K 169 29.14 20.61 -18.04
C VAL K 169 28.82 21.29 -16.71
N PHE K 170 29.02 22.59 -16.66
CA PHE K 170 28.86 23.33 -15.42
C PHE K 170 27.40 23.51 -15.04
N SER K 171 26.47 23.22 -15.95
CA SER K 171 25.09 23.58 -15.73
C SER K 171 24.50 22.85 -14.53
N ASN K 172 24.40 21.53 -14.61
CA ASN K 172 23.72 20.78 -13.56
C ASN K 172 24.41 20.92 -12.21
N PRO K 173 25.73 20.81 -12.10
CA PRO K 173 26.36 21.05 -10.80
C PRO K 173 26.07 22.44 -10.28
N LEU K 174 26.04 23.45 -11.15
CA LEU K 174 25.72 24.80 -10.70
C LEU K 174 24.31 24.85 -10.16
N TYR K 175 23.38 24.18 -10.84
CA TYR K 175 22.01 24.08 -10.36
C TYR K 175 21.95 23.45 -8.99
N ARG K 176 22.56 22.28 -8.85
CA ARG K 176 22.63 21.59 -7.56
C ARG K 176 23.19 22.51 -6.49
N LEU K 177 24.22 23.28 -6.84
CA LEU K 177 24.89 24.10 -5.84
C LEU K 177 24.03 25.28 -5.44
N ARG K 178 23.40 25.95 -6.39
CA ARG K 178 22.52 27.04 -6.01
C ARG K 178 21.34 26.52 -5.23
N LEU K 179 21.01 25.25 -5.36
CA LEU K 179 20.02 24.66 -4.48
C LEU K 179 20.57 24.58 -3.06
N VAL K 180 21.70 23.89 -2.89
CA VAL K 180 22.21 23.62 -1.55
C VAL K 180 22.88 24.80 -0.89
N ALA K 181 23.14 25.88 -1.62
CA ALA K 181 23.97 26.93 -1.06
C ALA K 181 23.24 27.77 -0.04
N ARG K 182 21.98 28.12 -0.33
CA ARG K 182 21.25 29.03 0.53
C ARG K 182 21.20 28.52 1.95
N GLU K 183 21.08 27.21 2.12
CA GLU K 183 21.09 26.61 3.45
C GLU K 183 22.46 26.14 3.87
N TRP K 184 23.41 26.04 2.95
CA TRP K 184 24.72 25.63 3.40
C TRP K 184 25.52 26.76 4.02
N GLY K 185 25.06 28.01 3.93
CA GLY K 185 25.76 29.13 4.56
C GLY K 185 26.55 29.97 3.57
N TYR K 186 26.77 31.28 3.88
CA TYR K 186 27.54 32.07 2.93
C TYR K 186 28.71 32.77 3.65
N PRO K 187 29.78 33.10 2.92
CA PRO K 187 30.86 33.94 3.45
C PRO K 187 30.40 35.39 3.65
N ARG K 188 31.13 36.17 4.48
CA ARG K 188 30.59 37.51 4.75
C ARG K 188 30.45 38.28 3.47
N GLU K 189 31.47 38.22 2.61
CA GLU K 189 31.48 39.09 1.45
C GLU K 189 30.36 38.72 0.49
N TRP K 190 29.80 37.52 0.62
CA TRP K 190 28.59 37.13 -0.07
C TRP K 190 27.37 37.04 0.83
N ARG K 191 27.44 37.68 2.00
CA ARG K 191 26.28 37.86 2.85
C ARG K 191 25.67 39.22 2.54
N GLN K 192 24.35 39.31 2.56
CA GLN K 192 23.71 40.62 2.51
C GLN K 192 23.96 41.28 3.87
N GLN K 193 25.08 41.97 3.97
CA GLN K 193 25.49 42.56 5.24
C GLN K 193 24.49 43.59 5.70
N LEU K 194 24.39 43.75 7.01
CA LEU K 194 23.37 44.62 7.57
C LEU K 194 23.62 46.05 7.12
N PRO K 195 22.68 46.68 6.43
CA PRO K 195 22.66 48.15 6.44
C PRO K 195 22.18 48.66 7.77
N SER K 196 21.15 48.02 8.32
CA SER K 196 20.64 48.34 9.65
C SER K 196 21.68 47.94 10.68
N ASP K 197 22.29 48.92 11.32
CA ASP K 197 23.20 48.62 12.41
C ASP K 197 22.40 48.46 13.69
N GLN K 198 21.28 47.73 13.60
CA GLN K 198 20.51 47.32 14.78
C GLN K 198 20.16 45.84 14.78
N ASP K 199 20.08 45.17 13.64
CA ASP K 199 19.87 43.74 13.65
C ASP K 199 21.20 43.00 13.64
N ILE K 200 22.12 43.46 14.49
CA ILE K 200 23.37 42.74 14.69
C ILE K 200 22.95 41.36 15.19
N SER K 201 23.69 40.31 14.80
CA SER K 201 23.42 38.96 15.27
C SER K 201 23.23 38.92 16.77
N LYS K 202 24.02 39.75 17.47
CA LYS K 202 23.98 39.72 18.92
C LYS K 202 22.61 40.17 19.44
N PRO K 203 22.13 41.39 19.16
CA PRO K 203 20.70 41.66 19.44
C PRO K 203 19.88 40.85 18.46
N LYS K 204 18.61 41.18 18.32
CA LYS K 204 17.74 40.50 17.36
C LYS K 204 17.10 41.55 16.47
N THR K 205 16.22 41.09 15.57
CA THR K 205 15.70 41.98 14.54
C THR K 205 14.66 42.93 15.11
N ALA K 206 13.55 42.38 15.60
CA ALA K 206 12.45 43.18 16.09
C ALA K 206 11.87 42.54 17.34
N LEU K 207 11.24 43.39 18.15
CA LEU K 207 10.67 43.01 19.44
C LEU K 207 9.41 42.17 19.27
N PHE K 208 9.56 40.84 19.16
CA PHE K 208 8.39 39.99 19.07
C PHE K 208 7.60 40.00 20.38
N GLU K 209 8.28 40.13 21.52
CA GLU K 209 7.59 40.25 22.80
C GLU K 209 6.96 41.62 22.89
N GLN K 210 5.66 41.71 22.62
CA GLN K 210 4.97 42.99 22.76
C GLN K 210 5.08 43.51 24.18
N ASP K 211 5.00 42.60 25.16
CA ASP K 211 5.01 42.96 26.56
C ASP K 211 5.34 41.72 27.37
N GLU K 212 5.98 41.93 28.51
CA GLU K 212 6.30 40.83 29.41
C GLU K 212 5.04 40.40 30.17
N GLN K 213 4.94 39.10 30.44
CA GLN K 213 3.76 38.54 31.09
C GLN K 213 3.91 38.63 32.60
N THR K 214 3.90 39.87 33.10
CA THR K 214 3.97 40.08 34.54
C THR K 214 2.74 39.57 35.29
N PRO K 215 1.50 39.89 34.88
CA PRO K 215 0.36 39.40 35.69
C PRO K 215 0.05 37.93 35.40
N VAL K 216 0.85 37.04 35.97
CA VAL K 216 0.60 35.62 35.76
C VAL K 216 -0.72 35.23 36.42
N VAL K 217 -1.58 34.56 35.66
CA VAL K 217 -2.78 34.00 36.25
C VAL K 217 -2.42 32.79 37.08
N ASP K 218 -1.20 32.28 36.96
CA ASP K 218 -0.70 31.23 37.85
C ASP K 218 0.35 31.85 38.75
N PRO K 219 -0.05 32.47 39.86
CA PRO K 219 0.95 32.98 40.82
C PRO K 219 1.76 31.86 41.45
N SER K 220 1.28 30.63 41.42
CA SER K 220 2.03 29.51 41.98
C SER K 220 3.37 29.33 41.28
N HIS K 221 3.50 29.85 40.06
CA HIS K 221 4.74 29.81 39.29
C HIS K 221 5.00 31.21 38.75
N PRO K 222 5.53 32.12 39.57
CA PRO K 222 5.87 33.45 39.04
C PRO K 222 6.96 33.42 38.00
N GLU K 223 7.74 32.35 37.94
CA GLU K 223 8.73 32.19 36.88
C GLU K 223 8.06 32.16 35.51
N ILE K 224 8.69 32.80 34.54
CA ILE K 224 8.18 32.87 33.17
C ILE K 224 9.23 32.39 32.20
N LEU K 225 8.84 31.49 31.32
CA LEU K 225 9.72 30.97 30.30
C LEU K 225 9.61 31.74 29.00
N THR K 226 8.81 32.80 28.97
CA THR K 226 8.72 33.69 27.81
C THR K 226 8.86 35.12 28.31
N PRO K 227 10.05 35.48 28.79
CA PRO K 227 10.27 36.86 29.25
C PRO K 227 10.19 37.88 28.13
N ASN K 228 11.08 37.76 27.14
CA ASN K 228 11.11 38.77 26.07
C ASN K 228 11.77 38.13 24.84
N ILE K 229 10.96 37.80 23.87
CA ILE K 229 11.43 37.13 22.66
C ILE K 229 11.28 38.06 21.47
N TYR K 230 12.09 37.81 20.45
CA TYR K 230 12.24 38.73 19.33
C TYR K 230 12.02 38.00 18.01
N THR K 231 12.12 38.78 16.92
CA THR K 231 12.35 38.23 15.59
C THR K 231 13.84 38.08 15.37
N TRP K 232 14.21 37.15 14.49
CA TRP K 232 15.57 36.66 14.44
C TRP K 232 16.37 37.35 13.34
N ASN K 233 17.55 37.82 13.69
CA ASN K 233 18.46 38.54 12.80
C ASN K 233 19.55 37.66 12.20
N ALA K 234 19.16 36.58 11.54
CA ALA K 234 20.12 35.77 10.79
C ALA K 234 20.70 36.58 9.64
N ASN K 235 21.99 36.37 9.37
CA ASN K 235 22.62 37.02 8.23
C ASN K 235 22.03 36.50 6.93
N GLU K 236 21.87 37.38 5.97
CA GLU K 236 21.23 37.02 4.73
C GLU K 236 22.24 36.95 3.60
N PRO K 237 21.98 36.13 2.60
CA PRO K 237 22.80 36.21 1.39
C PRO K 237 22.32 37.35 0.51
N LEU K 238 23.01 37.59 -0.58
CA LEU K 238 22.64 38.67 -1.48
C LEU K 238 21.38 38.30 -2.24
N PRO K 239 20.78 39.26 -2.94
CA PRO K 239 19.81 38.92 -3.96
C PRO K 239 20.41 37.99 -5.00
N LEU K 240 19.54 37.21 -5.67
CA LEU K 240 20.02 36.22 -6.62
C LEU K 240 20.72 36.90 -7.80
N GLU K 241 20.16 37.98 -8.31
CA GLU K 241 20.86 38.76 -9.32
C GLU K 241 22.14 39.35 -8.74
N SER K 242 22.12 39.71 -7.46
CA SER K 242 23.31 40.11 -6.75
C SER K 242 24.12 38.92 -6.30
N ASN K 243 23.61 37.71 -6.51
CA ASN K 243 24.41 36.53 -6.30
C ASN K 243 25.13 36.20 -7.58
N PRO K 244 26.45 36.36 -7.63
CA PRO K 244 27.18 35.97 -8.84
C PRO K 244 27.01 34.50 -9.15
N LEU K 245 26.63 33.69 -8.17
CA LEU K 245 26.27 32.30 -8.45
C LEU K 245 25.20 32.21 -9.52
N TYR K 246 24.38 33.23 -9.65
CA TYR K 246 23.25 33.21 -10.57
C TYR K 246 23.58 33.94 -11.86
N ASN K 247 24.82 33.81 -12.31
CA ASN K 247 25.26 34.35 -13.59
C ASN K 247 25.41 33.18 -14.54
N ARG K 248 24.61 33.17 -15.61
CA ARG K 248 24.44 31.93 -16.36
C ARG K 248 25.73 31.45 -17.03
N GLU K 249 26.65 32.37 -17.30
CA GLU K 249 27.78 32.07 -18.15
C GLU K 249 28.58 30.87 -17.68
N MET K 250 28.72 30.68 -16.36
CA MET K 250 29.60 29.63 -15.91
C MET K 250 29.19 28.28 -16.45
N ASP K 251 27.91 28.11 -16.79
CA ASP K 251 27.46 26.86 -17.38
C ASP K 251 28.30 26.49 -18.59
N LYS K 252 28.47 27.43 -19.50
CA LYS K 252 29.35 27.29 -20.64
C LYS K 252 30.69 27.98 -20.42
N ASN K 253 30.66 29.23 -19.97
CA ASN K 253 31.90 29.99 -19.81
C ASN K 253 32.83 29.32 -18.81
N GLY K 254 32.28 28.82 -17.71
CA GLY K 254 33.13 28.26 -16.67
C GLY K 254 33.48 29.31 -15.66
N ILE K 255 34.53 29.07 -14.87
CA ILE K 255 34.81 29.92 -13.73
C ILE K 255 35.20 31.32 -14.16
N LEU K 256 35.66 31.48 -15.40
CA LEU K 256 36.13 32.77 -15.87
C LEU K 256 34.98 33.65 -16.33
N ALA K 257 34.00 33.87 -15.47
CA ALA K 257 32.92 34.76 -15.86
C ALA K 257 32.65 35.83 -14.81
N LEU K 258 33.60 36.06 -13.92
CA LEU K 258 33.34 36.90 -12.76
C LEU K 258 34.37 37.99 -12.64
N LYS K 259 34.22 38.72 -11.56
CA LYS K 259 35.35 39.43 -10.99
C LYS K 259 36.33 38.43 -10.41
N PRO K 260 37.63 38.71 -10.47
CA PRO K 260 38.60 37.77 -9.88
C PRO K 260 38.35 37.48 -8.41
N MET K 261 38.18 38.51 -7.59
CA MET K 261 38.01 38.30 -6.16
C MET K 261 36.82 37.41 -5.87
N ASP K 262 35.73 37.63 -6.61
CA ASP K 262 34.56 36.79 -6.45
C ASP K 262 34.87 35.35 -6.80
N ARG K 263 35.67 35.15 -7.85
CA ARG K 263 36.10 33.80 -8.19
C ARG K 263 36.82 33.17 -7.01
N VAL K 264 37.70 33.94 -6.39
CA VAL K 264 38.41 33.46 -5.22
C VAL K 264 37.42 33.04 -4.15
N VAL K 265 36.43 33.89 -3.93
CA VAL K 265 35.45 33.63 -2.90
C VAL K 265 34.72 32.33 -3.17
N LEU K 266 34.30 32.14 -4.41
CA LEU K 266 33.54 30.93 -4.73
C LEU K 266 34.41 29.69 -4.59
N LEU K 267 35.67 29.79 -4.95
CA LEU K 267 36.55 28.65 -4.78
C LEU K 267 36.69 28.29 -3.32
N ARG K 268 36.93 29.29 -2.47
CA ARG K 268 37.04 29.01 -1.06
C ARG K 268 35.77 28.35 -0.57
N ALA K 269 34.65 28.83 -1.07
CA ALA K 269 33.36 28.27 -0.72
C ALA K 269 33.22 26.82 -1.16
N LEU K 270 33.64 26.54 -2.40
CA LEU K 270 33.52 25.19 -2.93
C LEU K 270 34.36 24.24 -2.12
N THR K 271 35.57 24.68 -1.74
CA THR K 271 36.36 23.91 -0.79
C THR K 271 35.59 23.72 0.50
N ASP K 272 34.93 24.78 0.96
CA ASP K 272 34.23 24.71 2.23
C ASP K 272 33.22 23.58 2.24
N TRP K 273 32.30 23.60 1.28
CA TRP K 273 31.24 22.61 1.40
C TRP K 273 31.70 21.27 0.92
N CYS K 274 32.73 21.21 0.08
CA CYS K 274 33.28 19.91 -0.25
C CYS K 274 33.81 19.23 1.00
N ALA K 275 34.62 19.97 1.78
CA ALA K 275 35.12 19.40 3.02
C ALA K 275 33.99 19.09 3.99
N SER K 276 32.90 19.81 3.89
CA SER K 276 31.84 19.58 4.86
C SER K 276 30.86 18.51 4.41
N HIS K 277 30.78 18.23 3.11
CA HIS K 277 29.76 17.36 2.56
C HIS K 277 30.25 16.28 1.62
N SER K 278 31.45 16.40 1.04
CA SER K 278 31.92 15.37 0.11
C SER K 278 32.14 14.14 0.96
N SER K 279 31.04 13.41 1.17
CA SER K 279 30.99 12.46 2.27
C SER K 279 32.10 11.43 2.19
N ALA K 280 32.54 11.08 0.99
CA ALA K 280 33.66 10.15 0.86
C ALA K 280 34.86 10.71 1.59
N ILE K 281 35.36 11.86 1.12
CA ILE K 281 36.52 12.46 1.74
C ILE K 281 36.18 12.87 3.16
N HIS K 282 34.92 13.22 3.41
CA HIS K 282 34.58 13.75 4.72
C HIS K 282 34.73 12.67 5.78
N ASP K 283 34.31 11.45 5.47
CA ASP K 283 34.62 10.36 6.37
C ASP K 283 36.07 9.97 6.31
N GLU K 284 36.69 10.07 5.13
CA GLU K 284 38.07 9.61 5.02
C GLU K 284 38.97 10.40 5.94
N ILE K 285 38.78 11.72 5.99
CA ILE K 285 39.64 12.54 6.82
C ILE K 285 39.50 12.15 8.28
N TYR K 286 38.26 11.90 8.72
CA TYR K 286 38.08 11.64 10.12
C TYR K 286 38.59 10.27 10.50
N LYS K 287 38.47 9.33 9.57
CA LYS K 287 39.15 8.05 9.69
C LYS K 287 40.65 8.24 9.84
N LEU K 288 41.21 9.12 9.02
CA LEU K 288 42.65 9.26 8.99
C LEU K 288 43.20 9.96 10.23
N THR K 289 42.47 10.94 10.75
CA THR K 289 42.95 11.76 11.86
C THR K 289 42.38 11.33 13.21
N HIS K 290 41.18 10.72 13.22
CA HIS K 290 40.56 10.35 14.48
C HIS K 290 40.46 8.84 14.57
N GLY K 291 41.51 8.18 14.10
CA GLY K 291 41.72 6.79 14.40
C GLY K 291 42.13 6.62 15.84
N LYS K 292 42.66 5.44 16.13
CA LYS K 292 43.01 5.07 17.49
C LYS K 292 44.43 5.50 17.84
N LYS K 293 44.64 6.82 17.80
CA LYS K 293 45.89 7.40 18.27
C LYS K 293 45.72 8.90 18.45
N ASP K 294 46.43 9.43 19.43
CA ASP K 294 46.51 10.86 19.72
C ASP K 294 47.92 11.38 19.46
N PRO K 295 48.13 12.69 19.42
CA PRO K 295 49.48 13.22 19.29
C PRO K 295 50.38 12.77 20.43
N VAL K 296 51.64 12.50 20.09
CA VAL K 296 52.61 12.03 21.06
C VAL K 296 52.79 13.01 22.21
N PHE K 297 52.52 14.29 21.96
CA PHE K 297 52.67 15.32 22.97
C PHE K 297 51.35 15.89 23.46
N GLY K 298 50.29 15.76 22.68
CA GLY K 298 48.99 16.30 23.04
C GLY K 298 48.35 16.92 21.82
N ILE K 299 47.03 16.91 21.81
CA ILE K 299 46.27 17.27 20.63
C ILE K 299 46.33 18.78 20.41
N GLN K 300 46.70 19.18 19.19
CA GLN K 300 46.84 20.57 18.83
C GLN K 300 46.63 20.71 17.32
N THR K 301 46.09 21.86 16.91
CA THR K 301 45.75 22.04 15.50
C THR K 301 46.99 22.08 14.63
N GLN K 302 47.91 22.99 14.91
CA GLN K 302 49.00 23.28 14.01
C GLN K 302 50.30 22.72 14.56
N GLN K 303 51.05 22.02 13.71
CA GLN K 303 52.34 21.50 14.11
C GLN K 303 53.27 21.59 12.92
N VAL K 304 54.57 21.55 13.21
CA VAL K 304 55.61 21.64 12.20
C VAL K 304 56.72 20.65 12.55
N PRO K 305 57.68 20.40 11.67
CA PRO K 305 58.85 19.62 12.07
C PRO K 305 59.74 20.39 13.04
N ARG K 306 60.55 19.63 13.78
CA ARG K 306 61.39 20.21 14.83
C ARG K 306 62.34 21.26 14.25
N TYR K 307 63.14 20.87 13.27
CA TYR K 307 64.08 21.79 12.67
C TYR K 307 63.40 22.98 12.02
N THR K 308 62.13 22.84 11.65
CA THR K 308 61.41 23.97 11.10
C THR K 308 61.12 25.01 12.15
N ILE K 309 60.88 24.59 13.39
CA ILE K 309 60.60 25.55 14.44
C ILE K 309 61.85 26.05 15.15
N GLU K 310 62.92 25.27 15.12
CA GLU K 310 64.13 25.64 15.85
C GLU K 310 65.31 25.89 14.93
N GLY K 311 65.47 25.08 13.90
CA GLY K 311 66.60 25.16 13.00
C GLY K 311 67.52 23.96 13.16
N VAL K 312 68.30 23.73 12.11
CA VAL K 312 69.17 22.56 12.09
C VAL K 312 70.20 22.62 13.20
N ASP K 313 70.81 23.78 13.42
CA ASP K 313 71.95 23.85 14.32
C ASP K 313 71.55 23.57 15.77
N ASN K 314 70.54 24.29 16.26
CA ASN K 314 70.13 24.08 17.65
C ASN K 314 69.52 22.71 17.84
N THR K 315 68.74 22.22 16.87
CA THR K 315 68.12 20.91 17.05
C THR K 315 69.15 19.80 17.02
N ILE K 316 70.21 19.94 16.20
CA ILE K 316 71.24 18.92 16.20
C ILE K 316 72.08 19.02 17.46
N ASN K 317 72.29 20.22 17.99
CA ASN K 317 72.97 20.35 19.28
C ASN K 317 72.18 19.62 20.36
N GLN K 318 70.89 19.94 20.46
CA GLN K 318 70.05 19.35 21.48
C GLN K 318 69.86 17.86 21.27
N PHE K 319 69.86 17.41 20.02
CA PHE K 319 69.64 16.00 19.74
C PHE K 319 70.93 15.19 19.81
N LYS K 320 72.09 15.84 19.69
CA LYS K 320 73.34 15.19 20.09
C LYS K 320 73.39 15.02 21.60
N LYS K 321 72.96 16.05 22.33
CA LYS K 321 72.86 15.93 23.78
C LYS K 321 71.90 14.80 24.12
N LEU K 322 70.77 14.75 23.43
CA LEU K 322 69.81 13.67 23.57
C LEU K 322 70.42 12.32 23.23
N CYS K 323 71.20 12.25 22.13
CA CYS K 323 71.79 11.00 21.70
C CYS K 323 72.77 10.47 22.74
N SER K 324 73.62 11.34 23.27
CA SER K 324 74.53 10.94 24.32
C SER K 324 73.76 10.43 25.54
N LEU K 325 72.73 11.17 25.94
CA LEU K 325 71.95 10.79 27.12
C LEU K 325 71.27 9.45 26.92
N ILE K 326 70.70 9.23 25.73
CA ILE K 326 69.95 7.99 25.49
C ILE K 326 70.88 6.81 25.23
N GLN K 327 72.07 7.04 24.70
CA GLN K 327 73.04 5.95 24.60
C GLN K 327 73.48 5.50 25.99
N SER K 328 73.77 6.45 26.88
CA SER K 328 74.01 6.08 28.26
C SER K 328 72.80 5.38 28.85
N ARG K 329 71.60 5.82 28.46
CA ARG K 329 70.38 5.18 28.92
C ARG K 329 70.31 3.73 28.49
N TYR K 330 70.64 3.45 27.23
CA TYR K 330 70.61 2.07 26.74
C TYR K 330 71.63 1.21 27.47
N GLU K 331 72.85 1.75 27.63
CA GLU K 331 73.88 1.00 28.35
C GLU K 331 73.44 0.69 29.76
N ILE K 332 72.68 1.61 30.37
CA ILE K 332 72.02 1.31 31.64
C ILE K 332 70.99 0.20 31.47
N ARG K 333 70.21 0.28 30.39
CA ARG K 333 69.06 -0.59 30.22
C ARG K 333 69.48 -2.06 30.15
N SER K 334 70.53 -2.36 29.39
CA SER K 334 70.92 -3.76 29.21
C SER K 334 71.36 -4.39 30.52
N LYS K 335 72.47 -3.90 31.09
CA LYS K 335 73.03 -4.47 32.32
C LYS K 335 72.29 -3.92 33.55
N LYS K 336 71.02 -4.26 33.62
CA LYS K 336 70.15 -3.86 34.72
C LYS K 336 69.58 -5.12 35.37
N LYS K 337 69.64 -5.19 36.71
CA LYS K 337 69.40 -6.43 37.44
C LYS K 337 68.10 -7.10 37.03
N HIS K 338 66.97 -6.41 37.20
CA HIS K 338 65.70 -6.96 36.75
C HIS K 338 65.71 -7.18 35.24
N PHE K 339 66.26 -6.21 34.50
CA PHE K 339 66.35 -6.34 33.05
C PHE K 339 67.24 -7.51 32.65
N VAL K 340 68.40 -7.66 33.30
CA VAL K 340 69.29 -8.77 32.97
C VAL K 340 68.59 -10.10 33.27
N LYS K 341 67.97 -10.21 34.44
CA LYS K 341 67.38 -11.48 34.84
C LYS K 341 66.15 -11.82 34.00
N GLN K 342 65.50 -10.83 33.41
CA GLN K 342 64.43 -11.09 32.46
C GLN K 342 64.92 -11.20 31.03
N LEU K 343 66.19 -10.89 30.78
CA LEU K 343 66.76 -11.04 29.45
C LEU K 343 67.04 -12.49 29.10
N LYS K 344 67.51 -13.28 30.07
CA LYS K 344 67.91 -14.65 29.79
C LYS K 344 66.73 -15.51 29.37
N GLU K 345 65.51 -15.17 29.77
CA GLU K 345 64.34 -15.78 29.20
C GLU K 345 63.81 -15.01 27.99
N GLY K 346 64.46 -13.91 27.62
CA GLY K 346 64.17 -13.27 26.35
C GLY K 346 62.84 -12.55 26.30
N LYS K 347 62.72 -11.42 27.00
CA LYS K 347 61.47 -10.67 26.96
C LYS K 347 61.14 -10.25 25.54
N LYS K 348 62.02 -9.47 24.90
CA LYS K 348 61.71 -8.96 23.57
C LYS K 348 62.91 -9.13 22.65
N PRO K 349 62.71 -9.50 21.38
CA PRO K 349 63.83 -9.54 20.44
C PRO K 349 64.51 -8.19 20.25
N ASP K 350 63.74 -7.10 20.24
CA ASP K 350 64.36 -5.78 20.21
C ASP K 350 65.18 -5.53 21.48
N LEU K 351 64.65 -5.94 22.63
CA LEU K 351 65.44 -5.90 23.86
C LEU K 351 66.61 -6.87 23.83
N SER K 352 66.87 -7.53 22.71
CA SER K 352 68.06 -8.35 22.55
C SER K 352 68.99 -7.80 21.47
N ARG K 353 68.46 -7.59 20.26
CA ARG K 353 69.26 -7.05 19.18
C ARG K 353 69.72 -5.63 19.50
N LYS K 354 68.82 -4.81 20.04
CA LYS K 354 69.20 -3.46 20.43
C LYS K 354 70.32 -3.49 21.46
N LEU K 355 70.21 -4.33 22.48
CA LEU K 355 71.24 -4.34 23.51
C LEU K 355 72.58 -4.81 22.95
N GLU K 356 72.58 -5.88 22.16
CA GLU K 356 73.85 -6.39 21.64
C GLU K 356 74.51 -5.39 20.69
N ILE K 357 73.72 -4.83 19.78
CA ILE K 357 74.29 -3.90 18.80
C ILE K 357 74.68 -2.59 19.48
N LEU K 358 73.93 -2.18 20.51
CA LEU K 358 74.31 -0.99 21.24
C LEU K 358 75.58 -1.20 22.02
N LYS K 359 75.83 -2.43 22.48
CA LYS K 359 77.13 -2.72 23.10
C LYS K 359 78.25 -2.67 22.07
N GLU K 360 78.05 -3.27 20.90
CA GLU K 360 79.13 -3.23 19.92
C GLU K 360 79.43 -1.78 19.52
N ILE K 361 78.39 -0.96 19.39
CA ILE K 361 78.65 0.41 18.99
C ILE K 361 79.08 1.28 20.15
N LYS K 362 78.78 0.90 21.40
CA LYS K 362 79.43 1.57 22.51
C LYS K 362 80.92 1.33 22.47
N ALA K 363 81.31 0.10 22.13
CA ALA K 363 82.73 -0.20 21.95
C ALA K 363 83.32 0.60 20.80
N GLU K 364 82.61 0.68 19.66
CA GLU K 364 83.13 1.40 18.51
C GLU K 364 82.97 2.91 18.60
N LEU K 365 82.22 3.41 19.58
CA LEU K 365 81.91 4.82 19.72
C LEU K 365 82.63 5.48 20.88
N LYS K 366 82.93 4.73 21.94
CA LYS K 366 83.94 5.19 22.88
C LYS K 366 85.29 5.31 22.19
N ASN K 367 85.51 4.50 21.14
CA ASN K 367 86.62 4.74 20.22
C ASN K 367 86.46 6.06 19.48
N ALA K 368 85.24 6.35 19.02
CA ALA K 368 84.99 7.59 18.32
C ALA K 368 85.27 8.77 19.24
N VAL K 369 85.91 9.79 18.69
CA VAL K 369 86.38 10.91 19.49
C VAL K 369 85.27 11.94 19.63
N LYS K 370 85.52 12.93 20.48
CA LYS K 370 84.52 13.97 20.73
C LYS K 370 84.23 14.80 19.48
N SER K 371 85.23 15.00 18.61
CA SER K 371 84.96 15.64 17.33
C SER K 371 84.15 14.71 16.43
N GLU K 372 84.39 13.41 16.52
CA GLU K 372 83.58 12.41 15.86
C GLU K 372 82.29 12.11 16.60
N LYS K 373 82.17 12.60 17.84
CA LYS K 373 80.94 12.39 18.60
C LYS K 373 79.75 13.05 17.90
N ASP K 374 79.93 14.28 17.42
CA ASP K 374 78.84 14.93 16.69
C ASP K 374 78.54 14.21 15.39
N GLU K 375 79.59 13.78 14.69
CA GLU K 375 79.42 13.18 13.37
C GLU K 375 78.82 11.79 13.43
N LEU K 376 79.00 11.08 14.55
CA LEU K 376 78.52 9.71 14.60
C LEU K 376 77.01 9.64 14.52
N LEU K 377 76.31 10.64 15.04
CA LEU K 377 74.86 10.66 14.92
C LEU K 377 74.44 10.70 13.46
N PHE K 378 75.01 11.64 12.70
CA PHE K 378 74.61 11.80 11.31
C PHE K 378 75.14 10.67 10.43
N SER K 379 76.17 9.95 10.88
CA SER K 379 76.65 8.81 10.12
C SER K 379 75.87 7.55 10.44
N LEU K 380 75.38 7.42 11.67
CA LEU K 380 74.73 6.21 12.14
C LEU K 380 73.24 6.36 12.29
N TYR K 381 72.65 7.46 11.80
CA TYR K 381 71.19 7.58 11.81
C TYR K 381 70.52 6.45 11.04
N ASP K 382 71.22 5.87 10.06
CA ASP K 382 70.67 4.77 9.28
C ASP K 382 70.35 3.57 10.17
N LYS K 383 71.32 3.14 10.96
CA LYS K 383 71.13 2.06 11.92
C LYS K 383 70.47 2.53 13.21
N TRP K 384 70.38 3.84 13.43
CA TRP K 384 69.85 4.37 14.67
C TRP K 384 68.33 4.28 14.72
N VAL K 385 67.65 4.35 13.58
CA VAL K 385 66.19 4.27 13.55
C VAL K 385 65.69 2.98 14.16
N PRO K 386 66.23 1.78 13.76
CA PRO K 386 65.75 0.54 14.39
C PRO K 386 65.99 0.49 15.88
N LEU K 387 66.86 1.35 16.42
CA LEU K 387 67.02 1.40 17.87
C LEU K 387 65.75 1.89 18.55
N PHE K 388 65.10 2.89 17.97
CA PHE K 388 63.90 3.49 18.57
C PHE K 388 62.68 2.61 18.30
N GLU K 389 62.57 1.53 19.07
CA GLU K 389 61.36 0.72 19.09
C GLU K 389 60.67 0.77 20.44
N GLY K 390 61.35 0.35 21.51
CA GLY K 390 60.81 0.54 22.85
C GLY K 390 60.71 2.00 23.22
N GLU K 391 61.58 2.82 22.64
CA GLU K 391 61.54 4.26 22.81
C GLU K 391 60.41 4.81 21.93
N LEU K 392 60.43 6.11 21.65
CA LEU K 392 59.43 6.67 20.77
C LEU K 392 59.45 5.95 19.43
N PRO K 393 58.28 5.63 18.87
CA PRO K 393 58.24 4.95 17.56
C PRO K 393 58.82 5.78 16.44
N ASP K 394 58.91 7.10 16.60
CA ASP K 394 59.51 7.97 15.60
C ASP K 394 60.55 8.85 16.27
N GLN K 395 61.53 9.26 15.47
CA GLN K 395 62.67 9.96 16.01
C GLN K 395 62.26 11.35 16.47
N PRO K 396 62.91 11.87 17.51
CA PRO K 396 62.86 13.32 17.73
C PRO K 396 63.31 14.09 16.51
N LEU K 397 64.18 13.48 15.70
CA LEU K 397 64.56 14.00 14.39
C LEU K 397 64.16 12.94 13.36
N ALA K 398 62.90 12.98 12.94
CA ALA K 398 62.36 11.99 12.02
C ALA K 398 61.71 12.64 10.80
N ASN K 399 61.08 11.83 9.94
CA ASN K 399 60.39 12.37 8.78
C ASN K 399 58.93 12.65 9.13
N PRO K 400 58.50 13.90 9.17
CA PRO K 400 57.08 14.18 9.39
C PRO K 400 56.20 13.62 8.32
N PHE K 401 56.69 13.54 7.09
CA PHE K 401 55.86 13.22 5.94
C PHE K 401 55.77 11.72 5.70
N SER K 402 55.47 11.03 6.79
CA SER K 402 55.15 9.62 6.75
C SER K 402 54.12 9.28 7.81
N GLU K 403 53.52 10.28 8.45
CA GLU K 403 52.63 10.07 9.58
C GLU K 403 51.19 10.26 9.11
N ARG K 404 50.35 9.28 9.44
CA ARG K 404 48.93 9.43 9.23
C ARG K 404 48.24 10.03 10.43
N LEU K 405 48.94 10.18 11.55
CA LEU K 405 48.38 10.93 12.67
C LEU K 405 48.74 12.40 12.56
N TYR K 406 49.97 12.71 12.20
CA TYR K 406 50.37 14.09 11.97
C TYR K 406 50.23 14.43 10.49
N LYS K 407 49.05 14.14 9.94
CA LYS K 407 48.78 14.37 8.53
C LYS K 407 47.77 15.48 8.33
N LEU K 408 46.60 15.34 8.94
CA LEU K 408 45.56 16.36 8.82
C LEU K 408 45.98 17.66 9.47
N ARG K 409 46.57 17.59 10.65
CA ARG K 409 46.85 18.78 11.43
C ARG K 409 48.09 19.53 10.95
N LEU K 410 48.80 18.99 9.98
CA LEU K 410 50.09 19.53 9.62
C LEU K 410 49.91 20.70 8.64
N GLN K 411 50.69 21.74 8.85
CA GLN K 411 50.86 22.83 7.92
C GLN K 411 52.32 22.86 7.50
N GLU K 412 52.56 23.00 6.20
CA GLU K 412 53.88 22.74 5.65
C GLU K 412 54.52 23.92 4.95
N PHE K 413 53.73 24.77 4.30
CA PHE K 413 54.27 26.00 3.72
C PHE K 413 54.62 27.05 4.76
N PHE K 414 54.28 26.84 6.02
CA PHE K 414 55.02 27.49 7.06
C PHE K 414 56.50 27.33 6.78
N LEU K 415 57.25 28.41 6.97
CA LEU K 415 58.68 28.31 6.85
C LEU K 415 59.41 28.88 8.05
N GLY K 416 58.74 29.57 8.93
CA GLY K 416 59.44 30.10 10.09
C GLY K 416 58.58 30.98 10.94
N ARG K 417 58.80 30.87 12.24
CA ARG K 417 58.17 31.70 13.26
C ARG K 417 59.22 32.62 13.86
N VAL K 418 58.90 33.89 13.93
CA VAL K 418 59.87 34.85 14.43
C VAL K 418 59.22 35.76 15.46
N PRO K 419 59.84 35.92 16.62
CA PRO K 419 59.21 36.66 17.71
C PRO K 419 58.97 38.12 17.33
N HIS K 420 57.90 38.66 17.90
CA HIS K 420 57.47 40.04 17.70
C HIS K 420 57.22 40.38 16.23
N ILE K 421 57.23 39.39 15.36
CA ILE K 421 57.00 39.65 13.94
C ILE K 421 55.88 38.75 13.45
N GLY K 422 56.15 37.46 13.42
CA GLY K 422 55.15 36.53 12.97
C GLY K 422 55.80 35.37 12.23
N ASP K 423 55.18 35.00 11.11
CA ASP K 423 55.44 33.71 10.49
C ASP K 423 55.69 33.86 9.00
N PHE K 424 56.44 32.91 8.47
CA PHE K 424 57.05 33.01 7.15
C PHE K 424 56.58 31.82 6.31
N TYR K 425 55.92 32.10 5.20
CA TYR K 425 55.21 31.07 4.48
C TYR K 425 55.74 30.83 3.08
N MET K 426 55.87 29.54 2.74
CA MET K 426 56.53 29.08 1.54
C MET K 426 55.70 28.01 0.83
N PRO K 427 54.74 28.42 0.07
CA PRO K 427 53.91 27.45 -0.66
C PRO K 427 54.70 26.85 -1.79
N ARG K 428 55.11 25.58 -1.75
CA ARG K 428 55.99 25.19 -2.83
C ARG K 428 55.40 24.09 -3.70
N LEU K 429 54.92 22.97 -3.14
CA LEU K 429 53.93 22.12 -3.82
C LEU K 429 53.49 21.02 -2.87
N HIS K 430 52.70 20.09 -3.43
CA HIS K 430 52.39 18.80 -2.84
C HIS K 430 53.62 18.00 -2.42
N SER K 431 53.48 17.25 -1.32
CA SER K 431 54.56 16.38 -0.89
C SER K 431 54.07 15.05 -0.31
N TYR K 432 52.91 14.57 -0.75
CA TYR K 432 52.26 13.42 -0.12
C TYR K 432 52.04 12.33 -1.16
N GLY K 433 52.60 11.15 -0.90
CA GLY K 433 52.34 10.01 -1.75
C GLY K 433 53.01 10.15 -3.10
N ASP K 434 52.47 11.02 -3.93
CA ASP K 434 53.10 11.48 -5.15
C ASP K 434 53.87 12.74 -4.84
N SER K 435 54.75 13.13 -5.78
CA SER K 435 55.61 14.30 -5.62
C SER K 435 56.54 14.13 -4.41
N LEU K 436 57.19 12.96 -4.35
CA LEU K 436 58.19 12.69 -3.32
C LEU K 436 59.59 12.49 -3.88
N GLU K 437 59.76 12.50 -5.20
CA GLU K 437 61.02 12.11 -5.80
C GLU K 437 62.16 13.04 -5.38
N MET K 438 61.95 14.35 -5.55
CA MET K 438 62.81 15.36 -4.92
C MET K 438 62.04 16.26 -3.98
N SER K 439 61.00 15.74 -3.34
CA SER K 439 60.19 16.57 -2.45
C SER K 439 61.07 17.26 -1.43
N THR K 440 61.02 18.60 -1.44
CA THR K 440 61.76 19.37 -0.44
C THR K 440 61.26 19.10 0.96
N PHE K 441 60.06 18.54 1.08
CA PHE K 441 59.49 18.16 2.37
C PHE K 441 59.99 16.79 2.82
N THR K 442 61.00 16.75 3.68
CA THR K 442 61.54 15.48 4.14
C THR K 442 62.34 15.69 5.42
N ASP K 443 62.96 14.60 5.88
CA ASP K 443 63.77 14.63 7.10
C ASP K 443 64.97 15.55 6.94
N LEU K 444 65.36 16.16 8.06
CA LEU K 444 66.39 17.19 8.04
C LEU K 444 67.68 16.69 7.42
N ARG K 445 68.04 15.44 7.73
CA ARG K 445 69.28 14.87 7.21
C ARG K 445 69.28 14.84 5.68
N ASN K 446 68.42 14.00 5.09
CA ASN K 446 68.43 13.85 3.64
C ASN K 446 67.95 15.12 2.95
N LEU K 447 67.17 15.95 3.63
CA LEU K 447 66.86 17.27 3.11
C LEU K 447 68.12 18.08 2.89
N GLN K 448 68.95 18.20 3.93
CA GLN K 448 70.18 18.96 3.80
C GLN K 448 71.10 18.29 2.80
N ALA K 449 71.02 16.97 2.69
CA ALA K 449 71.80 16.25 1.69
C ALA K 449 71.41 16.66 0.28
N LEU K 450 70.11 16.73 0.02
CA LEU K 450 69.64 17.16 -1.30
C LEU K 450 70.08 18.59 -1.57
N LEU K 451 69.95 19.45 -0.55
CA LEU K 451 70.47 20.80 -0.67
C LEU K 451 71.94 20.76 -1.08
N SER K 452 72.72 19.87 -0.46
CA SER K 452 74.12 19.73 -0.82
C SER K 452 74.27 19.34 -2.29
N LYS K 453 73.48 18.35 -2.73
CA LYS K 453 73.56 17.97 -4.14
C LYS K 453 73.28 19.13 -5.06
N PHE K 454 72.54 20.14 -4.61
CA PHE K 454 72.26 21.26 -5.51
C PHE K 454 73.10 22.51 -5.27
N LYS K 455 73.84 22.61 -4.17
CA LYS K 455 74.84 23.66 -4.09
C LYS K 455 75.99 23.38 -5.04
N ASN K 456 76.51 22.17 -5.00
CA ASN K 456 77.47 21.68 -5.97
C ASN K 456 76.82 21.25 -7.27
N ASN K 457 75.51 21.47 -7.39
CA ASN K 457 74.71 21.19 -8.59
C ASN K 457 75.13 19.89 -9.27
N GLU K 458 75.09 18.81 -8.50
CA GLU K 458 75.28 17.50 -9.10
C GLU K 458 74.10 17.13 -9.99
N TYR K 459 72.90 17.53 -9.58
CA TYR K 459 71.69 17.29 -10.32
C TYR K 459 71.27 18.60 -10.96
N ASN K 460 70.92 18.57 -12.23
CA ASN K 460 70.56 19.80 -12.91
C ASN K 460 69.22 19.64 -13.60
N ALA K 461 68.88 20.67 -14.38
CA ALA K 461 67.52 20.81 -14.90
C ALA K 461 67.06 19.56 -15.64
N PHE K 462 67.93 18.98 -16.47
CA PHE K 462 67.57 17.75 -17.14
C PHE K 462 67.39 16.62 -16.12
N THR K 463 68.37 16.43 -15.24
CA THR K 463 68.19 15.48 -14.16
C THR K 463 66.98 15.86 -13.32
N LEU K 464 66.78 17.16 -13.14
CA LEU K 464 65.73 17.63 -12.26
C LEU K 464 64.36 17.20 -12.76
N PHE K 465 64.10 17.37 -14.05
CA PHE K 465 62.78 17.03 -14.57
C PHE K 465 62.68 15.57 -14.96
N GLU K 466 63.82 14.92 -15.24
CA GLU K 466 63.81 13.48 -15.43
C GLU K 466 63.35 12.78 -14.17
N ASN K 467 63.66 13.37 -13.02
CA ASN K 467 63.27 12.81 -11.73
C ASN K 467 61.96 13.41 -11.23
N ASP K 468 60.93 13.31 -12.08
CA ASP K 468 59.58 13.78 -11.78
C ASP K 468 59.52 15.29 -11.57
N GLY K 469 60.37 16.02 -12.29
CA GLY K 469 60.33 17.47 -12.20
C GLY K 469 59.11 18.07 -12.84
N GLN K 470 58.52 17.38 -13.83
CA GLN K 470 57.29 17.90 -14.40
C GLN K 470 56.16 17.82 -13.39
N SER K 471 56.14 16.79 -12.56
CA SER K 471 55.19 16.71 -11.46
C SER K 471 55.66 17.53 -10.27
N MET K 472 56.67 18.37 -10.48
CA MET K 472 57.24 19.24 -9.47
C MET K 472 56.81 20.66 -9.81
N SER K 473 56.21 21.37 -8.85
CA SER K 473 55.72 22.70 -9.14
C SER K 473 56.88 23.61 -9.44
N ALA K 474 56.83 24.25 -10.59
CA ALA K 474 58.03 24.92 -11.09
C ALA K 474 58.41 26.11 -10.22
N GLN K 475 57.45 26.95 -9.86
CA GLN K 475 57.82 28.26 -9.35
C GLN K 475 57.39 28.44 -7.91
N PHE K 476 57.45 29.67 -7.42
CA PHE K 476 57.26 29.89 -6.00
C PHE K 476 57.04 31.38 -5.73
N LYS K 477 56.76 31.66 -4.47
CA LYS K 477 56.81 33.00 -3.91
C LYS K 477 57.13 32.87 -2.44
N LEU K 478 57.32 34.02 -1.78
CA LEU K 478 57.64 33.99 -0.35
C LEU K 478 56.76 34.97 0.40
N PHE K 479 56.24 34.53 1.54
CA PHE K 479 55.28 35.31 2.29
C PHE K 479 55.57 35.28 3.77
N TYR K 480 55.24 36.38 4.43
CA TYR K 480 55.27 36.52 5.87
C TYR K 480 53.85 36.73 6.37
N HIS K 481 53.49 36.07 7.47
CA HIS K 481 52.16 36.21 8.04
C HIS K 481 52.23 36.83 9.43
N ASP K 482 51.47 37.90 9.64
CA ASP K 482 51.41 38.59 10.93
C ASP K 482 50.33 37.95 11.81
N THR K 483 50.72 36.86 12.44
CA THR K 483 49.90 36.29 13.50
C THR K 483 49.67 37.25 14.67
N PRO K 484 50.67 37.99 15.18
CA PRO K 484 50.41 38.77 16.41
C PRO K 484 49.26 39.75 16.27
N SER K 485 49.25 40.54 15.21
CA SER K 485 48.21 41.54 15.04
C SER K 485 46.83 40.90 14.93
N LEU K 486 46.71 39.85 14.12
CA LEU K 486 45.40 39.26 13.90
C LEU K 486 44.88 38.57 15.14
N ALA K 487 45.75 37.85 15.83
CA ALA K 487 45.35 37.20 17.08
C ALA K 487 44.93 38.25 18.10
N HIS K 488 45.66 39.36 18.13
CA HIS K 488 45.30 40.43 19.04
C HIS K 488 43.95 41.00 18.68
N ASP K 489 43.68 41.17 17.39
CA ASP K 489 42.37 41.63 16.97
C ASP K 489 41.28 40.66 17.41
N VAL K 490 41.53 39.36 17.26
CA VAL K 490 40.52 38.37 17.57
C VAL K 490 40.22 38.37 19.06
N ALA K 491 41.26 38.28 19.88
CA ALA K 491 41.08 38.27 21.33
C ALA K 491 40.65 39.63 21.86
N ARG K 492 40.70 40.65 21.02
CA ARG K 492 40.44 42.03 21.41
C ARG K 492 39.22 42.66 20.74
N GLY K 493 38.51 41.94 19.88
CA GLY K 493 37.21 42.45 19.47
C GLY K 493 36.81 42.33 18.02
N ARG K 494 37.65 41.75 17.17
CA ARG K 494 37.36 41.61 15.74
C ARG K 494 37.14 43.00 15.11
N ASN K 495 38.26 43.69 14.93
CA ASN K 495 38.24 44.91 14.16
C ASN K 495 38.10 44.65 12.66
N THR K 496 38.30 43.42 12.21
CA THR K 496 38.47 43.13 10.79
C THR K 496 37.22 42.54 10.15
N SER K 497 36.97 42.95 8.91
CA SER K 497 36.13 42.19 7.99
C SER K 497 36.95 41.94 6.74
N GLY K 498 37.88 42.86 6.44
CA GLY K 498 38.71 42.78 5.27
C GLY K 498 40.14 43.24 5.47
N LYS K 499 40.60 43.29 6.70
CA LYS K 499 41.99 43.67 6.96
C LYS K 499 42.93 42.51 6.60
N VAL K 500 44.18 42.85 6.30
CA VAL K 500 45.12 41.92 5.70
C VAL K 500 46.22 41.59 6.70
N TYR K 501 46.68 40.34 6.68
CA TYR K 501 47.77 39.90 7.54
C TYR K 501 48.87 39.18 6.78
N TRP K 502 48.74 39.05 5.47
CA TRP K 502 49.73 38.43 4.61
C TRP K 502 50.49 39.49 3.83
N TYR K 503 51.79 39.29 3.68
CA TYR K 503 52.58 40.12 2.79
C TYR K 503 53.59 39.24 2.05
N GLU K 504 53.92 39.67 0.84
CA GLU K 504 54.80 38.93 -0.03
C GLU K 504 56.24 39.33 0.23
N LEU K 505 57.14 38.36 0.11
CA LEU K 505 58.54 38.60 0.40
C LEU K 505 59.38 38.54 -0.87
N CYS K 506 59.29 37.45 -1.62
CA CYS K 506 60.03 37.33 -2.87
C CYS K 506 59.42 36.21 -3.71
N HIS K 507 59.30 36.46 -5.01
CA HIS K 507 58.73 35.48 -5.93
C HIS K 507 59.79 34.68 -6.65
N ASP K 508 60.99 35.23 -6.79
CA ASP K 508 61.99 34.69 -7.69
C ASP K 508 63.36 34.71 -7.02
N SER K 509 64.37 34.28 -7.76
CA SER K 509 65.72 34.19 -7.24
C SER K 509 66.32 35.57 -7.00
N ALA K 510 66.14 36.48 -7.95
CA ALA K 510 66.73 37.81 -7.79
C ALA K 510 66.16 38.48 -6.55
N THR K 511 64.83 38.51 -6.44
CA THR K 511 64.21 39.02 -5.23
C THR K 511 64.62 38.19 -4.02
N LEU K 512 64.90 36.91 -4.23
CA LEU K 512 65.36 36.08 -3.12
C LEU K 512 66.65 36.64 -2.55
N LEU K 513 67.62 36.93 -3.41
CA LEU K 513 68.89 37.46 -2.95
C LEU K 513 68.73 38.88 -2.43
N GLU K 514 67.83 39.65 -3.04
CA GLU K 514 67.52 40.98 -2.55
C GLU K 514 67.07 40.91 -1.11
N PHE K 515 66.16 40.00 -0.82
CA PHE K 515 65.59 39.94 0.51
C PHE K 515 66.55 39.29 1.49
N LEU K 516 67.42 38.39 1.01
CA LEU K 516 68.51 37.93 1.86
C LEU K 516 69.38 39.10 2.30
N GLU K 517 69.74 39.93 1.33
CA GLU K 517 70.44 41.17 1.62
C GLU K 517 69.70 41.98 2.68
N PHE K 518 68.40 42.14 2.50
CA PHE K 518 67.66 43.00 3.42
C PHE K 518 67.53 42.37 4.80
N LEU K 519 67.40 41.05 4.86
CA LEU K 519 67.17 40.40 6.13
C LEU K 519 68.44 40.29 6.96
N ASP K 520 69.60 40.16 6.31
CA ASP K 520 70.84 40.18 7.06
C ASP K 520 70.92 41.40 7.96
N TYR K 521 70.30 42.49 7.53
CA TYR K 521 70.20 43.69 8.35
C TYR K 521 69.45 43.41 9.63
N LYS K 522 68.29 42.75 9.51
CA LYS K 522 67.52 42.42 10.70
C LYS K 522 68.32 41.51 11.62
N ILE K 523 69.04 40.56 11.02
CA ILE K 523 69.84 39.64 11.81
C ILE K 523 70.97 40.37 12.53
N VAL K 524 71.30 41.58 12.07
CA VAL K 524 72.28 42.39 12.77
C VAL K 524 71.76 42.69 14.16
N LYS K 525 72.44 42.16 15.17
CA LYS K 525 71.99 42.33 16.55
C LYS K 525 72.09 43.79 16.96
N PRO K 526 71.28 44.23 17.91
CA PRO K 526 71.18 45.68 18.17
C PRO K 526 72.46 46.24 18.74
N GLN K 527 73.45 46.50 17.89
CA GLN K 527 74.58 47.29 18.34
C GLN K 527 74.13 48.73 18.57
N ASP K 528 73.05 49.13 17.90
CA ASP K 528 72.39 50.40 18.15
C ASP K 528 71.72 50.45 19.52
N GLU K 529 71.64 49.31 20.21
CA GLU K 529 71.27 49.37 21.62
C GLU K 529 72.37 50.06 22.41
N LYS K 530 73.63 49.81 22.04
CA LYS K 530 74.75 50.66 22.43
C LYS K 530 75.13 51.58 21.26
N LYS K 531 74.21 52.52 20.95
CA LYS K 531 74.37 53.37 19.78
C LYS K 531 75.15 54.65 20.13
N GLU K 532 75.12 55.62 19.22
CA GLU K 532 75.77 56.91 19.40
C GLU K 532 77.27 56.76 19.71
N THR K 553 69.89 49.31 11.16
CA THR K 553 71.17 48.70 10.81
C THR K 553 71.74 49.37 9.57
N THR K 554 70.89 50.16 8.92
CA THR K 554 71.27 50.88 7.70
C THR K 554 70.74 52.30 7.82
N ASP K 555 70.80 53.05 6.72
CA ASP K 555 70.31 54.42 6.69
C ASP K 555 68.97 54.49 5.96
N ASN K 556 68.30 55.63 6.14
CA ASN K 556 66.99 55.90 5.52
C ASN K 556 65.96 54.84 5.92
N ASN K 557 66.12 54.29 7.11
CA ASN K 557 65.28 53.21 7.59
C ASN K 557 63.92 53.70 8.09
N PRO K 558 63.81 54.81 8.83
CA PRO K 558 62.48 55.31 9.22
C PRO K 558 61.61 55.69 8.04
N SER K 559 62.09 55.48 6.82
CA SER K 559 61.36 55.85 5.63
C SER K 559 60.89 54.67 4.80
N ILE K 560 61.74 53.66 4.56
CA ILE K 560 61.35 52.61 3.63
C ILE K 560 61.47 51.21 4.24
N ASN K 561 62.36 51.02 5.21
CA ASN K 561 62.52 49.72 5.85
C ASN K 561 63.20 49.86 7.19
N THR K 562 62.49 49.54 8.28
CA THR K 562 63.00 49.73 9.63
C THR K 562 64.03 48.64 9.92
N ASN K 563 65.22 48.81 9.38
CA ASN K 563 66.31 47.89 9.65
C ASN K 563 66.69 47.86 11.12
N PRO K 564 66.87 49.01 11.82
CA PRO K 564 67.23 48.96 13.24
C PRO K 564 66.01 48.57 14.06
N LEU K 565 66.04 47.35 14.57
CA LEU K 565 65.00 46.94 15.49
C LEU K 565 65.12 47.76 16.77
N PRO K 566 64.02 48.01 17.47
CA PRO K 566 64.09 48.77 18.72
C PRO K 566 65.11 48.16 19.68
N LYS K 567 65.91 49.03 20.28
CA LYS K 567 67.12 48.64 20.98
C LYS K 567 66.81 47.90 22.29
N ASP K 568 67.10 46.61 22.32
CA ASP K 568 66.91 45.76 23.49
C ASP K 568 67.56 44.41 23.19
N ALA K 569 67.48 43.50 24.15
CA ALA K 569 67.95 42.13 24.00
C ALA K 569 66.82 41.17 23.67
N LYS K 570 65.65 41.70 23.27
CA LYS K 570 64.52 40.84 22.99
C LYS K 570 64.77 39.97 21.78
N TYR K 571 65.49 40.48 20.79
CA TYR K 571 65.61 39.86 19.49
C TYR K 571 66.76 38.88 19.41
N ASN K 572 67.43 38.64 20.53
CA ASN K 572 68.58 37.75 20.53
C ASN K 572 68.21 36.37 20.01
N THR K 573 67.23 35.70 20.63
CA THR K 573 66.78 34.43 20.10
C THR K 573 66.03 34.63 18.78
N ALA K 574 65.33 35.76 18.64
CA ALA K 574 64.70 36.07 17.38
C ALA K 574 65.74 36.15 16.28
N ARG K 575 66.86 36.82 16.54
CA ARG K 575 67.89 36.92 15.52
C ARG K 575 68.64 35.61 15.32
N LYS K 576 68.70 34.76 16.35
CA LYS K 576 69.22 33.42 16.13
C LYS K 576 68.39 32.71 15.08
N LYS K 577 67.07 32.69 15.26
CA LYS K 577 66.21 32.11 14.24
C LYS K 577 66.35 32.83 12.91
N LEU K 578 66.59 34.14 12.95
CA LEU K 578 66.72 34.91 11.72
C LEU K 578 67.93 34.45 10.92
N GLN K 579 69.05 34.29 11.61
CA GLN K 579 70.26 33.77 10.98
C GLN K 579 70.00 32.37 10.46
N ILE K 580 69.27 31.57 11.24
CA ILE K 580 68.97 30.20 10.86
C ILE K 580 68.20 30.16 9.55
N LEU K 581 67.19 31.01 9.44
CA LEU K 581 66.39 31.03 8.23
C LEU K 581 67.16 31.64 7.07
N LYS K 582 68.03 32.59 7.35
CA LYS K 582 68.89 33.09 6.29
C LYS K 582 69.72 31.96 5.71
N GLU K 583 70.27 31.13 6.59
CA GLU K 583 70.95 29.91 6.16
C GLU K 583 70.01 29.06 5.32
N PHE K 584 68.79 28.86 5.82
CA PHE K 584 67.83 28.02 5.12
C PHE K 584 67.57 28.53 3.73
N LEU K 585 67.46 29.84 3.59
CA LEU K 585 67.09 30.44 2.33
C LEU K 585 68.25 30.42 1.37
N SER K 586 69.46 30.63 1.87
CA SER K 586 70.62 30.42 1.02
C SER K 586 70.65 29.00 0.51
N ASP K 587 70.36 28.03 1.39
CA ASP K 587 70.37 26.64 0.99
C ASP K 587 69.32 26.37 -0.08
N TYR K 588 68.15 26.96 0.09
CA TYR K 588 67.06 26.76 -0.87
C TYR K 588 67.41 27.37 -2.21
N TYR K 589 67.97 28.58 -2.20
CA TYR K 589 68.18 29.40 -3.38
C TYR K 589 68.73 28.62 -4.56
N PHE K 590 69.66 27.70 -4.29
CA PHE K 590 70.27 26.92 -5.37
C PHE K 590 69.21 26.14 -6.13
N ILE K 591 68.54 25.21 -5.44
CA ILE K 591 67.52 24.40 -6.09
C ILE K 591 66.36 25.24 -6.59
N LEU K 592 66.03 26.33 -5.89
CA LEU K 592 64.92 27.16 -6.34
C LEU K 592 65.20 27.77 -7.70
N ARG K 593 66.33 28.45 -7.85
CA ARG K 593 66.69 28.97 -9.16
C ARG K 593 66.93 27.84 -10.16
N GLN K 594 67.34 26.67 -9.68
CA GLN K 594 67.51 25.54 -10.59
C GLN K 594 66.19 25.16 -11.24
N PHE K 595 65.14 25.07 -10.44
CA PHE K 595 63.80 24.92 -11.03
C PHE K 595 63.44 26.11 -11.89
N GLU K 596 63.78 27.31 -11.44
CA GLU K 596 63.42 28.51 -12.18
C GLU K 596 63.96 28.47 -13.59
N GLN K 597 65.10 27.82 -13.78
CA GLN K 597 65.64 27.70 -15.12
C GLN K 597 65.25 26.39 -15.78
N MET K 598 64.98 25.34 -15.01
CA MET K 598 64.53 24.10 -15.61
C MET K 598 63.22 24.31 -16.35
N LYS K 599 62.30 25.06 -15.75
CA LYS K 599 61.04 25.33 -16.43
C LYS K 599 61.29 26.07 -17.73
N VAL K 600 62.12 27.12 -17.69
CA VAL K 600 62.42 27.88 -18.89
C VAL K 600 63.02 26.96 -19.95
N GLN K 601 63.95 26.11 -19.54
CA GLN K 601 64.54 25.15 -20.45
C GLN K 601 63.51 24.11 -20.90
N PHE K 602 62.72 23.60 -19.97
CA PHE K 602 61.88 22.43 -20.23
C PHE K 602 60.46 22.68 -19.77
N ALA K 603 59.92 23.84 -20.15
CA ALA K 603 58.49 24.08 -19.94
C ALA K 603 57.66 23.06 -20.71
N ASP K 604 58.03 22.81 -21.96
CA ASP K 604 57.26 21.91 -22.80
C ASP K 604 57.78 20.49 -22.68
N MET K 605 56.86 19.53 -22.74
CA MET K 605 57.27 18.14 -22.85
C MET K 605 57.89 17.96 -24.23
N LYS K 606 59.21 17.81 -24.28
CA LYS K 606 59.90 17.84 -25.55
C LYS K 606 60.95 16.73 -25.58
N PRO K 607 61.21 16.15 -26.75
CA PRO K 607 62.19 15.07 -26.82
C PRO K 607 63.60 15.62 -26.60
N GLY K 608 63.91 15.92 -25.33
CA GLY K 608 65.18 16.55 -25.00
C GLY K 608 66.39 15.74 -25.39
N LYS K 609 66.19 14.53 -25.93
CA LYS K 609 67.30 13.76 -26.46
C LYS K 609 68.07 14.55 -27.52
N ARG K 610 67.35 15.16 -28.46
CA ARG K 610 68.00 16.04 -29.42
C ARG K 610 68.64 17.24 -28.73
N GLN K 611 68.07 17.70 -27.62
CA GLN K 611 68.66 18.80 -26.89
C GLN K 611 70.02 18.41 -26.33
N LEU K 612 70.16 17.16 -25.88
CA LEU K 612 71.46 16.68 -25.44
C LEU K 612 72.38 16.39 -26.61
N ARG K 613 71.81 16.02 -27.76
CA ARG K 613 72.63 15.93 -28.96
C ARG K 613 73.17 17.30 -29.38
N ARG K 614 72.51 18.38 -28.98
CA ARG K 614 73.11 19.70 -29.14
C ARG K 614 74.48 19.76 -28.49
N ILE K 615 74.56 19.35 -27.23
CA ILE K 615 75.83 19.41 -26.51
C ILE K 615 76.82 18.40 -27.09
N GLN K 616 76.37 17.16 -27.32
CA GLN K 616 77.31 16.15 -27.80
C GLN K 616 77.81 16.47 -29.19
N ARG K 617 77.02 17.22 -29.96
CA ARG K 617 77.44 17.64 -31.28
C ARG K 617 78.53 18.70 -31.20
N GLN K 618 78.44 19.57 -30.20
CA GLN K 618 79.42 20.64 -30.01
C GLN K 618 80.68 20.11 -29.33
N LYS L 38 -12.20 -46.57 30.48
CA LYS L 38 -12.63 -45.21 30.19
C LYS L 38 -14.10 -45.18 29.78
N PRO L 39 -14.80 -44.11 30.14
CA PRO L 39 -16.21 -43.99 29.76
C PRO L 39 -16.39 -43.94 28.26
N HIS L 40 -17.50 -44.51 27.79
CA HIS L 40 -17.81 -44.50 26.37
C HIS L 40 -18.76 -43.34 26.13
N ARG L 41 -18.18 -42.16 25.90
CA ARG L 41 -18.93 -40.98 25.52
C ARG L 41 -18.95 -40.87 24.01
N TYR L 42 -20.11 -40.54 23.45
CA TYR L 42 -20.18 -40.33 22.02
C TYR L 42 -19.50 -39.03 21.65
N ARG L 43 -19.02 -38.95 20.41
CA ARG L 43 -18.57 -37.66 19.92
C ARG L 43 -19.75 -36.69 19.93
N PRO L 44 -19.55 -35.47 20.43
CA PRO L 44 -20.67 -34.54 20.53
C PRO L 44 -21.26 -34.23 19.17
N GLY L 45 -22.58 -34.39 19.06
CA GLY L 45 -23.31 -34.18 17.82
C GLY L 45 -23.89 -35.45 17.24
N THR L 46 -23.17 -36.57 17.31
CA THR L 46 -23.71 -37.84 16.87
C THR L 46 -25.00 -38.16 17.61
N VAL L 47 -25.03 -37.85 18.91
CA VAL L 47 -26.25 -37.98 19.68
C VAL L 47 -27.33 -37.09 19.07
N ALA L 48 -26.98 -35.85 18.74
CA ALA L 48 -27.96 -34.90 18.24
C ALA L 48 -28.54 -35.34 16.91
N LEU L 49 -27.70 -35.81 16.00
CA LEU L 49 -28.24 -36.29 14.73
C LEU L 49 -29.19 -37.44 14.96
N ARG L 50 -28.84 -38.33 15.89
CA ARG L 50 -29.77 -39.37 16.30
C ARG L 50 -31.07 -38.78 16.80
N GLU L 51 -30.98 -37.75 17.66
CA GLU L 51 -32.17 -37.08 18.15
C GLU L 51 -32.95 -36.48 17.01
N ILE L 52 -32.24 -35.79 16.10
CA ILE L 52 -32.90 -35.11 14.99
C ILE L 52 -33.71 -36.12 14.20
N ARG L 53 -33.15 -37.30 14.01
CA ARG L 53 -33.88 -38.36 13.35
C ARG L 53 -35.14 -38.72 14.13
N ARG L 54 -35.00 -38.97 15.44
CA ARG L 54 -36.12 -39.47 16.23
C ARG L 54 -37.36 -38.63 16.02
N TYR L 55 -37.24 -37.33 16.26
CA TYR L 55 -38.43 -36.50 16.31
C TYR L 55 -39.02 -36.29 14.94
N GLN L 56 -38.19 -36.37 13.92
CA GLN L 56 -38.68 -36.16 12.57
C GLN L 56 -39.51 -37.34 12.07
N LYS L 57 -39.42 -38.49 12.74
CA LYS L 57 -40.44 -39.51 12.54
C LYS L 57 -41.56 -39.38 13.57
N SER L 58 -41.24 -38.89 14.76
CA SER L 58 -42.28 -38.75 15.75
C SER L 58 -43.25 -37.66 15.30
N THR L 59 -44.45 -37.67 15.88
CA THR L 59 -45.46 -36.69 15.51
C THR L 59 -46.12 -36.07 16.71
N GLU L 60 -45.71 -36.41 17.92
CA GLU L 60 -46.41 -35.98 19.09
C GLU L 60 -45.98 -34.58 19.50
N LEU L 61 -46.72 -34.02 20.45
CA LEU L 61 -46.36 -32.73 21.01
C LEU L 61 -45.08 -32.85 21.81
N LEU L 62 -44.38 -31.72 21.94
CA LEU L 62 -43.18 -31.65 22.76
C LEU L 62 -43.34 -30.72 23.94
N ILE L 63 -44.53 -30.20 24.19
CA ILE L 63 -44.75 -29.20 25.23
C ILE L 63 -45.74 -29.72 26.25
N ARG L 64 -45.34 -29.65 27.50
CA ARG L 64 -46.12 -30.24 28.57
C ARG L 64 -47.42 -29.48 28.77
N LYS L 65 -48.51 -30.22 28.90
CA LYS L 65 -49.83 -29.62 28.85
C LYS L 65 -50.06 -28.69 30.02
N LEU L 66 -49.75 -29.14 31.23
CA LEU L 66 -50.03 -28.33 32.40
C LEU L 66 -49.28 -27.00 32.36
N PRO L 67 -47.98 -26.96 32.08
CA PRO L 67 -47.36 -25.64 31.88
C PRO L 67 -48.01 -24.88 30.75
N PHE L 68 -48.47 -25.59 29.73
CA PHE L 68 -48.92 -24.95 28.51
C PHE L 68 -50.19 -24.13 28.73
N GLN L 69 -51.22 -24.74 29.30
CA GLN L 69 -52.53 -24.09 29.31
C GLN L 69 -52.58 -22.91 30.27
N ARG L 70 -51.98 -23.06 31.46
CA ARG L 70 -51.85 -21.93 32.38
C ARG L 70 -51.19 -20.73 31.74
N LEU L 71 -50.25 -20.97 30.81
CA LEU L 71 -49.71 -19.87 30.03
C LEU L 71 -50.82 -19.10 29.35
N VAL L 72 -51.71 -19.82 28.68
CA VAL L 72 -52.85 -19.18 28.04
C VAL L 72 -53.76 -18.57 29.09
N ARG L 73 -54.05 -19.33 30.15
CA ARG L 73 -54.88 -18.80 31.22
C ARG L 73 -54.24 -17.56 31.82
N GLU L 74 -52.92 -17.53 31.88
CA GLU L 74 -52.24 -16.29 32.22
C GLU L 74 -52.58 -15.19 31.23
N ILE L 75 -52.48 -15.50 29.94
CA ILE L 75 -52.54 -14.47 28.92
C ILE L 75 -53.91 -13.83 28.85
N ALA L 76 -54.96 -14.61 29.06
CA ALA L 76 -56.30 -14.12 28.79
C ALA L 76 -56.65 -12.91 29.63
N GLN L 77 -55.99 -12.74 30.78
CA GLN L 77 -56.38 -11.68 31.69
C GLN L 77 -56.24 -10.29 31.11
N ASP L 78 -55.26 -10.06 30.25
CA ASP L 78 -55.02 -8.72 29.71
C ASP L 78 -56.00 -8.32 28.62
N PHE L 79 -56.93 -9.21 28.28
CA PHE L 79 -58.00 -8.91 27.34
C PHE L 79 -59.35 -8.90 28.04
N LYS L 80 -59.73 -10.01 28.66
CA LYS L 80 -60.95 -10.10 29.43
C LYS L 80 -60.69 -10.99 30.63
N THR L 81 -61.23 -10.59 31.77
CA THR L 81 -61.10 -11.38 32.98
C THR L 81 -61.95 -12.64 32.90
N ASP L 82 -61.42 -13.72 33.49
CA ASP L 82 -62.22 -14.85 33.94
C ASP L 82 -62.96 -15.54 32.79
N LEU L 83 -62.20 -16.11 31.87
CA LEU L 83 -62.80 -16.94 30.85
C LEU L 83 -62.72 -18.40 31.27
N ARG L 84 -63.08 -19.30 30.34
CA ARG L 84 -63.25 -20.71 30.70
C ARG L 84 -62.91 -21.50 29.45
N PHE L 85 -61.82 -22.23 29.50
CA PHE L 85 -61.21 -22.71 28.27
C PHE L 85 -61.68 -24.13 27.95
N GLN L 86 -61.83 -24.40 26.66
CA GLN L 86 -62.05 -25.76 26.20
C GLN L 86 -60.72 -26.45 25.95
N SER L 87 -60.63 -27.70 26.38
CA SER L 87 -59.42 -28.47 26.16
C SER L 87 -59.12 -28.59 24.69
N SER L 88 -60.14 -28.87 23.88
CA SER L 88 -59.95 -28.87 22.45
C SER L 88 -59.31 -27.58 22.01
N ALA L 89 -59.85 -26.45 22.46
CA ALA L 89 -59.19 -25.18 22.24
C ALA L 89 -57.83 -25.18 22.90
N VAL L 90 -57.78 -25.61 24.17
CA VAL L 90 -56.50 -25.68 24.87
C VAL L 90 -55.53 -26.52 24.08
N MET L 91 -55.98 -27.66 23.58
CA MET L 91 -55.10 -28.44 22.74
C MET L 91 -54.76 -27.66 21.49
N ALA L 92 -55.79 -27.15 20.80
CA ALA L 92 -55.62 -26.60 19.47
C ALA L 92 -54.57 -25.51 19.47
N LEU L 93 -54.37 -24.86 20.61
CA LEU L 93 -53.38 -23.81 20.72
C LEU L 93 -51.99 -24.33 20.40
N GLN L 94 -51.65 -25.48 20.95
CA GLN L 94 -50.28 -25.95 20.91
C GLN L 94 -49.84 -26.21 19.47
N GLU L 95 -50.71 -26.83 18.68
CA GLU L 95 -50.33 -27.20 17.32
C GLU L 95 -49.89 -25.98 16.55
N ALA L 96 -50.74 -24.97 16.53
CA ALA L 96 -50.33 -23.69 15.97
C ALA L 96 -49.10 -23.20 16.69
N SER L 97 -49.13 -23.30 18.02
CA SER L 97 -47.99 -22.84 18.80
C SER L 97 -46.72 -23.51 18.30
N GLU L 98 -46.75 -24.82 18.21
CA GLU L 98 -45.56 -25.51 17.71
C GLU L 98 -45.36 -25.26 16.22
N ALA L 99 -46.40 -25.48 15.41
CA ALA L 99 -46.17 -25.52 13.97
C ALA L 99 -45.57 -24.22 13.53
N TYR L 100 -46.09 -23.12 14.07
CA TYR L 100 -45.48 -21.83 13.90
C TYR L 100 -44.01 -21.86 14.28
N LEU L 101 -43.72 -22.20 15.55
CA LEU L 101 -42.34 -22.11 15.99
C LEU L 101 -41.47 -23.09 15.23
N VAL L 102 -42.06 -24.21 14.80
CA VAL L 102 -41.27 -25.19 14.07
C VAL L 102 -40.76 -24.60 12.77
N ALA L 103 -41.67 -24.07 11.96
CA ALA L 103 -41.25 -23.49 10.68
C ALA L 103 -40.23 -22.40 10.91
N LEU L 104 -40.38 -21.69 12.02
CA LEU L 104 -39.35 -20.74 12.42
C LEU L 104 -38.00 -21.43 12.52
N PHE L 105 -37.95 -22.58 13.18
CA PHE L 105 -36.65 -23.16 13.45
C PHE L 105 -35.90 -23.47 12.17
N GLU L 106 -36.55 -24.19 11.27
CA GLU L 106 -35.89 -24.65 10.06
C GLU L 106 -35.44 -23.49 9.18
N ASP L 107 -36.21 -22.42 9.14
CA ASP L 107 -35.70 -21.20 8.52
C ASP L 107 -34.49 -20.67 9.27
N THR L 108 -34.57 -20.60 10.60
CA THR L 108 -33.44 -20.12 11.36
C THR L 108 -32.23 -21.02 11.14
N ASN L 109 -32.49 -22.32 10.95
CA ASN L 109 -31.39 -23.22 10.62
C ASN L 109 -30.76 -22.85 9.29
N LEU L 110 -31.59 -22.43 8.34
CA LEU L 110 -31.06 -21.99 7.04
C LEU L 110 -30.10 -20.83 7.21
N CYS L 111 -30.32 -20.00 8.22
CA CYS L 111 -29.53 -18.79 8.38
C CYS L 111 -28.06 -19.09 8.61
N ALA L 112 -27.76 -19.84 9.67
CA ALA L 112 -26.37 -20.09 10.04
C ALA L 112 -25.64 -20.82 8.92
N ILE L 113 -26.34 -21.69 8.21
CA ILE L 113 -25.75 -22.33 7.05
C ILE L 113 -25.28 -21.30 6.04
N HIS L 114 -26.18 -20.39 5.68
CA HIS L 114 -25.78 -19.33 4.78
C HIS L 114 -24.74 -18.43 5.44
N ALA L 115 -24.91 -18.16 6.73
CA ALA L 115 -23.91 -17.48 7.51
C ALA L 115 -22.74 -18.38 7.86
N LYS L 116 -22.70 -19.56 7.26
CA LYS L 116 -21.55 -20.45 7.32
C LYS L 116 -21.30 -20.92 8.74
N ARG L 117 -22.38 -21.08 9.50
CA ARG L 117 -22.30 -21.60 10.85
C ARG L 117 -23.06 -22.91 10.94
N VAL L 118 -23.02 -23.49 12.13
CA VAL L 118 -23.79 -24.68 12.43
C VAL L 118 -24.50 -24.48 13.76
N THR L 119 -24.13 -23.43 14.48
CA THR L 119 -24.78 -23.07 15.73
C THR L 119 -25.65 -21.84 15.48
N ILE L 120 -26.89 -21.91 15.91
CA ILE L 120 -27.85 -20.85 15.63
C ILE L 120 -27.67 -19.70 16.61
N MET L 121 -27.82 -18.49 16.11
CA MET L 121 -27.76 -17.27 16.88
C MET L 121 -29.13 -16.62 16.81
N PRO L 122 -29.52 -15.86 17.84
CA PRO L 122 -30.78 -15.12 17.76
C PRO L 122 -30.82 -14.20 16.56
N LYS L 123 -29.67 -13.61 16.22
CA LYS L 123 -29.60 -12.74 15.06
C LYS L 123 -30.13 -13.45 13.83
N ASP L 124 -29.93 -14.76 13.77
CA ASP L 124 -30.60 -15.56 12.75
C ASP L 124 -32.11 -15.52 12.95
N ILE L 125 -32.54 -15.75 14.19
CA ILE L 125 -33.97 -15.91 14.46
C ILE L 125 -34.71 -14.64 14.12
N GLN L 126 -34.28 -13.54 14.73
CA GLN L 126 -34.85 -12.25 14.40
C GLN L 126 -34.78 -11.97 12.91
N LEU L 127 -33.69 -12.38 12.28
CA LEU L 127 -33.52 -12.07 10.86
C LEU L 127 -34.66 -12.65 10.05
N ALA L 128 -34.96 -13.92 10.27
CA ALA L 128 -36.04 -14.54 9.52
C ALA L 128 -37.35 -13.83 9.76
N ARG L 129 -37.67 -13.55 11.03
CA ARG L 129 -38.91 -12.87 11.33
C ARG L 129 -38.97 -11.53 10.63
N ARG L 130 -37.84 -10.83 10.59
CA ARG L 130 -37.77 -9.64 9.76
C ARG L 130 -37.93 -9.99 8.30
N ILE L 131 -37.25 -11.04 7.85
CA ILE L 131 -37.50 -11.51 6.49
C ILE L 131 -38.92 -11.99 6.36
N ARG L 132 -39.45 -12.61 7.42
CA ARG L 132 -40.87 -12.90 7.44
C ARG L 132 -41.66 -11.62 7.57
N GLY L 133 -40.99 -10.52 7.89
CA GLY L 133 -41.66 -9.24 7.97
C GLY L 133 -42.56 -9.22 9.18
N GLU L 134 -42.05 -9.64 10.32
CA GLU L 134 -42.88 -9.92 11.47
C GLU L 134 -42.55 -9.08 12.69
N ARG L 135 -41.64 -8.12 12.57
CA ARG L 135 -41.31 -7.25 13.69
C ARG L 135 -42.30 -6.09 13.79
N GLY M 15 -39.14 -23.84 60.25
CA GLY M 15 -40.27 -22.98 59.90
C GLY M 15 -39.99 -22.07 58.72
N ALA M 16 -40.92 -21.13 58.47
CA ALA M 16 -40.80 -20.18 57.37
C ALA M 16 -40.64 -20.90 56.02
N LYS M 17 -41.39 -21.98 55.83
CA LYS M 17 -41.32 -22.77 54.62
C LYS M 17 -42.58 -22.66 53.76
N ARG M 18 -43.64 -22.05 54.28
CA ARG M 18 -44.88 -21.86 53.54
C ARG M 18 -44.74 -20.89 52.37
N HIS M 19 -43.61 -20.19 52.27
CA HIS M 19 -43.39 -19.15 51.28
C HIS M 19 -42.10 -19.39 50.52
N ARG M 20 -41.60 -20.62 50.55
CA ARG M 20 -40.27 -20.93 50.02
C ARG M 20 -40.26 -21.16 48.53
N LYS M 21 -41.43 -21.25 47.90
CA LYS M 21 -41.52 -21.51 46.46
C LYS M 21 -42.67 -20.67 45.96
N VAL M 22 -42.35 -19.49 45.42
CA VAL M 22 -43.36 -18.56 44.90
C VAL M 22 -42.93 -18.07 43.52
N LEU M 23 -42.02 -18.81 42.89
CA LEU M 23 -41.21 -18.30 41.78
C LEU M 23 -41.62 -18.89 40.43
N ARG M 24 -42.90 -19.22 40.25
CA ARG M 24 -43.32 -19.86 39.01
C ARG M 24 -43.06 -19.00 37.78
N ASP M 25 -43.82 -17.90 37.63
CA ASP M 25 -43.61 -16.92 36.56
C ASP M 25 -43.62 -17.61 35.19
N ASN M 26 -44.83 -18.04 34.83
CA ASN M 26 -45.14 -19.12 33.90
C ASN M 26 -44.17 -19.30 32.72
N ILE M 27 -43.69 -18.19 32.12
CA ILE M 27 -43.16 -18.22 30.76
C ILE M 27 -41.95 -19.14 30.61
N GLN M 28 -41.19 -19.37 31.67
CA GLN M 28 -40.17 -20.41 31.59
C GLN M 28 -40.77 -21.80 31.55
N GLY M 29 -42.07 -21.95 31.81
CA GLY M 29 -42.69 -23.25 31.78
C GLY M 29 -42.46 -23.99 30.48
N ILE M 30 -42.16 -23.26 29.41
CA ILE M 30 -41.64 -23.84 28.18
C ILE M 30 -40.14 -24.09 28.37
N THR M 31 -39.81 -25.35 28.63
CA THR M 31 -38.51 -25.63 29.19
C THR M 31 -37.45 -25.76 28.11
N LYS M 32 -36.22 -25.48 28.52
CA LYS M 32 -35.05 -25.71 27.68
C LYS M 32 -35.02 -27.11 27.08
N PRO M 33 -35.23 -28.19 27.85
CA PRO M 33 -35.26 -29.51 27.21
C PRO M 33 -36.29 -29.59 26.10
N ALA M 34 -37.49 -29.09 26.33
CA ALA M 34 -38.48 -29.04 25.27
C ALA M 34 -38.00 -28.17 24.13
N ILE M 35 -37.44 -27.01 24.45
CA ILE M 35 -37.01 -26.09 23.42
C ILE M 35 -36.05 -26.79 22.49
N ARG M 36 -35.05 -27.44 23.06
CA ARG M 36 -34.14 -28.22 22.24
C ARG M 36 -34.85 -29.38 21.59
N ARG M 37 -35.73 -30.06 22.33
CA ARG M 37 -36.56 -31.09 21.72
C ARG M 37 -37.33 -30.52 20.55
N LEU M 38 -37.89 -29.34 20.72
CA LEU M 38 -38.53 -28.67 19.59
C LEU M 38 -37.53 -28.44 18.48
N ALA M 39 -36.37 -27.87 18.81
CA ALA M 39 -35.39 -27.57 17.79
C ALA M 39 -34.90 -28.85 17.13
N ARG M 40 -34.78 -29.93 17.90
CA ARG M 40 -34.31 -31.18 17.32
C ARG M 40 -35.29 -31.71 16.29
N ARG M 41 -36.58 -31.63 16.55
CA ARG M 41 -37.52 -32.01 15.51
C ARG M 41 -37.38 -31.11 14.29
N GLY M 42 -37.13 -29.82 14.51
CA GLY M 42 -36.95 -28.92 13.39
C GLY M 42 -35.69 -29.19 12.59
N GLY M 43 -34.68 -29.81 13.20
CA GLY M 43 -33.46 -30.11 12.50
C GLY M 43 -32.28 -29.22 12.81
N VAL M 44 -32.25 -28.59 13.97
CA VAL M 44 -31.09 -27.81 14.39
C VAL M 44 -30.18 -28.70 15.22
N LYS M 45 -28.88 -28.63 14.94
CA LYS M 45 -27.90 -29.48 15.60
C LYS M 45 -27.31 -28.87 16.85
N ARG M 46 -27.11 -27.56 16.90
CA ARG M 46 -26.50 -26.98 18.08
C ARG M 46 -27.04 -25.58 18.31
N ILE M 47 -27.18 -25.22 19.57
CA ILE M 47 -28.09 -24.18 20.01
C ILE M 47 -27.36 -23.21 20.91
N SER M 48 -27.56 -21.90 20.68
CA SER M 48 -27.09 -20.92 21.64
C SER M 48 -27.96 -20.94 22.90
N GLY M 49 -27.37 -20.51 24.02
CA GLY M 49 -28.13 -20.53 25.24
C GLY M 49 -29.11 -19.40 25.39
N LEU M 50 -28.89 -18.29 24.70
CA LEU M 50 -29.79 -17.16 24.75
C LEU M 50 -31.02 -17.38 23.91
N ILE M 51 -31.01 -18.44 23.11
CA ILE M 51 -32.13 -18.76 22.27
C ILE M 51 -33.36 -18.99 23.12
N TYR M 52 -33.19 -19.71 24.22
CA TYR M 52 -34.31 -20.18 25.02
C TYR M 52 -35.19 -19.03 25.43
N GLU M 53 -34.56 -17.96 25.88
CA GLU M 53 -35.27 -16.79 26.35
C GLU M 53 -35.87 -16.05 25.17
N GLU M 54 -35.08 -15.89 24.12
CA GLU M 54 -35.55 -15.22 22.93
C GLU M 54 -36.76 -15.95 22.35
N THR M 55 -36.72 -17.27 22.36
CA THR M 55 -37.87 -18.05 21.93
C THR M 55 -39.09 -17.70 22.74
N ARG M 56 -38.93 -17.58 24.05
CA ARG M 56 -40.07 -17.27 24.91
C ARG M 56 -40.75 -15.99 24.42
N GLY M 57 -39.96 -15.01 24.01
CA GLY M 57 -40.57 -13.81 23.43
C GLY M 57 -41.33 -14.10 22.16
N VAL M 58 -40.73 -14.84 21.24
CA VAL M 58 -41.35 -15.04 19.94
C VAL M 58 -42.65 -15.80 20.09
N LEU M 59 -42.64 -16.85 20.89
CA LEU M 59 -43.84 -17.64 21.09
C LEU M 59 -44.93 -16.81 21.72
N LYS M 60 -44.63 -16.10 22.79
CA LYS M 60 -45.69 -15.34 23.44
C LYS M 60 -46.28 -14.31 22.48
N VAL M 61 -45.45 -13.48 21.89
CA VAL M 61 -45.95 -12.39 21.05
C VAL M 61 -46.84 -12.95 19.96
N PHE M 62 -46.49 -14.13 19.47
CA PHE M 62 -47.39 -14.89 18.64
C PHE M 62 -48.74 -15.09 19.32
N LEU M 63 -48.72 -15.50 20.58
CA LEU M 63 -49.88 -16.13 21.17
C LEU M 63 -51.05 -15.16 21.26
N GLU M 64 -50.87 -14.03 21.94
CA GLU M 64 -52.00 -13.16 22.25
C GLU M 64 -52.66 -12.68 20.99
N ASN M 65 -51.86 -12.35 19.98
CA ASN M 65 -52.39 -11.76 18.76
C ASN M 65 -53.54 -12.59 18.23
N VAL M 66 -53.35 -13.91 18.20
CA VAL M 66 -54.47 -14.82 17.98
C VAL M 66 -55.42 -14.77 19.17
N ILE M 67 -54.87 -14.87 20.38
CA ILE M 67 -55.71 -15.00 21.56
C ILE M 67 -56.62 -13.79 21.67
N ARG M 68 -56.06 -12.61 21.46
CA ARG M 68 -56.85 -11.40 21.33
C ARG M 68 -57.92 -11.58 20.29
N ASP M 69 -57.51 -11.98 19.09
CA ASP M 69 -58.48 -12.23 18.04
C ASP M 69 -59.38 -13.39 18.44
N ALA M 70 -58.80 -14.41 19.04
CA ALA M 70 -59.60 -15.55 19.46
C ALA M 70 -60.63 -15.14 20.49
N VAL M 71 -60.21 -14.39 21.52
CA VAL M 71 -61.20 -13.89 22.45
C VAL M 71 -62.12 -12.92 21.74
N THR M 72 -61.58 -12.16 20.79
CA THR M 72 -62.33 -11.09 20.15
C THR M 72 -63.68 -11.60 19.63
N TYR M 73 -63.70 -12.84 19.16
CA TYR M 73 -64.95 -13.47 18.77
C TYR M 73 -65.89 -13.57 19.94
N THR M 74 -65.38 -14.09 21.06
CA THR M 74 -66.22 -14.77 22.03
C THR M 74 -67.33 -13.87 22.51
N GLU M 75 -66.98 -12.67 22.93
CA GLU M 75 -67.97 -11.78 23.51
C GLU M 75 -69.04 -11.47 22.49
N HIS M 76 -68.67 -11.37 21.21
CA HIS M 76 -69.62 -10.92 20.21
C HIS M 76 -70.79 -11.87 20.13
N ALA M 77 -70.55 -13.16 20.34
CA ALA M 77 -71.59 -14.16 20.50
C ALA M 77 -72.03 -14.34 21.95
N LYS M 78 -71.59 -13.46 22.85
CA LYS M 78 -72.16 -13.37 24.20
C LYS M 78 -71.95 -14.65 25.00
N ARG M 79 -70.77 -15.23 24.93
CA ARG M 79 -70.42 -16.40 25.72
C ARG M 79 -69.34 -16.05 26.75
N LYS M 80 -68.92 -17.08 27.49
CA LYS M 80 -67.85 -16.95 28.48
C LYS M 80 -66.87 -18.11 28.44
N THR M 81 -67.01 -19.01 27.48
CA THR M 81 -66.19 -20.20 27.39
C THR M 81 -65.61 -20.29 25.99
N VAL M 82 -64.28 -20.23 25.88
CA VAL M 82 -63.67 -20.18 24.57
C VAL M 82 -63.80 -21.53 23.90
N THR M 83 -64.20 -21.53 22.64
CA THR M 83 -64.37 -22.77 21.91
C THR M 83 -63.25 -22.93 20.90
N ALA M 84 -62.95 -24.19 20.59
CA ALA M 84 -61.95 -24.45 19.58
C ALA M 84 -62.38 -23.85 18.24
N MET M 85 -63.63 -24.04 17.86
CA MET M 85 -64.08 -23.46 16.61
C MET M 85 -63.80 -21.97 16.61
N ASP M 86 -64.08 -21.30 17.72
CA ASP M 86 -63.72 -19.91 17.84
C ASP M 86 -62.27 -19.68 17.49
N VAL M 87 -61.36 -20.37 18.16
CA VAL M 87 -59.96 -20.16 17.86
C VAL M 87 -59.66 -20.65 16.47
N VAL M 88 -60.42 -21.64 15.99
CA VAL M 88 -60.25 -22.06 14.61
C VAL M 88 -60.40 -20.87 13.68
N TYR M 89 -61.42 -20.05 13.88
CA TYR M 89 -61.53 -18.87 13.04
C TYR M 89 -60.40 -17.92 13.35
N ALA M 90 -59.99 -17.86 14.61
CA ALA M 90 -58.90 -16.96 14.99
C ALA M 90 -57.68 -17.20 14.11
N LEU M 91 -57.37 -18.46 13.87
CA LEU M 91 -56.20 -18.79 13.05
C LEU M 91 -56.36 -18.36 11.61
N LYS M 92 -57.56 -18.48 11.07
CA LYS M 92 -57.70 -18.26 9.64
C LYS M 92 -57.38 -16.82 9.29
N ARG M 93 -57.72 -15.88 10.16
CA ARG M 93 -57.67 -14.47 9.80
C ARG M 93 -56.27 -14.01 9.46
N GLN M 94 -55.26 -14.58 10.10
CA GLN M 94 -53.88 -14.29 9.75
C GLN M 94 -53.33 -15.21 8.69
N GLY M 95 -54.16 -16.05 8.09
CA GLY M 95 -53.75 -16.80 6.90
C GLY M 95 -52.87 -17.98 7.22
N ARG M 96 -53.04 -18.57 8.39
CA ARG M 96 -52.47 -19.87 8.77
C ARG M 96 -53.61 -20.78 9.20
N THR M 97 -54.13 -21.55 8.26
CA THR M 97 -55.29 -22.39 8.51
C THR M 97 -54.89 -23.76 9.03
N LEU M 98 -55.76 -24.32 9.86
CA LEU M 98 -55.58 -25.65 10.44
C LEU M 98 -56.74 -26.55 10.05
N TYR M 99 -56.43 -27.82 9.82
CA TYR M 99 -57.43 -28.85 9.63
C TYR M 99 -57.50 -29.74 10.86
N GLY M 100 -58.71 -30.15 11.21
CA GLY M 100 -58.90 -31.28 12.11
C GLY M 100 -59.68 -31.05 13.38
N PHE M 101 -60.16 -29.84 13.66
CA PHE M 101 -61.04 -29.67 14.81
C PHE M 101 -62.41 -29.15 14.40
N GLY M 102 -62.82 -29.41 13.17
CA GLY M 102 -64.15 -29.04 12.72
C GLY M 102 -64.34 -27.54 12.60
N ALA N 13 -92.20 16.08 4.20
CA ALA N 13 -91.73 17.41 4.54
C ALA N 13 -90.36 17.69 3.93
N LYS N 14 -89.56 18.51 4.60
CA LYS N 14 -88.20 18.79 4.17
C LYS N 14 -87.29 17.71 4.71
N ALA N 15 -86.73 16.90 3.83
CA ALA N 15 -85.88 15.80 4.25
C ALA N 15 -84.53 16.33 4.72
N LYS N 16 -83.93 15.58 5.64
CA LYS N 16 -82.61 15.91 6.16
C LYS N 16 -81.73 14.69 5.98
N THR N 17 -80.60 14.88 5.30
CA THR N 17 -79.73 13.76 4.98
C THR N 17 -79.25 13.09 6.25
N ARG N 18 -79.17 11.75 6.19
CA ARG N 18 -78.84 10.98 7.38
C ARG N 18 -77.47 11.35 7.94
N SER N 19 -76.50 11.54 7.05
CA SER N 19 -75.14 11.88 7.48
C SER N 19 -75.14 13.19 8.29
N SER N 20 -75.93 14.16 7.83
CA SER N 20 -76.06 15.40 8.57
C SER N 20 -76.62 15.16 9.95
N ARG N 21 -77.71 14.38 10.03
CA ARG N 21 -78.34 14.18 11.33
C ARG N 21 -77.51 13.31 12.26
N ALA N 22 -76.46 12.68 11.75
CA ALA N 22 -75.42 12.11 12.59
C ALA N 22 -74.25 13.07 12.77
N GLY N 23 -74.23 14.18 12.03
CA GLY N 23 -73.13 15.10 12.12
C GLY N 23 -71.90 14.69 11.35
N LEU N 24 -72.07 13.96 10.26
CA LEU N 24 -70.96 13.40 9.51
C LEU N 24 -70.93 13.95 8.09
N GLN N 25 -69.95 13.48 7.32
CA GLN N 25 -69.69 13.93 5.95
C GLN N 25 -69.99 12.91 4.88
N PHE N 26 -69.84 11.62 5.16
CA PHE N 26 -69.88 10.64 4.11
C PHE N 26 -71.33 10.30 3.79
N PRO N 27 -71.63 9.96 2.57
CA PRO N 27 -73.02 9.66 2.21
C PRO N 27 -73.40 8.28 2.70
N VAL N 28 -74.12 8.24 3.81
CA VAL N 28 -74.50 6.97 4.41
C VAL N 28 -75.51 6.26 3.53
N GLY N 29 -76.39 7.03 2.88
CA GLY N 29 -77.38 6.41 2.01
C GLY N 29 -76.77 5.59 0.90
N ARG N 30 -75.71 6.11 0.28
CA ARG N 30 -75.01 5.33 -0.74
C ARG N 30 -74.60 3.98 -0.19
N VAL N 31 -74.00 3.99 0.99
CA VAL N 31 -73.53 2.74 1.58
C VAL N 31 -74.72 1.83 1.82
N HIS N 32 -75.79 2.38 2.37
CA HIS N 32 -76.97 1.58 2.62
C HIS N 32 -77.42 0.88 1.36
N ARG N 33 -77.36 1.57 0.23
CA ARG N 33 -77.62 0.93 -1.04
C ARG N 33 -76.52 -0.07 -1.35
N LEU N 34 -75.27 0.35 -1.22
CA LEU N 34 -74.15 -0.55 -1.50
C LEU N 34 -74.22 -1.77 -0.61
N LEU N 35 -74.57 -1.56 0.66
CA LEU N 35 -74.75 -2.69 1.57
C LEU N 35 -75.79 -3.65 1.04
N ARG N 36 -76.91 -3.09 0.59
CA ARG N 36 -78.01 -3.93 0.13
C ARG N 36 -77.67 -4.60 -1.19
N LYS N 37 -76.89 -3.93 -2.03
CA LYS N 37 -76.38 -4.55 -3.24
C LYS N 37 -75.06 -5.26 -3.02
N GLY N 38 -74.58 -5.33 -1.78
CA GLY N 38 -73.31 -5.97 -1.50
C GLY N 38 -73.52 -7.35 -0.93
N ASN N 39 -74.78 -7.69 -0.67
CA ASN N 39 -75.20 -9.06 -0.45
C ASN N 39 -74.40 -9.70 0.69
N TYR N 40 -73.93 -8.87 1.60
CA TYR N 40 -73.24 -9.37 2.77
C TYR N 40 -74.18 -10.14 3.67
N ALA N 41 -75.45 -9.74 3.70
CA ALA N 41 -76.50 -10.49 4.35
C ALA N 41 -77.82 -10.05 3.72
N GLU N 42 -78.86 -10.85 3.94
CA GLU N 42 -80.17 -10.52 3.40
C GLU N 42 -80.73 -9.28 4.05
N ARG N 43 -80.39 -9.02 5.31
CA ARG N 43 -80.95 -7.87 5.99
C ARG N 43 -79.86 -7.08 6.70
N VAL N 44 -80.19 -5.81 6.92
CA VAL N 44 -79.27 -4.80 7.38
C VAL N 44 -79.94 -4.06 8.53
N GLY N 45 -79.24 -3.94 9.65
CA GLY N 45 -79.76 -3.13 10.72
C GLY N 45 -79.78 -1.66 10.33
N ALA N 46 -80.51 -0.85 11.07
CA ALA N 46 -80.68 0.54 10.66
C ALA N 46 -79.47 1.40 10.97
N GLY N 47 -78.73 1.09 12.04
CA GLY N 47 -77.65 1.95 12.46
C GLY N 47 -76.32 1.52 11.89
N ALA N 48 -76.31 0.36 11.26
CA ALA N 48 -75.07 -0.16 10.71
C ALA N 48 -74.44 0.76 9.68
N PRO N 49 -75.15 1.27 8.67
CA PRO N 49 -74.45 2.10 7.68
C PRO N 49 -73.83 3.30 8.34
N VAL N 50 -74.50 3.81 9.36
CA VAL N 50 -73.96 4.93 10.11
C VAL N 50 -72.64 4.52 10.76
N TYR N 51 -72.64 3.41 11.48
CA TYR N 51 -71.47 3.00 12.23
C TYR N 51 -70.27 2.87 11.32
N LEU N 52 -70.44 2.15 10.23
CA LEU N 52 -69.33 1.96 9.31
C LEU N 52 -68.86 3.29 8.76
N ALA N 53 -69.79 4.19 8.43
CA ALA N 53 -69.36 5.46 7.89
C ALA N 53 -68.49 6.19 8.89
N ALA N 54 -68.90 6.17 10.16
CA ALA N 54 -68.22 6.99 11.16
C ALA N 54 -66.72 6.75 11.14
N VAL N 55 -66.31 5.48 11.09
CA VAL N 55 -64.89 5.17 11.01
C VAL N 55 -64.33 5.72 9.72
N LEU N 56 -65.10 5.65 8.64
CA LEU N 56 -64.58 5.97 7.32
C LEU N 56 -63.97 7.37 7.31
N GLU N 57 -64.72 8.36 7.78
CA GLU N 57 -64.16 9.70 7.83
C GLU N 57 -62.92 9.71 8.71
N TYR N 58 -63.03 9.10 9.89
CA TYR N 58 -61.93 9.07 10.85
C TYR N 58 -60.65 8.66 10.17
N LEU N 59 -60.60 7.44 9.69
CA LEU N 59 -59.40 7.00 9.00
C LEU N 59 -59.08 7.94 7.85
N THR N 60 -60.11 8.40 7.14
CA THR N 60 -59.90 9.22 5.95
C THR N 60 -59.11 10.46 6.28
N ALA N 61 -59.57 11.20 7.29
CA ALA N 61 -58.82 12.35 7.76
C ALA N 61 -57.54 11.92 8.44
N GLU N 62 -57.61 10.80 9.14
CA GLU N 62 -56.57 10.43 10.07
C GLU N 62 -55.24 10.36 9.34
N ILE N 63 -55.31 9.86 8.10
CA ILE N 63 -54.18 9.84 7.19
C ILE N 63 -53.99 11.19 6.50
N LEU N 64 -55.09 11.84 6.14
CA LEU N 64 -54.99 13.00 5.25
C LEU N 64 -54.17 14.11 5.89
N GLU N 65 -54.47 14.39 7.16
CA GLU N 65 -53.69 15.40 7.88
C GLU N 65 -52.25 14.96 8.06
N LEU N 66 -52.01 13.65 8.16
CA LEU N 66 -50.64 13.17 8.11
C LEU N 66 -50.01 13.52 6.77
N ALA N 67 -50.74 13.28 5.69
CA ALA N 67 -50.25 13.66 4.38
C ALA N 67 -50.15 15.16 4.27
N GLY N 68 -51.08 15.88 4.90
CA GLY N 68 -50.97 17.33 4.94
C GLY N 68 -49.69 17.77 5.62
N ASN N 69 -49.35 17.16 6.76
CA ASN N 69 -48.13 17.53 7.45
C ASN N 69 -46.90 17.29 6.59
N ALA N 70 -46.85 16.13 5.94
CA ALA N 70 -45.75 15.86 5.02
C ALA N 70 -45.74 16.85 3.86
N ALA N 71 -46.92 17.13 3.30
CA ALA N 71 -47.01 18.11 2.22
C ALA N 71 -46.56 19.48 2.70
N ARG N 72 -46.86 19.80 3.96
CA ARG N 72 -46.31 21.01 4.55
C ARG N 72 -44.78 20.93 4.60
N ASP N 73 -44.26 19.79 5.01
CA ASP N 73 -42.82 19.64 5.21
C ASP N 73 -42.06 19.70 3.90
N ASN N 74 -42.60 19.12 2.84
CA ASN N 74 -41.99 19.29 1.53
C ASN N 74 -42.40 20.60 0.90
N LYS N 75 -43.15 21.42 1.65
CA LYS N 75 -43.38 22.81 1.30
C LYS N 75 -44.14 22.94 -0.02
N LYS N 76 -45.04 22.01 -0.26
CA LYS N 76 -45.95 22.07 -1.39
C LYS N 76 -47.38 22.16 -0.86
N THR N 77 -48.24 22.81 -1.62
CA THR N 77 -49.59 23.12 -1.17
C THR N 77 -50.58 22.05 -1.56
N ARG N 78 -50.12 20.98 -2.20
CA ARG N 78 -50.98 19.98 -2.77
C ARG N 78 -50.46 18.60 -2.37
N ILE N 79 -51.37 17.68 -2.04
CA ILE N 79 -50.98 16.37 -1.55
C ILE N 79 -50.90 15.39 -2.71
N ILE N 80 -49.87 14.55 -2.69
CA ILE N 80 -49.46 13.75 -3.84
C ILE N 80 -49.29 12.30 -3.40
N PRO N 81 -49.19 11.39 -4.36
CA PRO N 81 -48.89 9.99 -4.00
C PRO N 81 -47.65 9.82 -3.14
N ARG N 82 -46.60 10.61 -3.36
CA ARG N 82 -45.43 10.52 -2.49
C ARG N 82 -45.79 10.90 -1.06
N HIS N 83 -46.62 11.92 -0.88
CA HIS N 83 -47.11 12.22 0.46
C HIS N 83 -47.88 11.04 1.02
N LEU N 84 -48.68 10.40 0.20
CA LEU N 84 -49.44 9.23 0.65
C LEU N 84 -48.50 8.15 1.16
N GLN N 85 -47.42 7.90 0.44
CA GLN N 85 -46.47 6.88 0.84
C GLN N 85 -45.83 7.20 2.18
N LEU N 86 -45.29 8.41 2.31
CA LEU N 86 -44.38 8.71 3.40
C LEU N 86 -45.08 8.61 4.75
N ALA N 87 -46.22 9.30 4.90
CA ALA N 87 -46.90 9.33 6.19
C ALA N 87 -47.36 7.94 6.60
N VAL N 88 -47.93 7.20 5.66
CA VAL N 88 -48.39 5.85 5.97
C VAL N 88 -47.22 4.99 6.41
N ARG N 89 -46.13 5.04 5.67
CA ARG N 89 -44.96 4.26 5.99
C ARG N 89 -44.20 4.79 7.18
N ASN N 90 -44.46 6.02 7.59
CA ASN N 90 -43.81 6.53 8.78
C ASN N 90 -44.59 6.22 10.04
N ASP N 91 -45.91 6.01 9.93
CA ASP N 91 -46.72 5.59 11.07
C ASP N 91 -46.83 4.08 11.08
N GLU N 92 -46.59 3.48 12.25
CA GLU N 92 -46.36 2.04 12.29
C GLU N 92 -47.65 1.26 12.19
N GLU N 93 -48.68 1.66 12.95
CA GLU N 93 -49.91 0.88 12.98
C GLU N 93 -50.58 0.87 11.62
N LEU N 94 -50.64 2.03 10.97
CA LEU N 94 -51.13 2.10 9.60
C LEU N 94 -50.32 1.22 8.69
N ASN N 95 -49.00 1.26 8.84
CA ASN N 95 -48.16 0.44 7.99
C ASN N 95 -48.51 -1.01 8.15
N LYS N 96 -48.81 -1.44 9.37
CA LYS N 96 -49.25 -2.80 9.57
C LYS N 96 -50.52 -3.06 8.77
N LEU N 97 -51.47 -2.15 8.85
CA LEU N 97 -52.67 -2.27 8.03
C LEU N 97 -52.33 -2.26 6.56
N LEU N 98 -51.42 -1.38 6.15
CA LEU N 98 -51.15 -1.22 4.73
C LEU N 98 -49.90 -1.95 4.31
N GLY N 99 -49.73 -3.17 4.83
CA GLY N 99 -48.49 -3.88 4.64
C GLY N 99 -48.36 -4.57 3.30
N ARG N 100 -49.47 -4.95 2.71
CA ARG N 100 -49.49 -5.69 1.46
C ARG N 100 -49.97 -4.77 0.36
N VAL N 101 -49.65 -3.50 0.53
CA VAL N 101 -50.30 -2.43 -0.21
C VAL N 101 -49.23 -1.62 -0.90
N THR N 102 -49.44 -1.35 -2.18
CA THR N 102 -48.49 -0.61 -2.99
C THR N 102 -49.12 0.68 -3.47
N ILE N 103 -48.40 1.78 -3.29
CA ILE N 103 -48.85 3.09 -3.72
C ILE N 103 -48.15 3.41 -5.04
N ALA N 104 -48.94 3.57 -6.10
CA ALA N 104 -48.38 3.98 -7.37
C ALA N 104 -47.74 5.35 -7.22
N GLN N 105 -46.52 5.48 -7.73
CA GLN N 105 -45.72 6.67 -7.50
C GLN N 105 -45.61 6.96 -6.01
N GLY N 106 -45.49 5.91 -5.22
CA GLY N 106 -45.38 6.06 -3.78
C GLY N 106 -43.92 6.13 -3.36
N GLY N 107 -43.16 5.10 -3.70
CA GLY N 107 -41.74 5.11 -3.42
C GLY N 107 -41.38 4.44 -2.11
N VAL N 108 -40.22 4.84 -1.59
CA VAL N 108 -39.57 4.17 -0.47
C VAL N 108 -39.23 5.21 0.58
N LEU N 109 -39.35 4.81 1.84
CA LEU N 109 -38.80 5.64 2.90
C LEU N 109 -37.27 5.65 2.78
N PRO N 110 -36.63 6.80 2.94
CA PRO N 110 -35.17 6.85 2.86
C PRO N 110 -34.56 6.09 4.02
N ASN N 111 -33.65 5.16 3.70
CA ASN N 111 -33.03 4.38 4.75
C ASN N 111 -31.73 3.76 4.24
N ILE N 112 -30.64 4.04 4.93
CA ILE N 112 -29.36 3.37 4.71
C ILE N 112 -28.86 2.85 6.05
N GLN N 113 -28.46 1.58 6.07
CA GLN N 113 -28.07 0.95 7.31
C GLN N 113 -26.78 1.55 7.85
N SER N 114 -26.59 1.43 9.17
CA SER N 114 -25.52 2.17 9.84
C SER N 114 -24.14 1.75 9.35
N VAL N 115 -23.90 0.44 9.30
CA VAL N 115 -22.57 -0.06 8.92
C VAL N 115 -22.23 0.33 7.50
N LEU N 116 -23.23 0.61 6.67
CA LEU N 116 -22.97 1.01 5.29
C LEU N 116 -22.32 2.38 5.25
N LEU N 117 -22.58 3.22 6.25
CA LEU N 117 -21.98 4.54 6.30
C LEU N 117 -20.49 4.43 6.62
N PRO N 118 -19.66 5.31 6.06
CA PRO N 118 -18.24 5.32 6.43
C PRO N 118 -18.04 5.82 7.85
N LYS N 119 -16.93 5.39 8.46
CA LYS N 119 -16.59 5.82 9.80
C LYS N 119 -15.59 6.96 9.77
N SER O 33 -71.68 7.79 -19.34
CA SER O 33 -72.66 7.67 -18.25
C SER O 33 -72.06 8.16 -16.93
N ARG O 34 -72.78 7.91 -15.84
CA ARG O 34 -72.45 8.49 -14.55
C ARG O 34 -71.89 7.41 -13.61
N LYS O 35 -70.60 7.52 -13.29
CA LYS O 35 -69.93 6.61 -12.36
C LYS O 35 -69.47 7.37 -11.12
N GLU O 36 -69.68 6.77 -9.94
CA GLU O 36 -69.58 7.49 -8.68
C GLU O 36 -68.36 7.06 -7.88
N SER O 37 -67.90 7.99 -7.04
CA SER O 37 -66.71 7.83 -6.24
C SER O 37 -66.89 8.65 -4.96
N TYR O 38 -65.79 8.96 -4.29
CA TYR O 38 -65.84 9.48 -2.94
C TYR O 38 -65.07 10.79 -2.78
N ALA O 39 -64.48 11.30 -3.86
CA ALA O 39 -63.50 12.38 -3.75
C ALA O 39 -64.11 13.63 -3.13
N ILE O 40 -65.38 13.90 -3.45
CA ILE O 40 -66.01 15.08 -2.90
C ILE O 40 -66.09 14.99 -1.39
N TYR O 41 -66.56 13.86 -0.87
CA TYR O 41 -66.60 13.67 0.58
C TYR O 41 -65.20 13.68 1.16
N VAL O 42 -64.24 13.20 0.39
CA VAL O 42 -62.84 13.39 0.78
C VAL O 42 -62.53 14.86 0.93
N TYR O 43 -62.96 15.66 -0.03
CA TYR O 43 -62.41 17.00 -0.11
C TYR O 43 -63.00 17.90 0.96
N LYS O 44 -64.25 17.65 1.39
CA LYS O 44 -64.72 18.38 2.56
C LYS O 44 -63.88 18.05 3.78
N VAL O 45 -63.61 16.76 3.99
CA VAL O 45 -62.81 16.34 5.13
C VAL O 45 -61.41 16.93 5.05
N LEU O 46 -60.83 16.92 3.84
CA LEU O 46 -59.56 17.61 3.64
C LEU O 46 -59.62 19.03 4.17
N LYS O 47 -60.65 19.76 3.76
CA LYS O 47 -60.83 21.13 4.21
C LYS O 47 -61.20 21.21 5.68
N GLN O 48 -61.58 20.08 6.29
CA GLN O 48 -61.82 20.06 7.73
C GLN O 48 -60.52 19.98 8.51
N VAL O 49 -59.53 19.28 7.99
CA VAL O 49 -58.22 19.21 8.63
C VAL O 49 -57.26 20.21 8.00
N HIS O 50 -57.14 20.19 6.67
CA HIS O 50 -56.33 21.20 5.99
C HIS O 50 -57.21 22.01 5.06
N PRO O 51 -57.73 23.15 5.52
CA PRO O 51 -58.63 23.95 4.70
C PRO O 51 -57.94 24.64 3.53
N ASP O 52 -56.62 24.60 3.43
CA ASP O 52 -55.92 25.28 2.35
C ASP O 52 -54.81 24.39 1.78
N THR O 53 -55.12 23.12 1.57
CA THR O 53 -54.16 22.18 1.02
C THR O 53 -54.80 21.51 -0.20
N GLY O 54 -54.06 21.47 -1.30
CA GLY O 54 -54.53 20.82 -2.50
C GLY O 54 -54.20 19.33 -2.48
N ILE O 55 -54.67 18.64 -3.51
CA ILE O 55 -54.48 17.21 -3.65
C ILE O 55 -54.49 16.87 -5.14
N SER O 56 -53.54 16.04 -5.54
CA SER O 56 -53.43 15.68 -6.94
C SER O 56 -54.46 14.59 -7.30
N SER O 57 -54.77 14.50 -8.59
CA SER O 57 -55.68 13.47 -9.06
C SER O 57 -55.09 12.10 -8.87
N LYS O 58 -53.80 11.94 -9.14
CA LYS O 58 -53.13 10.68 -8.86
C LYS O 58 -53.32 10.31 -7.40
N ALA O 59 -53.25 11.30 -6.52
CA ALA O 59 -53.59 11.06 -5.12
C ALA O 59 -55.07 10.77 -4.97
N MET O 60 -55.95 11.53 -5.65
CA MET O 60 -57.38 11.37 -5.43
C MET O 60 -57.85 9.99 -5.88
N SER O 61 -57.31 9.50 -6.98
CA SER O 61 -57.55 8.12 -7.35
C SER O 61 -57.11 7.18 -6.24
N ILE O 62 -55.96 7.47 -5.61
CA ILE O 62 -55.45 6.60 -4.56
C ILE O 62 -56.44 6.52 -3.40
N MET O 63 -56.97 7.66 -2.98
CA MET O 63 -57.94 7.65 -1.90
C MET O 63 -59.20 6.91 -2.27
N ASN O 64 -59.71 7.14 -3.49
CA ASN O 64 -60.89 6.41 -3.93
C ASN O 64 -60.63 4.92 -3.88
N SER O 65 -59.46 4.50 -4.37
CA SER O 65 -59.08 3.10 -4.25
C SER O 65 -58.96 2.68 -2.80
N PHE O 66 -58.31 3.51 -1.99
CA PHE O 66 -58.03 3.15 -0.61
C PHE O 66 -59.32 2.97 0.19
N VAL O 67 -60.23 3.93 0.08
CA VAL O 67 -61.46 3.86 0.85
C VAL O 67 -62.28 2.65 0.44
N ASN O 68 -62.27 2.33 -0.85
CA ASN O 68 -63.08 1.22 -1.33
C ASN O 68 -62.62 -0.08 -0.67
N ASP O 69 -61.30 -0.23 -0.53
CA ASP O 69 -60.76 -1.40 0.15
C ASP O 69 -61.26 -1.50 1.58
N VAL O 70 -61.07 -0.42 2.34
CA VAL O 70 -61.29 -0.50 3.76
C VAL O 70 -62.74 -0.84 4.04
N PHE O 71 -63.64 -0.27 3.25
CA PHE O 71 -65.02 -0.75 3.24
C PHE O 71 -65.04 -2.25 3.05
N GLU O 72 -64.39 -2.73 2.00
CA GLU O 72 -64.55 -4.13 1.64
C GLU O 72 -64.03 -5.04 2.74
N ARG O 73 -62.87 -4.72 3.31
CA ARG O 73 -62.26 -5.64 4.27
C ARG O 73 -63.20 -5.91 5.42
N ILE O 74 -63.70 -4.86 6.06
CA ILE O 74 -64.65 -5.08 7.14
C ILE O 74 -65.92 -5.70 6.60
N ALA O 75 -66.40 -5.18 5.47
CA ALA O 75 -67.72 -5.56 4.99
C ALA O 75 -67.85 -7.07 4.91
N GLY O 76 -66.81 -7.73 4.43
CA GLY O 76 -66.86 -9.18 4.37
C GLY O 76 -66.93 -9.81 5.75
N GLU O 77 -66.02 -9.44 6.64
CA GLU O 77 -65.96 -10.16 7.91
C GLU O 77 -67.26 -10.01 8.67
N ALA O 78 -67.77 -8.80 8.76
CA ALA O 78 -69.06 -8.62 9.41
C ALA O 78 -70.11 -9.49 8.75
N SER O 79 -70.09 -9.58 7.43
CA SER O 79 -70.99 -10.51 6.77
C SER O 79 -70.71 -11.93 7.25
N ARG O 80 -69.43 -12.29 7.26
CA ARG O 80 -69.05 -13.59 7.80
C ARG O 80 -69.48 -13.69 9.24
N LEU O 81 -69.28 -12.62 10.01
CA LEU O 81 -69.62 -12.64 11.41
C LEU O 81 -71.06 -13.09 11.60
N ALA O 82 -71.97 -12.55 10.82
CA ALA O 82 -73.37 -12.95 10.93
C ALA O 82 -73.51 -14.45 10.74
N HIS O 83 -72.83 -14.99 9.73
CA HIS O 83 -72.89 -16.42 9.52
C HIS O 83 -72.38 -17.18 10.72
N TYR O 84 -71.40 -16.63 11.42
CA TYR O 84 -70.76 -17.40 12.48
C TYR O 84 -71.74 -17.69 13.62
N ASN O 85 -72.56 -16.72 14.00
CA ASN O 85 -73.55 -16.95 15.04
C ASN O 85 -74.90 -17.35 14.48
N LYS O 86 -74.95 -17.79 13.22
CA LYS O 86 -76.19 -18.17 12.57
C LYS O 86 -77.25 -17.09 12.64
N ARG O 87 -76.84 -15.85 12.89
CA ARG O 87 -77.77 -14.74 12.88
C ARG O 87 -77.98 -14.29 11.45
N SER O 88 -78.90 -13.35 11.24
CA SER O 88 -79.31 -13.11 9.86
C SER O 88 -79.60 -11.66 9.60
N THR O 89 -78.82 -10.76 10.19
CA THR O 89 -78.99 -9.33 9.91
C THR O 89 -77.80 -8.58 10.47
N ILE O 90 -77.12 -7.81 9.63
CA ILE O 90 -75.92 -7.11 10.05
C ILE O 90 -76.31 -5.87 10.85
N THR O 91 -75.64 -5.67 11.98
CA THR O 91 -75.77 -4.43 12.73
C THR O 91 -74.39 -3.80 12.97
N SER O 92 -74.46 -2.64 13.62
CA SER O 92 -73.27 -1.87 13.96
C SER O 92 -72.36 -2.63 14.93
N ARG O 93 -72.92 -3.41 15.83
CA ARG O 93 -72.10 -4.22 16.73
C ARG O 93 -71.11 -5.06 15.96
N GLU O 94 -71.61 -5.77 14.95
CA GLU O 94 -70.72 -6.56 14.13
C GLU O 94 -69.70 -5.67 13.47
N ILE O 95 -70.15 -4.54 12.91
CA ILE O 95 -69.21 -3.56 12.40
C ILE O 95 -68.27 -3.16 13.49
N GLN O 96 -68.82 -2.78 14.64
CA GLN O 96 -68.00 -2.47 15.80
C GLN O 96 -67.01 -3.59 16.05
N THR O 97 -67.51 -4.80 16.17
CA THR O 97 -66.64 -5.92 16.45
C THR O 97 -65.66 -6.11 15.31
N ALA O 98 -66.14 -6.01 14.07
CA ALA O 98 -65.28 -6.22 12.93
C ALA O 98 -64.14 -5.23 12.92
N VAL O 99 -64.44 -3.98 13.26
CA VAL O 99 -63.37 -2.98 13.34
C VAL O 99 -62.34 -3.43 14.37
N ARG O 100 -62.81 -3.93 15.52
CA ARG O 100 -61.87 -4.45 16.49
C ARG O 100 -61.01 -5.54 15.90
N LEU O 101 -61.50 -6.22 14.87
CA LEU O 101 -60.69 -7.28 14.29
C LEU O 101 -59.54 -6.68 13.49
N LEU O 102 -59.81 -5.62 12.73
CA LEU O 102 -58.77 -5.07 11.86
C LEU O 102 -57.89 -4.06 12.58
N LEU O 103 -58.47 -2.94 12.98
CA LEU O 103 -57.66 -1.77 13.28
C LEU O 103 -56.79 -2.03 14.51
N PRO O 104 -55.56 -1.52 14.53
CA PRO O 104 -54.66 -1.79 15.66
C PRO O 104 -54.98 -0.97 16.91
N GLY O 105 -55.31 -1.66 18.01
CA GLY O 105 -55.22 -1.09 19.33
C GLY O 105 -55.75 0.30 19.54
N GLU O 106 -54.83 1.26 19.72
CA GLU O 106 -55.20 2.62 20.08
C GLU O 106 -56.12 3.25 19.05
N LEU O 107 -55.86 3.05 17.76
CA LEU O 107 -56.76 3.59 16.76
C LEU O 107 -58.14 2.97 16.85
N ALA O 108 -58.21 1.67 17.14
CA ALA O 108 -59.50 1.02 17.26
C ALA O 108 -60.32 1.69 18.34
N LYS O 109 -59.69 1.97 19.47
CA LYS O 109 -60.37 2.65 20.56
C LYS O 109 -60.93 4.00 20.12
N HIS O 110 -60.20 4.71 19.25
CA HIS O 110 -60.70 6.00 18.79
C HIS O 110 -61.99 5.82 18.00
N ALA O 111 -61.90 5.12 16.87
CA ALA O 111 -63.00 5.08 15.93
C ALA O 111 -64.23 4.44 16.56
N VAL O 112 -64.02 3.41 17.38
CA VAL O 112 -65.17 2.75 18.02
C VAL O 112 -65.96 3.76 18.83
N SER O 113 -65.27 4.65 19.53
CA SER O 113 -65.98 5.75 20.19
C SER O 113 -66.67 6.62 19.14
N GLU O 114 -65.97 6.91 18.05
CA GLU O 114 -66.57 7.74 17.00
C GLU O 114 -67.72 7.01 16.33
N GLY O 115 -67.55 5.71 16.10
CA GLY O 115 -68.70 4.91 15.72
C GLY O 115 -69.79 4.99 16.77
N THR O 116 -69.39 4.96 18.04
CA THR O 116 -70.36 5.03 19.13
C THR O 116 -71.09 6.37 19.13
N LYS O 117 -70.33 7.45 18.96
CA LYS O 117 -70.93 8.79 19.01
C LYS O 117 -71.95 8.99 17.89
N ALA O 118 -71.56 8.67 16.65
CA ALA O 118 -72.39 9.03 15.50
C ALA O 118 -73.76 8.39 15.58
N VAL O 119 -73.81 7.09 15.84
CA VAL O 119 -75.09 6.42 15.96
C VAL O 119 -75.87 7.01 17.12
N THR O 120 -75.18 7.26 18.23
CA THR O 120 -75.81 7.97 19.35
C THR O 120 -76.33 9.32 18.88
N LYS O 121 -75.51 10.06 18.14
CA LYS O 121 -76.01 11.28 17.53
C LYS O 121 -77.11 10.98 16.53
N TYR O 122 -76.94 9.93 15.74
CA TYR O 122 -78.00 9.55 14.81
C TYR O 122 -79.24 9.13 15.56
N THR O 123 -79.10 8.23 16.53
CA THR O 123 -80.27 7.66 17.17
C THR O 123 -80.99 8.69 18.02
N SER O 124 -80.25 9.63 18.60
CA SER O 124 -80.87 10.68 19.38
C SER O 124 -81.78 11.55 18.52
N ALA O 125 -81.40 11.77 17.27
CA ALA O 125 -82.20 12.58 16.36
C ALA O 125 -82.03 12.11 14.92
N ARG P 41 -10.52 12.29 -8.99
CA ARG P 41 -11.38 11.13 -8.90
C ARG P 41 -11.97 10.99 -7.51
N TYR P 42 -13.22 10.57 -7.44
CA TYR P 42 -13.84 10.12 -6.20
C TYR P 42 -13.48 8.66 -5.94
N ARG P 43 -13.23 8.35 -4.67
CA ARG P 43 -12.91 6.98 -4.30
C ARG P 43 -14.15 6.08 -4.43
N PRO P 44 -13.95 4.80 -4.78
CA PRO P 44 -15.08 3.90 -4.97
C PRO P 44 -15.95 3.79 -3.73
N GLY P 45 -17.27 3.76 -3.95
CA GLY P 45 -18.23 3.69 -2.88
C GLY P 45 -18.82 5.03 -2.45
N THR P 46 -18.37 6.13 -3.04
CA THR P 46 -18.91 7.45 -2.74
C THR P 46 -20.09 7.80 -3.64
N VAL P 47 -19.92 7.62 -4.96
CA VAL P 47 -21.00 7.86 -5.91
C VAL P 47 -22.19 6.96 -5.61
N ALA P 48 -21.93 5.72 -5.23
CA ALA P 48 -23.01 4.79 -4.93
C ALA P 48 -23.88 5.32 -3.80
N LEU P 49 -23.25 5.79 -2.72
CA LEU P 49 -24.02 6.40 -1.65
C LEU P 49 -24.83 7.57 -2.16
N ARG P 50 -24.20 8.42 -2.97
CA ARG P 50 -24.92 9.52 -3.59
C ARG P 50 -25.98 9.00 -4.54
N GLU P 51 -25.68 7.93 -5.28
CA GLU P 51 -26.69 7.27 -6.09
C GLU P 51 -27.83 6.76 -5.24
N ILE P 52 -27.50 6.06 -4.16
CA ILE P 52 -28.53 5.55 -3.25
C ILE P 52 -29.33 6.70 -2.66
N ARG P 53 -28.62 7.72 -2.16
CA ARG P 53 -29.28 8.93 -1.66
C ARG P 53 -30.16 9.57 -2.72
N ARG P 54 -29.65 9.61 -3.96
CA ARG P 54 -30.40 10.23 -5.04
C ARG P 54 -31.74 9.54 -5.26
N TYR P 55 -31.74 8.22 -5.40
CA TYR P 55 -32.93 7.53 -5.87
C TYR P 55 -34.01 7.37 -4.81
N GLN P 56 -33.64 7.40 -3.53
CA GLN P 56 -34.66 7.12 -2.53
C GLN P 56 -35.67 8.25 -2.40
N LYS P 57 -35.27 9.49 -2.72
CA LYS P 57 -36.27 10.54 -2.89
C LYS P 57 -36.79 10.59 -4.32
N SER P 58 -36.08 10.01 -5.29
CA SER P 58 -36.68 9.89 -6.61
C SER P 58 -37.83 8.88 -6.52
N THR P 59 -38.83 9.03 -7.38
CA THR P 59 -40.05 8.22 -7.21
C THR P 59 -40.54 7.57 -8.50
N GLU P 60 -40.23 8.11 -9.66
CA GLU P 60 -40.76 7.56 -10.88
C GLU P 60 -40.00 6.26 -11.18
N LEU P 61 -40.38 5.61 -12.28
CA LEU P 61 -39.86 4.31 -12.67
C LEU P 61 -38.34 4.35 -12.84
N LEU P 62 -37.74 3.16 -12.92
CA LEU P 62 -36.34 3.01 -13.26
C LEU P 62 -36.12 2.05 -14.42
N ILE P 63 -37.19 1.53 -15.02
CA ILE P 63 -37.13 0.63 -16.16
C ILE P 63 -37.68 1.33 -17.38
N ARG P 64 -37.00 1.17 -18.51
CA ARG P 64 -37.48 1.73 -19.77
C ARG P 64 -38.81 1.09 -20.15
N LYS P 65 -39.75 1.93 -20.61
CA LYS P 65 -41.10 1.45 -20.89
C LYS P 65 -41.13 0.49 -22.08
N LEU P 66 -40.52 0.89 -23.21
CA LEU P 66 -40.53 0.02 -24.38
C LEU P 66 -39.84 -1.31 -24.13
N PRO P 67 -38.62 -1.36 -23.57
CA PRO P 67 -38.10 -2.66 -23.10
C PRO P 67 -39.00 -3.31 -22.07
N PHE P 68 -39.65 -2.52 -21.20
CA PHE P 68 -40.70 -3.09 -20.37
C PHE P 68 -41.87 -3.58 -21.21
N GLN P 69 -42.39 -2.72 -22.08
CA GLN P 69 -43.61 -3.07 -22.82
C GLN P 69 -43.42 -4.31 -23.68
N ARG P 70 -42.30 -4.37 -24.39
CA ARG P 70 -42.05 -5.46 -25.31
C ARG P 70 -41.98 -6.79 -24.56
N LEU P 71 -41.27 -6.81 -23.44
CA LEU P 71 -41.12 -8.04 -22.67
C LEU P 71 -42.45 -8.53 -22.15
N VAL P 72 -43.31 -7.60 -21.73
CA VAL P 72 -44.63 -7.99 -21.26
C VAL P 72 -45.39 -8.71 -22.36
N ARG P 73 -45.42 -8.11 -23.54
CA ARG P 73 -46.21 -8.69 -24.63
C ARG P 73 -45.67 -10.05 -25.03
N GLU P 74 -44.35 -10.21 -25.02
CA GLU P 74 -43.76 -11.52 -25.31
C GLU P 74 -44.22 -12.56 -24.31
N ILE P 75 -44.17 -12.21 -23.02
CA ILE P 75 -44.52 -13.18 -21.98
C ILE P 75 -46.00 -13.51 -22.05
N ALA P 76 -46.84 -12.50 -22.21
CA ALA P 76 -48.28 -12.72 -22.31
C ALA P 76 -48.65 -13.59 -23.50
N GLN P 77 -47.82 -13.57 -24.54
CA GLN P 77 -48.06 -14.40 -25.71
C GLN P 77 -48.13 -15.88 -25.37
N ASP P 78 -47.46 -16.29 -24.30
CA ASP P 78 -47.24 -17.70 -24.01
C ASP P 78 -48.47 -18.38 -23.43
N PHE P 79 -49.46 -17.64 -22.98
CA PHE P 79 -50.66 -18.22 -22.39
C PHE P 79 -51.83 -18.19 -23.35
N LYS P 80 -52.11 -17.04 -23.94
CA LYS P 80 -53.04 -16.92 -25.05
C LYS P 80 -52.41 -16.03 -26.10
N THR P 81 -52.82 -16.23 -27.34
CA THR P 81 -52.30 -15.44 -28.44
C THR P 81 -53.12 -14.17 -28.64
N ASP P 82 -52.46 -13.17 -29.25
CA ASP P 82 -53.13 -12.04 -29.87
C ASP P 82 -53.91 -11.22 -28.84
N LEU P 83 -53.22 -10.80 -27.80
CA LEU P 83 -53.86 -10.00 -26.76
C LEU P 83 -53.89 -8.55 -27.20
N ARG P 84 -54.37 -7.70 -26.30
CA ARG P 84 -54.44 -6.26 -26.51
C ARG P 84 -54.41 -5.61 -25.13
N PHE P 85 -53.55 -4.62 -24.96
CA PHE P 85 -53.17 -4.14 -23.65
C PHE P 85 -53.70 -2.73 -23.46
N GLN P 86 -54.24 -2.45 -22.27
CA GLN P 86 -54.40 -1.06 -21.88
C GLN P 86 -53.09 -0.55 -21.29
N SER P 87 -52.70 0.65 -21.70
CA SER P 87 -51.47 1.23 -21.17
C SER P 87 -51.50 1.22 -19.66
N SER P 88 -52.67 1.49 -19.09
CA SER P 88 -52.83 1.34 -17.66
C SER P 88 -52.47 -0.05 -17.21
N ALA P 89 -52.95 -1.07 -17.93
CA ALA P 89 -52.65 -2.44 -17.52
C ALA P 89 -51.16 -2.69 -17.51
N VAL P 90 -50.49 -2.31 -18.59
CA VAL P 90 -49.04 -2.46 -18.64
C VAL P 90 -48.39 -1.59 -17.59
N MET P 91 -48.82 -0.33 -17.49
CA MET P 91 -48.23 0.54 -16.48
C MET P 91 -48.50 -0.01 -15.09
N ALA P 92 -49.74 -0.42 -14.85
CA ALA P 92 -50.05 -1.07 -13.57
C ALA P 92 -49.15 -2.26 -13.35
N LEU P 93 -48.87 -3.00 -14.42
CA LEU P 93 -47.92 -4.09 -14.31
C LEU P 93 -46.56 -3.58 -13.88
N GLN P 94 -46.11 -2.48 -14.49
CA GLN P 94 -44.76 -2.03 -14.26
C GLN P 94 -44.55 -1.60 -12.82
N GLU P 95 -45.52 -0.87 -12.27
CA GLU P 95 -45.41 -0.45 -10.87
C GLU P 95 -45.24 -1.66 -9.96
N ALA P 96 -46.02 -2.71 -10.22
CA ALA P 96 -45.91 -3.92 -9.41
C ALA P 96 -44.51 -4.50 -9.50
N SER P 97 -43.96 -4.55 -10.70
CA SER P 97 -42.71 -5.29 -10.92
C SER P 97 -41.54 -4.64 -10.20
N GLU P 98 -41.34 -3.33 -10.41
CA GLU P 98 -40.26 -2.67 -9.71
C GLU P 98 -40.49 -2.70 -8.21
N ALA P 99 -41.72 -2.41 -7.80
CA ALA P 99 -42.06 -2.51 -6.39
C ALA P 99 -41.77 -3.91 -5.88
N TYR P 100 -42.10 -4.91 -6.67
CA TYR P 100 -41.60 -6.24 -6.39
C TYR P 100 -40.10 -6.25 -6.21
N LEU P 101 -39.36 -5.81 -7.23
CA LEU P 101 -37.94 -6.11 -7.27
C LEU P 101 -37.20 -5.50 -6.10
N VAL P 102 -37.54 -4.26 -5.77
CA VAL P 102 -36.75 -3.50 -4.79
C VAL P 102 -36.77 -4.17 -3.43
N ALA P 103 -37.96 -4.61 -2.99
CA ALA P 103 -38.06 -5.19 -1.67
C ALA P 103 -37.18 -6.42 -1.54
N LEU P 104 -37.17 -7.27 -2.56
CA LEU P 104 -36.33 -8.45 -2.53
C LEU P 104 -34.88 -8.05 -2.36
N PHE P 105 -34.51 -6.92 -2.95
CA PHE P 105 -33.13 -6.47 -2.87
C PHE P 105 -32.77 -6.19 -1.43
N GLU P 106 -33.66 -5.48 -0.74
CA GLU P 106 -33.45 -5.19 0.67
C GLU P 106 -33.32 -6.47 1.47
N ASP P 107 -34.20 -7.43 1.20
CA ASP P 107 -34.06 -8.74 1.84
C ASP P 107 -32.73 -9.35 1.50
N THR P 108 -32.37 -9.34 0.22
CA THR P 108 -31.09 -9.89 -0.19
C THR P 108 -29.94 -9.14 0.46
N ASN P 109 -30.04 -7.81 0.50
CA ASN P 109 -29.00 -7.03 1.16
C ASN P 109 -28.86 -7.45 2.61
N LEU P 110 -29.99 -7.61 3.29
CA LEU P 110 -29.94 -8.09 4.67
C LEU P 110 -29.24 -9.43 4.74
N CYS P 111 -29.54 -10.32 3.79
CA CYS P 111 -28.84 -11.59 3.74
C CYS P 111 -27.35 -11.38 3.59
N ALA P 112 -26.94 -10.53 2.64
CA ALA P 112 -25.53 -10.30 2.43
C ALA P 112 -24.87 -9.76 3.67
N ILE P 113 -25.52 -8.80 4.33
CA ILE P 113 -24.94 -8.20 5.52
C ILE P 113 -24.80 -9.25 6.61
N HIS P 114 -25.81 -10.12 6.75
CA HIS P 114 -25.74 -11.11 7.81
C HIS P 114 -24.58 -12.07 7.59
N ALA P 115 -24.20 -12.27 6.34
CA ALA P 115 -22.99 -13.02 6.05
C ALA P 115 -21.74 -12.19 6.22
N LYS P 116 -21.87 -11.04 6.88
CA LYS P 116 -20.74 -10.14 7.09
C LYS P 116 -20.10 -9.77 5.75
N ARG P 117 -20.91 -9.22 4.86
CA ARG P 117 -20.45 -8.78 3.56
C ARG P 117 -21.08 -7.42 3.25
N VAL P 118 -20.65 -6.84 2.13
CA VAL P 118 -21.28 -5.64 1.59
C VAL P 118 -21.54 -5.92 0.11
N THR P 119 -21.21 -7.12 -0.32
CA THR P 119 -21.35 -7.52 -1.72
C THR P 119 -22.42 -8.59 -1.79
N ILE P 120 -23.55 -8.24 -2.41
CA ILE P 120 -24.62 -9.21 -2.57
C ILE P 120 -24.18 -10.32 -3.52
N MET P 121 -24.74 -11.51 -3.32
CA MET P 121 -24.49 -12.63 -4.22
C MET P 121 -25.79 -13.40 -4.41
N PRO P 122 -25.94 -14.12 -5.53
CA PRO P 122 -27.24 -14.72 -5.85
C PRO P 122 -27.79 -15.66 -4.79
N LYS P 123 -26.92 -16.38 -4.08
CA LYS P 123 -27.40 -17.25 -3.03
C LYS P 123 -28.17 -16.48 -1.96
N ASP P 124 -27.74 -15.25 -1.68
CA ASP P 124 -28.50 -14.40 -0.77
C ASP P 124 -29.93 -14.26 -1.25
N ILE P 125 -30.11 -14.08 -2.55
CA ILE P 125 -31.45 -14.04 -3.13
C ILE P 125 -32.14 -15.36 -2.88
N GLN P 126 -31.47 -16.46 -3.21
CA GLN P 126 -32.07 -17.77 -3.07
C GLN P 126 -32.40 -18.07 -1.62
N LEU P 127 -31.47 -17.77 -0.71
CA LEU P 127 -31.80 -17.89 0.71
C LEU P 127 -33.00 -17.01 1.04
N ALA P 128 -33.02 -15.78 0.53
CA ALA P 128 -34.20 -14.93 0.71
C ALA P 128 -35.41 -15.53 0.03
N ARG P 129 -35.25 -16.01 -1.20
CA ARG P 129 -36.39 -16.53 -1.95
C ARG P 129 -36.98 -17.73 -1.24
N ARG P 130 -36.13 -18.49 -0.57
CA ARG P 130 -36.62 -19.65 0.17
C ARG P 130 -37.49 -19.23 1.35
N ILE P 131 -37.01 -18.28 2.14
CA ILE P 131 -37.62 -18.03 3.44
C ILE P 131 -39.00 -17.44 3.29
N ARG P 132 -39.18 -16.53 2.35
CA ARG P 132 -40.52 -16.02 2.07
C ARG P 132 -41.45 -17.12 1.59
N GLY P 133 -40.90 -18.25 1.15
CA GLY P 133 -41.68 -19.44 0.92
C GLY P 133 -42.31 -19.55 -0.45
N GLU P 134 -41.98 -18.67 -1.38
CA GLU P 134 -42.33 -18.85 -2.78
C GLU P 134 -41.29 -19.63 -3.56
N ARG P 135 -40.16 -19.98 -2.93
CA ARG P 135 -39.10 -20.66 -3.63
C ARG P 135 -39.61 -21.99 -4.16
N ARG Q 24 -38.05 -13.03 -27.59
CA ARG Q 24 -36.82 -12.48 -28.13
C ARG Q 24 -36.18 -11.49 -27.16
N ASP Q 25 -35.41 -12.03 -26.21
CA ASP Q 25 -34.44 -11.34 -25.36
C ASP Q 25 -34.91 -9.99 -24.83
N ASN Q 26 -36.22 -9.83 -24.65
CA ASN Q 26 -36.70 -8.59 -24.06
C ASN Q 26 -36.38 -8.55 -22.58
N ILE Q 27 -36.13 -9.73 -22.00
CA ILE Q 27 -35.60 -9.79 -20.64
C ILE Q 27 -34.27 -9.06 -20.56
N GLN Q 28 -33.45 -9.14 -21.61
CA GLN Q 28 -32.20 -8.43 -21.59
C GLN Q 28 -32.41 -6.94 -21.78
N GLY Q 29 -33.56 -6.55 -22.32
CA GLY Q 29 -33.88 -5.14 -22.46
C GLY Q 29 -33.93 -4.43 -21.13
N ILE Q 30 -34.03 -5.19 -20.05
CA ILE Q 30 -33.85 -4.66 -18.71
C ILE Q 30 -32.34 -4.56 -18.47
N THR Q 31 -31.79 -3.38 -18.71
CA THR Q 31 -30.36 -3.20 -18.75
C THR Q 31 -29.75 -3.33 -17.37
N LYS Q 32 -28.42 -3.41 -17.33
CA LYS Q 32 -27.71 -3.35 -16.05
C LYS Q 32 -27.98 -2.08 -15.27
N PRO Q 33 -27.89 -0.88 -15.85
CA PRO Q 33 -28.29 0.30 -15.08
C PRO Q 33 -29.73 0.24 -14.62
N ALA Q 34 -30.61 -0.34 -15.46
CA ALA Q 34 -31.97 -0.59 -15.02
C ALA Q 34 -31.98 -1.49 -13.80
N ILE Q 35 -31.16 -2.53 -13.82
CA ILE Q 35 -31.00 -3.37 -12.65
C ILE Q 35 -30.34 -2.58 -11.52
N ARG Q 36 -29.24 -1.89 -11.84
CA ARG Q 36 -28.46 -1.25 -10.79
C ARG Q 36 -29.24 -0.11 -10.14
N ARG Q 37 -30.03 0.63 -10.92
CA ARG Q 37 -30.85 1.69 -10.35
C ARG Q 37 -31.80 1.14 -9.30
N LEU Q 38 -32.41 0.00 -9.60
CA LEU Q 38 -33.39 -0.57 -8.68
C LEU Q 38 -32.73 -0.96 -7.37
N ALA Q 39 -31.55 -1.58 -7.44
CA ALA Q 39 -30.82 -1.94 -6.24
C ALA Q 39 -30.35 -0.70 -5.50
N ARG Q 40 -30.00 0.36 -6.22
CA ARG Q 40 -29.67 1.62 -5.58
C ARG Q 40 -30.87 2.15 -4.81
N ARG Q 41 -32.03 2.19 -5.45
CA ARG Q 41 -33.24 2.58 -4.75
C ARG Q 41 -33.59 1.55 -3.67
N GLY Q 42 -33.17 0.30 -3.88
CA GLY Q 42 -33.21 -0.70 -2.84
C GLY Q 42 -32.13 -0.53 -1.78
N GLY Q 43 -31.15 0.32 -2.02
CA GLY Q 43 -30.14 0.61 -1.02
C GLY Q 43 -28.86 -0.18 -1.13
N VAL Q 44 -28.62 -0.84 -2.25
CA VAL Q 44 -27.48 -1.74 -2.38
C VAL Q 44 -26.23 -0.92 -2.71
N LYS Q 45 -25.17 -1.09 -1.92
CA LYS Q 45 -23.93 -0.40 -2.23
C LYS Q 45 -23.09 -1.13 -3.27
N ARG Q 46 -22.86 -2.43 -3.10
CA ARG Q 46 -21.93 -3.15 -3.96
C ARG Q 46 -22.57 -4.43 -4.50
N ILE Q 47 -22.48 -4.60 -5.82
CA ILE Q 47 -23.24 -5.58 -6.56
C ILE Q 47 -22.27 -6.54 -7.24
N SER Q 48 -22.61 -7.81 -7.26
CA SER Q 48 -21.84 -8.79 -8.01
C SER Q 48 -22.17 -8.65 -9.49
N GLY Q 49 -21.63 -9.55 -10.30
CA GLY Q 49 -21.92 -9.54 -11.73
C GLY Q 49 -22.92 -10.61 -12.10
N LEU Q 50 -22.98 -11.67 -11.30
CA LEU Q 50 -23.94 -12.74 -11.53
C LEU Q 50 -25.34 -12.37 -11.09
N ILE Q 51 -25.47 -11.24 -10.40
CA ILE Q 51 -26.76 -10.80 -9.90
C ILE Q 51 -27.72 -10.56 -11.05
N TYR Q 52 -27.20 -10.09 -12.17
CA TYR Q 52 -28.03 -9.57 -13.25
C TYR Q 52 -28.84 -10.68 -13.90
N GLU Q 53 -28.22 -11.82 -14.14
CA GLU Q 53 -28.95 -12.93 -14.74
C GLU Q 53 -29.90 -13.58 -13.74
N GLU Q 54 -29.47 -13.68 -12.48
CA GLU Q 54 -30.34 -14.15 -11.42
C GLU Q 54 -31.64 -13.34 -11.40
N THR Q 55 -31.50 -12.02 -11.42
CA THR Q 55 -32.68 -11.16 -11.42
C THR Q 55 -33.55 -11.44 -12.63
N ARG Q 56 -32.92 -11.56 -13.79
CA ARG Q 56 -33.66 -11.64 -15.03
C ARG Q 56 -34.53 -12.90 -15.08
N GLY Q 57 -33.99 -14.03 -14.60
CA GLY Q 57 -34.82 -15.22 -14.54
C GLY Q 57 -35.97 -15.09 -13.56
N VAL Q 58 -35.68 -14.61 -12.36
CA VAL Q 58 -36.69 -14.61 -11.31
C VAL Q 58 -37.83 -13.66 -11.67
N LEU Q 59 -37.49 -12.47 -12.15
CA LEU Q 59 -38.53 -11.50 -12.47
C LEU Q 59 -39.52 -12.06 -13.48
N LYS Q 60 -39.04 -12.91 -14.38
CA LYS Q 60 -39.95 -13.59 -15.28
C LYS Q 60 -41.02 -14.33 -14.51
N VAL Q 61 -40.61 -14.99 -13.42
CA VAL Q 61 -41.56 -15.77 -12.62
C VAL Q 61 -42.64 -14.87 -12.08
N PHE Q 62 -42.26 -13.72 -11.53
CA PHE Q 62 -43.25 -12.75 -11.08
C PHE Q 62 -44.20 -12.40 -12.21
N LEU Q 63 -43.65 -12.04 -13.36
CA LEU Q 63 -44.48 -11.59 -14.46
C LEU Q 63 -45.36 -12.70 -14.98
N GLU Q 64 -44.75 -13.85 -15.27
CA GLU Q 64 -45.47 -14.95 -15.90
C GLU Q 64 -46.67 -15.38 -15.06
N ASN Q 65 -46.46 -15.50 -13.76
CA ASN Q 65 -47.53 -15.92 -12.88
C ASN Q 65 -48.70 -14.97 -12.98
N VAL Q 66 -48.41 -13.68 -12.90
CA VAL Q 66 -49.46 -12.68 -12.95
C VAL Q 66 -50.17 -12.72 -14.28
N ILE Q 67 -49.41 -12.60 -15.38
CA ILE Q 67 -50.03 -12.40 -16.67
C ILE Q 67 -50.85 -13.63 -17.05
N ARG Q 68 -50.39 -14.81 -16.63
CA ARG Q 68 -51.19 -16.01 -16.81
C ARG Q 68 -52.57 -15.81 -16.22
N ASP Q 69 -52.61 -15.43 -14.96
CA ASP Q 69 -53.88 -15.33 -14.27
C ASP Q 69 -54.63 -14.10 -14.74
N ALA Q 70 -53.89 -13.03 -15.05
CA ALA Q 70 -54.54 -11.79 -15.46
C ALA Q 70 -55.42 -12.02 -16.67
N VAL Q 71 -54.89 -12.71 -17.68
CA VAL Q 71 -55.67 -12.88 -18.89
C VAL Q 71 -56.86 -13.79 -18.60
N THR Q 72 -56.71 -14.69 -17.64
CA THR Q 72 -57.80 -15.59 -17.28
C THR Q 72 -59.06 -14.78 -16.94
N TYR Q 73 -58.87 -13.63 -16.30
CA TYR Q 73 -59.96 -12.68 -16.19
C TYR Q 73 -60.43 -12.24 -17.56
N THR Q 74 -59.49 -11.77 -18.39
CA THR Q 74 -59.88 -11.16 -19.65
C THR Q 74 -60.63 -12.15 -20.52
N GLU Q 75 -60.14 -13.38 -20.57
CA GLU Q 75 -60.86 -14.40 -21.32
C GLU Q 75 -62.25 -14.62 -20.75
N HIS Q 76 -62.36 -14.76 -19.43
CA HIS Q 76 -63.64 -15.14 -18.88
C HIS Q 76 -64.60 -13.97 -18.99
N ALA Q 77 -64.06 -12.76 -18.88
CA ALA Q 77 -64.80 -11.53 -19.13
C ALA Q 77 -65.11 -11.33 -20.61
N LYS Q 78 -64.65 -12.24 -21.48
CA LYS Q 78 -65.06 -12.26 -22.87
C LYS Q 78 -64.55 -11.02 -23.64
N ARG Q 79 -63.38 -10.53 -23.27
CA ARG Q 79 -62.73 -9.47 -24.02
C ARG Q 79 -61.52 -10.00 -24.77
N LYS Q 80 -60.93 -9.15 -25.61
CA LYS Q 80 -59.60 -9.37 -26.15
C LYS Q 80 -58.64 -8.23 -25.80
N THR Q 81 -59.01 -7.37 -24.87
CA THR Q 81 -58.19 -6.23 -24.48
C THR Q 81 -57.96 -6.27 -22.97
N VAL Q 82 -56.73 -6.02 -22.57
CA VAL Q 82 -56.32 -6.19 -21.18
C VAL Q 82 -56.59 -4.91 -20.41
N THR Q 83 -57.56 -4.94 -19.50
CA THR Q 83 -57.75 -3.83 -18.59
C THR Q 83 -56.83 -3.98 -17.38
N ALA Q 84 -56.41 -2.84 -16.84
CA ALA Q 84 -55.73 -2.87 -15.55
C ALA Q 84 -56.67 -3.35 -14.46
N MET Q 85 -57.97 -3.18 -14.66
CA MET Q 85 -58.93 -3.63 -13.67
C MET Q 85 -58.82 -5.14 -13.45
N ASP Q 86 -58.60 -5.87 -14.53
CA ASP Q 86 -58.16 -7.25 -14.37
C ASP Q 86 -56.86 -7.33 -13.60
N VAL Q 87 -55.88 -6.51 -13.98
CA VAL Q 87 -54.56 -6.58 -13.37
C VAL Q 87 -54.65 -6.35 -11.88
N VAL Q 88 -55.43 -5.34 -11.49
CA VAL Q 88 -55.66 -5.09 -10.08
C VAL Q 88 -56.28 -6.31 -9.44
N TYR Q 89 -57.26 -6.91 -10.10
CA TYR Q 89 -57.93 -8.06 -9.53
C TYR Q 89 -56.91 -9.14 -9.20
N ALA Q 90 -56.01 -9.39 -10.14
CA ALA Q 90 -55.06 -10.48 -9.98
C ALA Q 90 -54.03 -10.17 -8.90
N LEU Q 91 -53.43 -8.99 -8.94
CA LEU Q 91 -52.35 -8.70 -8.01
C LEU Q 91 -52.84 -8.81 -6.58
N LYS Q 92 -54.06 -8.33 -6.33
CA LYS Q 92 -54.73 -8.66 -5.09
C LYS Q 92 -54.85 -10.15 -4.91
N ARG Q 93 -55.29 -10.86 -5.94
CA ARG Q 93 -55.47 -12.29 -5.80
C ARG Q 93 -54.15 -12.98 -5.49
N GLN Q 94 -53.05 -12.44 -6.00
CA GLN Q 94 -51.78 -12.92 -5.49
C GLN Q 94 -51.54 -12.50 -4.06
N GLY Q 95 -52.05 -11.35 -3.63
CA GLY Q 95 -51.76 -10.82 -2.32
C GLY Q 95 -51.01 -9.51 -2.31
N ARG Q 96 -50.68 -8.94 -3.46
CA ARG Q 96 -50.12 -7.60 -3.53
C ARG Q 96 -51.25 -6.63 -3.92
N THR Q 97 -51.91 -6.11 -2.90
CA THR Q 97 -52.92 -5.07 -3.12
C THR Q 97 -52.28 -3.78 -3.60
N LEU Q 98 -52.93 -3.14 -4.58
CA LEU Q 98 -52.39 -1.97 -5.25
C LEU Q 98 -53.43 -0.89 -5.30
N TYR Q 99 -53.01 0.34 -5.03
CA TYR Q 99 -53.87 1.50 -5.15
C TYR Q 99 -53.45 2.33 -6.35
N GLY Q 100 -54.43 2.88 -7.06
CA GLY Q 100 -54.18 4.00 -7.94
C GLY Q 100 -54.61 3.88 -9.38
N PHE Q 101 -55.17 2.77 -9.84
CA PHE Q 101 -55.49 2.63 -11.26
C PHE Q 101 -56.92 2.20 -11.51
N GLY Q 102 -57.88 2.91 -10.94
CA GLY Q 102 -59.27 2.61 -11.16
C GLY Q 102 -59.68 1.55 -10.17
N GLY Q 103 -60.53 1.91 -9.22
CA GLY Q 103 -60.85 1.02 -8.13
C GLY Q 103 -59.66 0.79 -7.22
N ALA R 13 -92.94 -39.79 -11.88
CA ALA R 13 -91.86 -40.62 -12.40
C ALA R 13 -91.20 -41.42 -11.27
N LYS R 14 -89.88 -41.57 -11.36
CA LYS R 14 -89.10 -42.29 -10.37
C LYS R 14 -87.96 -41.39 -9.91
N ALA R 15 -87.79 -41.27 -8.59
CA ALA R 15 -86.81 -40.34 -8.04
C ALA R 15 -85.40 -40.83 -8.36
N LYS R 16 -84.59 -39.93 -8.93
CA LYS R 16 -83.25 -40.28 -9.38
C LYS R 16 -82.31 -39.14 -8.97
N THR R 17 -81.34 -39.46 -8.13
CA THR R 17 -80.48 -38.42 -7.59
C THR R 17 -79.65 -37.82 -8.71
N ARG R 18 -79.41 -36.51 -8.58
CA ARG R 18 -78.60 -35.81 -9.55
C ARG R 18 -77.19 -36.37 -9.59
N SER R 19 -76.64 -36.73 -8.42
CA SER R 19 -75.31 -37.33 -8.36
C SER R 19 -75.26 -38.62 -9.17
N SER R 20 -76.29 -39.43 -9.05
CA SER R 20 -76.43 -40.56 -9.95
C SER R 20 -76.53 -40.09 -11.39
N ARG R 21 -77.32 -39.05 -11.62
CA ARG R 21 -77.52 -38.56 -12.98
C ARG R 21 -76.20 -38.12 -13.60
N ALA R 22 -75.38 -37.42 -12.83
CA ALA R 22 -74.03 -37.14 -13.27
C ALA R 22 -73.12 -38.35 -13.13
N GLY R 23 -73.58 -39.43 -12.51
CA GLY R 23 -72.70 -40.54 -12.23
C GLY R 23 -71.66 -40.19 -11.18
N LEU R 24 -71.99 -39.29 -10.28
CA LEU R 24 -71.09 -38.83 -9.26
C LEU R 24 -71.51 -39.46 -7.92
N GLN R 25 -70.68 -39.24 -6.91
CA GLN R 25 -70.90 -39.75 -5.56
C GLN R 25 -71.22 -38.66 -4.54
N PHE R 26 -70.89 -37.42 -4.84
CA PHE R 26 -71.01 -36.34 -3.87
C PHE R 26 -72.42 -35.79 -3.92
N PRO R 27 -72.99 -35.42 -2.77
CA PRO R 27 -74.38 -34.98 -2.75
C PRO R 27 -74.54 -33.56 -3.25
N VAL R 28 -74.99 -33.42 -4.50
CA VAL R 28 -75.12 -32.10 -5.10
C VAL R 28 -76.32 -31.36 -4.53
N GLY R 29 -77.39 -32.10 -4.20
CA GLY R 29 -78.54 -31.47 -3.58
C GLY R 29 -78.18 -30.79 -2.28
N ARG R 30 -77.27 -31.39 -1.53
CA ARG R 30 -76.79 -30.76 -0.31
C ARG R 30 -76.21 -29.38 -0.61
N VAL R 31 -75.32 -29.31 -1.60
CA VAL R 31 -74.61 -28.06 -1.87
C VAL R 31 -75.54 -27.04 -2.51
N HIS R 32 -76.40 -27.47 -3.42
CA HIS R 32 -77.30 -26.51 -4.05
C HIS R 32 -78.13 -25.80 -2.98
N ARG R 33 -78.59 -26.53 -1.98
CA ARG R 33 -79.01 -25.91 -0.74
C ARG R 33 -77.92 -25.05 -0.13
N LEU R 34 -76.72 -25.61 0.01
CA LEU R 34 -75.67 -24.88 0.71
C LEU R 34 -75.27 -23.63 -0.07
N LEU R 35 -75.13 -23.76 -1.39
CA LEU R 35 -74.94 -22.59 -2.22
C LEU R 35 -76.08 -21.62 -2.05
N ARG R 36 -77.29 -22.14 -1.86
CA ARG R 36 -78.47 -21.30 -1.76
C ARG R 36 -78.44 -20.50 -0.48
N LYS R 37 -78.05 -21.13 0.62
CA LYS R 37 -77.87 -20.38 1.86
C LYS R 37 -76.50 -19.74 1.97
N GLY R 38 -75.56 -20.07 1.09
CA GLY R 38 -74.21 -19.57 1.19
C GLY R 38 -74.04 -18.13 0.81
N ASN R 39 -75.10 -17.52 0.26
CA ASN R 39 -75.13 -16.09 -0.01
C ASN R 39 -73.96 -15.68 -0.90
N TYR R 40 -73.61 -16.57 -1.81
CA TYR R 40 -72.61 -16.26 -2.81
C TYR R 40 -73.22 -15.55 -4.01
N ALA R 41 -74.47 -15.86 -4.33
CA ALA R 41 -75.23 -15.05 -5.26
C ALA R 41 -76.71 -15.21 -4.94
N GLU R 42 -77.50 -14.26 -5.39
CA GLU R 42 -78.93 -14.35 -5.19
C GLU R 42 -79.59 -15.36 -6.12
N ARG R 43 -78.98 -15.64 -7.28
CA ARG R 43 -79.34 -16.82 -8.05
C ARG R 43 -78.08 -17.61 -8.35
N VAL R 44 -78.30 -18.90 -8.61
CA VAL R 44 -77.24 -19.88 -8.75
C VAL R 44 -77.58 -20.79 -9.92
N GLY R 45 -76.60 -21.07 -10.78
CA GLY R 45 -76.81 -21.99 -11.87
C GLY R 45 -77.03 -23.41 -11.37
N ALA R 46 -77.51 -24.27 -12.27
CA ALA R 46 -77.84 -25.63 -11.89
C ALA R 46 -76.67 -26.58 -12.02
N GLY R 47 -75.78 -26.36 -12.98
CA GLY R 47 -74.68 -27.28 -13.18
C GLY R 47 -73.50 -26.89 -12.33
N ALA R 48 -73.50 -25.66 -11.84
CA ALA R 48 -72.47 -25.24 -10.91
C ALA R 48 -72.41 -26.13 -9.67
N PRO R 49 -73.53 -26.40 -8.97
CA PRO R 49 -73.43 -27.34 -7.84
C PRO R 49 -72.91 -28.67 -8.32
N VAL R 50 -73.35 -29.06 -9.50
CA VAL R 50 -72.83 -30.25 -10.14
C VAL R 50 -71.35 -30.07 -10.45
N TYR R 51 -71.03 -29.00 -11.18
CA TYR R 51 -69.69 -28.88 -11.77
C TYR R 51 -68.62 -29.00 -10.70
N LEU R 52 -68.78 -28.24 -9.63
CA LEU R 52 -67.83 -28.32 -8.53
C LEU R 52 -67.83 -29.70 -7.88
N ALA R 53 -69.01 -30.29 -7.73
CA ALA R 53 -69.13 -31.43 -6.84
C ALA R 53 -68.29 -32.59 -7.33
N ALA R 54 -68.21 -32.78 -8.64
CA ALA R 54 -67.35 -33.83 -9.15
C ALA R 54 -65.88 -33.52 -8.89
N VAL R 55 -65.46 -32.29 -9.19
CA VAL R 55 -64.07 -31.91 -8.94
C VAL R 55 -63.74 -32.11 -7.47
N LEU R 56 -64.75 -31.91 -6.61
CA LEU R 56 -64.60 -32.27 -5.21
C LEU R 56 -64.20 -33.73 -5.06
N GLU R 57 -64.86 -34.61 -5.81
CA GLU R 57 -64.48 -36.02 -5.79
C GLU R 57 -63.05 -36.21 -6.31
N TYR R 58 -62.67 -35.43 -7.32
CA TYR R 58 -61.34 -35.58 -7.90
C TYR R 58 -60.25 -35.40 -6.86
N LEU R 59 -60.28 -34.29 -6.13
CA LEU R 59 -59.16 -33.98 -5.25
C LEU R 59 -59.10 -34.94 -4.08
N THR R 60 -60.26 -35.26 -3.49
CA THR R 60 -60.27 -36.22 -2.40
C THR R 60 -59.62 -37.52 -2.82
N ALA R 61 -60.08 -38.07 -3.95
CA ALA R 61 -59.44 -39.27 -4.46
C ALA R 61 -57.97 -39.02 -4.73
N GLU R 62 -57.65 -37.89 -5.36
CA GLU R 62 -56.27 -37.54 -5.62
C GLU R 62 -55.45 -37.56 -4.34
N ILE R 63 -55.96 -36.93 -3.29
CA ILE R 63 -55.27 -37.01 -2.02
C ILE R 63 -55.44 -38.40 -1.41
N LEU R 64 -56.65 -38.96 -1.49
CA LEU R 64 -56.87 -40.27 -0.88
C LEU R 64 -55.97 -41.33 -1.50
N GLU R 65 -55.82 -41.28 -2.83
CA GLU R 65 -54.92 -42.24 -3.47
C GLU R 65 -53.51 -42.07 -2.95
N LEU R 66 -53.04 -40.82 -2.86
CA LEU R 66 -51.76 -40.57 -2.22
C LEU R 66 -51.79 -41.05 -0.78
N ALA R 67 -52.91 -40.80 -0.10
CA ALA R 67 -53.03 -41.23 1.28
C ALA R 67 -52.93 -42.75 1.38
N GLY R 68 -53.47 -43.46 0.39
CA GLY R 68 -53.30 -44.89 0.35
C GLY R 68 -51.86 -45.29 0.11
N ASN R 69 -51.18 -44.58 -0.79
CA ASN R 69 -49.81 -44.98 -1.15
C ASN R 69 -48.90 -44.93 0.07
N ALA R 70 -48.84 -43.79 0.73
CA ALA R 70 -47.95 -43.66 1.88
C ALA R 70 -48.37 -44.62 2.98
N ALA R 71 -49.68 -44.83 3.13
CA ALA R 71 -50.19 -45.77 4.12
C ALA R 71 -49.60 -47.15 3.90
N ARG R 72 -49.34 -47.52 2.64
CA ARG R 72 -48.77 -48.82 2.39
C ARG R 72 -47.30 -48.86 2.73
N ASP R 73 -46.59 -47.74 2.53
CA ASP R 73 -45.14 -47.70 2.64
C ASP R 73 -44.65 -47.90 4.08
N ASN R 74 -45.51 -47.77 5.09
CA ASN R 74 -45.16 -48.22 6.42
C ASN R 74 -45.88 -49.53 6.74
N LYS R 75 -46.63 -50.05 5.77
CA LYS R 75 -47.33 -51.32 5.91
C LYS R 75 -48.38 -51.22 7.02
N LYS R 76 -49.18 -50.16 6.97
CA LYS R 76 -50.40 -50.09 7.76
C LYS R 76 -51.61 -50.30 6.86
N THR R 77 -52.77 -50.37 7.49
CA THR R 77 -54.01 -50.63 6.79
C THR R 77 -55.00 -49.49 6.91
N ARG R 78 -54.67 -48.45 7.65
CA ARG R 78 -55.61 -47.37 7.94
C ARG R 78 -54.86 -46.04 7.89
N ILE R 79 -55.48 -45.05 7.25
CA ILE R 79 -54.77 -43.82 6.89
C ILE R 79 -54.82 -42.85 8.07
N ILE R 80 -53.70 -42.17 8.31
CA ILE R 80 -53.56 -41.24 9.43
C ILE R 80 -53.09 -39.88 8.92
N PRO R 81 -53.25 -38.82 9.70
CA PRO R 81 -52.75 -37.51 9.27
C PRO R 81 -51.26 -37.50 8.95
N ARG R 82 -50.44 -38.21 9.71
CA ARG R 82 -49.04 -38.31 9.34
C ARG R 82 -48.90 -38.77 7.90
N HIS R 83 -49.67 -39.78 7.52
CA HIS R 83 -49.74 -40.15 6.12
C HIS R 83 -50.23 -38.97 5.29
N LEU R 84 -51.31 -38.34 5.73
CA LEU R 84 -51.83 -37.19 5.01
C LEU R 84 -50.79 -36.10 4.94
N GLN R 85 -50.16 -35.81 6.07
CA GLN R 85 -49.06 -34.85 6.09
C GLN R 85 -48.00 -35.22 5.07
N LEU R 86 -47.57 -36.48 5.11
CA LEU R 86 -46.51 -36.90 4.20
C LEU R 86 -46.97 -36.74 2.76
N ALA R 87 -48.19 -37.18 2.45
CA ALA R 87 -48.63 -37.26 1.07
C ALA R 87 -48.68 -35.89 0.41
N VAL R 88 -49.41 -34.96 1.02
CA VAL R 88 -49.57 -33.64 0.43
C VAL R 88 -48.23 -32.93 0.39
N ARG R 89 -47.49 -32.97 1.49
CA ARG R 89 -46.19 -32.33 1.53
C ARG R 89 -45.15 -33.06 0.68
N ASN R 90 -45.38 -34.31 0.34
CA ASN R 90 -44.54 -34.96 -0.64
C ASN R 90 -44.97 -34.61 -2.06
N ASP R 91 -46.23 -34.22 -2.23
CA ASP R 91 -46.71 -33.74 -3.51
C ASP R 91 -46.42 -32.25 -3.63
N GLU R 92 -45.63 -31.89 -4.63
CA GLU R 92 -45.36 -30.47 -4.87
C GLU R 92 -46.60 -29.72 -5.33
N GLU R 93 -47.50 -30.36 -6.06
CA GLU R 93 -48.75 -29.70 -6.42
C GLU R 93 -49.62 -29.46 -5.20
N LEU R 94 -49.86 -30.51 -4.40
CA LEU R 94 -50.69 -30.32 -3.22
C LEU R 94 -50.03 -29.37 -2.23
N ASN R 95 -48.72 -29.52 -2.03
CA ASN R 95 -48.02 -28.65 -1.09
C ASN R 95 -48.11 -27.19 -1.53
N LYS R 96 -47.95 -26.93 -2.82
CA LYS R 96 -48.16 -25.58 -3.33
C LYS R 96 -49.61 -25.16 -3.13
N LEU R 97 -50.55 -26.08 -3.34
CA LEU R 97 -51.94 -25.77 -3.05
C LEU R 97 -52.14 -25.46 -1.58
N LEU R 98 -51.70 -26.37 -0.72
CA LEU R 98 -52.00 -26.24 0.71
C LEU R 98 -50.81 -25.70 1.49
N GLY R 99 -50.22 -24.60 0.99
CA GLY R 99 -49.09 -24.02 1.68
C GLY R 99 -49.47 -23.28 2.94
N ARG R 100 -50.68 -22.73 2.98
CA ARG R 100 -51.19 -22.04 4.15
C ARG R 100 -52.01 -22.97 5.02
N VAL R 101 -51.98 -24.26 4.74
CA VAL R 101 -52.62 -25.26 5.57
C VAL R 101 -51.57 -25.89 6.46
N THR R 102 -51.83 -25.90 7.76
CA THR R 102 -51.05 -26.69 8.70
C THR R 102 -51.88 -27.88 9.13
N ILE R 103 -51.21 -29.02 9.30
CA ILE R 103 -51.89 -30.29 9.55
C ILE R 103 -51.78 -30.64 11.02
N ALA R 104 -52.92 -30.95 11.63
CA ALA R 104 -52.92 -31.41 13.01
C ALA R 104 -52.18 -32.73 13.12
N GLN R 105 -51.27 -32.80 14.09
CA GLN R 105 -50.56 -34.03 14.42
C GLN R 105 -49.83 -34.62 13.22
N GLY R 106 -49.64 -33.85 12.15
CA GLY R 106 -49.11 -34.40 10.94
C GLY R 106 -47.62 -34.65 10.97
N GLY R 107 -46.90 -33.91 11.79
CA GLY R 107 -45.47 -34.06 11.83
C GLY R 107 -44.80 -33.41 10.62
N VAL R 108 -43.55 -33.80 10.42
CA VAL R 108 -42.69 -33.16 9.43
C VAL R 108 -42.09 -34.20 8.52
N LEU R 109 -41.82 -33.80 7.28
CA LEU R 109 -41.01 -34.63 6.41
C LEU R 109 -39.61 -34.76 7.00
N PRO R 110 -39.08 -35.97 7.13
CA PRO R 110 -37.70 -36.11 7.63
C PRO R 110 -36.73 -35.59 6.59
N ASN R 111 -35.96 -34.58 6.98
CA ASN R 111 -35.00 -33.96 6.06
C ASN R 111 -33.95 -33.27 6.91
N ILE R 112 -32.71 -33.73 6.81
CA ILE R 112 -31.59 -33.16 7.54
C ILE R 112 -30.73 -32.40 6.55
N GLN R 113 -30.27 -31.23 6.97
CA GLN R 113 -29.48 -30.38 6.09
C GLN R 113 -28.17 -31.09 5.72
N SER R 114 -27.70 -30.81 4.50
CA SER R 114 -26.51 -31.48 4.01
C SER R 114 -25.30 -31.18 4.89
N VAL R 115 -25.18 -29.92 5.31
CA VAL R 115 -24.02 -29.53 6.12
C VAL R 115 -24.09 -30.05 7.54
N LEU R 116 -25.26 -30.48 8.00
CA LEU R 116 -25.34 -31.08 9.33
C LEU R 116 -24.87 -32.53 9.30
N LEU R 117 -24.71 -33.09 8.11
CA LEU R 117 -24.15 -34.43 8.00
C LEU R 117 -22.68 -34.40 8.37
N PRO R 118 -22.21 -35.40 9.13
CA PRO R 118 -20.83 -35.37 9.63
C PRO R 118 -19.83 -35.70 8.53
N LYS R 119 -18.66 -35.06 8.61
CA LYS R 119 -17.57 -35.36 7.69
C LYS R 119 -17.13 -36.81 7.82
N SER S 33 -78.11 -33.32 19.12
CA SER S 33 -78.25 -32.39 18.01
C SER S 33 -77.85 -33.05 16.71
N ARG S 34 -78.39 -32.58 15.60
CA ARG S 34 -78.03 -33.13 14.31
C ARG S 34 -76.81 -32.38 13.78
N LYS S 35 -75.89 -33.11 13.16
CA LYS S 35 -74.72 -32.54 12.50
C LYS S 35 -74.51 -33.26 11.19
N GLU S 36 -74.50 -32.53 10.09
CA GLU S 36 -74.30 -33.14 8.79
C GLU S 36 -72.87 -32.89 8.33
N SER S 37 -72.27 -33.90 7.70
CA SER S 37 -70.88 -33.82 7.31
C SER S 37 -70.69 -34.60 6.02
N TYR S 38 -69.43 -34.92 5.70
CA TYR S 38 -69.10 -35.48 4.40
C TYR S 38 -68.44 -36.85 4.50
N ALA S 39 -68.46 -37.47 5.68
CA ALA S 39 -67.66 -38.67 5.92
C ALA S 39 -68.07 -39.81 5.00
N ILE S 40 -69.38 -40.03 4.87
CA ILE S 40 -69.87 -41.18 4.14
C ILE S 40 -69.42 -41.12 2.69
N TYR S 41 -69.53 -39.95 2.07
CA TYR S 41 -69.11 -39.80 0.68
C TYR S 41 -67.61 -39.99 0.53
N VAL S 42 -66.85 -39.42 1.45
CA VAL S 42 -65.41 -39.66 1.44
C VAL S 42 -65.13 -41.15 1.61
N TYR S 43 -65.89 -41.80 2.49
CA TYR S 43 -65.70 -43.22 2.72
C TYR S 43 -65.96 -44.01 1.44
N LYS S 44 -66.97 -43.58 0.67
CA LYS S 44 -67.28 -44.24 -0.59
C LYS S 44 -66.15 -44.08 -1.60
N VAL S 45 -65.60 -42.87 -1.70
CA VAL S 45 -64.54 -42.61 -2.68
C VAL S 45 -63.28 -43.39 -2.34
N LEU S 46 -62.97 -43.49 -1.04
CA LEU S 46 -61.81 -44.27 -0.63
C LEU S 46 -61.92 -45.70 -1.13
N LYS S 47 -63.08 -46.31 -0.94
CA LYS S 47 -63.27 -47.68 -1.37
C LYS S 47 -63.29 -47.77 -2.88
N GLN S 48 -63.50 -46.64 -3.56
CA GLN S 48 -63.24 -46.59 -5.00
C GLN S 48 -61.75 -46.69 -5.28
N VAL S 49 -60.95 -45.88 -4.60
CA VAL S 49 -59.51 -45.87 -4.86
C VAL S 49 -58.84 -47.05 -4.18
N HIS S 50 -58.96 -47.13 -2.86
CA HIS S 50 -58.45 -48.28 -2.16
C HIS S 50 -59.61 -49.02 -1.50
N PRO S 51 -60.17 -50.02 -2.16
CA PRO S 51 -61.33 -50.71 -1.61
C PRO S 51 -61.05 -51.46 -0.33
N ASP S 52 -59.79 -51.60 0.06
CA ASP S 52 -59.42 -52.34 1.26
C ASP S 52 -58.88 -51.48 2.37
N THR S 53 -58.35 -50.30 2.07
CA THR S 53 -57.74 -49.48 3.10
C THR S 53 -58.78 -49.01 4.10
N GLY S 54 -58.41 -49.00 5.38
CA GLY S 54 -59.23 -48.43 6.42
C GLY S 54 -58.99 -46.94 6.55
N ILE S 55 -59.46 -46.39 7.66
CA ILE S 55 -59.32 -44.96 7.91
C ILE S 55 -59.57 -44.68 9.38
N SER S 56 -58.86 -43.69 9.92
CA SER S 56 -59.12 -43.22 11.26
C SER S 56 -60.34 -42.30 11.23
N SER S 57 -60.66 -41.72 12.39
CA SER S 57 -61.69 -40.71 12.45
C SER S 57 -61.12 -39.31 12.37
N LYS S 58 -60.01 -39.08 13.04
CA LYS S 58 -59.42 -37.75 13.04
C LYS S 58 -59.07 -37.34 11.62
N ALA S 59 -58.45 -38.24 10.86
CA ALA S 59 -58.11 -37.95 9.48
C ALA S 59 -59.36 -37.68 8.66
N MET S 60 -60.41 -38.46 8.92
CA MET S 60 -61.69 -38.17 8.29
C MET S 60 -62.14 -36.77 8.61
N SER S 61 -61.99 -36.36 9.87
CA SER S 61 -62.32 -34.99 10.21
C SER S 61 -61.48 -34.03 9.40
N ILE S 62 -60.18 -34.32 9.25
CA ILE S 62 -59.33 -33.52 8.39
C ILE S 62 -59.97 -33.39 7.02
N MET S 63 -60.43 -34.52 6.48
CA MET S 63 -61.00 -34.48 5.16
C MET S 63 -62.23 -33.60 5.14
N ASN S 64 -63.08 -33.77 6.14
CA ASN S 64 -64.20 -32.85 6.30
C ASN S 64 -63.69 -31.42 6.43
N SER S 65 -62.64 -31.23 7.23
CA SER S 65 -62.04 -29.92 7.34
C SER S 65 -61.60 -29.42 5.96
N PHE S 66 -60.92 -30.27 5.21
CA PHE S 66 -60.31 -29.80 3.98
C PHE S 66 -61.38 -29.46 2.95
N VAL S 67 -62.37 -30.32 2.81
CA VAL S 67 -63.37 -30.13 1.77
C VAL S 67 -64.08 -28.81 1.95
N ASN S 68 -64.44 -28.49 3.19
CA ASN S 68 -65.20 -27.28 3.43
C ASN S 68 -64.39 -26.06 3.03
N ASP S 69 -63.11 -26.08 3.34
CA ASP S 69 -62.22 -24.99 2.95
C ASP S 69 -62.27 -24.74 1.45
N VAL S 70 -61.86 -25.73 0.67
CA VAL S 70 -61.84 -25.54 -0.77
C VAL S 70 -63.24 -25.26 -1.27
N PHE S 71 -64.24 -25.86 -0.63
CA PHE S 71 -65.62 -25.46 -0.85
C PHE S 71 -65.76 -23.95 -0.71
N GLU S 72 -65.26 -23.41 0.38
CA GLU S 72 -65.42 -21.99 0.61
C GLU S 72 -64.62 -21.16 -0.37
N ARG S 73 -63.34 -21.49 -0.53
CA ARG S 73 -62.46 -20.61 -1.31
C ARG S 73 -62.94 -20.47 -2.74
N ILE S 74 -63.42 -21.56 -3.34
CA ILE S 74 -63.92 -21.45 -4.69
C ILE S 74 -65.15 -20.55 -4.72
N ALA S 75 -66.08 -20.75 -3.79
CA ALA S 75 -67.39 -20.14 -3.93
C ALA S 75 -67.32 -18.62 -3.85
N GLY S 76 -66.66 -18.10 -2.83
CA GLY S 76 -66.49 -16.66 -2.73
C GLY S 76 -65.70 -16.12 -3.90
N GLU S 77 -64.66 -16.84 -4.30
CA GLU S 77 -63.96 -16.47 -5.52
C GLU S 77 -64.92 -16.51 -6.69
N ALA S 78 -65.76 -17.55 -6.72
CA ALA S 78 -66.78 -17.63 -7.75
C ALA S 78 -67.73 -16.44 -7.64
N SER S 79 -68.10 -16.08 -6.43
CA SER S 79 -69.01 -14.95 -6.26
C SER S 79 -68.40 -13.67 -6.82
N ARG S 80 -67.19 -13.34 -6.36
CA ARG S 80 -66.67 -12.00 -6.65
C ARG S 80 -66.43 -11.79 -8.14
N LEU S 81 -66.14 -12.85 -8.87
CA LEU S 81 -65.99 -12.71 -10.31
C LEU S 81 -67.30 -12.30 -10.95
N ALA S 82 -68.39 -12.99 -10.59
CA ALA S 82 -69.71 -12.57 -11.03
C ALA S 82 -69.94 -11.11 -10.67
N HIS S 83 -69.42 -10.71 -9.52
CA HIS S 83 -69.41 -9.30 -9.19
C HIS S 83 -68.53 -8.51 -10.16
N TYR S 84 -67.36 -9.05 -10.52
CA TYR S 84 -66.45 -8.28 -11.35
C TYR S 84 -67.10 -7.96 -12.70
N ASN S 85 -67.79 -8.94 -13.27
CA ASN S 85 -68.59 -8.75 -14.47
C ASN S 85 -70.04 -8.39 -14.16
N LYS S 86 -70.34 -8.06 -12.92
CA LYS S 86 -71.64 -7.52 -12.55
C LYS S 86 -72.78 -8.47 -12.90
N ARG S 87 -72.54 -9.77 -12.81
CA ARG S 87 -73.66 -10.67 -13.02
C ARG S 87 -74.20 -11.15 -11.69
N SER S 88 -75.33 -11.84 -11.78
CA SER S 88 -76.15 -12.11 -10.62
C SER S 88 -76.40 -13.60 -10.39
N THR S 89 -75.90 -14.45 -11.27
CA THR S 89 -76.16 -15.88 -11.17
C THR S 89 -74.88 -16.62 -11.48
N ILE S 90 -74.59 -17.64 -10.70
CA ILE S 90 -73.32 -18.35 -10.79
C ILE S 90 -73.54 -19.69 -11.49
N THR S 91 -72.86 -19.87 -12.63
CA THR S 91 -72.90 -21.11 -13.39
C THR S 91 -71.49 -21.70 -13.45
N SER S 92 -71.36 -22.72 -14.30
CA SER S 92 -70.09 -23.42 -14.40
C SER S 92 -69.01 -22.56 -15.04
N ARG S 93 -69.38 -21.71 -16.02
CA ARG S 93 -68.40 -20.75 -16.53
C ARG S 93 -67.71 -20.04 -15.39
N GLU S 94 -68.50 -19.52 -14.47
CA GLU S 94 -67.95 -18.99 -13.24
C GLU S 94 -67.13 -20.04 -12.50
N ILE S 95 -67.70 -21.24 -12.32
CA ILE S 95 -67.02 -22.21 -11.47
C ILE S 95 -65.70 -22.63 -12.10
N GLN S 96 -65.72 -22.91 -13.39
CA GLN S 96 -64.54 -23.46 -14.05
C GLN S 96 -63.38 -22.48 -14.03
N THR S 97 -63.63 -21.21 -14.35
CA THR S 97 -62.54 -20.26 -14.46
C THR S 97 -61.80 -20.13 -13.14
N ALA S 98 -62.55 -20.06 -12.04
CA ALA S 98 -61.91 -19.94 -10.74
C ALA S 98 -61.17 -21.22 -10.39
N VAL S 99 -61.70 -22.37 -10.80
CA VAL S 99 -60.96 -23.61 -10.62
C VAL S 99 -59.62 -23.49 -11.32
N ARG S 100 -59.63 -22.97 -12.55
CA ARG S 100 -58.38 -22.61 -13.21
C ARG S 100 -57.63 -21.55 -12.42
N LEU S 101 -58.35 -20.61 -11.82
CA LEU S 101 -57.67 -19.63 -10.96
C LEU S 101 -57.18 -20.28 -9.68
N LEU S 102 -57.94 -21.21 -9.14
CA LEU S 102 -57.61 -21.74 -7.82
C LEU S 102 -56.70 -22.94 -7.92
N LEU S 103 -57.05 -23.88 -8.74
CA LEU S 103 -56.13 -24.99 -8.79
C LEU S 103 -54.92 -24.64 -9.65
N PRO S 104 -53.75 -25.04 -9.22
CA PRO S 104 -52.54 -24.80 -10.02
C PRO S 104 -52.28 -25.90 -11.04
N GLY S 105 -51.95 -25.50 -12.27
CA GLY S 105 -51.35 -26.42 -13.23
C GLY S 105 -52.18 -27.65 -13.53
N GLU S 106 -51.60 -28.81 -13.27
CA GLU S 106 -52.18 -30.06 -13.75
C GLU S 106 -53.53 -30.36 -13.09
N LEU S 107 -53.67 -30.08 -11.79
CA LEU S 107 -54.96 -30.30 -11.14
C LEU S 107 -56.04 -29.49 -11.84
N ALA S 108 -55.80 -28.20 -12.04
CA ALA S 108 -56.76 -27.36 -12.75
C ALA S 108 -57.05 -27.94 -14.13
N LYS S 109 -55.99 -28.31 -14.85
CA LYS S 109 -56.18 -28.93 -16.15
C LYS S 109 -57.03 -30.18 -16.03
N HIS S 110 -56.63 -31.09 -15.15
CA HIS S 110 -57.30 -32.37 -15.07
C HIS S 110 -58.69 -32.23 -14.49
N ALA S 111 -58.85 -31.40 -13.45
CA ALA S 111 -60.13 -31.30 -12.79
C ALA S 111 -61.17 -30.62 -13.67
N VAL S 112 -60.75 -29.65 -14.48
CA VAL S 112 -61.69 -29.04 -15.41
C VAL S 112 -62.30 -30.12 -16.29
N SER S 113 -61.48 -31.05 -16.75
CA SER S 113 -62.00 -32.24 -17.41
C SER S 113 -62.99 -32.97 -16.51
N GLU S 114 -62.63 -33.16 -15.25
CA GLU S 114 -63.53 -33.81 -14.31
C GLU S 114 -64.83 -33.03 -14.20
N GLY S 115 -64.75 -31.72 -14.09
CA GLY S 115 -65.95 -30.93 -14.16
C GLY S 115 -66.63 -31.03 -15.51
N THR S 116 -65.85 -30.90 -16.59
CA THR S 116 -66.43 -30.87 -17.92
C THR S 116 -67.20 -32.14 -18.21
N LYS S 117 -66.60 -33.29 -17.86
CA LYS S 117 -67.24 -34.57 -18.15
C LYS S 117 -68.58 -34.69 -17.44
N ALA S 118 -68.64 -34.33 -16.17
CA ALA S 118 -69.87 -34.52 -15.43
C ALA S 118 -70.98 -33.62 -15.97
N VAL S 119 -70.64 -32.38 -16.29
CA VAL S 119 -71.65 -31.42 -16.71
C VAL S 119 -72.37 -31.91 -17.94
N THR S 120 -71.61 -32.27 -18.97
CA THR S 120 -72.22 -32.81 -20.18
C THR S 120 -73.01 -34.06 -19.85
N LYS S 121 -72.46 -34.90 -18.97
CA LYS S 121 -73.20 -36.09 -18.56
C LYS S 121 -74.51 -35.70 -17.90
N TYR S 122 -74.51 -34.68 -17.06
CA TYR S 122 -75.76 -34.25 -16.44
C TYR S 122 -76.72 -33.68 -17.47
N THR S 123 -76.25 -32.80 -18.34
CA THR S 123 -77.14 -32.21 -19.32
C THR S 123 -77.72 -33.28 -20.22
N SER S 124 -76.89 -34.22 -20.65
CA SER S 124 -77.39 -35.37 -21.39
C SER S 124 -78.31 -36.23 -20.54
N ALA S 125 -78.10 -36.24 -19.22
CA ALA S 125 -78.88 -37.09 -18.34
C ALA S 125 -79.62 -36.28 -17.28
N ASP T 34 -70.50 -72.26 40.17
CA ASP T 34 -71.28 -71.48 39.21
C ASP T 34 -72.77 -71.71 39.40
N LEU T 35 -73.38 -72.41 38.43
CA LEU T 35 -74.81 -72.65 38.47
C LEU T 35 -75.22 -73.48 39.67
N GLU T 36 -74.43 -74.51 40.02
CA GLU T 36 -74.71 -75.28 41.22
C GLU T 36 -74.66 -74.37 42.44
N GLY T 37 -73.60 -73.56 42.54
CA GLY T 37 -73.57 -72.52 43.55
C GLY T 37 -74.71 -71.53 43.37
N THR T 38 -75.05 -71.19 42.13
CA THR T 38 -76.17 -70.28 41.89
C THR T 38 -77.48 -70.88 42.37
N THR T 39 -77.70 -72.17 42.07
CA THR T 39 -78.79 -72.87 42.74
C THR T 39 -78.56 -72.87 44.24
N LYS T 40 -77.31 -73.15 44.65
CA LYS T 40 -77.01 -73.26 46.07
C LYS T 40 -77.03 -71.90 46.76
N ARG T 41 -76.73 -70.82 46.04
CA ARG T 41 -76.93 -69.49 46.59
C ARG T 41 -78.39 -69.22 46.87
N PHE T 42 -79.26 -69.51 45.89
CA PHE T 42 -80.70 -69.35 46.11
C PHE T 42 -81.23 -70.25 47.22
N GLU T 43 -80.50 -71.33 47.54
CA GLU T 43 -80.91 -72.13 48.70
C GLU T 43 -80.97 -71.28 49.95
N HIS T 44 -80.09 -70.29 50.06
CA HIS T 44 -80.12 -69.32 51.15
C HIS T 44 -80.80 -68.01 50.77
N LEU T 45 -80.73 -67.63 49.50
CA LEU T 45 -81.37 -66.40 49.06
C LEU T 45 -82.88 -66.53 49.06
N LEU T 46 -83.42 -67.60 48.49
CA LEU T 46 -84.86 -67.77 48.42
C LEU T 46 -85.47 -68.10 49.78
N SER T 47 -84.66 -68.57 50.74
CA SER T 47 -85.19 -68.84 52.07
C SER T 47 -85.64 -67.57 52.77
N LEU T 48 -85.25 -66.41 52.27
CA LEU T 48 -85.73 -65.12 52.77
C LEU T 48 -87.09 -64.82 52.12
N SER T 49 -87.55 -63.58 52.23
CA SER T 49 -88.85 -63.21 51.70
C SER T 49 -88.91 -63.43 50.19
N GLY T 50 -90.14 -63.48 49.66
CA GLY T 50 -90.37 -63.71 48.24
C GLY T 50 -90.02 -62.51 47.38
N LEU T 51 -89.28 -61.57 47.97
CA LEU T 51 -88.82 -60.39 47.26
C LEU T 51 -87.76 -60.74 46.22
N PHE T 52 -86.90 -61.72 46.50
CA PHE T 52 -85.88 -62.11 45.54
C PHE T 52 -86.50 -62.73 44.29
N LYS T 53 -87.55 -63.54 44.45
CA LYS T 53 -88.29 -64.01 43.29
C LYS T 53 -88.88 -62.84 42.52
N HIS T 54 -89.38 -61.84 43.25
CA HIS T 54 -89.93 -60.65 42.61
C HIS T 54 -88.87 -59.92 41.79
N PHE T 55 -87.66 -59.76 42.35
CA PHE T 55 -86.60 -59.10 41.60
C PHE T 55 -86.16 -59.94 40.40
N ILE T 56 -86.07 -61.25 40.58
CA ILE T 56 -85.75 -62.12 39.45
C ILE T 56 -86.83 -62.03 38.38
N GLU T 57 -88.09 -61.90 38.81
CA GLU T 57 -89.19 -61.77 37.88
C GLU T 57 -89.48 -60.32 37.49
N SER T 58 -88.73 -59.36 38.00
CA SER T 58 -88.87 -57.97 37.60
C SER T 58 -87.85 -57.57 36.54
N LYS T 59 -87.01 -58.50 36.09
CA LYS T 59 -86.05 -58.19 35.04
C LYS T 59 -86.77 -58.05 33.71
N ALA T 60 -86.47 -56.98 32.98
CA ALA T 60 -87.12 -56.72 31.70
C ALA T 60 -86.14 -56.86 30.54
N ASP T 63 -84.53 -62.30 30.07
CA ASP T 63 -84.12 -62.97 31.30
C ASP T 63 -83.34 -64.25 30.98
N PRO T 64 -82.12 -64.36 31.51
CA PRO T 64 -81.32 -65.56 31.28
C PRO T 64 -81.84 -66.77 32.05
N LYS T 65 -81.11 -67.87 32.00
CA LYS T 65 -81.58 -69.13 32.55
C LYS T 65 -81.56 -69.17 34.10
N PHE T 66 -81.39 -68.07 34.82
CA PHE T 66 -81.61 -68.09 36.26
C PHE T 66 -83.02 -68.58 36.60
N ARG T 67 -83.98 -68.34 35.70
CA ARG T 67 -85.35 -68.80 35.93
C ARG T 67 -85.44 -70.32 35.90
N GLN T 68 -84.60 -70.98 35.11
CA GLN T 68 -84.67 -72.44 35.02
C GLN T 68 -84.38 -73.09 36.37
N VAL T 69 -83.37 -72.59 37.09
CA VAL T 69 -83.07 -73.12 38.41
C VAL T 69 -83.96 -72.54 39.49
N LEU T 70 -84.58 -71.38 39.25
CA LEU T 70 -85.51 -70.82 40.20
C LEU T 70 -86.83 -71.58 40.21
N ASP T 71 -87.30 -72.01 39.03
CA ASP T 71 -88.61 -72.64 38.93
C ASP T 71 -88.67 -73.97 39.68
N VAL T 72 -87.62 -74.79 39.57
CA VAL T 72 -87.64 -76.10 40.21
C VAL T 72 -87.71 -75.95 41.72
N LEU T 73 -86.96 -74.99 42.28
CA LEU T 73 -87.06 -74.72 43.71
C LEU T 73 -88.40 -74.10 44.07
N GLU T 74 -88.97 -73.30 43.18
CA GLU T 74 -90.24 -72.63 43.46
C GLU T 74 -91.37 -73.66 43.62
N GLU T 75 -91.45 -74.63 42.71
CA GLU T 75 -92.49 -75.65 42.79
C GLU T 75 -92.20 -76.72 43.83
N ASN T 76 -90.95 -76.86 44.26
CA ASN T 76 -90.58 -77.87 45.24
C ASN T 76 -89.76 -77.25 46.38
N GLN T 117 -72.18 -71.89 64.50
CA GLN T 117 -71.03 -72.76 64.74
C GLN T 117 -69.76 -71.95 64.92
N PHE T 118 -68.81 -72.51 65.69
CA PHE T 118 -67.56 -71.84 66.05
C PHE T 118 -67.83 -70.54 66.81
N ARG T 119 -68.48 -70.71 67.96
CA ARG T 119 -68.81 -69.60 68.86
C ARG T 119 -67.92 -69.65 70.11
N GLU T 120 -66.67 -70.10 69.95
CA GLU T 120 -65.79 -70.31 71.09
C GLU T 120 -64.50 -69.49 71.01
N SER T 121 -64.42 -68.50 70.12
CA SER T 121 -63.22 -67.70 69.94
C SER T 121 -62.03 -68.60 69.69
N PRO T 122 -61.95 -69.23 68.52
CA PRO T 122 -60.97 -70.31 68.33
C PRO T 122 -59.55 -69.83 68.56
N ALA T 123 -58.73 -70.71 69.13
CA ALA T 123 -57.48 -70.33 69.75
C ALA T 123 -56.29 -70.38 68.80
N TYR T 124 -56.50 -70.67 67.51
CA TYR T 124 -55.42 -70.46 66.56
C TYR T 124 -55.02 -68.99 66.47
N VAL T 125 -55.91 -68.08 66.86
CA VAL T 125 -55.53 -66.69 67.07
C VAL T 125 -54.81 -66.60 68.40
N ASN T 126 -54.06 -65.53 68.62
CA ASN T 126 -53.28 -65.35 69.84
C ASN T 126 -53.89 -64.19 70.60
N GLY T 127 -54.88 -64.48 71.43
CA GLY T 127 -55.56 -63.48 72.21
C GLY T 127 -56.99 -63.92 72.50
N GLN T 128 -57.84 -62.92 72.76
CA GLN T 128 -59.25 -63.15 73.02
C GLN T 128 -60.08 -62.39 72.01
N LEU T 129 -61.12 -63.03 71.49
CA LEU T 129 -62.05 -62.39 70.58
C LEU T 129 -63.20 -61.80 71.39
N ARG T 130 -63.69 -60.64 70.96
CA ARG T 130 -64.80 -60.05 71.66
C ARG T 130 -66.10 -60.74 71.25
N PRO T 131 -67.14 -60.68 72.08
CA PRO T 131 -68.36 -61.47 71.79
C PRO T 131 -69.00 -61.12 70.45
N TYR T 132 -69.13 -59.83 70.16
CA TYR T 132 -69.65 -59.44 68.85
C TYR T 132 -68.69 -59.80 67.74
N GLN T 133 -67.39 -59.80 68.03
CA GLN T 133 -66.40 -60.19 67.02
C GLN T 133 -66.66 -61.62 66.56
N ILE T 134 -66.90 -62.52 67.51
CA ILE T 134 -67.20 -63.92 67.17
C ILE T 134 -68.48 -63.99 66.36
N GLN T 135 -69.49 -63.22 66.78
CA GLN T 135 -70.75 -63.18 66.05
C GLN T 135 -70.56 -62.73 64.61
N GLY T 136 -69.78 -61.68 64.41
CA GLY T 136 -69.46 -61.28 63.04
C GLY T 136 -68.78 -62.39 62.28
N VAL T 137 -67.77 -63.02 62.89
CA VAL T 137 -67.09 -64.15 62.26
C VAL T 137 -68.06 -65.28 61.98
N ASN T 138 -68.84 -65.67 63.00
CA ASN T 138 -69.85 -66.70 62.79
C ASN T 138 -70.84 -66.27 61.73
N TRP T 139 -71.22 -65.00 61.73
CA TRP T 139 -72.04 -64.49 60.64
C TRP T 139 -71.28 -64.57 59.32
N LEU T 140 -69.99 -64.27 59.35
CA LEU T 140 -69.18 -64.39 58.14
C LEU T 140 -69.04 -65.84 57.68
N VAL T 141 -68.84 -66.77 58.61
CA VAL T 141 -68.68 -68.16 58.18
C VAL T 141 -69.99 -68.69 57.64
N SER T 142 -71.12 -68.19 58.14
CA SER T 142 -72.42 -68.56 57.60
C SER T 142 -72.56 -68.12 56.15
N LEU T 143 -72.13 -66.89 55.84
CA LEU T 143 -72.19 -66.42 54.46
C LEU T 143 -71.34 -67.31 53.56
N HIS T 144 -70.16 -67.71 54.05
CA HIS T 144 -69.32 -68.67 53.34
C HIS T 144 -70.06 -69.98 53.14
N LYS T 145 -70.68 -70.51 54.20
CA LYS T 145 -71.39 -71.75 54.08
C LYS T 145 -72.66 -71.58 53.24
N ASN T 146 -73.27 -70.39 53.29
CA ASN T 146 -74.34 -70.07 52.36
C ASN T 146 -73.83 -69.83 50.95
N LYS T 147 -72.53 -69.58 50.79
CA LYS T 147 -71.97 -69.07 49.54
C LYS T 147 -72.68 -67.82 49.09
N ILE T 148 -73.00 -66.95 50.04
CA ILE T 148 -73.55 -65.64 49.72
C ILE T 148 -72.56 -64.58 50.20
N ALA T 149 -72.69 -63.38 49.63
CA ALA T 149 -71.76 -62.30 49.89
C ALA T 149 -72.32 -61.36 50.94
N GLY T 150 -71.54 -60.33 51.29
CA GLY T 150 -71.96 -59.39 52.31
C GLY T 150 -70.94 -58.30 52.50
N ILE T 151 -71.20 -57.45 53.50
CA ILE T 151 -70.33 -56.31 53.80
C ILE T 151 -70.19 -56.20 55.31
N LEU T 152 -68.97 -56.32 55.82
CA LEU T 152 -68.72 -56.16 57.25
C LEU T 152 -68.82 -54.67 57.57
N ALA T 153 -70.03 -54.24 57.95
CA ALA T 153 -70.34 -52.83 58.13
C ALA T 153 -70.27 -52.38 59.58
N ASP T 154 -69.60 -53.14 60.44
CA ASP T 154 -69.55 -52.78 61.86
C ASP T 154 -68.88 -51.42 62.04
N GLU T 155 -69.39 -50.65 63.01
CA GLU T 155 -68.91 -49.29 63.21
C GLU T 155 -67.41 -49.30 63.51
N MET T 156 -66.74 -48.23 63.13
CA MET T 156 -65.27 -48.23 63.07
C MET T 156 -64.66 -48.38 64.45
N GLY T 157 -63.47 -48.97 64.50
CA GLY T 157 -62.75 -49.13 65.74
C GLY T 157 -63.31 -50.18 66.67
N LEU T 158 -64.07 -51.13 66.15
CA LEU T 158 -64.60 -52.25 66.94
C LEU T 158 -63.78 -53.51 66.73
N GLY T 159 -62.48 -53.36 66.47
CA GLY T 159 -61.63 -54.52 66.29
C GLY T 159 -62.02 -55.39 65.12
N LYS T 160 -62.64 -54.81 64.09
CA LYS T 160 -63.07 -55.60 62.95
C LYS T 160 -61.90 -56.24 62.23
N THR T 161 -60.70 -55.67 62.37
CA THR T 161 -59.51 -56.30 61.83
C THR T 161 -59.25 -57.66 62.49
N LEU T 162 -59.46 -57.73 63.80
CA LEU T 162 -59.34 -59.02 64.48
C LEU T 162 -60.38 -60.00 63.98
N GLN T 163 -61.60 -59.52 63.71
CA GLN T 163 -62.63 -60.38 63.16
C GLN T 163 -62.18 -60.99 61.85
N THR T 164 -61.59 -60.18 60.97
CA THR T 164 -61.06 -60.68 59.72
C THR T 164 -59.89 -61.63 59.95
N ILE T 165 -58.98 -61.26 60.83
CA ILE T 165 -57.79 -62.08 61.08
C ILE T 165 -58.20 -63.41 61.70
N SER T 166 -59.22 -63.39 62.56
CA SER T 166 -59.79 -64.64 63.04
C SER T 166 -60.49 -65.39 61.92
N PHE T 167 -61.22 -64.68 61.04
CA PHE T 167 -61.92 -65.35 59.96
C PHE T 167 -60.95 -65.99 58.98
N LEU T 168 -59.83 -65.33 58.68
CA LEU T 168 -58.84 -65.95 57.82
C LEU T 168 -58.23 -67.18 58.49
N GLY T 169 -58.06 -67.12 59.82
CA GLY T 169 -57.70 -68.33 60.54
C GLY T 169 -58.77 -69.40 60.48
N TYR T 170 -60.04 -69.00 60.43
CA TYR T 170 -61.13 -69.97 60.33
C TYR T 170 -61.00 -70.80 59.06
N LEU T 171 -60.74 -70.13 57.93
CA LEU T 171 -60.52 -70.86 56.69
C LEU T 171 -59.20 -71.61 56.71
N ARG T 172 -58.19 -71.06 57.39
CA ARG T 172 -56.84 -71.64 57.34
C ARG T 172 -56.78 -72.95 58.10
N TYR T 173 -57.53 -73.07 59.20
CA TYR T 173 -57.39 -74.19 60.12
C TYR T 173 -58.57 -75.14 60.09
N ILE T 174 -59.80 -74.63 60.20
CA ILE T 174 -60.96 -75.51 60.18
C ILE T 174 -61.11 -76.17 58.80
N GLU T 175 -61.08 -75.38 57.73
CA GLU T 175 -61.22 -75.96 56.41
C GLU T 175 -59.88 -76.32 55.77
N LYS T 176 -58.77 -75.85 56.34
CA LYS T 176 -57.43 -76.18 55.88
C LYS T 176 -57.26 -75.86 54.40
N ILE T 177 -57.57 -74.63 54.02
CA ILE T 177 -57.28 -74.16 52.67
C ILE T 177 -56.52 -72.85 52.78
N PRO T 178 -55.24 -72.87 53.09
CA PRO T 178 -54.45 -71.63 53.01
C PRO T 178 -54.10 -71.33 51.57
N GLY T 179 -54.75 -70.33 50.98
CA GLY T 179 -54.63 -70.09 49.56
C GLY T 179 -54.28 -68.67 49.21
N PRO T 180 -54.58 -68.26 47.97
CA PRO T 180 -54.30 -66.88 47.55
C PRO T 180 -55.38 -65.93 48.08
N PHE T 181 -54.93 -64.84 48.70
CA PHE T 181 -55.86 -63.85 49.24
C PHE T 181 -55.42 -62.46 48.81
N LEU T 182 -56.40 -61.57 48.67
CA LEU T 182 -56.14 -60.21 48.25
C LEU T 182 -56.86 -59.26 49.21
N VAL T 183 -56.11 -58.31 49.76
CA VAL T 183 -56.65 -57.31 50.67
C VAL T 183 -56.16 -55.95 50.21
N ILE T 184 -56.97 -54.91 50.45
CA ILE T 184 -56.69 -53.57 49.97
C ILE T 184 -56.83 -52.59 51.14
N ALA T 185 -55.87 -51.68 51.26
CA ALA T 185 -55.86 -50.68 52.31
C ALA T 185 -55.40 -49.34 51.74
N PRO T 186 -55.84 -48.24 52.34
CA PRO T 186 -55.28 -46.93 51.97
C PRO T 186 -53.80 -46.88 52.31
N LYS T 187 -53.09 -46.00 51.59
CA LYS T 187 -51.63 -45.91 51.70
C LYS T 187 -51.18 -45.78 53.14
N SER T 188 -51.91 -44.98 53.92
CA SER T 188 -51.52 -44.75 55.31
C SER T 188 -51.69 -45.99 56.19
N THR T 189 -52.43 -47.00 55.72
CA THR T 189 -52.87 -48.08 56.58
C THR T 189 -52.30 -49.45 56.23
N LEU T 190 -51.46 -49.58 55.18
CA LEU T 190 -50.90 -50.89 54.86
C LEU T 190 -50.03 -51.43 55.98
N ASN T 191 -49.40 -50.56 56.77
CA ASN T 191 -48.61 -51.04 57.89
C ASN T 191 -49.46 -51.77 58.91
N ASN T 192 -50.62 -51.20 59.24
CA ASN T 192 -51.41 -51.73 60.35
C ASN T 192 -51.85 -53.16 60.08
N TRP T 193 -52.36 -53.44 58.87
CA TRP T 193 -52.89 -54.76 58.58
C TRP T 193 -51.78 -55.82 58.59
N LEU T 194 -50.62 -55.49 58.01
CA LEU T 194 -49.48 -56.40 58.14
C LEU T 194 -49.03 -56.52 59.58
N ARG T 195 -49.08 -55.42 60.33
CA ARG T 195 -48.65 -55.46 61.73
C ARG T 195 -49.59 -56.34 62.56
N GLU T 196 -50.90 -56.22 62.33
CA GLU T 196 -51.86 -56.97 63.14
C GLU T 196 -51.91 -58.44 62.73
N ILE T 197 -51.67 -58.74 61.46
CA ILE T 197 -51.67 -60.14 61.04
C ILE T 197 -50.47 -60.88 61.62
N ASN T 198 -49.33 -60.19 61.77
CA ASN T 198 -48.16 -60.80 62.40
C ASN T 198 -48.40 -61.00 63.89
N ARG T 199 -49.04 -60.03 64.54
CA ARG T 199 -49.28 -60.09 65.98
C ARG T 199 -50.20 -61.24 66.37
N TRP T 200 -51.19 -61.55 65.52
CA TRP T 200 -52.28 -62.45 65.90
C TRP T 200 -52.20 -63.82 65.25
N THR T 201 -52.00 -63.90 63.93
CA THR T 201 -51.84 -65.18 63.23
C THR T 201 -50.57 -65.15 62.41
N PRO T 202 -49.42 -65.45 63.02
CA PRO T 202 -48.13 -65.35 62.32
C PRO T 202 -47.91 -66.39 61.23
N ASP T 203 -48.85 -67.31 60.98
CA ASP T 203 -48.62 -68.42 60.07
C ASP T 203 -48.98 -68.10 58.63
N VAL T 204 -49.39 -66.86 58.35
CA VAL T 204 -49.94 -66.48 57.04
C VAL T 204 -48.90 -65.64 56.30
N ASN T 205 -48.67 -65.97 55.03
CA ASN T 205 -47.69 -65.28 54.20
C ASN T 205 -48.35 -64.08 53.53
N ALA T 206 -47.99 -62.88 53.99
CA ALA T 206 -48.52 -61.64 53.45
C ALA T 206 -47.39 -60.68 53.14
N PHE T 207 -47.59 -59.85 52.13
CA PHE T 207 -46.63 -58.83 51.73
C PHE T 207 -47.30 -57.47 51.72
N ILE T 208 -46.51 -56.42 51.99
CA ILE T 208 -46.90 -55.07 51.63
C ILE T 208 -46.33 -54.82 50.24
N LEU T 209 -47.20 -54.95 49.22
CA LEU T 209 -46.81 -54.82 47.82
C LEU T 209 -46.58 -53.34 47.52
N GLN T 210 -45.45 -52.85 47.99
CA GLN T 210 -45.06 -51.46 47.78
C GLN T 210 -43.78 -51.41 46.98
N GLY T 211 -43.39 -50.21 46.60
CA GLY T 211 -42.13 -50.00 45.91
C GLY T 211 -42.32 -49.47 44.50
N ASP T 212 -41.18 -49.39 43.80
CA ASP T 212 -41.11 -48.75 42.50
C ASP T 212 -41.51 -49.74 41.41
N LYS T 213 -41.39 -49.31 40.15
CA LYS T 213 -41.76 -50.18 39.03
C LYS T 213 -40.88 -51.42 38.98
N GLU T 214 -39.57 -51.24 39.18
CA GLU T 214 -38.69 -52.40 39.29
C GLU T 214 -38.87 -53.09 40.63
N GLU T 215 -39.07 -52.31 41.70
CA GLU T 215 -39.15 -52.86 43.05
C GLU T 215 -40.43 -53.67 43.25
N ARG T 216 -41.45 -53.38 42.46
CA ARG T 216 -42.63 -54.25 42.44
C ARG T 216 -42.42 -55.48 41.57
N ALA T 217 -41.49 -55.43 40.62
CA ALA T 217 -41.31 -56.55 39.70
C ALA T 217 -40.78 -57.78 40.44
N GLU T 218 -39.69 -57.63 41.20
CA GLU T 218 -39.12 -58.79 41.87
C GLU T 218 -40.12 -59.40 42.85
N LEU T 219 -41.07 -58.62 43.35
CA LEU T 219 -42.22 -59.23 44.02
C LEU T 219 -43.07 -60.02 43.04
N ILE T 220 -43.22 -59.53 41.81
CA ILE T 220 -44.10 -60.18 40.85
C ILE T 220 -43.56 -61.57 40.50
N GLN T 221 -42.36 -61.63 39.91
CA GLN T 221 -41.89 -62.90 39.35
C GLN T 221 -41.42 -63.86 40.45
N LYS T 222 -40.81 -63.34 41.50
CA LYS T 222 -40.22 -64.22 42.52
C LYS T 222 -41.28 -64.86 43.40
N LYS T 223 -42.04 -64.05 44.13
CA LYS T 223 -42.98 -64.59 45.10
C LYS T 223 -44.42 -64.62 44.60
N LEU T 224 -44.88 -63.53 43.97
CA LEU T 224 -46.24 -63.51 43.46
C LEU T 224 -46.43 -64.49 42.32
N LEU T 225 -45.48 -64.53 41.39
CA LEU T 225 -45.53 -65.55 40.33
C LEU T 225 -45.15 -66.92 40.87
N GLY T 226 -44.34 -66.97 41.93
CA GLY T 226 -43.98 -68.23 42.55
C GLY T 226 -45.04 -68.84 43.45
N CYS T 227 -46.16 -68.15 43.65
CA CYS T 227 -47.24 -68.63 44.51
C CYS T 227 -46.71 -68.99 45.89
N ASP T 228 -45.97 -68.06 46.48
CA ASP T 228 -45.29 -68.26 47.75
C ASP T 228 -45.89 -67.37 48.84
N PHE T 229 -47.21 -67.27 48.86
CA PHE T 229 -47.89 -66.31 49.73
C PHE T 229 -49.30 -66.81 50.00
N ASP T 230 -49.92 -66.20 51.00
CA ASP T 230 -51.34 -66.42 51.26
C ASP T 230 -52.16 -65.17 51.01
N VAL T 231 -51.77 -64.04 51.59
CA VAL T 231 -52.45 -62.78 51.40
C VAL T 231 -51.46 -61.80 50.79
N VAL T 232 -51.99 -60.77 50.15
CA VAL T 232 -51.16 -59.71 49.61
C VAL T 232 -51.81 -58.38 49.95
N ILE T 233 -51.03 -57.48 50.53
CA ILE T 233 -51.51 -56.18 51.00
C ILE T 233 -51.01 -55.12 50.02
N ALA T 234 -51.95 -54.48 49.32
CA ALA T 234 -51.63 -53.48 48.30
C ALA T 234 -52.45 -52.22 48.56
N SER T 235 -52.23 -51.20 47.74
CA SER T 235 -52.93 -49.94 47.89
C SER T 235 -54.02 -49.81 46.84
N TYR T 236 -54.66 -48.64 46.83
CA TYR T 236 -55.73 -48.36 45.88
C TYR T 236 -55.20 -48.43 44.45
N GLU T 237 -54.11 -47.72 44.17
CA GLU T 237 -53.62 -47.59 42.81
C GLU T 237 -52.73 -48.74 42.38
N ILE T 238 -52.06 -49.40 43.31
CA ILE T 238 -51.12 -50.45 42.94
C ILE T 238 -51.82 -51.57 42.20
N ILE T 239 -53.00 -51.98 42.68
CA ILE T 239 -53.72 -53.03 41.98
C ILE T 239 -54.04 -52.59 40.56
N ILE T 240 -54.39 -51.31 40.38
CA ILE T 240 -54.57 -50.78 39.04
C ILE T 240 -53.25 -50.80 38.29
N ARG T 241 -52.16 -50.50 38.99
CA ARG T 241 -50.84 -50.65 38.37
C ARG T 241 -50.52 -52.12 38.16
N GLU T 242 -51.10 -53.02 38.95
CA GLU T 242 -50.79 -54.43 38.85
C GLU T 242 -52.00 -55.28 38.50
N LYS T 243 -52.91 -54.74 37.69
CA LYS T 243 -54.07 -55.51 37.28
C LYS T 243 -53.67 -56.73 36.47
N SER T 244 -52.84 -56.53 35.45
CA SER T 244 -52.48 -57.65 34.57
C SER T 244 -51.72 -58.77 35.28
N PRO T 245 -50.73 -58.52 36.14
CA PRO T 245 -50.09 -59.64 36.84
C PRO T 245 -50.95 -60.24 37.94
N LEU T 246 -52.13 -59.70 38.19
CA LEU T 246 -53.00 -60.22 39.23
C LEU T 246 -54.21 -60.98 38.70
N LYS T 247 -54.61 -60.72 37.46
CA LYS T 247 -55.72 -61.47 36.85
C LYS T 247 -55.41 -62.95 36.78
N LYS T 248 -54.17 -63.31 36.42
CA LYS T 248 -53.81 -64.69 36.18
C LYS T 248 -53.88 -65.53 37.44
N ILE T 249 -53.96 -64.91 38.61
CA ILE T 249 -54.09 -65.60 39.88
C ILE T 249 -55.53 -65.48 40.35
N ASN T 250 -56.25 -66.58 40.35
CA ASN T 250 -57.60 -66.61 40.92
C ASN T 250 -57.51 -66.50 42.43
N TRP T 251 -58.45 -65.75 43.03
CA TRP T 251 -58.38 -65.42 44.43
C TRP T 251 -59.48 -66.16 45.21
N GLU T 252 -59.45 -65.96 46.53
CA GLU T 252 -60.47 -66.47 47.44
C GLU T 252 -61.44 -65.38 47.86
N TYR T 253 -60.93 -64.31 48.47
CA TYR T 253 -61.68 -63.08 48.68
C TYR T 253 -60.91 -61.90 48.12
N ILE T 254 -61.64 -60.85 47.76
CA ILE T 254 -61.04 -59.56 47.52
C ILE T 254 -61.44 -58.68 48.71
N ILE T 255 -60.59 -58.66 49.73
CA ILE T 255 -60.88 -57.96 50.97
C ILE T 255 -60.69 -56.47 50.71
N ILE T 256 -61.74 -55.69 50.96
CA ILE T 256 -61.78 -54.28 50.57
C ILE T 256 -62.05 -53.47 51.84
N ASP T 257 -60.99 -52.91 52.43
CA ASP T 257 -61.17 -52.04 53.58
C ASP T 257 -61.44 -50.61 53.13
N GLU T 258 -62.25 -49.90 53.93
CA GLU T 258 -62.64 -48.52 53.66
C GLU T 258 -63.15 -48.37 52.22
N ALA T 259 -64.14 -49.19 51.88
CA ALA T 259 -64.61 -49.28 50.50
C ALA T 259 -65.40 -48.03 50.11
N HIS T 260 -64.69 -46.91 49.99
CA HIS T 260 -65.31 -45.65 49.61
C HIS T 260 -65.02 -45.22 48.19
N ARG T 261 -63.92 -45.69 47.59
CA ARG T 261 -63.67 -45.37 46.20
C ARG T 261 -64.64 -46.08 45.28
N ILE T 262 -65.22 -47.19 45.74
CA ILE T 262 -66.16 -47.96 44.93
C ILE T 262 -67.53 -47.27 44.85
N LYS T 263 -67.75 -46.19 45.61
CA LYS T 263 -69.03 -45.50 45.55
C LYS T 263 -69.38 -45.07 44.14
N ASN T 264 -68.37 -44.80 43.30
CA ASN T 264 -68.57 -44.42 41.92
C ASN T 264 -68.32 -45.65 41.05
N GLU T 265 -69.31 -45.97 40.21
CA GLU T 265 -69.15 -47.08 39.27
C GLU T 265 -68.06 -46.78 38.26
N GLU T 266 -67.93 -45.52 37.87
CA GLU T 266 -66.95 -45.08 36.92
C GLU T 266 -65.60 -44.79 37.57
N SER T 267 -65.52 -44.80 38.90
CA SER T 267 -64.23 -44.82 39.55
C SER T 267 -63.46 -46.05 39.06
N MET T 268 -62.28 -45.79 38.48
CA MET T 268 -61.57 -46.80 37.70
C MET T 268 -61.29 -48.07 38.49
N LEU T 269 -61.21 -47.95 39.81
CA LEU T 269 -61.01 -49.11 40.68
C LEU T 269 -62.18 -50.10 40.59
N SER T 270 -63.37 -49.61 40.25
CA SER T 270 -64.52 -50.51 40.13
C SER T 270 -64.39 -51.43 38.92
N GLN T 271 -63.93 -50.89 37.80
CA GLN T 271 -63.78 -51.69 36.59
C GLN T 271 -62.58 -52.61 36.64
N VAL T 272 -61.62 -52.34 37.53
CA VAL T 272 -60.52 -53.29 37.72
C VAL T 272 -60.91 -54.42 38.67
N LEU T 273 -61.93 -54.20 39.51
CA LEU T 273 -62.35 -55.26 40.43
C LEU T 273 -63.45 -56.15 39.86
N ARG T 274 -64.26 -55.67 38.92
CA ARG T 274 -65.22 -56.59 38.34
C ARG T 274 -64.56 -57.60 37.40
N GLU T 275 -63.25 -57.51 37.21
CA GLU T 275 -62.54 -58.36 36.28
C GLU T 275 -61.85 -59.55 36.94
N PHE T 276 -61.54 -59.45 38.24
CA PHE T 276 -60.90 -60.56 38.92
C PHE T 276 -61.92 -61.62 39.29
N THR T 277 -61.42 -62.85 39.49
CA THR T 277 -62.25 -64.02 39.69
C THR T 277 -61.93 -64.66 41.04
N SER T 278 -62.66 -64.26 42.07
CA SER T 278 -62.55 -64.85 43.39
C SER T 278 -63.87 -65.52 43.77
N ARG T 279 -63.77 -66.61 44.53
CA ARG T 279 -64.98 -67.32 44.93
C ARG T 279 -65.87 -66.47 45.82
N ASN T 280 -65.28 -65.68 46.73
CA ASN T 280 -66.04 -64.77 47.57
C ASN T 280 -65.42 -63.40 47.49
N ARG T 281 -66.21 -62.40 47.91
CA ARG T 281 -65.86 -60.99 47.71
C ARG T 281 -66.30 -60.26 48.98
N LEU T 282 -65.38 -60.11 49.92
CA LEU T 282 -65.75 -59.56 51.22
C LEU T 282 -65.41 -58.08 51.24
N LEU T 283 -66.44 -57.26 51.00
CA LEU T 283 -66.33 -55.82 51.10
C LEU T 283 -66.42 -55.39 52.57
N ILE T 284 -65.60 -54.40 52.94
CA ILE T 284 -65.54 -53.92 54.31
C ILE T 284 -65.58 -52.39 54.29
N THR T 285 -66.15 -51.81 55.34
CA THR T 285 -66.20 -50.36 55.47
C THR T 285 -66.15 -49.95 56.94
N GLY T 286 -65.92 -48.66 57.17
CA GLY T 286 -66.00 -48.07 58.48
C GLY T 286 -67.30 -47.31 58.66
N THR T 287 -67.76 -46.67 57.58
CA THR T 287 -69.06 -46.03 57.55
C THR T 287 -69.88 -46.59 56.40
N PRO T 288 -71.19 -46.64 56.55
CA PRO T 288 -72.06 -47.14 55.47
C PRO T 288 -72.17 -46.14 54.32
N LEU T 289 -73.15 -46.35 53.43
CA LEU T 289 -73.39 -45.47 52.31
C LEU T 289 -73.36 -44.02 52.77
N GLN T 290 -72.87 -43.12 51.92
CA GLN T 290 -72.76 -41.72 52.31
C GLN T 290 -73.97 -40.90 51.91
N ASN T 291 -74.45 -41.05 50.70
CA ASN T 291 -75.50 -40.11 50.34
C ASN T 291 -76.77 -40.73 49.79
N ASN T 292 -76.66 -41.70 48.88
CA ASN T 292 -77.82 -42.04 48.06
C ASN T 292 -78.02 -43.54 47.94
N LEU T 293 -79.27 -43.90 47.66
CA LEU T 293 -79.62 -45.28 47.32
C LEU T 293 -78.89 -45.77 46.09
N HIS T 294 -78.74 -44.90 45.08
CA HIS T 294 -77.87 -45.21 43.96
C HIS T 294 -76.52 -45.68 44.45
N GLU T 295 -75.98 -44.98 45.45
CA GLU T 295 -74.72 -45.38 46.04
C GLU T 295 -74.83 -46.73 46.73
N LEU T 296 -75.94 -46.99 47.42
CA LEU T 296 -76.09 -48.23 48.18
C LEU T 296 -75.88 -49.46 47.30
N TRP T 297 -76.63 -49.56 46.21
CA TRP T 297 -76.42 -50.69 45.31
C TRP T 297 -75.17 -50.55 44.47
N ALA T 298 -74.52 -49.39 44.47
CA ALA T 298 -73.17 -49.33 43.93
C ALA T 298 -72.22 -50.21 44.73
N LEU T 299 -72.30 -50.15 46.06
CA LEU T 299 -71.63 -51.15 46.87
C LEU T 299 -72.25 -52.52 46.66
N LEU T 300 -73.58 -52.57 46.54
CA LEU T 300 -74.28 -53.85 46.53
C LEU T 300 -74.12 -54.58 45.21
N ASN T 301 -74.05 -53.84 44.08
CA ASN T 301 -74.04 -54.51 42.79
C ASN T 301 -72.77 -55.33 42.57
N PHE T 302 -71.63 -54.88 43.09
CA PHE T 302 -70.42 -55.69 42.97
C PHE T 302 -70.38 -56.84 43.96
N LEU T 303 -71.32 -56.90 44.91
CA LEU T 303 -71.31 -57.99 45.88
C LEU T 303 -71.73 -59.29 45.21
N LEU T 304 -72.89 -59.29 44.58
CA LEU T 304 -73.43 -60.45 43.89
C LEU T 304 -73.90 -59.97 42.51
N PRO T 305 -72.99 -59.87 41.55
CA PRO T 305 -73.32 -59.18 40.29
C PRO T 305 -74.25 -59.97 39.38
N ASP T 306 -74.09 -61.30 39.33
CA ASP T 306 -74.95 -62.12 38.49
C ASP T 306 -76.39 -62.13 38.99
N ILE T 307 -76.61 -61.78 40.25
CA ILE T 307 -77.96 -61.79 40.80
C ILE T 307 -78.71 -60.52 40.43
N PHE T 308 -78.07 -59.36 40.55
CA PHE T 308 -78.73 -58.09 40.23
C PHE T 308 -78.60 -57.76 38.75
N SER T 309 -77.36 -57.60 38.28
CA SER T 309 -77.07 -57.28 36.86
C SER T 309 -77.90 -56.12 36.37
N ASP T 310 -78.37 -55.27 37.29
CA ASP T 310 -79.31 -54.21 36.98
C ASP T 310 -78.93 -52.98 37.79
N ALA T 311 -79.13 -51.80 37.19
CA ALA T 311 -78.73 -50.55 37.80
C ALA T 311 -79.91 -49.68 38.18
N GLN T 312 -80.77 -49.34 37.22
CA GLN T 312 -81.95 -48.53 37.50
C GLN T 312 -83.13 -49.41 37.90
N ASP T 313 -83.07 -50.71 37.60
CA ASP T 313 -84.11 -51.63 38.05
C ASP T 313 -84.19 -51.68 39.56
N PHE T 314 -83.02 -51.74 40.22
CA PHE T 314 -83.00 -51.71 41.68
C PHE T 314 -83.54 -50.40 42.22
N ASP T 315 -83.25 -49.30 41.53
CA ASP T 315 -83.56 -47.97 42.05
C ASP T 315 -85.07 -47.70 42.06
N ASP T 316 -85.69 -47.73 40.88
CA ASP T 316 -87.12 -47.46 40.80
C ASP T 316 -87.96 -48.56 41.42
N TRP T 317 -87.36 -49.73 41.69
CA TRP T 317 -88.06 -50.76 42.46
C TRP T 317 -88.35 -50.29 43.88
N PHE T 318 -87.38 -49.60 44.51
CA PHE T 318 -87.59 -49.04 45.84
C PHE T 318 -88.01 -47.59 45.82
N SER T 319 -87.71 -46.86 44.74
CA SER T 319 -88.23 -45.51 44.50
C SER T 319 -87.74 -44.50 45.54
N SER T 320 -86.52 -44.69 46.05
CA SER T 320 -85.81 -43.69 46.85
C SER T 320 -86.62 -43.29 48.09
N GLU T 321 -86.73 -44.27 49.00
CA GLU T 321 -87.36 -44.10 50.32
C GLU T 321 -88.75 -43.48 50.21
N SER T 322 -89.44 -43.79 49.12
CA SER T 322 -90.71 -43.16 48.79
C SER T 322 -90.56 -41.64 48.76
N THR T 323 -89.72 -41.17 47.83
CA THR T 323 -89.43 -39.76 47.72
C THR T 323 -90.65 -38.92 47.40
N GLU T 324 -91.71 -39.54 46.88
CA GLU T 324 -92.93 -38.83 46.53
C GLU T 324 -94.02 -38.95 47.59
N GLU T 325 -94.33 -40.16 48.03
CA GLU T 325 -95.38 -40.36 49.03
C GLU T 325 -94.87 -40.26 50.46
N ASP T 326 -93.57 -40.43 50.68
CA ASP T 326 -92.98 -40.44 52.03
C ASP T 326 -93.72 -41.40 52.93
N GLN T 327 -94.04 -42.59 52.39
CA GLN T 327 -94.65 -43.63 53.19
C GLN T 327 -93.74 -44.04 54.34
N ASP T 328 -92.43 -44.14 54.06
CA ASP T 328 -91.43 -44.54 55.04
C ASP T 328 -91.73 -45.92 55.61
N LYS T 329 -92.59 -46.68 54.95
CA LYS T 329 -92.91 -48.05 55.30
C LYS T 329 -92.37 -49.05 54.29
N ILE T 330 -92.24 -48.65 53.03
CA ILE T 330 -91.56 -49.49 52.06
C ILE T 330 -90.08 -49.60 52.38
N VAL T 331 -89.55 -48.69 53.21
CA VAL T 331 -88.17 -48.81 53.66
C VAL T 331 -87.99 -50.09 54.47
N LYS T 332 -89.07 -50.60 55.08
CA LYS T 332 -88.97 -51.85 55.81
C LYS T 332 -88.55 -53.00 54.90
N GLN T 333 -89.05 -52.98 53.64
CA GLN T 333 -88.64 -53.97 52.65
C GLN T 333 -87.15 -53.87 52.36
N LEU T 334 -86.65 -52.64 52.24
CA LEU T 334 -85.20 -52.44 52.12
C LEU T 334 -84.47 -53.03 53.32
N HIS T 335 -84.99 -52.78 54.52
CA HIS T 335 -84.31 -53.25 55.72
C HIS T 335 -84.38 -54.76 55.84
N THR T 336 -85.50 -55.36 55.44
CA THR T 336 -85.73 -56.78 55.67
C THR T 336 -84.84 -57.64 54.77
N VAL T 337 -84.52 -57.18 53.56
CA VAL T 337 -83.59 -57.92 52.72
C VAL T 337 -82.17 -57.83 53.27
N LEU T 338 -81.77 -56.63 53.69
CA LEU T 338 -80.38 -56.38 54.06
C LEU T 338 -80.04 -56.84 55.48
N GLN T 339 -81.04 -56.97 56.35
CA GLN T 339 -80.77 -57.41 57.71
C GLN T 339 -80.21 -58.84 57.76
N PRO T 340 -80.81 -59.83 57.07
CA PRO T 340 -80.15 -61.14 56.97
C PRO T 340 -79.11 -61.18 55.87
N PHE T 341 -78.89 -60.09 55.14
CA PHE T 341 -77.82 -60.03 54.16
C PHE T 341 -76.64 -59.17 54.62
N LEU T 342 -76.76 -58.46 55.74
CA LEU T 342 -75.72 -57.51 56.15
C LEU T 342 -75.81 -57.21 57.65
N LEU T 343 -74.72 -56.68 58.20
CA LEU T 343 -74.51 -56.68 59.65
C LEU T 343 -73.97 -55.32 60.09
N ARG T 344 -74.67 -54.69 61.03
CA ARG T 344 -74.23 -53.44 61.62
C ARG T 344 -74.06 -53.66 63.11
N ARG T 345 -72.94 -53.20 63.66
CA ARG T 345 -72.83 -53.02 65.09
C ARG T 345 -72.21 -51.65 65.35
N ILE T 346 -72.64 -51.06 66.46
CA ILE T 346 -72.24 -49.71 66.85
C ILE T 346 -71.41 -49.78 68.12
N LYS T 347 -70.53 -48.80 68.28
CA LYS T 347 -69.68 -48.74 69.47
C LYS T 347 -70.51 -48.51 70.74
N SER T 348 -71.57 -47.68 70.64
CA SER T 348 -72.33 -47.32 71.82
C SER T 348 -73.01 -48.52 72.45
N ASP T 349 -73.43 -49.49 71.64
CA ASP T 349 -74.09 -50.68 72.17
C ASP T 349 -73.12 -51.53 72.97
N VAL T 350 -72.14 -52.12 72.29
CA VAL T 350 -71.06 -52.86 72.93
C VAL T 350 -69.88 -51.91 72.97
N GLU T 351 -69.70 -51.24 74.10
CA GLU T 351 -68.66 -50.22 74.25
C GLU T 351 -67.29 -50.75 73.86
N THR T 352 -66.76 -51.70 74.66
CA THR T 352 -65.38 -52.20 74.55
C THR T 352 -64.42 -51.09 74.96
N SER T 353 -64.96 -49.90 75.23
CA SER T 353 -64.21 -48.76 75.74
C SER T 353 -64.90 -48.08 76.90
N LEU T 354 -66.22 -48.22 77.03
CA LEU T 354 -66.99 -47.79 78.20
C LEU T 354 -66.87 -46.28 78.42
N LEU T 355 -66.72 -45.53 77.35
CA LEU T 355 -66.55 -44.09 77.48
C LEU T 355 -66.92 -43.42 76.17
N PRO T 356 -67.88 -42.51 76.17
CA PRO T 356 -68.25 -41.78 74.95
C PRO T 356 -67.27 -40.66 74.66
N LYS T 357 -67.58 -39.90 73.60
CA LYS T 357 -66.75 -38.80 73.15
C LYS T 357 -67.54 -37.50 73.24
N LYS T 358 -66.86 -36.41 73.59
CA LYS T 358 -67.48 -35.10 73.60
C LYS T 358 -67.29 -34.41 72.26
N GLU T 359 -68.10 -33.38 72.02
CA GLU T 359 -68.02 -32.59 70.80
C GLU T 359 -68.41 -31.14 71.12
N LEU T 360 -67.58 -30.20 70.71
CA LEU T 360 -67.91 -28.79 70.75
C LEU T 360 -67.54 -28.16 69.42
N ASN T 361 -68.39 -27.25 68.94
CA ASN T 361 -68.18 -26.56 67.67
C ASN T 361 -67.77 -25.13 68.00
N LEU T 362 -66.46 -24.85 67.90
CA LEU T 362 -65.90 -23.59 68.35
C LEU T 362 -66.19 -22.50 67.30
N TYR T 363 -67.42 -21.98 67.36
CA TYR T 363 -67.80 -20.88 66.50
C TYR T 363 -66.97 -19.65 66.84
N VAL T 364 -66.04 -19.29 65.95
CA VAL T 364 -65.21 -18.12 66.17
C VAL T 364 -65.47 -17.12 65.05
N GLY T 365 -65.35 -15.84 65.39
CA GLY T 365 -65.59 -14.80 64.41
C GLY T 365 -64.50 -14.73 63.37
N MET T 366 -64.89 -14.39 62.15
CA MET T 366 -63.92 -14.30 61.05
C MET T 366 -63.07 -13.06 61.23
N SER T 367 -61.76 -13.22 61.07
CA SER T 367 -60.80 -12.23 61.55
C SER T 367 -61.04 -10.87 60.92
N SER T 368 -61.00 -9.83 61.75
CA SER T 368 -61.22 -8.48 61.25
C SER T 368 -60.13 -8.08 60.28
N MET T 369 -58.89 -8.53 60.51
CA MET T 369 -57.77 -8.14 59.67
C MET T 369 -57.97 -8.62 58.24
N GLN T 370 -58.47 -9.85 58.06
CA GLN T 370 -58.75 -10.36 56.72
C GLN T 370 -60.08 -9.89 56.18
N LYS T 371 -60.89 -9.19 56.98
CA LYS T 371 -62.16 -8.66 56.47
C LYS T 371 -61.93 -7.78 55.25
N LYS T 372 -60.76 -7.15 55.17
CA LYS T 372 -60.44 -6.39 53.97
C LYS T 372 -60.47 -7.28 52.73
N TRP T 373 -59.73 -8.39 52.77
CA TRP T 373 -59.65 -9.27 51.61
C TRP T 373 -60.94 -10.05 51.41
N TYR T 374 -61.65 -10.40 52.50
CA TYR T 374 -62.92 -11.09 52.34
C TYR T 374 -63.92 -10.22 51.60
N LYS T 375 -63.96 -8.91 51.91
CA LYS T 375 -64.73 -7.99 51.08
C LYS T 375 -64.15 -7.90 49.68
N LYS T 376 -62.83 -7.87 49.57
CA LYS T 376 -62.18 -7.84 48.27
C LYS T 376 -62.48 -9.08 47.44
N ILE T 377 -62.91 -10.16 48.08
CA ILE T 377 -63.39 -11.32 47.35
C ILE T 377 -64.87 -11.20 47.01
N LEU T 378 -65.68 -10.72 47.95
CA LEU T 378 -67.11 -10.58 47.68
C LEU T 378 -67.39 -9.49 46.67
N GLU T 379 -66.80 -8.30 46.86
CA GLU T 379 -67.01 -7.18 45.96
C GLU T 379 -66.05 -7.18 44.78
N LYS T 380 -65.16 -8.17 44.67
CA LYS T 380 -64.19 -8.26 43.59
C LYS T 380 -63.29 -7.03 43.52
N ASP T 381 -62.93 -6.50 44.69
CA ASP T 381 -62.09 -5.31 44.75
C ASP T 381 -60.73 -5.54 44.13
N GLU T 393 -55.90 -9.62 45.74
CA GLU T 393 -56.64 -8.38 45.91
C GLU T 393 -57.48 -8.08 44.67
N SER T 394 -56.85 -8.16 43.50
CA SER T 394 -57.56 -7.94 42.24
C SER T 394 -56.86 -8.68 41.11
N LYS T 395 -57.55 -8.74 39.96
CA LYS T 395 -56.99 -9.16 38.69
C LYS T 395 -56.53 -10.62 38.71
N THR T 396 -57.32 -11.49 39.35
CA THR T 396 -57.03 -12.91 39.42
C THR T 396 -58.29 -13.70 39.10
N ARG T 397 -58.17 -15.01 39.22
CA ARG T 397 -59.30 -15.91 39.03
C ARG T 397 -60.27 -15.81 40.21
N LEU T 398 -61.55 -16.06 39.91
CA LEU T 398 -62.58 -16.50 40.86
C LEU T 398 -63.42 -17.59 40.22
N LEU T 399 -62.77 -18.49 39.48
CA LEU T 399 -63.49 -19.54 38.77
C LEU T 399 -64.26 -20.46 39.69
N ASN T 400 -63.85 -20.55 40.96
CA ASN T 400 -64.59 -21.33 41.94
C ASN T 400 -64.70 -20.45 43.19
N ILE T 401 -65.70 -19.56 43.20
CA ILE T 401 -65.92 -18.69 44.35
C ILE T 401 -66.12 -19.51 45.62
N MET T 402 -66.58 -20.76 45.47
CA MET T 402 -66.63 -21.70 46.57
C MET T 402 -65.30 -21.74 47.30
N MET T 403 -64.24 -22.10 46.57
CA MET T 403 -62.96 -22.34 47.19
C MET T 403 -62.31 -21.04 47.66
N GLN T 404 -62.50 -19.98 46.86
CA GLN T 404 -61.88 -18.69 47.17
C GLN T 404 -62.35 -18.18 48.52
N LEU T 405 -63.66 -18.16 48.72
CA LEU T 405 -64.19 -17.84 50.05
C LEU T 405 -63.79 -18.90 51.07
N ARG T 406 -63.68 -20.17 50.63
CA ARG T 406 -63.27 -21.24 51.53
C ARG T 406 -61.85 -21.02 52.05
N LYS T 407 -60.94 -20.61 51.17
CA LYS T 407 -59.57 -20.33 51.62
C LYS T 407 -59.53 -19.10 52.53
N CYS T 408 -60.27 -18.05 52.18
CA CYS T 408 -60.35 -16.90 53.06
C CYS T 408 -61.02 -17.27 54.38
N CYS T 409 -62.07 -18.10 54.30
CA CYS T 409 -62.64 -18.67 55.51
C CYS T 409 -61.62 -19.49 56.27
N ASN T 410 -60.70 -20.12 55.55
CA ASN T 410 -59.68 -20.95 56.20
C ASN T 410 -58.53 -20.10 56.73
N HIS T 411 -57.87 -19.35 55.85
CA HIS T 411 -56.68 -18.66 56.31
C HIS T 411 -56.31 -17.54 55.34
N PRO T 412 -55.93 -16.37 55.85
CA PRO T 412 -55.76 -15.21 54.95
C PRO T 412 -54.50 -15.25 54.11
N TYR T 413 -53.38 -15.72 54.68
CA TYR T 413 -52.11 -15.67 53.98
C TYR T 413 -52.07 -16.61 52.78
N LEU T 414 -53.11 -17.43 52.59
CA LEU T 414 -53.19 -18.34 51.46
C LEU T 414 -53.36 -17.61 50.13
N PHE T 415 -53.63 -16.32 50.15
CA PHE T 415 -53.94 -15.57 48.94
C PHE T 415 -52.76 -14.78 48.37
N ASP T 416 -51.52 -15.22 48.63
CA ASP T 416 -50.35 -14.79 47.86
C ASP T 416 -50.18 -13.28 47.89
N GLY T 417 -49.90 -12.78 49.09
CA GLY T 417 -49.68 -11.36 49.26
C GLY T 417 -50.22 -10.83 50.57
N ALA T 418 -51.01 -11.66 51.27
CA ALA T 418 -51.40 -11.30 52.63
C ALA T 418 -50.21 -11.28 53.57
N GLU T 419 -49.11 -11.93 53.19
CA GLU T 419 -47.88 -11.82 53.95
C GLU T 419 -46.92 -10.90 53.22
N PRO T 420 -46.88 -9.62 53.57
CA PRO T 420 -46.10 -8.65 52.77
C PRO T 420 -44.60 -8.74 52.97
N GLY T 421 -44.14 -9.30 54.08
CA GLY T 421 -42.74 -9.26 54.44
C GLY T 421 -41.83 -10.01 53.49
N PRO T 422 -40.90 -9.30 52.87
CA PRO T 422 -39.86 -9.96 52.07
C PRO T 422 -39.02 -10.92 52.90
N PRO T 423 -38.75 -10.64 54.19
CA PRO T 423 -38.20 -11.69 55.04
C PRO T 423 -39.22 -12.69 55.53
N TYR T 424 -40.51 -12.42 55.35
CA TYR T 424 -41.59 -13.30 55.79
C TYR T 424 -41.47 -13.59 57.29
N THR T 425 -41.63 -12.52 58.08
CA THR T 425 -41.52 -12.61 59.52
C THR T 425 -42.40 -13.74 60.06
N THR T 426 -41.90 -14.40 61.11
CA THR T 426 -42.60 -15.51 61.75
C THR T 426 -42.78 -15.15 63.21
N ASP T 427 -43.96 -14.61 63.55
CA ASP T 427 -44.19 -14.08 64.89
C ASP T 427 -45.68 -14.17 65.19
N GLU T 428 -46.09 -13.46 66.25
CA GLU T 428 -47.46 -13.48 66.72
C GLU T 428 -48.42 -12.80 65.74
N HIS T 429 -47.91 -12.12 64.71
CA HIS T 429 -48.78 -11.54 63.70
C HIS T 429 -49.57 -12.61 62.98
N LEU T 430 -48.97 -13.77 62.74
CA LEU T 430 -49.67 -14.88 62.10
C LEU T 430 -50.88 -15.29 62.93
N VAL T 431 -50.68 -15.55 64.23
CA VAL T 431 -51.81 -15.83 65.10
C VAL T 431 -52.66 -14.58 65.29
N TYR T 432 -52.05 -13.38 65.20
CA TYR T 432 -52.83 -12.15 65.27
C TYR T 432 -53.78 -11.99 64.09
N ASN T 433 -53.27 -12.16 62.87
CA ASN T 433 -54.08 -11.90 61.69
C ASN T 433 -55.09 -13.00 61.43
N ALA T 434 -54.90 -14.17 62.04
CA ALA T 434 -55.76 -15.31 61.84
C ALA T 434 -56.90 -15.30 62.86
N ALA T 435 -58.11 -15.62 62.38
CA ALA T 435 -59.24 -15.75 63.30
C ALA T 435 -59.06 -16.95 64.23
N LYS T 436 -58.76 -18.12 63.67
CA LYS T 436 -58.78 -19.34 64.47
C LYS T 436 -57.59 -19.43 65.43
N LEU T 437 -56.39 -19.13 64.95
CA LEU T 437 -55.19 -19.51 65.69
C LEU T 437 -55.12 -18.86 67.07
N GLN T 438 -55.84 -17.76 67.28
CA GLN T 438 -55.92 -17.18 68.62
C GLN T 438 -56.58 -18.15 69.60
N VAL T 439 -57.72 -18.72 69.20
CA VAL T 439 -58.35 -19.76 70.00
C VAL T 439 -57.46 -21.00 70.03
N LEU T 440 -56.78 -21.29 68.91
CA LEU T 440 -55.84 -22.42 68.90
C LEU T 440 -54.71 -22.21 69.89
N ASP T 441 -54.14 -20.99 69.93
CA ASP T 441 -53.06 -20.71 70.86
C ASP T 441 -53.54 -20.86 72.30
N LYS T 442 -54.75 -20.38 72.59
CA LYS T 442 -55.35 -20.60 73.90
C LYS T 442 -55.51 -22.10 74.19
N LEU T 443 -56.11 -22.83 73.26
CA LEU T 443 -56.39 -24.25 73.50
C LEU T 443 -55.11 -25.07 73.54
N LEU T 444 -54.10 -24.71 72.73
CA LEU T 444 -52.82 -25.40 72.80
C LEU T 444 -52.15 -25.19 74.16
N LYS T 445 -52.23 -23.97 74.70
CA LYS T 445 -51.70 -23.74 76.04
C LYS T 445 -52.47 -24.53 77.09
N LYS T 446 -53.79 -24.60 76.97
CA LYS T 446 -54.59 -25.36 77.93
C LYS T 446 -54.29 -26.85 77.84
N LEU T 447 -54.29 -27.39 76.62
CA LEU T 447 -54.09 -28.83 76.43
C LEU T 447 -52.66 -29.24 76.74
N LYS T 448 -51.70 -28.32 76.61
CA LYS T 448 -50.33 -28.62 77.00
C LYS T 448 -50.24 -28.90 78.49
N GLU T 449 -50.89 -28.07 79.31
CA GLU T 449 -50.89 -28.31 80.75
C GLU T 449 -51.74 -29.51 81.11
N GLU T 450 -52.87 -29.68 80.44
CA GLU T 450 -53.73 -30.82 80.68
C GLU T 450 -53.13 -32.13 80.18
N GLY T 451 -52.06 -32.06 79.40
CA GLY T 451 -51.46 -33.26 78.84
C GLY T 451 -52.27 -33.91 77.74
N SER T 452 -53.18 -33.17 77.12
CA SER T 452 -54.02 -33.72 76.06
C SER T 452 -53.20 -33.83 74.78
N ARG T 453 -53.22 -35.01 74.18
CA ARG T 453 -52.39 -35.32 73.02
C ARG T 453 -53.27 -35.12 71.80
N VAL T 454 -53.07 -34.00 71.10
CA VAL T 454 -54.07 -33.49 70.17
C VAL T 454 -53.72 -33.90 68.74
N LEU T 455 -54.77 -34.12 67.94
CA LEU T 455 -54.68 -34.38 66.51
C LEU T 455 -55.40 -33.27 65.77
N ILE T 456 -54.81 -32.81 64.66
CA ILE T 456 -55.34 -31.70 63.89
C ILE T 456 -55.57 -32.17 62.48
N PHE T 457 -56.77 -31.93 61.95
CA PHE T 457 -57.13 -32.31 60.59
C PHE T 457 -57.46 -31.07 59.78
N SER T 458 -57.13 -31.12 58.49
CA SER T 458 -57.34 -29.99 57.59
C SER T 458 -57.45 -30.50 56.17
N GLN T 459 -57.94 -29.62 55.29
CA GLN T 459 -58.10 -29.96 53.89
C GLN T 459 -56.95 -29.49 53.01
N MET T 460 -56.36 -28.33 53.30
CA MET T 460 -55.32 -27.74 52.44
C MET T 460 -53.94 -28.14 52.97
N SER T 461 -53.22 -28.93 52.16
CA SER T 461 -51.84 -29.25 52.49
C SER T 461 -50.98 -27.99 52.57
N ARG T 462 -51.27 -27.00 51.73
CA ARG T 462 -50.53 -25.74 51.79
C ARG T 462 -50.75 -25.01 53.11
N LEU T 463 -51.99 -25.05 53.62
CA LEU T 463 -52.26 -24.44 54.91
C LEU T 463 -51.46 -25.12 56.01
N LEU T 464 -51.26 -26.43 55.90
CA LEU T 464 -50.49 -27.17 56.88
C LEU T 464 -49.04 -26.73 56.92
N ASP T 465 -48.52 -26.21 55.81
CA ASP T 465 -47.17 -25.64 55.81
C ASP T 465 -47.08 -24.49 56.80
N ILE T 466 -48.09 -23.62 56.79
CA ILE T 466 -48.13 -22.50 57.74
C ILE T 466 -48.23 -23.02 59.16
N LEU T 467 -49.06 -24.04 59.38
CA LEU T 467 -49.12 -24.65 60.71
C LEU T 467 -47.79 -25.30 61.05
N GLU T 468 -47.15 -25.95 60.08
CA GLU T 468 -45.81 -26.47 60.31
C GLU T 468 -44.86 -25.35 60.70
N ASP T 469 -44.96 -24.21 60.02
CA ASP T 469 -44.16 -23.06 60.40
C ASP T 469 -44.55 -22.56 61.79
N TYR T 470 -45.85 -22.52 62.09
CA TYR T 470 -46.28 -22.02 63.38
C TYR T 470 -45.99 -23.04 64.49
N CYS T 471 -45.94 -24.33 64.15
CA CYS T 471 -45.45 -25.33 65.09
C CYS T 471 -44.00 -25.08 65.44
N TYR T 472 -43.19 -24.71 64.45
CA TYR T 472 -41.81 -24.32 64.70
C TYR T 472 -41.73 -23.12 65.63
N PHE T 473 -42.66 -22.18 65.48
CA PHE T 473 -42.68 -20.99 66.33
C PHE T 473 -42.85 -21.37 67.81
N ARG T 474 -43.75 -22.30 68.10
CA ARG T 474 -44.00 -22.72 69.46
C ARG T 474 -43.07 -23.85 69.91
N ASN T 475 -42.25 -24.39 69.00
CA ASN T 475 -41.23 -25.37 69.34
C ASN T 475 -41.84 -26.66 69.91
N TYR T 476 -42.92 -27.12 69.30
CA TYR T 476 -43.52 -28.40 69.65
C TYR T 476 -42.92 -29.52 68.82
N GLU T 477 -42.78 -30.69 69.43
CA GLU T 477 -42.46 -31.89 68.68
C GLU T 477 -43.74 -32.43 68.05
N TYR T 478 -43.60 -32.99 66.87
CA TYR T 478 -44.75 -33.49 66.11
C TYR T 478 -44.22 -34.28 64.92
N CYS T 479 -45.13 -34.78 64.10
CA CYS T 479 -44.80 -35.45 62.85
C CYS T 479 -45.87 -35.08 61.84
N ARG T 480 -45.45 -34.66 60.66
CA ARG T 480 -46.37 -34.19 59.63
C ARG T 480 -46.55 -35.28 58.58
N ILE T 481 -47.75 -35.85 58.54
CA ILE T 481 -48.15 -36.74 57.46
C ILE T 481 -49.07 -35.97 56.52
N ASP T 482 -48.77 -36.04 55.23
CA ASP T 482 -49.53 -35.35 54.20
C ASP T 482 -49.70 -36.30 53.03
N GLY T 483 -50.55 -35.92 52.09
CA GLY T 483 -50.69 -36.72 50.89
C GLY T 483 -49.37 -36.85 50.15
N SER T 484 -48.95 -38.10 49.95
CA SER T 484 -47.72 -38.43 49.23
C SER T 484 -46.49 -37.81 49.90
N THR T 485 -46.25 -38.23 51.14
CA THR T 485 -45.00 -37.92 51.83
C THR T 485 -43.96 -39.00 51.56
N ALA T 486 -44.28 -40.24 51.96
CA ALA T 486 -43.47 -41.41 51.65
C ALA T 486 -44.26 -42.66 52.05
N HIS T 487 -43.65 -43.83 51.93
CA HIS T 487 -44.26 -45.03 52.51
C HIS T 487 -43.68 -45.33 53.89
N GLU T 488 -42.35 -45.37 54.00
CA GLU T 488 -41.72 -45.64 55.28
C GLU T 488 -41.81 -44.44 56.22
N ASP T 489 -41.87 -43.22 55.68
CA ASP T 489 -42.03 -42.05 56.55
C ASP T 489 -43.37 -42.06 57.26
N ARG T 490 -44.43 -42.52 56.58
CA ARG T 490 -45.73 -42.64 57.22
C ARG T 490 -45.65 -43.55 58.43
N ILE T 491 -44.99 -44.71 58.26
CA ILE T 491 -44.88 -45.67 59.34
C ILE T 491 -44.09 -45.09 60.51
N GLN T 492 -42.92 -44.52 60.21
CA GLN T 492 -42.05 -44.02 61.26
C GLN T 492 -42.65 -42.82 61.98
N ALA T 493 -43.31 -41.92 61.25
CA ALA T 493 -43.95 -40.79 61.91
C ALA T 493 -45.10 -41.25 62.80
N ILE T 494 -45.86 -42.24 62.35
CA ILE T 494 -46.91 -42.83 63.19
C ILE T 494 -46.30 -43.44 64.43
N ASP T 495 -45.20 -44.18 64.27
CA ASP T 495 -44.59 -44.85 65.40
C ASP T 495 -44.08 -43.85 66.44
N ASP T 496 -43.43 -42.79 65.99
CA ASP T 496 -42.92 -41.79 66.91
C ASP T 496 -44.05 -41.09 67.65
N TYR T 497 -45.14 -40.77 66.94
CA TYR T 497 -46.27 -40.12 67.60
C TYR T 497 -46.93 -41.08 68.59
N ASN T 498 -47.13 -42.32 68.19
CA ASN T 498 -47.71 -43.34 69.06
C ASN T 498 -46.66 -44.02 69.92
N ALA T 499 -45.43 -43.51 69.94
CA ALA T 499 -44.44 -44.04 70.85
C ALA T 499 -44.87 -43.80 72.29
N PRO T 500 -44.53 -44.70 73.21
CA PRO T 500 -44.91 -44.48 74.62
C PRO T 500 -44.29 -43.20 75.16
N ASP T 501 -45.09 -42.45 75.92
CA ASP T 501 -44.68 -41.17 76.52
C ASP T 501 -44.10 -40.26 75.44
N SER T 502 -44.80 -40.16 74.31
CA SER T 502 -44.32 -39.37 73.20
C SER T 502 -44.63 -37.91 73.44
N LYS T 503 -43.58 -37.09 73.50
CA LYS T 503 -43.70 -35.65 73.70
C LYS T 503 -44.20 -34.93 72.45
N LYS T 504 -44.44 -35.67 71.36
CA LYS T 504 -44.95 -35.02 70.17
C LYS T 504 -46.36 -34.54 70.46
N PHE T 505 -46.44 -33.34 71.03
CA PHE T 505 -47.68 -32.87 71.63
C PHE T 505 -48.78 -32.72 70.59
N VAL T 506 -48.43 -32.18 69.42
CA VAL T 506 -49.38 -32.01 68.34
C VAL T 506 -49.05 -33.01 67.22
N PHE T 507 -49.94 -33.07 66.23
CA PHE T 507 -49.76 -33.99 65.11
C PHE T 507 -50.47 -33.41 63.89
N LEU T 508 -49.69 -32.89 62.95
CA LEU T 508 -50.25 -32.41 61.69
C LEU T 508 -50.69 -33.57 60.82
N LEU T 509 -51.90 -33.45 60.26
CA LEU T 509 -52.44 -34.50 59.42
C LEU T 509 -53.47 -33.89 58.47
N THR T 510 -53.58 -34.48 57.28
CA THR T 510 -54.60 -34.07 56.33
C THR T 510 -55.92 -34.76 56.66
N THR T 511 -56.94 -34.50 55.84
CA THR T 511 -58.25 -35.13 56.01
C THR T 511 -58.44 -36.31 55.07
N ARG T 512 -58.31 -36.08 53.76
CA ARG T 512 -58.57 -37.14 52.79
C ARG T 512 -57.39 -38.06 52.58
N ALA T 513 -56.21 -37.73 53.11
CA ALA T 513 -55.08 -38.65 53.06
C ALA T 513 -54.74 -39.30 54.39
N GLY T 514 -55.16 -38.72 55.52
CA GLY T 514 -54.72 -39.19 56.82
C GLY T 514 -55.59 -40.17 57.58
N GLY T 515 -56.83 -39.80 57.85
CA GLY T 515 -57.69 -40.60 58.72
C GLY T 515 -58.63 -41.56 58.01
N LEU T 516 -58.11 -42.69 57.54
CA LEU T 516 -58.93 -43.70 56.86
C LEU T 516 -58.59 -45.10 57.37
N GLY T 517 -58.45 -45.26 58.68
CA GLY T 517 -58.28 -46.57 59.25
C GLY T 517 -57.21 -46.72 60.31
N ILE T 518 -56.34 -45.71 60.47
CA ILE T 518 -55.27 -45.81 61.47
C ILE T 518 -55.84 -45.62 62.87
N ASN T 519 -55.14 -46.17 63.84
CA ASN T 519 -55.54 -46.08 65.25
C ASN T 519 -54.56 -45.18 65.99
N LEU T 520 -55.11 -44.24 66.75
CA LEU T 520 -54.31 -43.25 67.47
C LEU T 520 -54.79 -43.15 68.92
N THR T 521 -54.94 -44.32 69.56
CA THR T 521 -55.44 -44.37 70.93
C THR T 521 -54.55 -43.63 71.91
N SER T 522 -53.27 -43.45 71.58
CA SER T 522 -52.42 -42.60 72.42
C SER T 522 -52.98 -41.19 72.49
N ALA T 523 -53.67 -40.75 71.46
CA ALA T 523 -54.33 -39.45 71.46
C ALA T 523 -55.74 -39.57 72.02
N ASP T 524 -56.24 -38.46 72.53
CA ASP T 524 -57.60 -38.35 73.04
C ASP T 524 -58.42 -37.28 72.35
N VAL T 525 -57.82 -36.12 72.09
CA VAL T 525 -58.53 -34.97 71.54
C VAL T 525 -58.12 -34.79 70.09
N VAL T 526 -59.13 -34.56 69.23
CA VAL T 526 -58.94 -34.37 67.80
C VAL T 526 -59.66 -33.09 67.39
N VAL T 527 -58.98 -32.22 66.65
CA VAL T 527 -59.52 -30.92 66.29
C VAL T 527 -59.54 -30.78 64.77
N LEU T 528 -60.62 -30.21 64.25
CA LEU T 528 -60.72 -29.87 62.85
C LEU T 528 -60.42 -28.39 62.66
N TYR T 529 -59.47 -28.08 61.79
CA TYR T 529 -59.29 -26.70 61.38
C TYR T 529 -60.42 -26.23 60.47
N ASP T 530 -60.91 -27.12 59.60
CA ASP T 530 -61.91 -26.77 58.62
C ASP T 530 -62.90 -27.91 58.47
N SER T 531 -64.07 -27.60 57.92
CA SER T 531 -65.12 -28.57 57.71
C SER T 531 -65.06 -29.11 56.28
N ASP T 532 -65.53 -30.34 56.11
CA ASP T 532 -65.51 -30.99 54.80
C ASP T 532 -66.93 -31.22 54.33
N TRP T 533 -67.12 -31.19 53.01
CA TRP T 533 -68.43 -31.39 52.40
C TRP T 533 -68.91 -32.84 52.49
N ASN T 534 -68.19 -33.68 53.24
CA ASN T 534 -68.55 -35.09 53.43
C ASN T 534 -68.67 -35.39 54.92
N PRO T 535 -69.88 -35.40 55.48
CA PRO T 535 -70.02 -35.60 56.93
C PRO T 535 -69.54 -36.96 57.42
N GLN T 536 -69.79 -38.02 56.66
CA GLN T 536 -69.33 -39.35 57.09
C GLN T 536 -67.81 -39.44 57.09
N ALA T 537 -67.16 -38.73 56.16
CA ALA T 537 -65.72 -38.56 56.25
C ALA T 537 -65.35 -37.77 57.49
N ASP T 538 -66.12 -36.72 57.82
CA ASP T 538 -65.92 -36.03 59.08
C ASP T 538 -66.08 -36.98 60.25
N LEU T 539 -67.11 -37.83 60.20
CA LEU T 539 -67.26 -38.89 61.19
C LEU T 539 -66.10 -39.88 61.10
N GLN T 540 -65.70 -40.24 59.88
CA GLN T 540 -64.58 -41.14 59.70
C GLN T 540 -63.31 -40.61 60.34
N ALA T 541 -63.05 -39.31 60.20
CA ALA T 541 -61.82 -38.72 60.71
C ALA T 541 -61.85 -38.60 62.23
N MET T 542 -62.99 -38.18 62.79
CA MET T 542 -63.03 -37.87 64.22
C MET T 542 -62.71 -39.08 65.07
N ASP T 543 -63.21 -40.25 64.68
CA ASP T 543 -63.05 -41.44 65.51
C ASP T 543 -61.67 -42.03 65.44
N ARG T 544 -60.67 -41.25 65.01
CA ARG T 544 -59.31 -41.76 64.94
C ARG T 544 -58.82 -42.18 66.31
N ALA T 545 -58.99 -41.32 67.31
CA ALA T 545 -58.56 -41.60 68.67
C ALA T 545 -59.61 -42.32 69.52
N HIS T 546 -60.89 -42.26 69.11
CA HIS T 546 -61.97 -42.86 69.89
C HIS T 546 -62.29 -44.25 69.36
N ARG T 547 -61.44 -45.21 69.72
CA ARG T 547 -61.61 -46.59 69.29
C ARG T 547 -61.37 -47.50 70.50
N ILE T 548 -61.22 -48.79 70.25
CA ILE T 548 -60.74 -49.69 71.28
C ILE T 548 -59.30 -49.35 71.61
N GLY T 549 -59.02 -49.15 72.90
CA GLY T 549 -57.71 -48.74 73.36
C GLY T 549 -57.61 -47.29 73.78
N GLN T 550 -58.70 -46.52 73.65
CA GLN T 550 -58.72 -45.13 74.08
C GLN T 550 -59.02 -45.08 75.56
N LYS T 551 -58.07 -44.61 76.36
CA LYS T 551 -58.20 -44.61 77.81
C LYS T 551 -58.59 -43.25 78.38
N LYS T 552 -58.91 -42.27 77.54
CA LYS T 552 -59.33 -40.96 77.99
C LYS T 552 -60.60 -40.53 77.26
N GLN T 553 -61.16 -39.42 77.72
CA GLN T 553 -62.37 -38.86 77.12
C GLN T 553 -62.03 -38.08 75.85
N VAL T 554 -62.67 -38.45 74.75
CA VAL T 554 -62.41 -37.80 73.47
C VAL T 554 -63.19 -36.48 73.41
N LYS T 555 -62.46 -35.38 73.29
CA LYS T 555 -63.00 -34.03 73.41
C LYS T 555 -62.83 -33.35 72.05
N VAL T 556 -63.87 -33.35 71.24
CA VAL T 556 -63.80 -32.85 69.87
C VAL T 556 -64.06 -31.35 69.87
N PHE T 557 -63.24 -30.60 69.15
CA PHE T 557 -63.35 -29.15 69.03
C PHE T 557 -63.33 -28.78 67.55
N ARG T 558 -64.49 -28.78 66.92
CA ARG T 558 -64.60 -28.37 65.52
C ARG T 558 -64.55 -26.86 65.41
N LEU T 559 -63.83 -26.37 64.41
CA LEU T 559 -63.68 -24.94 64.18
C LEU T 559 -64.60 -24.54 63.03
N VAL T 560 -65.57 -23.67 63.32
CA VAL T 560 -66.49 -23.15 62.32
C VAL T 560 -66.49 -21.64 62.40
N THR T 561 -66.34 -21.00 61.26
CA THR T 561 -66.19 -19.55 61.22
C THR T 561 -67.56 -18.87 61.31
N ASP T 562 -67.69 -17.93 62.24
CA ASP T 562 -68.94 -17.21 62.43
C ASP T 562 -69.15 -16.20 61.30
N ASN T 563 -70.42 -15.98 60.95
CA ASN T 563 -70.81 -15.05 59.88
C ASN T 563 -70.09 -15.38 58.59
N SER T 564 -70.01 -16.66 58.26
CA SER T 564 -69.23 -17.12 57.12
C SER T 564 -70.06 -18.09 56.28
N VAL T 565 -69.52 -18.38 55.09
CA VAL T 565 -70.08 -19.39 54.23
C VAL T 565 -69.92 -20.78 54.83
N GLU T 566 -68.98 -20.96 55.75
CA GLU T 566 -68.82 -22.24 56.41
C GLU T 566 -70.07 -22.63 57.18
N GLU T 567 -70.87 -21.64 57.56
CA GLU T 567 -72.15 -21.92 58.22
C GLU T 567 -73.06 -22.73 57.31
N LYS T 568 -73.13 -22.37 56.03
CA LYS T 568 -74.01 -23.08 55.11
C LYS T 568 -73.51 -24.49 54.82
N ILE T 569 -72.20 -24.69 54.72
CA ILE T 569 -71.66 -26.02 54.46
C ILE T 569 -72.07 -26.97 55.58
N LEU T 570 -71.90 -26.54 56.82
CA LEU T 570 -72.27 -27.38 57.95
C LEU T 570 -73.76 -27.67 57.96
N GLU T 571 -74.58 -26.67 57.64
CA GLU T 571 -76.01 -26.90 57.50
C GLU T 571 -76.30 -27.86 56.35
N ARG T 572 -75.60 -27.68 55.22
CA ARG T 572 -75.69 -28.66 54.15
C ARG T 572 -75.09 -29.98 54.57
N ALA T 573 -74.00 -29.94 55.35
CA ALA T 573 -73.46 -31.18 55.90
C ALA T 573 -74.48 -31.88 56.76
N THR T 574 -75.22 -31.13 57.58
CA THR T 574 -76.32 -31.71 58.32
C THR T 574 -77.40 -32.23 57.38
N GLN T 575 -77.66 -31.50 56.30
CA GLN T 575 -78.69 -31.92 55.35
C GLN T 575 -78.37 -33.30 54.77
N LYS T 576 -77.13 -33.49 54.31
CA LYS T 576 -76.71 -34.82 53.85
C LYS T 576 -76.62 -35.82 54.98
N LEU T 577 -76.41 -35.35 56.22
CA LEU T 577 -76.36 -36.23 57.37
C LEU T 577 -77.74 -36.83 57.68
N ARG T 578 -78.76 -35.97 57.78
CA ARG T 578 -80.08 -36.43 58.22
C ARG T 578 -80.85 -37.15 57.13
N LEU T 579 -80.59 -36.85 55.86
CA LEU T 579 -81.18 -37.66 54.80
C LEU T 579 -80.67 -39.10 54.84
N ASP T 580 -79.57 -39.34 55.54
CA ASP T 580 -78.95 -40.66 55.63
C ASP T 580 -79.16 -41.34 56.98
N GLN T 581 -79.02 -40.61 58.09
CA GLN T 581 -79.15 -41.22 59.42
C GLN T 581 -80.57 -41.72 59.68
N LEU T 582 -81.58 -41.06 59.12
CA LEU T 582 -82.96 -41.45 59.40
C LEU T 582 -83.25 -42.87 58.92
N VAL T 583 -82.74 -43.23 57.75
CA VAL T 583 -83.01 -44.56 57.21
C VAL T 583 -82.09 -45.61 57.83
N ILE T 584 -80.84 -45.24 58.15
CA ILE T 584 -79.91 -46.20 58.75
C ILE T 584 -80.41 -46.65 60.12
N GLN T 585 -81.00 -45.73 60.87
CA GLN T 585 -81.57 -46.08 62.18
C GLN T 585 -82.78 -47.00 62.04
N GLN T 586 -83.54 -46.89 60.96
CA GLN T 586 -84.63 -47.82 60.70
C GLN T 586 -84.11 -49.16 60.21
N ASN T 587 -82.97 -49.16 59.51
CA ASN T 587 -82.42 -50.42 59.00
C ASN T 587 -82.02 -51.38 60.12
N ARG T 588 -81.33 -50.89 61.14
CA ARG T 588 -80.89 -51.78 62.21
C ARG T 588 -82.07 -52.27 63.03
N THR T 589 -82.98 -51.37 63.37
CA THR T 589 -84.11 -51.73 64.23
C THR T 589 -85.04 -52.71 63.53
N SER T 590 -85.37 -52.45 62.27
CA SER T 590 -86.21 -53.34 61.49
C SER T 590 -86.08 -53.01 60.00
N ASN T 698 -58.84 8.11 26.54
CA ASN T 698 -58.74 7.19 25.41
C ASN T 698 -59.02 7.85 24.04
N PRO T 699 -60.14 8.56 23.86
CA PRO T 699 -60.38 9.23 22.58
C PRO T 699 -59.56 10.50 22.47
N THR T 700 -59.27 10.88 21.22
CA THR T 700 -58.47 12.07 20.91
C THR T 700 -57.08 12.01 21.57
N LYS T 701 -56.49 10.83 21.58
CA LYS T 701 -55.20 10.59 22.25
C LYS T 701 -54.32 9.68 21.41
N ARG T 702 -54.19 10.03 20.13
CA ARG T 702 -53.46 9.24 19.17
C ARG T 702 -51.96 9.24 19.48
N GLU T 703 -51.34 8.07 19.45
CA GLU T 703 -49.91 8.01 19.74
C GLU T 703 -49.09 8.69 18.66
N ARG T 704 -49.28 8.28 17.41
CA ARG T 704 -48.39 8.66 16.30
C ARG T 704 -46.91 8.54 16.69
N HIS T 728 -35.62 -1.33 25.10
CA HIS T 728 -35.52 -1.77 26.48
C HIS T 728 -34.36 -1.13 27.26
N PRO T 729 -33.12 -1.24 26.77
CA PRO T 729 -32.01 -0.73 27.57
C PRO T 729 -31.73 0.74 27.29
N ARG T 730 -31.61 1.50 28.36
CA ARG T 730 -31.23 2.90 28.30
C ARG T 730 -29.71 3.00 28.40
N MET T 731 -29.19 4.22 28.55
CA MET T 731 -27.75 4.45 28.66
C MET T 731 -27.45 5.03 30.03
N PRO T 732 -27.24 4.20 31.06
CA PRO T 732 -26.65 4.71 32.31
C PRO T 732 -25.15 4.84 32.17
N LYS T 733 -24.75 5.34 30.99
CA LYS T 733 -23.43 5.91 30.74
C LYS T 733 -23.79 7.27 30.16
N PRO T 734 -23.92 8.28 31.01
CA PRO T 734 -24.53 9.55 30.59
C PRO T 734 -23.70 10.31 29.57
N HIS T 735 -24.16 11.52 29.27
CA HIS T 735 -23.58 12.36 28.23
C HIS T 735 -22.06 12.43 28.35
N VAL T 736 -21.41 12.58 27.20
CA VAL T 736 -19.97 12.38 27.10
C VAL T 736 -19.21 13.24 28.10
N PHE T 737 -18.23 12.63 28.77
CA PHE T 737 -17.37 13.35 29.70
C PHE T 737 -15.89 13.05 29.55
N HIS T 738 -15.49 12.09 28.72
CA HIS T 738 -14.05 11.86 28.53
C HIS T 738 -13.40 13.08 27.88
N SER T 739 -14.08 13.70 26.92
CA SER T 739 -13.67 15.00 26.39
C SER T 739 -14.17 16.11 27.31
N HIS T 740 -13.75 16.00 28.57
CA HIS T 740 -14.28 16.88 29.62
C HIS T 740 -13.87 18.32 29.36
N GLN T 741 -14.74 19.24 29.78
CA GLN T 741 -14.54 20.66 29.64
C GLN T 741 -14.38 21.33 31.00
N LEU T 742 -13.71 20.63 31.93
CA LEU T 742 -13.55 21.09 33.30
C LEU T 742 -14.91 21.27 33.97
N GLN T 743 -15.64 20.16 34.08
CA GLN T 743 -17.01 20.18 34.57
C GLN T 743 -17.15 19.31 35.82
N PRO T 744 -18.07 19.68 36.72
CA PRO T 744 -18.26 18.90 37.95
C PRO T 744 -18.92 17.57 37.67
N PRO T 745 -18.80 16.60 38.58
CA PRO T 745 -19.41 15.28 38.35
C PRO T 745 -20.89 15.22 38.71
N GLN T 746 -21.40 16.11 39.56
CA GLN T 746 -22.84 16.14 39.80
C GLN T 746 -23.58 16.48 38.52
N LEU T 747 -22.92 17.14 37.57
CA LEU T 747 -23.48 17.33 36.25
C LEU T 747 -23.72 16.00 35.57
N LYS T 748 -22.75 15.09 35.65
CA LYS T 748 -22.95 13.72 35.16
C LYS T 748 -24.05 13.02 35.95
N VAL T 749 -24.17 13.36 37.24
CA VAL T 749 -25.29 12.84 38.02
C VAL T 749 -26.61 13.34 37.44
N LEU T 750 -26.66 14.63 37.09
CA LEU T 750 -27.89 15.16 36.50
C LEU T 750 -28.07 14.74 35.05
N TYR T 751 -26.98 14.44 34.35
CA TYR T 751 -27.12 13.80 33.04
C TYR T 751 -27.69 12.39 33.19
N GLU T 752 -27.23 11.65 34.20
CA GLU T 752 -27.90 10.38 34.53
C GLU T 752 -29.33 10.63 34.94
N LYS T 753 -29.64 11.84 35.43
CA LYS T 753 -31.02 12.16 35.73
C LYS T 753 -31.84 12.26 34.45
N GLU T 754 -31.22 12.66 33.34
CA GLU T 754 -31.91 12.62 32.05
C GLU T 754 -32.23 11.18 31.66
N ARG T 755 -31.26 10.28 31.84
CA ARG T 755 -31.48 8.84 31.75
C ARG T 755 -32.61 8.41 32.69
N MET T 756 -32.75 9.13 33.80
CA MET T 756 -33.49 8.65 34.96
C MET T 756 -35.00 8.70 34.69
N TRP T 757 -35.49 9.86 34.22
CA TRP T 757 -36.82 9.95 33.62
C TRP T 757 -36.99 9.06 32.39
N THR T 758 -36.00 9.06 31.49
CA THR T 758 -36.16 8.27 30.28
C THR T 758 -36.34 6.80 30.62
N ALA T 759 -35.68 6.35 31.69
CA ALA T 759 -35.90 5.00 32.18
C ALA T 759 -37.35 4.80 32.61
N LYS T 760 -37.91 5.77 33.34
CA LYS T 760 -39.29 5.62 33.81
C LYS T 760 -40.31 5.98 32.73
N LYS T 761 -40.08 7.10 32.03
CA LYS T 761 -41.08 7.57 31.07
C LYS T 761 -41.26 6.60 29.93
N THR T 762 -40.14 6.12 29.38
CA THR T 762 -40.15 5.24 28.21
C THR T 762 -39.98 3.78 28.59
N GLY T 763 -40.05 3.45 29.88
CA GLY T 763 -39.99 2.07 30.32
C GLY T 763 -38.67 1.37 30.05
N TYR T 764 -37.55 2.01 30.39
CA TYR T 764 -36.23 1.39 30.27
C TYR T 764 -35.76 0.91 31.63
N VAL T 765 -35.82 -0.40 31.84
CA VAL T 765 -35.45 -1.07 33.07
C VAL T 765 -33.93 -1.22 33.18
N PRO T 766 -33.32 -0.74 34.26
CA PRO T 766 -31.90 -1.00 34.50
C PRO T 766 -31.63 -2.49 34.56
N THR T 767 -30.52 -2.89 33.95
CA THR T 767 -30.20 -4.29 33.74
C THR T 767 -28.68 -4.45 33.77
N MET T 768 -28.22 -5.70 33.97
CA MET T 768 -26.79 -5.98 33.93
C MET T 768 -26.10 -5.36 32.72
N ASP T 769 -26.84 -5.16 31.63
CA ASP T 769 -26.36 -4.28 30.56
C ASP T 769 -26.38 -2.82 31.01
N ASP T 770 -27.55 -2.34 31.39
CA ASP T 770 -27.69 -0.93 31.76
C ASP T 770 -26.88 -0.60 33.01
N VAL T 771 -26.98 -1.44 34.04
CA VAL T 771 -26.26 -1.17 35.28
C VAL T 771 -24.82 -1.61 35.07
N LYS T 772 -23.98 -0.69 34.62
CA LYS T 772 -22.60 -0.99 34.28
C LYS T 772 -21.58 -0.07 34.96
N ALA T 773 -21.92 1.19 35.21
CA ALA T 773 -21.11 1.99 36.12
C ALA T 773 -21.23 1.44 37.54
N ALA T 774 -22.43 1.06 37.95
CA ALA T 774 -22.68 0.32 39.17
C ALA T 774 -22.84 -1.17 38.90
N TYR T 775 -22.08 -1.71 37.95
CA TYR T 775 -22.21 -3.11 37.56
C TYR T 775 -22.01 -4.03 38.75
N GLY T 776 -20.79 -4.07 39.28
CA GLY T 776 -20.47 -4.76 40.53
C GLY T 776 -21.11 -6.12 40.70
N ASP T 777 -21.23 -6.88 39.61
CA ASP T 777 -21.90 -8.17 39.66
C ASP T 777 -21.21 -9.08 38.65
N ILE T 778 -20.28 -9.89 39.13
CA ILE T 778 -19.51 -10.79 38.28
C ILE T 778 -19.87 -12.20 38.72
N SER T 779 -20.88 -12.78 38.08
CA SER T 779 -21.45 -14.08 38.47
C SER T 779 -21.83 -14.08 39.95
N ASP T 780 -22.41 -12.97 40.40
CA ASP T 780 -22.83 -12.79 41.78
C ASP T 780 -24.34 -12.60 41.83
N GLU T 781 -24.89 -12.61 43.04
CA GLU T 781 -26.30 -12.34 43.25
C GLU T 781 -26.57 -10.87 43.55
N GLU T 782 -25.57 -10.00 43.37
CA GLU T 782 -25.83 -8.58 43.36
C GLU T 782 -26.79 -8.18 42.24
N GLU T 783 -26.94 -9.06 41.24
CA GLU T 783 -27.84 -8.80 40.12
C GLU T 783 -29.28 -8.62 40.59
N LYS T 784 -29.74 -9.47 41.50
CA LYS T 784 -31.12 -9.38 41.97
C LYS T 784 -31.38 -8.14 42.82
N LYS T 785 -30.33 -7.50 43.36
CA LYS T 785 -30.49 -6.38 44.28
C LYS T 785 -29.93 -5.08 43.73
N GLN T 786 -28.67 -5.06 43.31
CA GLN T 786 -28.06 -3.83 42.80
C GLN T 786 -28.77 -3.34 41.55
N LYS T 787 -29.03 -4.26 40.60
CA LYS T 787 -29.83 -3.91 39.43
C LYS T 787 -31.25 -3.53 39.81
N LEU T 788 -31.85 -4.28 40.75
CA LEU T 788 -33.20 -3.95 41.19
C LEU T 788 -33.22 -2.64 41.97
N GLU T 789 -32.13 -2.30 42.64
CA GLU T 789 -32.01 -0.97 43.25
C GLU T 789 -32.16 0.11 42.20
N LEU T 790 -31.37 0.03 41.12
CA LEU T 790 -31.48 0.99 40.04
C LEU T 790 -32.82 0.82 39.32
N LEU T 791 -33.38 -0.39 39.32
CA LEU T 791 -34.64 -0.67 38.63
C LEU T 791 -35.77 0.11 39.27
N LYS T 792 -36.04 -0.16 40.55
CA LYS T 792 -37.12 0.53 41.24
C LYS T 792 -36.81 1.99 41.49
N LEU T 793 -35.53 2.37 41.47
CA LEU T 793 -35.21 3.79 41.53
C LEU T 793 -35.56 4.48 40.22
N SER T 794 -35.16 3.89 39.09
CA SER T 794 -35.37 4.54 37.80
C SER T 794 -36.83 4.56 37.42
N VAL T 795 -37.48 3.40 37.41
CA VAL T 795 -38.89 3.34 37.04
C VAL T 795 -39.73 4.15 38.01
N ASN T 796 -39.52 3.95 39.31
CA ASN T 796 -40.19 4.74 40.33
C ASN T 796 -39.29 5.90 40.79
N ASN T 797 -38.97 6.75 39.81
CA ASN T 797 -38.08 7.89 40.03
C ASN T 797 -38.77 8.98 40.83
N SER T 798 -38.28 9.25 42.04
CA SER T 798 -38.69 10.43 42.77
C SER T 798 -37.72 11.60 42.55
N GLN T 799 -37.35 11.80 41.30
CA GLN T 799 -36.72 13.02 40.80
C GLN T 799 -36.86 13.01 39.28
N PRO T 800 -38.11 13.03 38.77
CA PRO T 800 -38.35 12.84 37.33
C PRO T 800 -38.06 14.10 36.53
N LEU T 801 -36.79 14.50 36.49
CA LEU T 801 -36.40 15.85 36.08
C LEU T 801 -37.27 16.90 36.77
N THR T 802 -37.16 16.89 38.10
CA THR T 802 -37.64 18.01 38.88
C THR T 802 -36.99 19.28 38.35
N GLU T 803 -37.77 20.37 38.32
CA GLU T 803 -37.33 21.58 37.63
C GLU T 803 -35.95 22.05 38.07
N GLU T 804 -35.52 21.69 39.28
CA GLU T 804 -34.17 22.03 39.73
C GLU T 804 -33.11 21.30 38.90
N GLU T 805 -33.43 20.12 38.36
CA GLU T 805 -32.42 19.33 37.64
C GLU T 805 -31.95 20.04 36.37
N GLU T 806 -32.89 20.60 35.60
CA GLU T 806 -32.51 21.33 34.39
C GLU T 806 -31.64 22.53 34.74
N LYS T 807 -32.04 23.29 35.76
CA LYS T 807 -31.31 24.50 36.12
C LYS T 807 -29.90 24.17 36.61
N MET T 808 -29.78 23.27 37.58
CA MET T 808 -28.50 23.09 38.25
C MET T 808 -27.52 22.35 37.36
N LYS T 809 -28.00 21.47 36.48
CA LYS T 809 -27.15 20.92 35.44
C LYS T 809 -26.63 22.01 34.52
N ALA T 810 -27.50 22.97 34.17
CA ALA T 810 -27.09 24.05 33.27
C ALA T 810 -25.96 24.87 33.87
N ASP T 811 -26.04 25.18 35.17
CA ASP T 811 -24.94 25.89 35.82
C ASP T 811 -23.70 25.00 35.92
N TRP T 812 -23.89 23.71 36.19
CA TRP T 812 -22.75 22.81 36.25
C TRP T 812 -22.05 22.70 34.90
N GLU T 813 -22.82 22.67 33.81
CA GLU T 813 -22.20 22.76 32.50
C GLU T 813 -21.80 24.19 32.13
N SER T 814 -22.38 25.19 32.81
CA SER T 814 -21.94 26.57 32.57
C SER T 814 -20.59 26.83 33.22
N GLU T 815 -20.37 26.30 34.42
CA GLU T 815 -19.12 26.52 35.15
C GLU T 815 -17.91 25.89 34.47
N GLY T 816 -18.12 25.01 33.49
CA GLY T 816 -17.03 24.40 32.75
C GLY T 816 -16.53 25.30 31.64
N PHE T 817 -15.82 24.68 30.69
CA PHE T 817 -15.20 25.40 29.57
C PHE T 817 -15.48 24.62 28.30
N THR T 818 -16.65 24.86 27.71
CA THR T 818 -17.15 23.99 26.63
C THR T 818 -16.19 23.91 25.47
N ASN T 819 -15.52 25.03 25.15
CA ASN T 819 -14.65 25.07 23.98
C ASN T 819 -13.50 24.08 24.07
N TRP T 820 -12.89 23.95 25.25
CA TRP T 820 -11.64 23.20 25.37
C TRP T 820 -11.92 21.69 25.42
N ASN T 821 -12.46 21.18 24.32
CA ASN T 821 -12.52 19.74 24.11
C ASN T 821 -11.12 19.21 23.90
N LYS T 822 -11.00 17.87 23.82
CA LYS T 822 -9.68 17.25 23.79
C LYS T 822 -8.80 17.86 22.70
N LEU T 823 -9.39 18.21 21.55
CA LEU T 823 -8.66 18.99 20.57
C LEU T 823 -8.13 20.28 21.20
N GLU T 824 -9.04 21.15 21.64
CA GLU T 824 -8.63 22.39 22.27
C GLU T 824 -7.91 22.14 23.58
N PHE T 825 -8.41 21.20 24.39
CA PHE T 825 -7.71 20.75 25.59
C PHE T 825 -6.24 20.44 25.32
N ARG T 826 -5.98 19.45 24.48
CA ARG T 826 -4.63 18.92 24.36
C ARG T 826 -3.66 19.96 23.83
N LYS T 827 -4.07 20.74 22.83
CA LYS T 827 -3.21 21.80 22.34
C LYS T 827 -2.92 22.81 23.44
N PHE T 828 -3.97 23.33 24.08
CA PHE T 828 -3.84 24.21 25.23
C PHE T 828 -2.76 23.72 26.20
N ILE T 829 -2.94 22.50 26.70
CA ILE T 829 -2.06 22.00 27.75
C ILE T 829 -0.67 21.71 27.19
N THR T 830 -0.58 21.21 25.96
CA THR T 830 0.72 20.94 25.37
C THR T 830 1.49 22.23 25.14
N VAL T 831 0.84 23.21 24.52
CA VAL T 831 1.54 24.46 24.21
C VAL T 831 1.88 25.21 25.48
N SER T 832 1.03 25.09 26.51
CA SER T 832 1.35 25.70 27.80
C SER T 832 2.60 25.06 28.40
N GLY T 833 2.67 23.73 28.37
CA GLY T 833 3.85 23.07 28.88
C GLY T 833 5.10 23.43 28.12
N LYS T 834 4.97 23.71 26.82
CA LYS T 834 6.09 24.03 25.97
C LYS T 834 6.78 25.32 26.40
N TYR T 835 6.10 26.44 26.23
CA TYR T 835 6.69 27.74 26.55
C TYR T 835 6.68 28.02 28.04
N GLY T 836 6.21 27.10 28.85
CA GLY T 836 6.20 27.30 30.29
C GLY T 836 4.79 27.47 30.81
N ARG T 837 4.56 26.96 32.03
CA ARG T 837 3.26 27.01 32.69
C ARG T 837 2.68 28.42 32.75
N ASN T 838 3.46 29.45 32.42
CA ASN T 838 3.06 30.82 32.61
C ASN T 838 3.10 31.65 31.34
N SER T 839 3.47 31.06 30.21
CA SER T 839 3.59 31.80 28.97
C SER T 839 2.21 32.07 28.37
N ILE T 840 1.47 32.92 29.07
CA ILE T 840 0.08 33.21 28.75
C ILE T 840 -0.04 33.68 27.31
N GLN T 841 0.52 34.86 27.01
CA GLN T 841 0.40 35.42 25.68
C GLN T 841 1.08 34.55 24.64
N ALA T 842 2.24 33.98 24.99
CA ALA T 842 3.01 33.21 24.02
C ALA T 842 2.21 32.01 23.51
N ILE T 843 1.72 31.19 24.43
CA ILE T 843 0.90 30.06 23.99
C ILE T 843 -0.40 30.56 23.40
N ALA T 844 -0.91 31.70 23.88
CA ALA T 844 -2.18 32.21 23.39
C ALA T 844 -2.07 32.72 21.97
N ARG T 845 -0.95 33.36 21.62
CA ARG T 845 -0.78 33.82 20.25
C ARG T 845 -0.88 32.66 19.27
N GLU T 846 -0.59 31.45 19.72
CA GLU T 846 -0.99 30.27 18.95
C GLU T 846 -2.40 29.82 19.29
N LEU T 847 -2.78 29.94 20.56
CA LEU T 847 -4.07 29.43 21.05
C LEU T 847 -5.24 30.33 20.72
N ALA T 848 -5.05 31.40 19.96
CA ALA T 848 -6.16 32.29 19.62
C ALA T 848 -7.31 31.57 18.95
N PRO T 849 -7.11 30.66 17.98
CA PRO T 849 -8.23 29.85 17.51
C PRO T 849 -8.86 29.02 18.61
N GLY T 850 -8.09 28.58 19.60
CA GLY T 850 -8.63 27.87 20.74
C GLY T 850 -9.75 28.67 21.37
N LYS T 851 -9.41 29.86 21.85
CA LYS T 851 -10.39 30.88 22.24
C LYS T 851 -9.62 32.16 22.56
N THR T 852 -10.34 33.18 23.01
CA THR T 852 -9.71 34.45 23.32
C THR T 852 -8.76 34.31 24.49
N LEU T 853 -7.87 35.29 24.61
CA LEU T 853 -6.79 35.21 25.59
C LEU T 853 -7.31 35.15 27.01
N GLU T 854 -8.30 35.99 27.34
CA GLU T 854 -8.78 36.00 28.72
C GLU T 854 -9.52 34.72 29.06
N GLU T 855 -10.25 34.15 28.08
CA GLU T 855 -10.80 32.82 28.28
C GLU T 855 -9.68 31.85 28.61
N VAL T 856 -8.59 31.92 27.87
CA VAL T 856 -7.42 31.10 28.19
C VAL T 856 -6.91 31.45 29.58
N ARG T 857 -6.80 32.74 29.89
CA ARG T 857 -6.41 33.14 31.24
C ARG T 857 -7.37 32.57 32.26
N ALA T 858 -8.66 32.73 32.02
CA ALA T 858 -9.64 32.11 32.91
C ALA T 858 -9.51 30.59 32.87
N TYR T 859 -9.45 30.02 31.67
CA TYR T 859 -9.42 28.57 31.57
C TYR T 859 -8.14 28.01 32.16
N ALA T 860 -7.01 28.65 31.88
CA ALA T 860 -5.76 28.22 32.49
C ALA T 860 -5.83 28.36 33.99
N LYS T 861 -6.45 29.43 34.48
CA LYS T 861 -6.56 29.62 35.91
C LYS T 861 -7.26 28.44 36.56
N ALA T 862 -8.52 28.20 36.19
CA ALA T 862 -9.26 27.09 36.75
C ALA T 862 -8.70 25.75 36.32
N PHE T 863 -7.78 25.74 35.36
CA PHE T 863 -7.16 24.48 34.95
C PHE T 863 -6.29 23.92 36.07
N TRP T 864 -5.45 24.77 36.67
CA TRP T 864 -4.62 24.34 37.80
C TRP T 864 -5.49 24.03 39.02
N SER T 865 -6.49 24.88 39.26
CA SER T 865 -7.40 24.65 40.38
C SER T 865 -8.24 23.39 40.16
N ASN T 866 -8.52 23.04 38.91
CA ASN T 866 -9.36 21.89 38.60
C ASN T 866 -8.61 20.89 37.73
N ILE T 867 -7.28 20.88 37.81
CA ILE T 867 -6.52 19.78 37.23
C ILE T 867 -6.97 18.47 37.86
N GLU T 868 -7.38 18.52 39.12
CA GLU T 868 -7.98 17.34 39.75
C GLU T 868 -9.26 16.94 39.05
N ARG T 869 -9.98 17.90 38.46
CA ARG T 869 -11.16 17.66 37.66
C ARG T 869 -10.84 17.22 36.25
N ILE T 870 -9.59 16.82 36.01
CA ILE T 870 -9.10 16.47 34.68
C ILE T 870 -8.62 15.03 34.73
N GLU T 871 -9.09 14.22 33.78
CA GLU T 871 -8.60 12.86 33.69
C GLU T 871 -7.24 12.82 33.01
N ASP T 872 -6.40 11.86 33.43
CA ASP T 872 -5.02 11.74 32.99
C ASP T 872 -4.23 13.01 33.25
N TYR T 873 -4.63 13.75 34.28
CA TYR T 873 -4.12 15.09 34.52
C TYR T 873 -2.69 15.11 35.01
N GLU T 874 -2.28 14.10 35.80
CA GLU T 874 -0.91 14.07 36.30
C GLU T 874 0.09 13.97 35.16
N LYS T 875 -0.10 12.99 34.27
CA LYS T 875 0.73 12.92 33.08
C LYS T 875 0.58 14.18 32.24
N TYR T 876 -0.65 14.68 32.14
CA TYR T 876 -0.88 15.96 31.47
C TYR T 876 -0.11 17.09 32.14
N LEU T 877 0.15 16.97 33.44
CA LEU T 877 1.03 17.91 34.10
C LEU T 877 2.49 17.57 33.91
N LYS T 878 2.81 16.28 33.79
CA LYS T 878 4.19 15.89 33.52
C LYS T 878 4.67 16.43 32.19
N ILE T 879 3.83 16.34 31.14
CA ILE T 879 4.17 16.93 29.86
C ILE T 879 4.23 18.45 29.94
N ILE T 880 3.78 19.05 31.04
CA ILE T 880 3.91 20.49 31.22
C ILE T 880 5.23 20.77 31.94
N GLU T 881 5.34 20.30 33.18
CA GLU T 881 6.44 20.74 34.03
C GLU T 881 7.77 20.17 33.57
N ASN T 882 7.80 18.89 33.19
CA ASN T 882 9.04 18.33 32.66
C ASN T 882 9.48 19.07 31.41
N GLU T 883 8.52 19.48 30.58
CA GLU T 883 8.86 20.19 29.35
C GLU T 883 9.62 21.47 29.64
N GLU T 884 9.16 22.21 30.64
CA GLU T 884 9.81 23.48 31.00
C GLU T 884 11.22 23.26 31.55
N GLU T 885 11.49 22.09 32.11
CA GLU T 885 12.74 21.88 32.84
C GLU T 885 13.95 21.96 31.93
N LYS T 886 13.89 21.30 30.76
CA LYS T 886 14.99 21.41 29.82
C LYS T 886 15.16 22.85 29.36
N ILE T 887 14.05 23.55 29.16
CA ILE T 887 14.10 24.98 28.86
C ILE T 887 14.79 25.74 29.99
N LYS T 888 14.39 25.45 31.22
CA LYS T 888 15.09 26.06 32.35
C LYS T 888 16.54 25.61 32.38
N ARG T 889 16.79 24.36 31.99
CA ARG T 889 18.14 23.83 32.03
C ARG T 889 19.10 24.76 31.31
N VAL T 890 18.68 25.29 30.16
CA VAL T 890 19.48 26.31 29.51
C VAL T 890 19.43 27.63 30.25
N LYS T 891 18.36 27.91 30.99
CA LYS T 891 18.22 29.22 31.61
C LYS T 891 19.33 29.44 32.63
N MET T 892 19.55 28.50 33.53
CA MET T 892 20.71 28.66 34.40
C MET T 892 22.00 28.31 33.70
N GLN T 893 21.95 27.62 32.56
CA GLN T 893 23.14 27.51 31.73
C GLN T 893 23.45 28.85 31.07
N GLN T 894 22.42 29.52 30.55
CA GLN T 894 22.53 30.95 30.29
C GLN T 894 23.18 31.65 31.47
N GLU T 895 22.61 31.45 32.65
CA GLU T 895 23.18 32.02 33.86
C GLU T 895 24.61 31.51 34.08
N ALA T 896 24.82 30.21 33.91
CA ALA T 896 26.12 29.63 34.20
C ALA T 896 27.20 30.24 33.33
N LEU T 897 26.91 30.39 32.04
CA LEU T 897 27.92 30.94 31.15
C LEU T 897 28.06 32.43 31.35
N ARG T 898 26.97 33.09 31.75
CA ARG T 898 27.09 34.47 32.19
C ARG T 898 28.21 34.58 33.21
N ARG T 899 28.16 33.71 34.22
CA ARG T 899 29.17 33.69 35.26
C ARG T 899 30.55 33.69 34.65
N LYS T 900 30.86 32.62 33.92
CA LYS T 900 32.24 32.35 33.54
C LYS T 900 32.78 33.42 32.60
N LEU T 901 32.04 33.72 31.54
CA LEU T 901 32.50 34.76 30.63
C LEU T 901 32.59 36.10 31.36
N SER T 902 31.78 36.29 32.38
CA SER T 902 32.00 37.42 33.27
C SER T 902 33.04 37.11 34.33
N GLU T 903 33.36 35.83 34.54
CA GLU T 903 34.20 35.44 35.67
C GLU T 903 35.67 35.63 35.35
N TYR T 904 36.17 34.91 34.33
CA TYR T 904 37.57 35.05 34.00
C TYR T 904 37.85 36.42 33.39
N LYS T 905 39.13 36.75 33.30
CA LYS T 905 39.58 38.08 32.88
C LYS T 905 40.03 38.10 31.42
N ASN T 906 40.86 37.14 31.03
CA ASN T 906 41.14 36.87 29.61
C ASN T 906 40.90 35.38 29.40
N PRO T 907 39.64 34.95 29.42
CA PRO T 907 39.35 33.51 29.36
C PRO T 907 39.93 32.85 28.14
N PHE T 908 40.08 33.59 27.05
CA PHE T 908 40.74 33.01 25.89
C PHE T 908 42.19 32.66 26.18
N PHE T 909 42.73 33.16 27.28
CA PHE T 909 44.05 32.77 27.73
C PHE T 909 44.10 32.45 29.22
N ASP T 910 42.97 32.52 29.92
CA ASP T 910 42.94 32.29 31.35
C ASP T 910 42.07 31.11 31.77
N LEU T 911 41.14 30.68 30.93
CA LEU T 911 40.05 29.81 31.33
C LEU T 911 40.55 28.45 31.81
N LYS T 912 39.71 27.80 32.62
CA LYS T 912 40.00 26.47 33.15
C LYS T 912 38.70 25.69 33.25
N LEU T 913 38.67 24.47 32.68
CA LEU T 913 37.59 23.52 32.88
C LEU T 913 38.12 22.14 33.25
N LYS T 914 39.25 22.09 33.94
CA LYS T 914 39.77 20.76 34.26
C LYS T 914 39.00 20.09 35.36
N HIS T 915 37.91 20.66 35.85
CA HIS T 915 37.08 19.89 36.80
C HIS T 915 36.42 18.73 36.07
N PRO T 916 35.60 18.93 35.05
CA PRO T 916 35.27 17.85 34.12
C PRO T 916 36.16 17.88 32.88
N PRO T 917 37.37 17.33 32.94
CA PRO T 917 38.21 17.34 31.73
C PRO T 917 37.52 16.69 30.54
N SER T 918 37.09 15.45 30.68
CA SER T 918 36.37 14.75 29.62
C SER T 918 35.74 13.49 30.19
N SER T 919 34.55 13.15 29.70
CA SER T 919 33.84 11.98 30.21
C SER T 919 34.34 10.69 29.56
N ASN T 920 34.09 10.54 28.26
CA ASN T 920 34.52 9.36 27.50
C ASN T 920 34.65 9.84 26.06
N ASN T 921 35.85 10.21 25.65
CA ASN T 921 35.99 10.97 24.42
C ASN T 921 37.30 10.67 23.74
N LYS T 922 37.31 10.72 22.41
CA LYS T 922 38.50 11.02 21.65
C LYS T 922 38.59 12.54 21.58
N ARG T 923 39.47 13.12 22.40
CA ARG T 923 39.33 14.49 22.86
C ARG T 923 39.87 15.50 21.84
N THR T 924 39.20 15.53 20.68
CA THR T 924 39.80 16.07 19.45
C THR T 924 39.99 17.57 19.51
N TYR T 925 39.01 18.31 20.03
CA TYR T 925 39.12 19.76 20.07
C TYR T 925 39.93 20.18 21.27
N SER T 926 41.07 20.82 21.03
CA SER T 926 41.82 21.33 22.16
C SER T 926 41.10 22.51 22.79
N GLU T 927 41.58 22.89 23.96
CA GLU T 927 40.85 23.82 24.82
C GLU T 927 40.71 25.18 24.16
N GLU T 928 41.83 25.85 23.88
CA GLU T 928 41.74 27.25 23.50
C GLU T 928 40.92 27.44 22.24
N GLU T 929 41.00 26.47 21.31
CA GLU T 929 40.02 26.41 20.24
C GLU T 929 38.63 26.61 20.83
N ASP T 930 38.31 25.74 21.78
CA ASP T 930 36.98 25.72 22.35
C ASP T 930 36.73 26.96 23.18
N ARG T 931 37.78 27.54 23.76
CA ARG T 931 37.62 28.79 24.46
C ARG T 931 37.07 29.87 23.55
N PHE T 932 37.70 30.06 22.40
CA PHE T 932 37.12 30.90 21.36
C PHE T 932 35.65 30.62 21.15
N ILE T 933 35.33 29.37 20.84
CA ILE T 933 33.97 29.06 20.44
C ILE T 933 33.03 29.42 21.58
N LEU T 934 33.35 29.02 22.80
CA LEU T 934 32.49 29.37 23.91
C LEU T 934 32.47 30.88 24.12
N LEU T 935 33.63 31.53 23.96
CA LEU T 935 33.60 32.99 23.88
C LEU T 935 32.67 33.43 22.78
N MET T 936 32.78 32.80 21.61
CA MET T 936 31.89 33.18 20.52
C MET T 936 30.47 32.72 20.78
N LEU T 937 30.32 31.55 21.38
CA LEU T 937 28.97 31.06 21.67
C LEU T 937 28.27 31.98 22.67
N PHE T 938 28.98 32.36 23.74
CA PHE T 938 28.36 33.19 24.75
C PHE T 938 28.38 34.68 24.40
N LYS T 939 29.24 35.12 23.52
CA LYS T 939 29.15 36.53 23.13
C LYS T 939 27.85 36.74 22.35
N TYR T 940 27.40 35.69 21.65
CA TYR T 940 25.98 35.44 21.46
C TYR T 940 25.18 35.16 22.74
N GLY T 941 25.72 34.39 23.67
CA GLY T 941 24.94 33.87 24.80
C GLY T 941 24.21 32.55 24.50
N LEU T 942 23.61 31.99 25.57
CA LEU T 942 22.88 30.73 25.48
C LEU T 942 21.52 30.96 24.83
N ASP T 943 21.54 31.36 23.55
CA ASP T 943 20.33 31.70 22.83
C ASP T 943 19.39 30.51 22.64
N ARG T 944 19.90 29.29 22.82
CA ARG T 944 19.17 28.01 22.67
C ARG T 944 18.31 27.99 21.41
N ASP T 945 18.66 28.81 20.44
CA ASP T 945 17.92 28.88 19.18
C ASP T 945 18.75 28.44 17.99
N ASP T 946 19.85 29.15 17.72
CA ASP T 946 20.54 29.01 16.44
C ASP T 946 22.05 29.18 16.56
N VAL T 947 22.59 29.30 17.78
CA VAL T 947 23.99 29.70 17.95
C VAL T 947 24.91 28.75 17.21
N TYR T 948 24.64 27.46 17.30
CA TYR T 948 25.49 26.48 16.62
C TYR T 948 25.52 26.73 15.13
N GLU T 949 24.41 27.14 14.54
CA GLU T 949 24.48 27.59 13.16
C GLU T 949 25.41 28.78 13.02
N LEU T 950 25.29 29.74 13.94
CA LEU T 950 25.99 31.01 13.82
C LEU T 950 27.50 30.85 13.94
N VAL T 951 27.96 30.09 14.93
CA VAL T 951 29.41 29.98 15.12
C VAL T 951 30.07 29.27 13.96
N ARG T 952 29.37 28.31 13.35
CA ARG T 952 29.89 27.72 12.11
C ARG T 952 30.22 28.81 11.12
N ASP T 953 29.34 29.77 10.98
CA ASP T 953 29.61 30.89 10.12
C ASP T 953 30.87 31.61 10.57
N GLU T 954 31.00 31.83 11.87
CA GLU T 954 32.24 32.43 12.35
C GLU T 954 33.43 31.53 12.07
N ILE T 955 33.28 30.23 12.31
CA ILE T 955 34.35 29.30 11.95
C ILE T 955 34.58 29.31 10.44
N ARG T 956 33.50 29.39 9.67
CA ARG T 956 33.65 29.69 8.25
C ARG T 956 34.43 30.98 8.03
N ASP T 957 34.37 31.91 8.95
CA ASP T 957 34.88 33.21 8.67
C ASP T 957 36.02 33.66 9.60
N CYS T 958 36.37 32.90 10.63
CA CYS T 958 37.35 33.37 11.56
C CYS T 958 38.75 33.26 10.98
N PRO T 959 39.47 34.38 10.79
CA PRO T 959 40.78 34.28 10.11
C PRO T 959 41.72 33.28 10.76
N LEU T 960 41.75 33.23 12.08
CA LEU T 960 42.58 32.23 12.72
C LEU T 960 41.96 30.84 12.66
N PHE T 961 40.64 30.77 12.63
CA PHE T 961 39.94 29.50 12.73
C PHE T 961 39.54 28.94 11.38
N GLU T 962 39.57 29.76 10.32
CA GLU T 962 39.45 29.16 9.00
C GLU T 962 40.58 28.18 8.78
N LEU T 963 41.67 28.34 9.52
CA LEU T 963 42.87 27.54 9.31
C LEU T 963 42.70 26.08 9.67
N ASP T 964 41.75 25.73 10.53
CA ASP T 964 41.46 24.32 10.78
C ASP T 964 40.41 23.84 9.78
N PHE T 965 40.55 22.59 9.38
CA PHE T 965 39.63 21.96 8.46
C PHE T 965 38.65 21.06 9.18
N TYR T 966 39.10 20.48 10.29
CA TYR T 966 38.24 19.74 11.20
C TYR T 966 37.16 20.63 11.78
N PHE T 967 37.48 21.90 11.98
CA PHE T 967 36.43 22.82 12.38
C PHE T 967 35.38 22.98 11.29
N ARG T 968 35.72 22.65 10.04
CA ARG T 968 34.72 22.79 8.97
C ARG T 968 33.93 21.53 8.68
N SER T 969 34.55 20.36 8.62
CA SER T 969 33.76 19.17 8.38
C SER T 969 32.88 18.82 9.58
N ARG T 970 32.83 19.68 10.59
CA ARG T 970 31.88 19.65 11.69
C ARG T 970 30.80 20.70 11.51
N THR T 971 29.64 20.25 11.04
CA THR T 971 28.49 21.12 10.85
C THR T 971 27.87 21.44 12.19
N PRO T 972 27.07 22.49 12.28
CA PRO T 972 26.44 22.84 13.55
C PRO T 972 25.70 21.69 14.20
N VAL T 973 25.34 20.69 13.41
CA VAL T 973 24.71 19.50 13.97
C VAL T 973 25.68 18.82 14.92
N GLU T 974 26.88 18.56 14.45
CA GLU T 974 27.91 17.96 15.28
C GLU T 974 28.40 18.98 16.29
N LEU T 975 28.48 20.24 15.87
CA LEU T 975 28.90 21.29 16.78
C LEU T 975 28.03 21.31 18.02
N ALA T 976 26.78 20.87 17.90
CA ALA T 976 25.98 20.64 19.09
C ALA T 976 26.63 19.60 19.99
N ARG T 977 27.04 18.47 19.40
CA ARG T 977 27.63 17.39 20.20
C ARG T 977 28.77 17.94 21.04
N ARG T 978 29.70 18.64 20.40
CA ARG T 978 30.76 19.30 21.14
C ARG T 978 30.22 20.40 22.01
N GLY T 979 29.41 21.29 21.42
CA GLY T 979 28.99 22.47 22.15
C GLY T 979 28.19 22.13 23.39
N ASN T 980 27.23 21.23 23.25
CA ASN T 980 26.50 20.77 24.42
C ASN T 980 27.45 20.16 25.43
N THR T 981 28.35 19.32 24.95
CA THR T 981 29.28 18.67 25.86
C THR T 981 29.98 19.69 26.73
N LEU T 982 30.50 20.74 26.12
CA LEU T 982 31.22 21.74 26.89
C LEU T 982 30.28 22.58 27.71
N LEU T 983 29.07 22.83 27.18
CA LEU T 983 28.01 23.33 28.04
C LEU T 983 27.88 22.47 29.28
N GLN T 984 27.79 21.17 29.07
CA GLN T 984 27.79 20.24 30.18
C GLN T 984 29.08 20.31 30.97
N CYS T 985 30.21 20.49 30.28
CA CYS T 985 31.49 20.54 31.00
C CYS T 985 31.53 21.72 31.94
N LEU T 986 31.27 22.92 31.43
CA LEU T 986 31.13 24.03 32.36
C LEU T 986 29.99 23.77 33.33
N GLU T 987 28.93 23.14 32.84
CA GLU T 987 27.85 22.78 33.74
C GLU T 987 28.38 21.93 34.88
N LYS T 988 29.08 20.85 34.56
CA LYS T 988 29.60 20.00 35.62
C LYS T 988 30.71 20.69 36.40
N GLU T 989 31.50 21.53 35.75
CA GLU T 989 32.45 22.34 36.51
C GLU T 989 31.71 23.23 37.49
N PHE T 990 30.66 23.87 37.02
CA PHE T 990 29.88 24.79 37.84
C PHE T 990 28.64 24.15 38.43
N ASN T 991 28.53 22.82 38.41
CA ASN T 991 27.39 22.20 39.08
C ASN T 991 27.31 22.58 40.54
N ALA T 992 28.43 22.88 41.17
CA ALA T 992 28.43 23.49 42.49
C ALA T 992 28.33 25.00 42.43
N GLY T 993 28.30 25.58 41.22
CA GLY T 993 28.26 27.03 41.07
C GLY T 993 27.10 27.57 40.27
N ILE T 994 26.49 26.76 39.42
CA ILE T 994 25.30 27.22 38.69
C ILE T 994 24.13 27.36 39.65
N VAL T 995 23.82 26.30 40.38
CA VAL T 995 22.71 26.29 41.32
C VAL T 995 22.94 27.32 42.42
N LEU T 996 24.17 27.80 42.58
CA LEU T 996 24.45 28.87 43.53
C LEU T 996 23.62 30.11 43.24
N ASP T 997 23.20 30.30 41.98
CA ASP T 997 22.33 31.41 41.60
C ASP T 997 21.29 30.93 40.58
N ASP T 998 20.67 29.78 40.85
CA ASP T 998 19.69 29.19 39.92
C ASP T 998 18.28 29.05 40.48
N ALA T 999 18.09 28.30 41.56
CA ALA T 999 16.80 27.66 41.80
C ALA T 999 16.08 28.19 43.03
N THR T 1000 16.34 29.43 43.44
CA THR T 1000 15.70 30.01 44.60
C THR T 1000 14.93 31.25 44.19
N LYS T 1001 13.63 31.28 44.51
CA LYS T 1001 12.80 32.46 44.34
C LYS T 1001 12.03 32.72 45.62
N ASP T 1002 12.10 33.95 46.12
CA ASP T 1002 11.44 34.33 47.35
C ASP T 1002 10.06 34.92 47.08
N ARG T 1003 9.31 35.18 48.15
CA ARG T 1003 7.97 35.71 48.02
C ARG T 1003 7.78 36.88 48.99
N MET T 1004 6.54 37.33 49.17
CA MET T 1004 6.33 38.60 49.88
C MET T 1004 6.42 38.46 51.39
N LYS T 1005 5.98 37.33 51.96
CA LYS T 1005 5.73 37.29 53.41
C LYS T 1005 6.49 36.19 54.14
N LYS T 1006 7.80 36.07 53.88
CA LYS T 1006 8.64 35.18 54.68
C LYS T 1006 10.08 35.62 54.50
N GLU T 1007 10.72 36.04 55.60
CA GLU T 1007 12.11 36.46 55.55
C GLU T 1007 13.01 35.30 55.15
N ASP T 1008 13.90 35.55 54.19
CA ASP T 1008 14.79 34.52 53.68
C ASP T 1008 16.25 34.93 53.87
PB ADP U . -60.58 -51.43 62.80
O1B ADP U . -62.04 -51.14 63.01
O2B ADP U . -59.71 -50.24 62.51
O3B ADP U . -60.29 -52.63 61.92
PA ADP U . -58.66 -52.66 64.40
O1A ADP U . -58.92 -54.07 64.88
O2A ADP U . -57.85 -52.42 63.16
O3A ADP U . -60.07 -51.89 64.26
O5' ADP U . -57.99 -51.83 65.59
C5' ADP U . -58.69 -51.61 66.81
C4' ADP U . -57.68 -51.82 67.92
O4' ADP U . -58.33 -52.45 69.02
C3' ADP U . -56.59 -52.76 67.42
O3' ADP U . -55.31 -52.13 67.52
C2' ADP U . -56.65 -53.99 68.31
O2' ADP U . -55.35 -54.26 68.85
C1' ADP U . -57.61 -53.63 69.42
N9 ADP U . -58.58 -54.73 69.60
C8 ADP U . -59.81 -54.81 69.05
N7 ADP U . -60.44 -55.94 69.43
C5 ADP U . -59.60 -56.62 70.25
C6 ADP U . -59.64 -57.88 71.01
N6 ADP U . -60.71 -58.70 70.98
N1 ADP U . -58.55 -58.20 71.75
C2 ADP U . -57.46 -57.41 71.79
N3 ADP U . -57.36 -56.25 71.14
C4 ADP U . -58.39 -55.80 70.36
BE BEF V . -60.97 -49.11 60.94
F1 BEF V . -61.20 -48.24 59.49
F2 BEF V . -62.05 -48.63 62.18
F3 BEF V . -59.47 -48.46 61.40
MG MG W . -61.02 -53.62 63.89
#